data_6CS2
#
_entry.id   6CS2
#
_cell.length_a   1
_cell.length_b   1
_cell.length_c   1
_cell.angle_alpha   90.000
_cell.angle_beta   90.000
_cell.angle_gamma   90.000
#
_symmetry.space_group_name_H-M   'P 1'
#
loop_
_entity.id
_entity.type
_entity.pdbx_description
1 polymer 'Spike glycoprotein,Fibritin'
2 polymer 'Angiotensin-converting enzyme 2'
3 branched beta-D-mannopyranose-(1-4)-2-acetamido-2-deoxy-beta-D-glucopyranose-(1-4)-2-acetamido-2-deoxy-beta-D-glucopyranose
4 branched 2-acetamido-2-deoxy-beta-D-glucopyranose-(1-4)-2-acetamido-2-deoxy-beta-D-glucopyranose
5 branched alpha-D-mannopyranose-(1-3)-beta-D-mannopyranose-(1-4)-2-acetamido-2-deoxy-beta-D-glucopyranose-(1-4)-2-acetamido-2-deoxy-beta-D-glucopyranose
6 branched alpha-D-mannopyranose-(1-6)-beta-D-mannopyranose-(1-4)-2-acetamido-2-deoxy-beta-D-glucopyranose-(1-4)-2-acetamido-2-deoxy-beta-D-glucopyranose
7 non-polymer 2-acetamido-2-deoxy-beta-D-glucopyranose
#
loop_
_entity_poly.entity_id
_entity_poly.type
_entity_poly.pdbx_seq_one_letter_code
_entity_poly.pdbx_strand_id
1 'polypeptide(L)'
;SDLDRCTTFDDVQAPNYTQHTSSMRGVYYPDEIFRSDTLYLTQDLFLPFYSNVTGFHTINHTFGNPVIPFKDGIYFAATE
KSNVVRGWVFGSTMNNKSQSVIIINNSTNVVIRACNFELCDNPFFAVSKPMGTQTHTMIFDNAFNCTFEYISDAFSLDVS
EKSGNFKHLREFVFKNKDGFLYVYKGYQPIDVVRDLPSGFNTLKPIFKLPLGINITNFRAILTAFSPAQDIWGTSAAAYF
VGYLKPTTFMLKYDENGTITDAVDCSQNPLAELKCSVKSFEIDKGIYQTSNFRVVPSGDVVRFPNITNLCPFGEVFNATK
FPSVYAWERKKISNCVADYSVLYNSTFFSTFKCYGVSATKLNDLCFSNVYADSFVVKGDDVRQIAPGQTGVIADYNYKLP
DDFMGCVLAWNTRNIDATSTGNYNYKYRYLRHGKLRPFERDISNVPFSPDGKPCTPPALNCYWPLNDYGFYTTTGIGYQP
YRVVVLSFELLNAPATVCGPKLSTDLIKNQCVNFNFNGLTGTGVLTPSSKRFQPFQQFGRDVSDFTDSVRDPKTSEILDI
SPCAFGGVSVITPGTNASSEVAVLYQDVNCTDVSTAIHADQLTPAWRIYSTGNNVFQTQAGCLIGAEHVDTSYECDIPIG
AGICASYHTVSLLRSTSQKSIVAYTMSLGADSSIAYSNNTIAIPTNFSISITTEVMPVSMAKTSVDCNMYICGDSTECAN
LLLQYGSFCTQLNRALSGIAAEQDRNTREVFAQVKQMYKTPTLKYFGGFNFSQILPDPLKPTKRSFIEDLLFNKVTLADA
GFMKQYGECLGDINARDLICAQKFNGLTVLPPLLTDDMIAAYTAALVSGTATAGWTFGAGAALQIPFAMQMAYRFNGIGV
TQNVLYENQKQIANQFNKAISQIQESLTTTSTALGKLQDVVNQNAQALNTLVKQLSSNFGAISSVLNDILSRLDPPEAEV
QIDRLITGRLQSLQTYVTQQLIRAAEIRASANLAATKMSECVLGQSKRVDFCGKGYHLMSFPQAAPHGVVFLHVTYVPSQ
ERNFTTAPAICHEGKAYFPREGVFVFNGTSWFITQRNFFSPQIITTDNTFVSGNCDVVIGIINNTVYDPLQPELDSFKEE
LDKYFKNHTSPDVDLGDISGINASVVNIQKEIDRLNEVAKNLNESLIDLQELGKYEQGSGYIPEAPRDGQAYVRKDGEWV
LLSTFLGRSLEVLFQ
;
A,B,C
2 'polypeptide(L)'
;STIEEQAKTFLDKFNHEAEDLFYQSSLASWNYNTNITEENVQNMNNAGDKWSAFLKEQSTLAQMYPLQEIQNLTVKLQLQ
ALQQNGSSVLSEDKSKRLNTILNTMSTIYSTGKVCNPDNPQECLLLEPGLNEIMANSLDYNERLWAWESWRSEVGKQLRP
LYEEYVVLKNEMARANHYEDYGDYWRGDYEVNGVDGYDYSRGQLIEDVEHTFEEIKPLYEHLHAYVRAKLMNAYPSYISP
IGCLPAHLLGDMWGRFWTNLYSLTVPFGQKPNIDVTDAMVDQAWDAQRIFKEAEKFFVSVGLPNMTQGFWENSMLTDPGN
VQKAVCHPTAWDLGKGDFRILMCTKVTMDDFLTAHHEMGHIQYDMAYAAQPFLLRNGANEGFHEAVGEIMSLSAATPKHL
KSIGLLSPDFQEDNETEINFLLKQALTIVGTLPFTYMLEKWRWMVFKGEIPKDQWMKKWWEMKREIVGVVEPVPHDETYC
DPASLFHVSNDYSFIRYYTRTLYQFQFQEALCQAAKHEGPLHKCDISNSTEAGQKLFNMLRLGKSEPWTLALENVVGAKN
MNVRPLLNYFEPLFTWLKDQNKNSFVGWSTDWSPYADGSLEVLFQ
;
D
#
loop_
_chem_comp.id
_chem_comp.type
_chem_comp.name
_chem_comp.formula
BMA D-saccharide, beta linking beta-D-mannopyranose 'C6 H12 O6'
MAN D-saccharide, alpha linking alpha-D-mannopyranose 'C6 H12 O6'
NAG D-saccharide, beta linking 2-acetamido-2-deoxy-beta-D-glucopyranose 'C8 H15 N O6'
#
# COMPACT_ATOMS: atom_id res chain seq x y z
N ARG A 5 70.92 23.22 -28.24
CA ARG A 5 71.59 22.75 -29.44
C ARG A 5 70.82 21.60 -30.07
N CYS A 6 70.16 21.89 -31.19
CA CYS A 6 69.33 20.92 -31.88
C CYS A 6 70.05 20.47 -33.15
N THR A 7 70.41 19.19 -33.18
CA THR A 7 71.20 18.62 -34.26
C THR A 7 70.45 17.44 -34.87
N THR A 8 70.03 17.59 -36.11
CA THR A 8 69.42 16.51 -36.87
C THR A 8 70.49 15.77 -37.67
N PHE A 9 70.16 14.54 -38.06
CA PHE A 9 71.15 13.67 -38.68
C PHE A 9 71.09 13.78 -40.20
N ASP A 10 72.05 13.14 -40.86
CA ASP A 10 72.31 13.34 -42.28
C ASP A 10 71.70 12.26 -43.16
N ASP A 11 71.93 11.00 -42.83
CA ASP A 11 71.64 9.88 -43.73
C ASP A 11 70.84 8.80 -43.01
N VAL A 12 69.74 9.21 -42.37
CA VAL A 12 68.90 8.26 -41.65
C VAL A 12 67.97 7.55 -42.64
N GLN A 13 67.99 6.22 -42.61
CA GLN A 13 67.04 5.42 -43.38
C GLN A 13 65.62 5.64 -42.87
N ALA A 14 64.66 5.61 -43.80
CA ALA A 14 63.25 5.69 -43.48
C ALA A 14 62.85 4.52 -42.56
N PRO A 15 61.86 4.72 -41.69
CA PRO A 15 61.52 3.68 -40.71
C PRO A 15 60.92 2.42 -41.33
N ASN A 16 61.13 1.30 -40.64
CA ASN A 16 60.81 -0.03 -41.16
C ASN A 16 59.32 -0.33 -41.09
N TYR A 17 58.70 -0.05 -39.93
CA TYR A 17 57.38 -0.56 -39.53
C TYR A 17 57.32 -2.09 -39.63
N THR A 18 58.41 -2.75 -39.25
CA THR A 18 58.45 -4.20 -39.22
C THR A 18 57.68 -4.72 -38.02
N GLN A 19 56.74 -5.63 -38.26
CA GLN A 19 55.80 -6.08 -37.24
C GLN A 19 56.21 -7.42 -36.67
N HIS A 20 55.97 -7.59 -35.37
CA HIS A 20 56.32 -8.80 -34.65
C HIS A 20 55.15 -9.18 -33.76
N THR A 21 55.35 -10.19 -32.93
CA THR A 21 54.29 -10.81 -32.15
C THR A 21 54.37 -10.39 -30.69
N SER A 22 53.22 -10.42 -30.01
CA SER A 22 53.09 -9.90 -28.66
C SER A 22 52.89 -10.99 -27.62
N SER A 23 53.37 -12.21 -27.92
CA SER A 23 52.76 -13.49 -27.57
C SER A 23 52.11 -13.57 -26.19
N MET A 24 52.90 -13.40 -25.13
CA MET A 24 52.37 -13.49 -23.77
C MET A 24 52.95 -12.42 -22.85
N ARG A 25 53.28 -11.25 -23.38
CA ARG A 25 53.85 -10.19 -22.58
C ARG A 25 52.82 -9.08 -22.38
N GLY A 26 53.16 -8.15 -21.50
CA GLY A 26 52.23 -7.10 -21.11
C GLY A 26 51.62 -7.28 -19.75
N VAL A 27 52.01 -8.33 -19.02
CA VAL A 27 51.49 -8.56 -17.69
C VAL A 27 52.12 -7.58 -16.71
N TYR A 28 51.30 -6.94 -15.88
CA TYR A 28 51.82 -6.13 -14.79
C TYR A 28 50.98 -6.36 -13.55
N TYR A 29 51.54 -5.99 -12.42
CA TYR A 29 50.77 -5.91 -11.20
C TYR A 29 49.78 -4.77 -11.36
N PRO A 30 48.47 -5.02 -11.30
CA PRO A 30 47.51 -3.94 -11.53
C PRO A 30 47.36 -3.01 -10.36
N ASP A 31 47.80 -3.42 -9.18
CA ASP A 31 47.55 -2.66 -7.97
C ASP A 31 48.61 -3.01 -6.95
N GLU A 32 48.36 -2.58 -5.72
CA GLU A 32 49.29 -2.74 -4.60
C GLU A 32 48.75 -3.74 -3.59
N ILE A 33 47.73 -4.50 -3.95
CA ILE A 33 46.95 -5.27 -3.00
C ILE A 33 47.33 -6.73 -3.11
N PHE A 34 47.59 -7.36 -1.97
CA PHE A 34 48.01 -8.74 -1.95
C PHE A 34 46.84 -9.68 -2.12
N ARG A 35 47.02 -10.69 -2.96
CA ARG A 35 46.13 -11.83 -3.06
C ARG A 35 46.99 -13.08 -3.12
N SER A 36 46.36 -14.22 -2.84
CA SER A 36 47.09 -15.47 -2.85
C SER A 36 46.12 -16.62 -3.09
N ASP A 37 46.59 -17.64 -3.82
CA ASP A 37 45.89 -18.90 -4.06
C ASP A 37 44.53 -18.63 -4.69
N THR A 38 44.54 -17.88 -5.78
CA THR A 38 43.29 -17.31 -6.27
C THR A 38 43.40 -16.97 -7.74
N LEU A 39 42.24 -16.72 -8.33
CA LEU A 39 42.10 -16.15 -9.65
C LEU A 39 41.38 -14.82 -9.50
N TYR A 40 41.60 -13.92 -10.44
CA TYR A 40 41.11 -12.56 -10.25
C TYR A 40 40.91 -11.88 -11.58
N LEU A 41 39.71 -11.38 -11.81
CA LEU A 41 39.39 -10.68 -13.05
C LEU A 41 39.78 -9.21 -12.94
N THR A 42 40.12 -8.63 -14.09
CA THR A 42 40.44 -7.23 -14.20
C THR A 42 39.84 -6.68 -15.48
N GLN A 43 39.48 -5.41 -15.45
CA GLN A 43 39.08 -4.69 -16.66
C GLN A 43 39.96 -3.46 -16.76
N ASP A 44 40.99 -3.54 -17.60
CA ASP A 44 42.01 -2.49 -17.62
C ASP A 44 42.71 -2.53 -18.98
N LEU A 45 43.59 -1.55 -19.20
CA LEU A 45 44.35 -1.46 -20.43
C LEU A 45 45.40 -2.55 -20.48
N PHE A 46 45.41 -3.32 -21.57
CA PHE A 46 46.38 -4.39 -21.69
C PHE A 46 46.80 -4.59 -23.13
N LEU A 47 47.96 -5.19 -23.29
CA LEU A 47 48.38 -5.71 -24.57
C LEU A 47 47.66 -7.02 -24.84
N PRO A 48 46.94 -7.15 -25.94
CA PRO A 48 46.34 -8.44 -26.28
C PRO A 48 47.41 -9.43 -26.72
N PHE A 49 47.12 -10.71 -26.48
CA PHE A 49 48.07 -11.76 -26.81
C PHE A 49 48.18 -11.91 -28.32
N TYR A 50 49.43 -12.10 -28.78
CA TYR A 50 49.77 -12.42 -30.18
C TYR A 50 49.32 -11.32 -31.13
N SER A 51 49.84 -10.12 -30.92
CA SER A 51 49.44 -8.95 -31.67
C SER A 51 50.63 -8.38 -32.42
N ASN A 52 50.32 -7.54 -33.41
CA ASN A 52 51.29 -6.81 -34.22
C ASN A 52 52.18 -5.93 -33.35
N VAL A 53 53.48 -6.22 -33.31
CA VAL A 53 54.42 -5.44 -32.52
C VAL A 53 55.38 -4.75 -33.46
N THR A 54 55.25 -3.42 -33.54
CA THR A 54 56.13 -2.65 -34.40
C THR A 54 57.52 -2.57 -33.80
N GLY A 55 58.49 -3.17 -34.49
CA GLY A 55 59.87 -3.14 -34.07
C GLY A 55 60.63 -2.07 -34.84
N PHE A 56 61.05 -1.04 -34.11
CA PHE A 56 61.92 -0.02 -34.67
C PHE A 56 63.37 -0.43 -34.39
N HIS A 57 64.06 -0.82 -35.45
CA HIS A 57 65.44 -1.30 -35.37
C HIS A 57 66.39 -0.15 -35.65
N THR A 58 67.30 0.11 -34.72
CA THR A 58 68.40 1.03 -34.96
C THR A 58 69.55 0.20 -35.52
N ILE A 59 69.72 0.23 -36.83
CA ILE A 59 70.81 -0.47 -37.50
C ILE A 59 71.67 0.61 -38.16
N ASN A 60 72.82 0.18 -38.73
CA ASN A 60 74.00 0.96 -39.11
C ASN A 60 73.74 2.34 -39.72
N HIS A 61 72.71 2.47 -40.56
CA HIS A 61 72.33 3.77 -41.11
C HIS A 61 70.87 4.11 -40.81
N THR A 62 70.25 3.40 -39.89
CA THR A 62 68.84 3.56 -39.58
C THR A 62 68.70 4.07 -38.16
N PHE A 63 68.15 5.27 -38.00
CA PHE A 63 67.96 5.89 -36.70
C PHE A 63 66.48 6.19 -36.54
N GLY A 64 65.74 5.19 -36.05
CA GLY A 64 64.28 5.29 -35.99
C GLY A 64 63.86 5.84 -34.64
N ASN A 65 63.43 7.09 -34.62
CA ASN A 65 62.56 7.62 -33.56
C ASN A 65 61.73 8.76 -34.13
N PRO A 66 60.60 8.45 -34.75
CA PRO A 66 59.68 9.50 -35.19
C PRO A 66 58.78 9.93 -34.04
N VAL A 67 57.85 10.83 -34.36
CA VAL A 67 56.80 11.17 -33.42
C VAL A 67 55.80 10.03 -33.39
N ILE A 68 55.66 9.40 -32.23
CA ILE A 68 54.88 8.17 -32.10
C ILE A 68 53.70 8.47 -31.19
N PRO A 69 52.48 8.09 -31.55
CA PRO A 69 51.32 8.43 -30.72
C PRO A 69 51.20 7.54 -29.49
N PHE A 70 50.85 8.17 -28.37
CA PHE A 70 50.68 7.51 -27.09
C PHE A 70 49.28 6.91 -26.93
N LYS A 71 48.46 6.98 -27.98
CA LYS A 71 47.02 7.25 -27.96
C LYS A 71 46.27 6.81 -26.72
N ASP A 72 46.46 5.56 -26.33
CA ASP A 72 45.67 4.95 -25.25
C ASP A 72 46.54 4.54 -24.08
N GLY A 73 47.79 4.95 -24.05
CA GLY A 73 48.74 4.25 -23.22
C GLY A 73 49.46 3.19 -24.02
N ILE A 74 50.74 3.00 -23.72
CA ILE A 74 51.59 2.22 -24.60
C ILE A 74 52.28 1.10 -23.82
N TYR A 75 52.67 0.07 -24.57
CA TYR A 75 53.63 -0.91 -24.12
C TYR A 75 54.97 -0.61 -24.76
N PHE A 76 56.03 -0.72 -23.97
CA PHE A 76 57.38 -0.54 -24.46
C PHE A 76 58.25 -1.72 -24.06
N ALA A 77 59.09 -2.15 -24.98
CA ALA A 77 60.16 -3.09 -24.70
C ALA A 77 61.44 -2.58 -25.34
N ALA A 78 62.56 -2.88 -24.69
CA ALA A 78 63.87 -2.48 -25.18
C ALA A 78 64.79 -3.68 -25.17
N THR A 79 65.31 -4.04 -26.34
CA THR A 79 66.27 -5.11 -26.47
C THR A 79 67.66 -4.49 -26.45
N GLU A 80 68.38 -4.68 -25.34
CA GLU A 80 69.54 -3.88 -25.05
C GLU A 80 70.76 -4.74 -24.78
N LYS A 81 71.90 -4.28 -25.24
CA LYS A 81 73.20 -4.71 -24.76
C LYS A 81 74.14 -3.56 -24.50
N SER A 82 73.90 -2.38 -25.08
CA SER A 82 74.77 -1.22 -24.93
C SER A 82 74.03 0.03 -24.45
N ASN A 83 72.76 -0.12 -24.06
CA ASN A 83 71.91 0.97 -23.52
C ASN A 83 71.77 2.13 -24.50
N VAL A 84 71.25 1.82 -25.69
CA VAL A 84 70.97 2.87 -26.66
C VAL A 84 69.73 3.66 -26.23
N VAL A 85 68.65 2.96 -25.89
CA VAL A 85 67.44 3.60 -25.40
C VAL A 85 67.72 4.16 -24.01
N ARG A 86 67.76 5.49 -23.89
CA ARG A 86 68.05 6.11 -22.62
C ARG A 86 66.99 7.09 -22.14
N GLY A 87 66.07 7.52 -23.00
CA GLY A 87 65.10 8.48 -22.51
C GLY A 87 63.91 8.60 -23.43
N TRP A 88 62.97 9.44 -23.01
CA TRP A 88 61.77 9.72 -23.77
C TRP A 88 61.33 11.14 -23.50
N VAL A 89 60.65 11.72 -24.47
CA VAL A 89 59.89 12.94 -24.28
C VAL A 89 58.43 12.57 -24.43
N PHE A 90 57.58 13.02 -23.51
CA PHE A 90 56.15 12.82 -23.60
C PHE A 90 55.45 14.16 -23.69
N GLY A 91 54.39 14.21 -24.48
CA GLY A 91 53.64 15.44 -24.61
C GLY A 91 52.62 15.33 -25.73
N SER A 92 52.14 16.49 -26.17
CA SER A 92 51.18 16.56 -27.27
C SER A 92 51.74 17.27 -28.49
N THR A 93 52.18 18.53 -28.35
CA THR A 93 52.66 19.29 -29.49
C THR A 93 54.13 19.04 -29.79
N MET A 94 54.86 18.53 -28.79
CA MET A 94 56.30 18.21 -28.87
C MET A 94 57.11 19.45 -29.27
N ASN A 95 56.78 20.58 -28.64
CA ASN A 95 57.47 21.85 -28.84
C ASN A 95 57.51 22.56 -27.49
N ASN A 96 57.88 23.83 -27.49
CA ASN A 96 57.76 24.65 -26.30
C ASN A 96 56.40 25.31 -26.16
N LYS A 97 55.45 24.96 -27.04
CA LYS A 97 54.10 25.49 -26.93
C LYS A 97 53.29 24.79 -25.86
N SER A 98 53.49 23.48 -25.68
CA SER A 98 52.81 22.73 -24.65
C SER A 98 53.84 22.15 -23.68
N GLN A 99 53.36 21.78 -22.50
CA GLN A 99 54.23 21.20 -21.47
C GLN A 99 54.67 19.80 -21.89
N SER A 100 55.99 19.59 -21.90
CA SER A 100 56.55 18.29 -22.21
C SER A 100 57.35 17.79 -21.03
N VAL A 101 57.18 16.52 -20.70
CA VAL A 101 57.94 15.88 -19.64
C VAL A 101 58.97 14.95 -20.27
N ILE A 102 60.19 15.00 -19.76
CA ILE A 102 61.30 14.22 -20.30
C ILE A 102 61.86 13.37 -19.17
N ILE A 103 61.93 12.07 -19.40
CA ILE A 103 62.43 11.13 -18.40
C ILE A 103 63.57 10.35 -19.04
N ILE A 104 64.78 10.58 -18.56
CA ILE A 104 66.00 10.05 -19.15
C ILE A 104 66.84 9.39 -18.07
N ASN A 105 67.82 8.61 -18.54
CA ASN A 105 68.94 8.18 -17.71
C ASN A 105 70.19 8.70 -18.40
N ASN A 106 70.83 9.69 -17.80
CA ASN A 106 72.00 10.36 -18.37
C ASN A 106 73.32 9.70 -17.98
N SER A 107 73.29 8.39 -17.67
CA SER A 107 74.36 7.54 -17.16
C SER A 107 74.82 7.93 -15.76
N THR A 108 74.24 8.95 -15.14
CA THR A 108 74.48 9.30 -13.76
C THR A 108 73.23 9.17 -12.92
N ASN A 109 72.12 9.71 -13.41
CA ASN A 109 70.89 9.84 -12.64
C ASN A 109 69.71 9.45 -13.51
N VAL A 110 68.63 8.99 -12.88
CA VAL A 110 67.33 9.00 -13.54
C VAL A 110 66.74 10.38 -13.34
N VAL A 111 66.54 11.10 -14.44
CA VAL A 111 66.17 12.50 -14.40
C VAL A 111 64.77 12.65 -14.96
N ILE A 112 63.88 13.25 -14.18
CA ILE A 112 62.51 13.52 -14.58
C ILE A 112 62.29 15.02 -14.55
N ARG A 113 61.83 15.57 -15.66
CA ARG A 113 61.72 17.02 -15.76
C ARG A 113 60.58 17.37 -16.71
N ALA A 114 59.65 18.19 -16.23
CA ALA A 114 58.47 18.59 -16.99
C ALA A 114 58.47 20.12 -17.12
N CYS A 115 58.72 20.62 -18.32
CA CYS A 115 58.78 22.06 -18.58
C CYS A 115 58.09 22.32 -19.92
N ASN A 116 58.29 23.52 -20.46
CA ASN A 116 58.01 23.83 -21.86
C ASN A 116 59.34 23.80 -22.59
N PHE A 117 59.75 22.62 -23.03
CA PHE A 117 61.04 22.43 -23.66
C PHE A 117 60.97 22.82 -25.12
N GLU A 118 61.93 23.61 -25.57
CA GLU A 118 62.14 23.76 -27.01
C GLU A 118 62.71 22.44 -27.51
N LEU A 119 61.85 21.61 -28.08
CA LEU A 119 62.26 20.29 -28.52
C LEU A 119 63.23 20.37 -29.69
N CYS A 120 64.35 19.69 -29.56
CA CYS A 120 65.16 19.38 -30.72
C CYS A 120 64.47 18.30 -31.53
N ASP A 121 64.51 18.46 -32.85
CA ASP A 121 63.83 17.53 -33.76
C ASP A 121 64.45 16.14 -33.72
N ASN A 122 65.69 16.02 -33.25
CA ASN A 122 66.42 14.77 -33.23
C ASN A 122 67.10 14.65 -31.88
N PRO A 123 66.43 14.06 -30.88
CA PRO A 123 67.04 13.91 -29.56
C PRO A 123 67.92 12.67 -29.48
N PHE A 124 69.13 12.84 -28.96
CA PHE A 124 70.10 11.75 -28.88
C PHE A 124 71.17 12.10 -27.86
N PHE A 125 71.82 11.06 -27.35
CA PHE A 125 73.15 11.18 -26.75
C PHE A 125 74.20 10.73 -27.75
N ALA A 126 75.28 11.49 -27.82
CA ALA A 126 76.42 11.14 -28.66
C ALA A 126 77.50 10.54 -27.78
N VAL A 127 77.96 9.35 -28.14
CA VAL A 127 78.97 8.60 -27.40
C VAL A 127 80.14 8.32 -28.31
N SER A 128 81.34 8.66 -27.85
CA SER A 128 82.56 8.39 -28.62
C SER A 128 82.79 6.88 -28.67
N LYS A 129 82.66 6.31 -29.86
CA LYS A 129 82.78 4.87 -30.03
C LYS A 129 84.18 4.30 -29.73
N PRO A 130 85.34 4.95 -30.08
CA PRO A 130 86.61 4.41 -29.59
C PRO A 130 86.92 4.75 -28.13
N MET A 131 86.38 5.85 -27.62
CA MET A 131 86.66 6.21 -26.22
C MET A 131 85.75 5.46 -25.26
N GLY A 132 84.45 5.43 -25.53
CA GLY A 132 83.52 4.64 -24.74
C GLY A 132 82.73 5.38 -23.69
N THR A 133 82.69 6.70 -23.72
CA THR A 133 81.91 7.49 -22.77
C THR A 133 80.98 8.44 -23.52
N GLN A 134 79.97 8.94 -22.80
CA GLN A 134 79.05 9.93 -23.36
C GLN A 134 79.77 11.25 -23.62
N THR A 135 79.60 11.77 -24.83
CA THR A 135 80.14 13.08 -25.18
C THR A 135 79.11 14.19 -25.05
N HIS A 136 77.93 14.02 -25.64
CA HIS A 136 76.97 15.11 -25.78
C HIS A 136 75.65 14.79 -25.10
N THR A 137 75.04 15.85 -24.56
CA THR A 137 73.65 15.85 -24.14
C THR A 137 72.91 16.85 -25.03
N MET A 138 72.51 16.38 -26.21
CA MET A 138 71.77 17.19 -27.17
C MET A 138 70.31 16.78 -27.08
N ILE A 139 69.61 17.39 -26.14
CA ILE A 139 68.24 17.02 -25.82
C ILE A 139 67.33 18.18 -26.13
N PHE A 140 67.57 19.30 -25.45
CA PHE A 140 66.68 20.44 -25.48
C PHE A 140 67.51 21.69 -25.67
N ASP A 141 66.93 22.68 -26.35
CA ASP A 141 67.56 23.98 -26.51
C ASP A 141 67.15 24.95 -25.42
N ASN A 142 65.88 24.95 -25.04
CA ASN A 142 65.34 25.87 -24.05
C ASN A 142 64.43 25.11 -23.11
N ALA A 143 64.21 25.66 -21.92
CA ALA A 143 63.28 25.11 -20.95
C ALA A 143 62.72 26.22 -20.10
N PHE A 144 61.39 26.31 -20.00
CA PHE A 144 60.76 27.34 -19.19
C PHE A 144 59.44 26.84 -18.66
N ASN A 145 58.97 27.49 -17.58
CA ASN A 145 57.78 27.13 -16.82
C ASN A 145 57.82 25.67 -16.39
N CYS A 146 58.91 25.33 -15.70
CA CYS A 146 59.15 23.96 -15.28
C CYS A 146 58.21 23.58 -14.14
N THR A 147 57.33 22.62 -14.42
CA THR A 147 56.31 22.21 -13.45
C THR A 147 56.85 21.16 -12.48
N PHE A 148 57.51 20.13 -12.99
CA PHE A 148 58.04 19.07 -12.14
C PHE A 148 59.51 18.83 -12.42
N GLU A 149 60.25 18.53 -11.36
CA GLU A 149 61.66 18.21 -11.43
C GLU A 149 61.93 16.97 -10.59
N TYR A 150 62.71 16.03 -11.13
CA TYR A 150 63.26 14.97 -10.32
C TYR A 150 64.59 14.51 -10.90
N ILE A 151 65.56 14.30 -10.01
CA ILE A 151 66.84 13.69 -10.33
C ILE A 151 67.10 12.60 -9.31
N SER A 152 67.41 11.40 -9.78
CA SER A 152 67.58 10.27 -8.88
C SER A 152 68.96 10.28 -8.24
N ASP A 153 69.29 9.16 -7.61
CA ASP A 153 70.60 8.97 -7.02
C ASP A 153 71.66 8.85 -8.12
N ALA A 154 72.89 9.16 -7.75
CA ALA A 154 74.01 9.02 -8.68
C ALA A 154 74.41 7.55 -8.78
N PHE A 155 74.53 7.06 -10.00
CA PHE A 155 74.98 5.69 -10.22
C PHE A 155 75.77 5.65 -11.53
N SER A 156 76.67 4.69 -11.62
CA SER A 156 77.59 4.56 -12.75
C SER A 156 77.02 3.52 -13.71
N LEU A 157 76.72 3.96 -14.93
CA LEU A 157 76.04 3.14 -15.91
C LEU A 157 77.01 2.73 -17.02
N ASP A 158 76.72 1.60 -17.66
CA ASP A 158 77.55 1.03 -18.72
C ASP A 158 77.16 1.68 -20.04
N VAL A 159 78.07 2.46 -20.61
CA VAL A 159 77.73 3.37 -21.70
C VAL A 159 78.27 2.86 -23.04
N SER A 160 79.45 2.23 -23.01
CA SER A 160 80.18 1.86 -24.21
C SER A 160 79.45 0.78 -25.01
N GLU A 161 79.81 0.69 -26.29
CA GLU A 161 79.17 -0.26 -27.21
C GLU A 161 79.65 -1.67 -26.93
N LYS A 162 78.71 -2.61 -26.85
CA LYS A 162 79.00 -4.02 -26.68
C LYS A 162 78.79 -4.77 -28.00
N SER A 163 79.20 -6.03 -28.00
CA SER A 163 79.04 -6.90 -29.16
C SER A 163 78.42 -8.23 -28.72
N GLY A 164 77.70 -8.86 -29.65
CA GLY A 164 77.09 -10.14 -29.37
C GLY A 164 75.59 -10.07 -29.18
N ASN A 165 75.07 -10.90 -28.28
CA ASN A 165 73.64 -10.98 -28.03
C ASN A 165 73.13 -9.74 -27.31
N PHE A 166 71.86 -9.44 -27.56
CA PHE A 166 71.10 -8.55 -26.68
C PHE A 166 70.98 -9.24 -25.32
N LYS A 167 71.62 -8.68 -24.30
CA LYS A 167 71.55 -9.29 -22.98
C LYS A 167 70.40 -8.76 -22.14
N HIS A 168 70.05 -7.49 -22.32
CA HIS A 168 69.19 -6.80 -21.37
C HIS A 168 67.85 -6.52 -22.02
N LEU A 169 66.78 -6.95 -21.35
CA LEU A 169 65.42 -6.77 -21.85
C LEU A 169 64.62 -5.99 -20.80
N ARG A 170 64.40 -4.72 -21.08
CA ARG A 170 63.68 -3.83 -20.16
C ARG A 170 62.33 -3.51 -20.75
N GLU A 171 61.27 -3.78 -19.99
CA GLU A 171 59.90 -3.66 -20.46
C GLU A 171 59.20 -2.58 -19.66
N PHE A 172 58.60 -1.62 -20.37
CA PHE A 172 58.02 -0.43 -19.77
C PHE A 172 56.59 -0.24 -20.25
N VAL A 173 55.73 0.22 -19.36
CA VAL A 173 54.34 0.54 -19.70
C VAL A 173 54.02 1.90 -19.11
N PHE A 174 53.44 2.77 -19.92
CA PHE A 174 53.09 4.13 -19.50
C PHE A 174 51.60 4.34 -19.69
N LYS A 175 50.97 4.93 -18.69
CA LYS A 175 49.52 4.86 -18.52
C LYS A 175 49.03 6.15 -17.90
N ASN A 176 48.32 6.96 -18.68
CA ASN A 176 47.78 8.24 -18.21
C ASN A 176 46.37 7.99 -17.69
N LYS A 177 46.17 8.16 -16.39
CA LYS A 177 44.85 8.07 -15.79
C LYS A 177 44.79 8.99 -14.58
N ASP A 178 43.71 9.76 -14.49
CA ASP A 178 43.43 10.71 -13.40
C ASP A 178 44.55 11.75 -13.26
N GLY A 179 45.05 12.23 -14.38
CA GLY A 179 46.11 13.21 -14.38
C GLY A 179 47.48 12.67 -14.01
N PHE A 180 47.61 11.38 -13.75
CA PHE A 180 48.90 10.78 -13.48
C PHE A 180 49.49 10.21 -14.74
N LEU A 181 50.73 9.76 -14.62
CA LEU A 181 51.32 8.86 -15.60
C LEU A 181 51.84 7.65 -14.82
N TYR A 182 51.14 6.53 -14.97
CA TYR A 182 51.51 5.32 -14.27
C TYR A 182 52.70 4.70 -14.98
N VAL A 183 53.78 4.42 -14.25
CA VAL A 183 55.04 4.02 -14.84
C VAL A 183 55.36 2.60 -14.38
N TYR A 184 55.50 1.68 -15.33
CA TYR A 184 55.69 0.28 -15.03
C TYR A 184 57.05 -0.19 -15.52
N LYS A 185 57.64 -1.13 -14.78
CA LYS A 185 59.02 -1.53 -14.97
C LYS A 185 59.14 -3.04 -14.88
N GLY A 186 60.06 -3.60 -15.65
CA GLY A 186 60.38 -5.00 -15.54
C GLY A 186 61.61 -5.34 -16.37
N TYR A 187 62.29 -6.40 -15.94
CA TYR A 187 63.54 -6.81 -16.56
C TYR A 187 63.67 -8.32 -16.52
N GLN A 188 64.20 -8.88 -17.61
CA GLN A 188 64.71 -10.24 -17.60
C GLN A 188 65.95 -10.29 -18.48
N PRO A 189 66.89 -11.19 -18.20
CA PRO A 189 68.03 -11.37 -19.10
C PRO A 189 67.63 -12.18 -20.31
N ILE A 190 68.16 -11.78 -21.47
CA ILE A 190 67.89 -12.45 -22.73
C ILE A 190 69.19 -12.69 -23.47
N ASP A 191 69.08 -13.43 -24.58
CA ASP A 191 70.20 -13.63 -25.50
C ASP A 191 69.62 -13.97 -26.88
N VAL A 192 69.59 -12.98 -27.77
CA VAL A 192 68.91 -13.13 -29.06
C VAL A 192 69.49 -12.11 -30.01
N VAL A 193 69.32 -12.33 -31.31
CA VAL A 193 69.80 -11.42 -32.34
C VAL A 193 68.79 -10.33 -32.65
N ARG A 194 67.56 -10.72 -32.91
CA ARG A 194 66.51 -9.81 -33.34
C ARG A 194 65.18 -10.43 -32.90
N ASP A 195 64.06 -9.74 -33.23
CA ASP A 195 62.71 -10.29 -33.22
C ASP A 195 62.28 -10.77 -31.84
N LEU A 196 61.91 -9.82 -30.96
CA LEU A 196 61.55 -9.94 -29.55
C LEU A 196 60.75 -11.20 -29.21
N PRO A 197 61.33 -12.11 -28.44
CA PRO A 197 60.80 -13.47 -28.37
C PRO A 197 59.63 -13.59 -27.42
N SER A 198 59.12 -14.82 -27.35
CA SER A 198 58.00 -15.13 -26.48
C SER A 198 58.45 -15.20 -25.03
N GLY A 199 57.55 -14.82 -24.14
CA GLY A 199 57.87 -14.86 -22.72
C GLY A 199 56.71 -14.33 -21.91
N PHE A 200 56.94 -14.30 -20.60
CA PHE A 200 55.86 -14.05 -19.64
C PHE A 200 56.51 -13.46 -18.39
N ASN A 201 56.37 -12.15 -18.22
CA ASN A 201 56.98 -11.48 -17.07
C ASN A 201 56.06 -10.38 -16.59
N THR A 202 55.73 -10.42 -15.31
CA THR A 202 54.89 -9.40 -14.71
C THR A 202 55.70 -8.12 -14.51
N LEU A 203 55.13 -6.99 -14.89
CA LEU A 203 55.82 -5.72 -14.76
C LEU A 203 55.44 -5.04 -13.46
N LYS A 204 56.34 -4.20 -12.98
CA LYS A 204 56.16 -3.71 -11.64
C LYS A 204 55.96 -2.20 -11.64
N PRO A 205 55.05 -1.69 -10.81
CA PRO A 205 54.85 -0.24 -10.73
C PRO A 205 56.01 0.43 -10.01
N ILE A 206 56.51 1.51 -10.60
CA ILE A 206 57.58 2.25 -9.94
C ILE A 206 57.21 3.71 -9.70
N PHE A 207 56.36 4.28 -10.54
CA PHE A 207 56.08 5.70 -10.41
C PHE A 207 54.66 6.02 -10.82
N LYS A 208 54.03 6.88 -10.04
CA LYS A 208 52.66 7.37 -10.24
C LYS A 208 52.76 8.88 -10.16
N LEU A 209 53.07 9.51 -11.29
CA LEU A 209 53.61 10.86 -11.26
C LEU A 209 52.53 11.88 -11.55
N PRO A 210 52.23 12.77 -10.62
CA PRO A 210 51.16 13.78 -10.80
C PRO A 210 51.56 14.89 -11.77
N LEU A 211 51.53 14.56 -13.05
CA LEU A 211 51.91 15.53 -14.06
C LEU A 211 50.72 16.37 -14.51
N GLY A 212 49.60 15.73 -14.83
CA GLY A 212 48.41 16.46 -15.21
C GLY A 212 48.49 17.15 -16.54
N ILE A 213 49.25 16.62 -17.48
CA ILE A 213 49.47 17.28 -18.75
C ILE A 213 48.90 16.44 -19.88
N ASN A 214 48.61 17.13 -20.98
CA ASN A 214 48.08 16.50 -22.18
C ASN A 214 49.23 15.80 -22.91
N ILE A 215 49.24 14.48 -22.88
CA ILE A 215 50.25 13.69 -23.57
C ILE A 215 49.55 12.84 -24.61
N THR A 216 49.74 13.19 -25.88
CA THR A 216 49.20 12.40 -26.97
C THR A 216 50.26 11.69 -27.79
N ASN A 217 51.45 12.28 -27.88
CA ASN A 217 52.54 11.72 -28.68
C ASN A 217 53.75 11.50 -27.78
N PHE A 218 54.79 10.92 -28.37
CA PHE A 218 56.07 10.76 -27.70
C PHE A 218 57.15 10.50 -28.73
N ARG A 219 58.39 10.45 -28.23
CA ARG A 219 59.53 10.04 -29.03
C ARG A 219 60.61 9.54 -28.08
N ALA A 220 61.20 8.40 -28.42
CA ALA A 220 62.30 7.86 -27.63
C ALA A 220 63.56 8.69 -27.83
N ILE A 221 64.39 8.73 -26.79
CA ILE A 221 65.69 9.36 -26.85
C ILE A 221 66.74 8.25 -26.89
N LEU A 222 67.39 8.12 -28.04
CA LEU A 222 68.32 7.05 -28.33
C LEU A 222 69.72 7.52 -28.01
N THR A 223 70.71 6.74 -28.44
CA THR A 223 72.10 7.05 -28.16
C THR A 223 72.94 6.82 -29.41
N ALA A 224 73.41 7.90 -30.02
CA ALA A 224 74.29 7.78 -31.17
C ALA A 224 75.69 7.39 -30.70
N PHE A 225 76.28 6.43 -31.42
CA PHE A 225 77.65 5.98 -31.14
C PHE A 225 78.54 6.48 -32.26
N SER A 226 79.39 7.45 -31.95
CA SER A 226 80.13 8.16 -32.97
C SER A 226 81.61 7.80 -32.92
N PRO A 227 82.24 7.53 -34.07
CA PRO A 227 83.68 7.26 -34.12
C PRO A 227 84.53 8.51 -33.92
N ILE A 231 78.40 13.36 -38.49
CA ILE A 231 78.55 13.41 -37.05
C ILE A 231 78.30 12.04 -36.44
N TRP A 232 77.16 11.46 -36.79
CA TRP A 232 76.55 10.39 -36.03
C TRP A 232 76.92 9.01 -36.56
N GLY A 233 76.65 8.02 -35.74
CA GLY A 233 76.71 6.61 -36.09
C GLY A 233 75.83 5.87 -35.12
N THR A 234 75.41 4.68 -35.52
CA THR A 234 74.53 3.85 -34.70
C THR A 234 75.16 2.50 -34.46
N SER A 235 74.63 1.79 -33.45
CA SER A 235 74.92 0.39 -33.22
C SER A 235 73.61 -0.37 -33.19
N ALA A 236 73.72 -1.70 -33.19
CA ALA A 236 72.55 -2.56 -33.30
C ALA A 236 71.75 -2.55 -32.00
N ALA A 237 70.54 -2.00 -32.06
CA ALA A 237 69.59 -2.06 -30.97
C ALA A 237 68.19 -1.98 -31.54
N ALA A 238 67.22 -2.50 -30.80
CA ALA A 238 65.85 -2.48 -31.26
C ALA A 238 64.94 -2.23 -30.08
N TYR A 239 63.86 -1.51 -30.33
CA TYR A 239 62.86 -1.24 -29.32
C TYR A 239 61.49 -1.40 -29.96
N PHE A 240 60.54 -1.86 -29.17
CA PHE A 240 59.32 -2.44 -29.70
C PHE A 240 58.09 -1.66 -29.24
N VAL A 241 57.23 -1.35 -30.19
CA VAL A 241 56.07 -0.50 -29.96
C VAL A 241 54.89 -1.39 -29.64
N GLY A 242 54.22 -1.11 -28.53
CA GLY A 242 52.98 -1.78 -28.23
C GLY A 242 51.91 -0.82 -27.76
N TYR A 243 50.71 -0.93 -28.31
CA TYR A 243 49.57 -0.22 -27.75
C TYR A 243 48.83 -1.11 -26.78
N LEU A 244 48.26 -0.51 -25.75
CA LEU A 244 47.36 -1.24 -24.88
C LEU A 244 45.93 -1.06 -25.37
N LYS A 245 45.06 -1.95 -24.91
CA LYS A 245 43.65 -1.88 -25.22
C LYS A 245 42.92 -2.30 -23.95
N PRO A 246 41.76 -1.69 -23.66
CA PRO A 246 41.02 -2.12 -22.47
C PRO A 246 40.43 -3.50 -22.64
N THR A 247 41.02 -4.49 -21.98
CA THR A 247 40.61 -5.87 -22.12
C THR A 247 40.10 -6.41 -20.79
N THR A 248 39.81 -7.70 -20.79
CA THR A 248 39.59 -8.44 -19.55
C THR A 248 40.58 -9.57 -19.49
N PHE A 249 41.46 -9.53 -18.51
CA PHE A 249 42.35 -10.65 -18.24
C PHE A 249 41.99 -11.27 -16.90
N MET A 250 42.55 -12.44 -16.65
CA MET A 250 42.42 -13.07 -15.35
C MET A 250 43.80 -13.50 -14.89
N LEU A 251 44.17 -13.10 -13.68
CA LEU A 251 45.47 -13.39 -13.13
C LEU A 251 45.44 -14.68 -12.32
N LYS A 252 46.62 -15.11 -11.89
CA LYS A 252 46.75 -16.28 -11.03
C LYS A 252 47.79 -15.99 -9.97
N TYR A 253 47.37 -16.00 -8.71
CA TYR A 253 48.26 -15.75 -7.59
C TYR A 253 48.62 -17.05 -6.91
N ASP A 254 49.90 -17.23 -6.62
CA ASP A 254 50.38 -18.42 -5.95
C ASP A 254 50.29 -18.24 -4.43
N GLU A 255 50.95 -19.12 -3.70
CA GLU A 255 51.04 -18.93 -2.25
C GLU A 255 52.03 -17.84 -1.87
N ASN A 256 52.96 -17.50 -2.76
CA ASN A 256 53.90 -16.42 -2.50
C ASN A 256 53.45 -15.10 -3.12
N GLY A 257 52.20 -15.00 -3.56
CA GLY A 257 51.70 -13.76 -4.09
C GLY A 257 52.32 -13.32 -5.39
N THR A 258 52.76 -14.26 -6.20
CA THR A 258 53.36 -13.98 -7.49
C THR A 258 52.31 -14.20 -8.56
N ILE A 259 52.25 -13.28 -9.53
CA ILE A 259 51.43 -13.53 -10.71
C ILE A 259 52.12 -14.62 -11.52
N THR A 260 51.47 -15.78 -11.61
CA THR A 260 52.07 -16.95 -12.24
C THR A 260 51.46 -17.29 -13.58
N ASP A 261 50.23 -16.88 -13.84
CA ASP A 261 49.57 -17.22 -15.10
C ASP A 261 48.52 -16.17 -15.39
N ALA A 262 48.39 -15.84 -16.67
CA ALA A 262 47.40 -14.89 -17.12
C ALA A 262 46.65 -15.48 -18.30
N VAL A 263 45.44 -14.98 -18.53
CA VAL A 263 44.63 -15.49 -19.63
C VAL A 263 43.76 -14.39 -20.22
N ASP A 264 43.86 -14.22 -21.54
CA ASP A 264 42.99 -13.31 -22.25
C ASP A 264 41.58 -13.87 -22.28
N CYS A 265 40.60 -12.98 -22.15
CA CYS A 265 39.21 -13.36 -22.32
C CYS A 265 38.69 -13.01 -23.70
N SER A 266 39.58 -12.77 -24.67
CA SER A 266 39.13 -12.16 -25.91
C SER A 266 39.73 -12.76 -27.18
N GLN A 267 40.69 -13.68 -27.10
CA GLN A 267 41.36 -14.12 -28.31
C GLN A 267 40.60 -15.23 -29.04
N ASN A 268 39.81 -16.01 -28.31
CA ASN A 268 39.07 -17.13 -28.89
C ASN A 268 37.92 -17.45 -27.95
N PRO A 269 36.91 -18.18 -28.42
CA PRO A 269 35.88 -18.66 -27.49
C PRO A 269 36.39 -19.63 -26.44
N LEU A 270 37.56 -20.25 -26.66
CA LEU A 270 38.13 -21.19 -25.68
C LEU A 270 38.50 -20.49 -24.39
N ALA A 271 39.39 -19.50 -24.46
CA ALA A 271 39.89 -18.91 -23.23
C ALA A 271 38.87 -18.01 -22.57
N GLU A 272 37.92 -17.47 -23.36
CA GLU A 272 36.82 -16.72 -22.78
C GLU A 272 35.92 -17.62 -21.95
N LEU A 273 35.78 -18.88 -22.37
CA LEU A 273 35.10 -19.86 -21.53
C LEU A 273 35.87 -20.10 -20.24
N LYS A 274 37.20 -20.13 -20.34
CA LYS A 274 38.04 -20.31 -19.14
C LYS A 274 37.91 -19.14 -18.19
N CYS A 275 37.61 -17.95 -18.72
CA CYS A 275 37.29 -16.83 -17.84
C CYS A 275 35.97 -17.05 -17.13
N SER A 276 35.02 -17.68 -17.81
CA SER A 276 33.70 -17.87 -17.21
C SER A 276 33.68 -19.02 -16.22
N VAL A 277 34.23 -20.18 -16.63
CA VAL A 277 34.24 -21.34 -15.76
C VAL A 277 35.22 -21.15 -14.61
N LYS A 278 36.22 -20.29 -14.81
CA LYS A 278 37.25 -19.95 -13.83
C LYS A 278 38.06 -21.18 -13.40
N SER A 279 38.58 -21.88 -14.41
CA SER A 279 39.65 -22.84 -14.20
C SER A 279 40.48 -22.86 -15.48
N PHE A 280 41.72 -23.30 -15.36
CA PHE A 280 42.55 -23.42 -16.54
C PHE A 280 42.32 -24.72 -17.28
N GLU A 281 41.59 -25.66 -16.68
CA GLU A 281 41.29 -26.92 -17.32
C GLU A 281 39.80 -27.21 -17.22
N ILE A 282 39.23 -27.68 -18.33
CA ILE A 282 37.82 -28.05 -18.41
C ILE A 282 37.75 -29.37 -19.13
N ASP A 283 37.03 -30.33 -18.56
CA ASP A 283 36.80 -31.60 -19.22
C ASP A 283 35.75 -31.45 -20.32
N LYS A 284 35.33 -32.56 -20.91
CA LYS A 284 34.41 -32.51 -22.03
C LYS A 284 33.02 -32.08 -21.59
N GLY A 285 32.21 -31.69 -22.57
CA GLY A 285 30.88 -31.18 -22.31
C GLY A 285 30.64 -29.85 -23.00
N ILE A 286 29.39 -29.43 -22.97
CA ILE A 286 28.97 -28.17 -23.58
C ILE A 286 28.64 -27.19 -22.46
N TYR A 287 29.03 -25.94 -22.65
CA TYR A 287 28.94 -24.95 -21.60
C TYR A 287 28.40 -23.67 -22.21
N GLN A 288 27.70 -22.88 -21.38
CA GLN A 288 27.04 -21.69 -21.86
C GLN A 288 27.84 -20.45 -21.48
N THR A 289 28.00 -19.56 -22.45
CA THR A 289 28.57 -18.24 -22.25
C THR A 289 27.56 -17.21 -22.73
N SER A 290 28.01 -15.95 -22.87
CA SER A 290 27.11 -14.82 -23.02
C SER A 290 26.46 -14.80 -24.41
N ASN A 291 25.69 -13.75 -24.63
CA ASN A 291 24.84 -13.62 -25.81
C ASN A 291 25.63 -13.10 -27.01
N PHE A 292 25.00 -13.20 -28.17
CA PHE A 292 25.44 -12.52 -29.37
C PHE A 292 24.31 -11.62 -29.87
N ARG A 293 24.68 -10.51 -30.47
CA ARG A 293 23.75 -9.69 -31.23
C ARG A 293 24.46 -9.25 -32.51
N VAL A 294 23.72 -8.55 -33.37
CA VAL A 294 24.23 -8.12 -34.67
C VAL A 294 24.16 -6.60 -34.73
N VAL A 295 25.27 -5.99 -35.12
CA VAL A 295 25.39 -4.53 -35.16
C VAL A 295 24.46 -3.97 -36.24
N PRO A 296 23.61 -3.02 -35.91
CA PRO A 296 22.77 -2.39 -36.94
C PRO A 296 23.56 -1.45 -37.85
N SER A 297 23.76 -1.88 -39.08
CA SER A 297 24.49 -1.08 -40.07
C SER A 297 23.49 -0.59 -41.10
N GLY A 298 23.13 0.67 -41.01
CA GLY A 298 22.22 1.29 -41.95
C GLY A 298 21.20 2.15 -41.24
N ASP A 299 20.65 3.10 -41.99
CA ASP A 299 19.68 4.05 -41.45
C ASP A 299 18.70 4.40 -42.57
N VAL A 300 17.42 4.20 -42.31
CA VAL A 300 16.35 4.57 -43.21
C VAL A 300 15.45 5.56 -42.50
N VAL A 301 15.40 6.79 -43.02
CA VAL A 301 14.52 7.82 -42.50
C VAL A 301 13.63 8.29 -43.65
N ARG A 302 12.33 8.20 -43.46
CA ARG A 302 11.38 8.62 -44.48
C ARG A 302 10.24 9.43 -43.87
N PHE A 303 9.61 10.20 -44.75
CA PHE A 303 8.54 11.13 -44.42
C PHE A 303 7.62 11.21 -45.64
N PRO A 304 6.37 11.66 -45.45
CA PRO A 304 5.49 11.78 -46.63
C PRO A 304 5.84 12.98 -47.49
N ASN A 305 5.16 13.08 -48.62
CA ASN A 305 5.33 14.24 -49.48
C ASN A 305 4.66 15.47 -48.88
N LEU A 502 14.14 15.02 -43.23
CA LEU A 502 15.01 14.57 -44.30
C LEU A 502 14.64 13.15 -44.72
N SER A 503 14.96 12.78 -45.95
CA SER A 503 14.52 11.49 -46.48
C SER A 503 15.71 10.70 -46.99
N THR A 504 15.65 9.39 -46.78
CA THR A 504 16.66 8.45 -47.22
C THR A 504 15.99 7.30 -47.97
N ASP A 505 16.80 6.43 -48.54
CA ASP A 505 16.31 5.36 -49.38
C ASP A 505 15.95 4.14 -48.54
N LEU A 506 15.54 3.07 -49.22
CA LEU A 506 14.90 1.90 -48.65
C LEU A 506 15.88 0.73 -48.62
N ILE A 507 16.45 0.47 -47.47
CA ILE A 507 17.30 -0.70 -47.32
C ILE A 507 16.44 -1.87 -46.91
N LYS A 508 16.64 -3.02 -47.54
CA LYS A 508 15.96 -4.24 -47.17
C LYS A 508 16.97 -5.35 -46.92
N ASN A 509 16.54 -6.31 -46.09
CA ASN A 509 17.33 -7.48 -45.69
C ASN A 509 18.68 -7.09 -45.11
N GLN A 510 18.64 -6.09 -44.23
CA GLN A 510 19.83 -5.66 -43.50
C GLN A 510 19.37 -5.05 -42.20
N CYS A 511 20.07 -5.38 -41.11
CA CYS A 511 19.78 -4.79 -39.81
C CYS A 511 20.11 -3.32 -39.86
N VAL A 512 19.09 -2.48 -39.95
CA VAL A 512 19.27 -1.05 -40.06
C VAL A 512 18.57 -0.38 -38.90
N ASN A 513 18.93 0.88 -38.68
CA ASN A 513 18.32 1.68 -37.62
C ASN A 513 17.29 2.58 -38.30
N PHE A 514 16.10 2.03 -38.50
CA PHE A 514 15.07 2.75 -39.23
C PHE A 514 14.53 3.91 -38.41
N ASN A 515 13.92 4.87 -39.12
CA ASN A 515 13.14 5.91 -38.46
C ASN A 515 12.03 6.31 -39.42
N PHE A 516 10.88 5.66 -39.27
CA PHE A 516 9.72 6.12 -40.00
C PHE A 516 9.10 7.30 -39.26
N ASN A 517 7.99 7.78 -39.81
CA ASN A 517 7.36 8.98 -39.27
C ASN A 517 6.72 8.62 -37.93
N GLY A 518 7.30 9.15 -36.85
CA GLY A 518 6.97 8.82 -35.45
C GLY A 518 7.12 7.33 -35.15
N LEU A 519 8.05 6.67 -35.83
CA LEU A 519 8.34 5.25 -35.59
C LEU A 519 9.84 5.05 -35.65
N THR A 520 10.43 4.65 -34.53
CA THR A 520 11.87 4.50 -34.40
C THR A 520 12.22 3.07 -34.02
N GLY A 521 13.52 2.78 -33.99
CA GLY A 521 14.02 1.49 -33.61
C GLY A 521 14.98 0.93 -34.63
N THR A 522 15.52 -0.24 -34.31
CA THR A 522 16.38 -0.97 -35.22
C THR A 522 15.72 -2.27 -35.63
N GLY A 523 16.23 -2.87 -36.70
CA GLY A 523 15.70 -4.13 -37.15
C GLY A 523 16.00 -4.35 -38.62
N VAL A 524 15.41 -5.42 -39.15
CA VAL A 524 15.63 -5.84 -40.52
C VAL A 524 14.35 -5.56 -41.31
N LEU A 525 14.49 -4.93 -42.46
CA LEU A 525 13.35 -4.55 -43.26
C LEU A 525 13.15 -5.52 -44.43
N THR A 526 11.88 -5.67 -44.80
CA THR A 526 11.42 -6.65 -45.78
C THR A 526 10.00 -6.26 -46.15
N PRO A 527 9.56 -6.53 -47.38
CA PRO A 527 8.19 -6.18 -47.77
C PRO A 527 7.16 -7.11 -47.12
N SER A 528 5.97 -6.55 -46.95
CA SER A 528 4.89 -7.26 -46.29
C SER A 528 3.82 -7.65 -47.29
N SER A 529 2.80 -8.34 -46.78
CA SER A 529 1.62 -8.71 -47.56
C SER A 529 0.35 -8.53 -46.73
N LYS A 530 0.41 -7.76 -45.65
CA LYS A 530 -0.71 -7.67 -44.74
C LYS A 530 -1.80 -6.78 -45.31
N ARG A 531 -3.03 -7.25 -45.19
CA ARG A 531 -4.19 -6.57 -45.78
C ARG A 531 -4.54 -5.33 -44.97
N PHE A 532 -3.99 -4.18 -45.33
CA PHE A 532 -4.33 -2.96 -44.63
C PHE A 532 -5.68 -2.41 -45.08
N GLN A 533 -6.02 -1.28 -44.51
CA GLN A 533 -7.15 -0.44 -44.88
C GLN A 533 -6.60 0.92 -45.27
N PRO A 534 -7.39 1.76 -45.96
CA PRO A 534 -6.89 3.10 -46.30
C PRO A 534 -6.57 3.99 -45.12
N PHE A 535 -7.06 3.68 -43.92
CA PHE A 535 -6.67 4.45 -42.76
C PHE A 535 -5.65 3.74 -41.88
N GLN A 536 -5.26 2.51 -42.22
CA GLN A 536 -4.21 1.87 -41.44
C GLN A 536 -2.86 2.48 -41.76
N GLN A 537 -1.99 2.53 -40.76
CA GLN A 537 -0.70 3.15 -40.92
C GLN A 537 0.44 2.24 -40.49
N PHE A 538 0.22 1.45 -39.44
CA PHE A 538 1.21 0.49 -38.96
C PHE A 538 0.50 -0.53 -38.09
N GLY A 539 0.94 -1.78 -38.18
CA GLY A 539 0.38 -2.86 -37.39
C GLY A 539 1.17 -3.12 -36.13
N ARG A 540 0.63 -4.01 -35.30
CA ARG A 540 1.29 -4.44 -34.08
C ARG A 540 1.24 -5.96 -33.95
N ASP A 541 2.02 -6.45 -32.98
CA ASP A 541 1.88 -7.79 -32.46
C ASP A 541 0.59 -7.86 -31.63
N VAL A 542 0.21 -9.09 -31.26
CA VAL A 542 -0.70 -9.26 -30.14
C VAL A 542 -0.04 -8.85 -28.81
N SER A 543 1.28 -8.73 -28.78
CA SER A 543 1.99 -8.10 -27.69
C SER A 543 2.10 -6.61 -27.96
N ASP A 544 2.92 -5.91 -27.18
CA ASP A 544 3.09 -4.47 -27.30
C ASP A 544 4.22 -4.10 -28.26
N PHE A 545 4.17 -4.63 -29.47
CA PHE A 545 5.27 -4.45 -30.41
C PHE A 545 4.71 -4.23 -31.80
N THR A 546 5.04 -3.08 -32.39
CA THR A 546 4.68 -2.85 -33.78
C THR A 546 5.50 -3.78 -34.67
N ASP A 547 4.83 -4.42 -35.62
CA ASP A 547 5.47 -5.42 -36.46
C ASP A 547 5.42 -5.10 -37.95
N SER A 548 4.53 -4.22 -38.39
CA SER A 548 4.43 -3.87 -39.79
C SER A 548 4.28 -2.37 -39.92
N VAL A 549 4.54 -1.88 -41.14
CA VAL A 549 4.53 -0.44 -41.38
C VAL A 549 4.02 -0.19 -42.80
N ARG A 550 3.45 0.99 -42.99
CA ARG A 550 3.09 1.50 -44.30
C ARG A 550 3.97 2.71 -44.56
N ASP A 551 4.51 2.80 -45.77
CA ASP A 551 5.50 3.83 -46.09
C ASP A 551 4.86 5.21 -46.03
N PRO A 552 5.42 6.15 -45.28
CA PRO A 552 5.01 7.54 -45.47
C PRO A 552 5.32 8.06 -46.86
N LYS A 553 6.44 7.65 -47.43
CA LYS A 553 6.94 8.18 -48.69
C LYS A 553 6.17 7.65 -49.90
N THR A 554 6.06 6.33 -50.03
CA THR A 554 5.49 5.71 -51.22
C THR A 554 4.28 4.84 -50.95
N SER A 555 3.82 4.74 -49.70
CA SER A 555 2.64 3.98 -49.28
C SER A 555 2.74 2.50 -49.65
N GLU A 556 3.75 1.84 -49.10
CA GLU A 556 3.98 0.43 -49.36
C GLU A 556 4.07 -0.30 -48.03
N ILE A 557 3.54 -1.52 -48.01
CA ILE A 557 3.44 -2.30 -46.79
C ILE A 557 4.73 -3.07 -46.55
N LEU A 558 5.39 -2.76 -45.43
CA LEU A 558 6.56 -3.51 -45.00
C LEU A 558 6.35 -3.98 -43.58
N ASP A 559 6.79 -5.20 -43.30
CA ASP A 559 6.78 -5.74 -41.97
C ASP A 559 8.17 -5.66 -41.37
N ILE A 560 8.25 -5.25 -40.12
CA ILE A 560 9.53 -5.08 -39.46
C ILE A 560 9.77 -6.28 -38.56
N SER A 561 11.04 -6.64 -38.39
CA SER A 561 11.45 -7.75 -37.56
C SER A 561 12.57 -7.28 -36.65
N PRO A 562 12.73 -7.91 -35.48
CA PRO A 562 13.88 -7.60 -34.64
C PRO A 562 15.16 -8.07 -35.31
N CYS A 563 16.27 -7.41 -34.96
CA CYS A 563 17.50 -7.47 -35.74
C CYS A 563 18.12 -8.86 -35.82
N ALA A 564 18.79 -9.28 -34.75
CA ALA A 564 19.25 -10.64 -34.48
C ALA A 564 19.88 -10.72 -33.11
N PHE A 565 19.65 -11.81 -32.40
CA PHE A 565 20.19 -12.00 -31.06
C PHE A 565 20.11 -13.49 -30.73
N GLY A 566 20.41 -13.81 -29.49
CA GLY A 566 20.42 -15.17 -29.00
C GLY A 566 21.66 -15.39 -28.15
N GLY A 567 21.82 -16.63 -27.69
CA GLY A 567 22.93 -16.99 -26.84
C GLY A 567 23.97 -17.83 -27.56
N VAL A 568 25.07 -18.06 -26.87
CA VAL A 568 26.21 -18.80 -27.40
C VAL A 568 26.58 -19.88 -26.41
N SER A 569 26.64 -21.13 -26.87
CA SER A 569 27.15 -22.23 -26.08
C SER A 569 28.46 -22.72 -26.69
N VAL A 570 29.36 -23.18 -25.85
CA VAL A 570 30.70 -23.58 -26.28
C VAL A 570 30.82 -25.09 -26.15
N ILE A 571 31.31 -25.73 -27.21
CA ILE A 571 31.49 -27.17 -27.25
C ILE A 571 32.98 -27.46 -27.09
N THR A 572 33.32 -28.39 -26.21
CA THR A 572 34.69 -28.82 -26.10
C THR A 572 34.78 -30.32 -25.80
N PRO A 573 35.78 -30.99 -26.36
CA PRO A 573 36.06 -32.38 -25.98
C PRO A 573 36.90 -32.50 -24.72
N GLY A 574 37.21 -31.39 -24.05
CA GLY A 574 38.07 -31.43 -22.90
C GLY A 574 39.43 -30.87 -23.21
N THR A 575 39.96 -30.05 -22.29
CA THR A 575 41.31 -29.52 -22.45
C THR A 575 42.35 -30.62 -22.40
N ASN A 576 42.05 -31.70 -21.68
CA ASN A 576 42.95 -32.83 -21.65
C ASN A 576 42.98 -33.53 -23.00
N ALA A 577 41.84 -33.60 -23.68
CA ALA A 577 41.81 -34.29 -24.97
C ALA A 577 42.48 -33.44 -26.06
N SER A 578 41.92 -32.27 -26.33
CA SER A 578 42.41 -31.40 -27.38
C SER A 578 42.26 -29.97 -26.90
N SER A 579 42.38 -29.02 -27.82
CA SER A 579 42.26 -27.62 -27.46
C SER A 579 41.39 -26.83 -28.42
N GLU A 580 40.69 -27.48 -29.33
CA GLU A 580 39.83 -26.78 -30.26
C GLU A 580 38.39 -26.83 -29.78
N VAL A 581 37.62 -25.80 -30.12
CA VAL A 581 36.25 -25.66 -29.66
C VAL A 581 35.34 -25.44 -30.85
N ALA A 582 34.06 -25.56 -30.60
CA ALA A 582 33.02 -25.23 -31.56
C ALA A 582 31.89 -24.54 -30.81
N VAL A 583 31.12 -23.74 -31.53
CA VAL A 583 30.08 -22.95 -30.89
C VAL A 583 28.74 -23.27 -31.54
N LEU A 584 27.69 -23.10 -30.74
CA LEU A 584 26.32 -23.12 -31.24
C LEU A 584 25.75 -21.72 -31.14
N TYR A 585 25.22 -21.24 -32.24
CA TYR A 585 24.56 -19.94 -32.27
C TYR A 585 23.07 -20.21 -32.18
N GLN A 586 22.50 -19.87 -31.04
CA GLN A 586 21.24 -20.46 -30.61
C GLN A 586 20.06 -19.80 -31.31
N ASP A 587 19.35 -20.60 -32.09
CA ASP A 587 18.04 -20.27 -32.70
C ASP A 587 18.12 -19.03 -33.58
N VAL A 588 18.90 -19.15 -34.65
CA VAL A 588 19.18 -18.02 -35.52
C VAL A 588 19.48 -18.60 -36.89
N ASN A 589 19.19 -17.82 -37.92
CA ASN A 589 19.33 -18.30 -39.29
C ASN A 589 20.79 -18.37 -39.68
N CYS A 590 21.23 -19.55 -40.10
CA CYS A 590 22.61 -19.74 -40.52
C CYS A 590 22.91 -19.05 -41.84
N THR A 591 21.87 -18.70 -42.60
CA THR A 591 22.06 -17.87 -43.80
C THR A 591 22.57 -16.49 -43.42
N ASP A 592 22.07 -15.95 -42.32
CA ASP A 592 22.41 -14.59 -41.91
C ASP A 592 23.66 -14.50 -41.08
N VAL A 593 23.92 -15.52 -40.25
CA VAL A 593 25.12 -15.53 -39.41
C VAL A 593 26.36 -15.62 -40.29
N SER A 594 26.29 -16.46 -41.32
CA SER A 594 27.35 -16.53 -42.31
C SER A 594 27.54 -15.21 -43.03
N THR A 595 26.46 -14.47 -43.25
CA THR A 595 26.58 -13.16 -43.84
C THR A 595 27.25 -12.18 -42.90
N ALA A 596 26.80 -12.16 -41.64
CA ALA A 596 27.31 -11.18 -40.69
C ALA A 596 28.73 -11.47 -40.24
N ILE A 597 29.19 -12.71 -40.35
CA ILE A 597 30.54 -13.00 -39.90
C ILE A 597 31.56 -12.52 -40.93
N HIS A 598 31.23 -12.57 -42.22
CA HIS A 598 32.18 -12.10 -43.20
C HIS A 598 32.22 -10.59 -43.25
N ALA A 599 31.10 -9.93 -42.99
CA ALA A 599 31.11 -8.49 -42.82
C ALA A 599 31.57 -8.07 -41.44
N ASP A 600 31.67 -9.02 -40.51
CA ASP A 600 32.17 -8.83 -39.14
C ASP A 600 31.36 -7.77 -38.39
N GLN A 601 30.09 -8.11 -38.18
CA GLN A 601 29.20 -7.29 -37.36
C GLN A 601 28.67 -8.07 -36.17
N LEU A 602 29.42 -9.05 -35.71
CA LEU A 602 29.01 -9.90 -34.61
C LEU A 602 29.68 -9.46 -33.32
N THR A 603 28.91 -9.31 -32.27
CA THR A 603 29.43 -8.97 -30.97
C THR A 603 29.05 -10.06 -29.97
N PRO A 604 30.02 -10.66 -29.27
CA PRO A 604 31.44 -10.35 -29.34
C PRO A 604 32.17 -11.15 -30.41
N ALA A 605 33.29 -10.63 -30.87
CA ALA A 605 34.17 -11.31 -31.80
C ALA A 605 35.45 -11.71 -31.07
N TRP A 606 36.40 -12.25 -31.82
CA TRP A 606 37.68 -12.63 -31.23
C TRP A 606 38.81 -12.28 -32.19
N ARG A 607 40.00 -12.21 -31.61
CA ARG A 607 41.25 -12.02 -32.34
C ARG A 607 41.45 -13.10 -33.38
N ILE A 608 41.68 -14.31 -32.91
CA ILE A 608 42.12 -15.41 -33.76
C ILE A 608 40.92 -16.34 -33.85
N TYR A 609 40.12 -16.13 -34.90
CA TYR A 609 39.00 -17.02 -35.14
C TYR A 609 38.67 -16.97 -36.62
N SER A 610 38.23 -18.11 -37.15
CA SER A 610 37.80 -18.21 -38.53
C SER A 610 36.64 -19.20 -38.59
N THR A 611 36.08 -19.36 -39.78
CA THR A 611 34.96 -20.27 -39.95
C THR A 611 35.42 -21.71 -39.88
N GLY A 612 36.32 -22.10 -40.78
CA GLY A 612 36.70 -23.49 -40.90
C GLY A 612 35.83 -24.29 -41.84
N ASN A 613 34.85 -23.65 -42.48
CA ASN A 613 34.04 -24.22 -43.57
C ASN A 613 33.26 -25.45 -43.10
N ASN A 614 32.64 -25.32 -41.94
CA ASN A 614 31.87 -26.41 -41.35
C ASN A 614 30.54 -25.92 -40.83
N VAL A 615 29.95 -24.96 -41.52
CA VAL A 615 28.68 -24.37 -41.10
C VAL A 615 27.58 -25.37 -41.37
N PHE A 616 27.04 -25.95 -40.30
CA PHE A 616 25.89 -26.82 -40.38
C PHE A 616 24.72 -26.13 -39.70
N GLN A 617 23.51 -26.36 -40.23
CA GLN A 617 22.32 -25.79 -39.61
C GLN A 617 21.56 -26.91 -38.88
N THR A 618 21.57 -26.82 -37.57
CA THR A 618 20.75 -27.68 -36.73
C THR A 618 19.38 -27.05 -36.55
N GLN A 619 18.47 -27.82 -35.98
CA GLN A 619 17.22 -27.22 -35.55
C GLN A 619 17.44 -26.33 -34.34
N ALA A 620 18.43 -26.66 -33.50
CA ALA A 620 18.73 -25.83 -32.35
C ALA A 620 19.51 -24.58 -32.72
N GLY A 621 20.10 -24.54 -33.90
CA GLY A 621 20.77 -23.32 -34.31
C GLY A 621 21.91 -23.61 -35.27
N CYS A 622 22.92 -22.73 -35.22
CA CYS A 622 24.02 -22.74 -36.17
C CYS A 622 25.26 -23.34 -35.51
N LEU A 623 25.82 -24.37 -36.13
CA LEU A 623 27.00 -25.03 -35.64
C LEU A 623 28.19 -24.67 -36.51
N ILE A 624 29.26 -24.18 -35.88
CA ILE A 624 30.48 -23.81 -36.58
C ILE A 624 31.64 -24.47 -35.86
N GLY A 625 32.36 -25.34 -36.56
CA GLY A 625 33.55 -25.93 -35.99
C GLY A 625 33.46 -27.43 -35.84
N ALA A 626 32.59 -28.08 -36.61
CA ALA A 626 32.46 -29.53 -36.54
C ALA A 626 31.98 -30.06 -37.87
N GLU A 627 32.47 -31.23 -38.23
CA GLU A 627 32.15 -31.84 -39.51
C GLU A 627 31.02 -32.84 -39.33
N HIS A 628 30.16 -32.91 -40.34
CA HIS A 628 28.95 -33.72 -40.27
C HIS A 628 29.23 -35.08 -40.91
N VAL A 629 29.50 -36.06 -40.06
CA VAL A 629 29.58 -37.44 -40.51
C VAL A 629 28.16 -37.97 -40.58
N ASP A 630 27.99 -39.16 -41.17
CA ASP A 630 26.67 -39.74 -41.33
C ASP A 630 26.53 -41.05 -40.55
N THR A 631 27.48 -41.34 -39.67
CA THR A 631 27.41 -42.54 -38.85
C THR A 631 26.52 -42.29 -37.63
N SER A 632 26.45 -43.26 -36.74
CA SER A 632 25.65 -43.13 -35.53
C SER A 632 26.45 -43.66 -34.35
N TYR A 633 26.30 -42.99 -33.21
CA TYR A 633 26.94 -43.40 -31.98
C TYR A 633 26.03 -43.08 -30.82
N GLU A 634 26.49 -43.41 -29.61
CA GLU A 634 25.82 -42.93 -28.43
C GLU A 634 26.05 -41.43 -28.28
N CYS A 635 25.19 -40.79 -27.49
CA CYS A 635 25.20 -39.35 -27.36
C CYS A 635 26.13 -38.94 -26.24
N ASP A 636 27.31 -38.43 -26.60
CA ASP A 636 28.19 -37.85 -25.59
C ASP A 636 27.71 -36.46 -25.21
N ILE A 637 27.72 -35.54 -26.16
CA ILE A 637 27.42 -34.14 -25.93
C ILE A 637 26.17 -33.80 -26.72
N PRO A 638 25.02 -33.74 -26.05
CA PRO A 638 23.79 -33.40 -26.77
C PRO A 638 23.72 -31.92 -27.06
N ILE A 639 23.15 -31.59 -28.22
CA ILE A 639 22.82 -30.22 -28.56
C ILE A 639 21.33 -30.02 -28.77
N GLY A 640 20.65 -30.99 -29.36
CA GLY A 640 19.22 -30.87 -29.56
C GLY A 640 18.76 -31.63 -30.77
N ALA A 641 17.46 -31.93 -30.78
CA ALA A 641 16.74 -32.54 -31.91
C ALA A 641 17.32 -33.89 -32.31
N GLY A 642 17.83 -34.64 -31.35
CA GLY A 642 18.45 -35.91 -31.62
C GLY A 642 19.87 -35.84 -32.14
N ILE A 643 20.37 -34.65 -32.43
CA ILE A 643 21.75 -34.48 -32.89
C ILE A 643 22.65 -34.38 -31.67
N CYS A 644 23.75 -35.12 -31.69
CA CYS A 644 24.73 -35.03 -30.63
C CYS A 644 26.11 -34.82 -31.22
N ALA A 645 26.99 -34.23 -30.44
CA ALA A 645 28.34 -33.94 -30.85
C ALA A 645 29.33 -34.87 -30.15
N SER A 646 30.40 -35.21 -30.86
CA SER A 646 31.41 -36.07 -30.28
C SER A 646 32.76 -35.79 -30.93
N TYR A 647 33.79 -36.45 -30.42
CA TYR A 647 35.18 -36.24 -30.80
C TYR A 647 35.78 -37.61 -31.12
N HIS A 648 35.72 -37.99 -32.39
CA HIS A 648 36.31 -39.25 -32.81
C HIS A 648 37.61 -38.97 -33.56
N THR A 649 38.20 -40.04 -34.07
CA THR A 649 39.38 -39.94 -34.92
C THR A 649 38.95 -40.08 -36.37
N VAL A 650 39.39 -39.16 -37.21
CA VAL A 650 39.02 -39.21 -38.61
C VAL A 650 40.24 -38.96 -39.48
N LYS A 659 42.05 -36.74 -35.53
CA LYS A 659 41.01 -36.56 -34.53
C LYS A 659 40.36 -35.19 -34.64
N SER A 660 39.03 -35.15 -34.60
CA SER A 660 38.31 -33.90 -34.73
C SER A 660 36.94 -34.05 -34.09
N ILE A 661 36.20 -32.95 -34.08
CA ILE A 661 34.89 -32.88 -33.44
C ILE A 661 33.84 -33.12 -34.50
N VAL A 662 33.00 -34.12 -34.28
CA VAL A 662 32.02 -34.52 -35.28
C VAL A 662 30.62 -34.39 -34.70
N ALA A 663 29.66 -34.22 -35.62
CA ALA A 663 28.26 -34.13 -35.28
C ALA A 663 27.50 -35.14 -36.11
N TYR A 664 26.48 -35.76 -35.52
CA TYR A 664 25.83 -36.90 -36.15
C TYR A 664 24.45 -37.09 -35.53
N THR A 665 23.80 -38.17 -35.95
CA THR A 665 22.48 -38.56 -35.45
C THR A 665 22.65 -39.78 -34.57
N MET A 666 21.94 -39.79 -33.45
CA MET A 666 22.18 -40.70 -32.34
C MET A 666 21.90 -42.16 -32.71
N SER A 667 22.69 -43.06 -32.15
CA SER A 667 22.39 -44.49 -32.22
C SER A 667 21.45 -44.85 -31.09
N LEU A 668 20.24 -45.30 -31.44
CA LEU A 668 19.26 -45.69 -30.44
C LEU A 668 19.62 -46.99 -29.75
N GLY A 669 20.40 -47.83 -30.40
CA GLY A 669 20.77 -49.13 -29.84
C GLY A 669 20.89 -50.16 -30.92
N ALA A 670 21.29 -51.37 -30.51
CA ALA A 670 21.49 -52.46 -31.43
C ALA A 670 20.16 -53.04 -31.87
N ASP A 671 19.99 -53.22 -33.18
CA ASP A 671 18.74 -53.70 -33.73
C ASP A 671 18.72 -55.23 -33.69
N SER A 672 18.52 -55.75 -32.50
CA SER A 672 18.38 -57.19 -32.35
C SER A 672 17.04 -57.66 -32.91
N SER A 673 16.98 -58.94 -33.21
CA SER A 673 15.75 -59.58 -33.66
C SER A 673 15.68 -60.97 -33.08
N ILE A 674 14.48 -61.41 -32.72
CA ILE A 674 14.24 -62.72 -32.13
C ILE A 674 12.97 -63.29 -32.74
N ALA A 675 12.94 -64.61 -32.84
CA ALA A 675 11.84 -65.28 -33.51
C ALA A 675 10.64 -65.37 -32.58
N TYR A 676 9.49 -65.69 -33.18
CA TYR A 676 8.31 -66.06 -32.43
C TYR A 676 7.79 -67.39 -32.95
N SER A 677 7.30 -68.22 -32.05
CA SER A 677 6.69 -69.48 -32.42
C SER A 677 5.64 -69.80 -31.39
N ASN A 678 5.10 -71.01 -31.47
CA ASN A 678 4.16 -71.52 -30.48
C ASN A 678 4.60 -72.88 -29.94
N ASN A 679 5.86 -73.22 -30.12
CA ASN A 679 6.46 -74.39 -29.49
C ASN A 679 7.80 -74.02 -28.86
N THR A 680 8.48 -73.04 -29.44
CA THR A 680 9.84 -72.71 -29.10
C THR A 680 9.91 -71.97 -27.78
N ILE A 681 10.92 -72.28 -26.97
CA ILE A 681 11.15 -71.59 -25.72
C ILE A 681 12.65 -71.65 -25.42
N ALA A 682 13.16 -70.60 -24.79
CA ALA A 682 14.53 -70.56 -24.31
C ALA A 682 14.53 -70.52 -22.80
N ILE A 683 15.38 -71.32 -22.17
CA ILE A 683 15.52 -71.31 -20.73
C ILE A 683 17.01 -71.25 -20.39
N PRO A 684 17.42 -70.34 -19.52
CA PRO A 684 18.84 -70.23 -19.18
C PRO A 684 19.28 -71.36 -18.25
N THR A 685 20.56 -71.69 -18.34
CA THR A 685 21.12 -72.76 -17.55
C THR A 685 22.13 -72.24 -16.51
N ASN A 686 23.15 -71.53 -16.94
CA ASN A 686 24.12 -71.03 -15.99
C ASN A 686 23.60 -69.70 -15.43
N PHE A 687 24.44 -68.95 -14.75
CA PHE A 687 24.02 -67.69 -14.17
C PHE A 687 25.25 -66.83 -13.89
N SER A 688 25.01 -65.70 -13.23
CA SER A 688 26.07 -64.83 -12.76
C SER A 688 25.55 -64.05 -11.56
N ILE A 689 26.47 -63.40 -10.86
CA ILE A 689 26.15 -62.61 -9.67
C ILE A 689 26.75 -61.24 -9.87
N SER A 690 25.92 -60.21 -9.78
CA SER A 690 26.37 -58.84 -9.96
C SER A 690 26.14 -58.05 -8.69
N ILE A 691 27.10 -57.20 -8.37
CA ILE A 691 26.96 -56.20 -7.33
C ILE A 691 26.93 -54.85 -8.01
N THR A 692 25.86 -54.09 -7.78
CA THR A 692 25.68 -52.81 -8.43
C THR A 692 25.65 -51.71 -7.38
N THR A 693 26.46 -50.69 -7.58
CA THR A 693 26.53 -49.58 -6.64
C THR A 693 25.30 -48.70 -6.78
N GLU A 694 25.12 -47.80 -5.82
CA GLU A 694 24.02 -46.86 -5.85
C GLU A 694 24.37 -45.68 -4.95
N VAL A 695 24.28 -44.48 -5.51
CA VAL A 695 24.67 -43.25 -4.83
C VAL A 695 23.41 -42.42 -4.61
N MET A 696 23.16 -42.02 -3.35
CA MET A 696 22.02 -41.16 -3.06
C MET A 696 22.42 -40.08 -2.06
N PRO A 697 22.08 -38.82 -2.31
CA PRO A 697 22.32 -37.78 -1.32
C PRO A 697 21.25 -37.79 -0.26
N VAL A 698 21.62 -37.41 0.96
CA VAL A 698 20.67 -37.38 2.06
C VAL A 698 20.62 -36.05 2.79
N SER A 699 21.61 -35.19 2.68
CA SER A 699 21.68 -34.03 3.56
C SER A 699 22.17 -32.83 2.76
N MET A 700 22.38 -31.72 3.45
CA MET A 700 22.89 -30.49 2.88
C MET A 700 23.38 -29.63 4.03
N ALA A 701 24.48 -28.91 3.79
CA ALA A 701 25.14 -28.12 4.83
C ALA A 701 24.24 -27.01 5.35
N LYS A 702 23.79 -27.15 6.59
CA LYS A 702 22.94 -26.15 7.20
C LYS A 702 23.73 -24.88 7.49
N THR A 703 23.06 -23.74 7.35
CA THR A 703 23.74 -22.46 7.44
C THR A 703 23.03 -21.57 8.45
N SER A 704 23.56 -20.35 8.58
CA SER A 704 23.01 -19.28 9.39
C SER A 704 23.68 -17.99 8.98
N VAL A 705 22.92 -16.90 9.03
CA VAL A 705 23.40 -15.60 8.59
C VAL A 705 23.04 -14.56 9.63
N ASP A 706 24.04 -13.92 10.21
CA ASP A 706 23.80 -12.71 10.99
C ASP A 706 23.44 -11.59 10.04
N CYS A 707 22.39 -10.84 10.37
CA CYS A 707 21.98 -9.71 9.56
C CYS A 707 23.05 -8.64 9.52
N ASN A 708 23.33 -8.04 10.67
CA ASN A 708 24.09 -6.81 10.72
C ASN A 708 25.55 -6.98 10.34
N MET A 709 26.06 -8.21 10.37
CA MET A 709 27.36 -8.46 9.77
C MET A 709 27.28 -8.37 8.27
N TYR A 710 26.12 -8.69 7.69
CA TYR A 710 25.98 -8.66 6.24
C TYR A 710 25.23 -7.43 5.75
N ILE A 711 24.00 -7.21 6.23
CA ILE A 711 23.23 -6.12 5.65
C ILE A 711 23.65 -4.78 6.23
N CYS A 712 24.14 -4.76 7.48
CA CYS A 712 24.70 -3.53 7.98
C CYS A 712 26.20 -3.45 7.70
N GLY A 713 26.97 -4.39 8.21
CA GLY A 713 28.41 -4.39 7.97
C GLY A 713 29.27 -3.38 8.71
N ASP A 714 29.27 -3.46 10.04
CA ASP A 714 30.08 -2.59 10.89
C ASP A 714 29.69 -1.10 11.03
N SER A 715 28.45 -0.73 10.70
CA SER A 715 28.06 0.67 10.84
C SER A 715 26.82 0.73 11.72
N THR A 716 26.87 1.59 12.74
CA THR A 716 25.75 1.70 13.66
C THR A 716 24.55 2.35 12.99
N GLU A 717 24.80 3.21 12.00
CA GLU A 717 23.72 3.99 11.40
C GLU A 717 22.85 3.13 10.50
N CYS A 718 23.41 2.08 9.93
CA CYS A 718 22.59 1.02 9.34
C CYS A 718 21.66 0.41 10.37
N ALA A 719 22.23 0.03 11.52
CA ALA A 719 21.41 -0.49 12.61
C ALA A 719 20.49 0.56 13.18
N ASN A 720 20.84 1.84 13.04
CA ASN A 720 19.91 2.90 13.37
C ASN A 720 18.81 3.04 12.33
N LEU A 721 18.98 2.46 11.15
CA LEU A 721 18.01 2.54 10.08
C LEU A 721 17.22 1.26 9.88
N LEU A 722 17.83 0.10 10.16
CA LEU A 722 17.20 -1.20 9.95
C LEU A 722 15.92 -1.38 10.75
N LEU A 723 15.86 -0.77 11.95
CA LEU A 723 14.74 -1.01 12.87
C LEU A 723 13.42 -0.45 12.35
N GLN A 724 13.48 0.45 11.36
CA GLN A 724 12.29 0.85 10.64
C GLN A 724 11.66 -0.33 9.88
N TYR A 725 12.48 -1.23 9.35
CA TYR A 725 11.95 -2.33 8.57
C TYR A 725 11.34 -3.43 9.41
N GLY A 726 11.82 -3.64 10.62
CA GLY A 726 11.22 -4.58 11.53
C GLY A 726 12.05 -5.82 11.74
N SER A 727 11.38 -6.88 12.17
CA SER A 727 12.05 -8.10 12.60
C SER A 727 12.11 -9.11 11.46
N PHE A 728 12.78 -8.72 10.40
CA PHE A 728 12.96 -9.65 9.30
C PHE A 728 14.11 -10.59 9.60
N CYS A 729 15.03 -10.17 10.47
CA CYS A 729 16.03 -11.06 11.02
C CYS A 729 15.39 -12.16 11.83
N THR A 730 14.25 -11.88 12.46
CA THR A 730 13.56 -12.89 13.24
C THR A 730 13.00 -13.99 12.35
N GLN A 731 12.30 -13.62 11.28
CA GLN A 731 11.62 -14.62 10.48
C GLN A 731 12.59 -15.49 9.68
N LEU A 732 13.71 -14.92 9.24
CA LEU A 732 14.61 -15.72 8.41
C LEU A 732 15.41 -16.69 9.25
N ASN A 733 15.73 -16.30 10.48
CA ASN A 733 16.39 -17.23 11.40
C ASN A 733 15.48 -18.39 11.73
N ARG A 734 14.18 -18.13 11.81
CA ARG A 734 13.22 -19.22 12.02
C ARG A 734 13.18 -20.14 10.82
N ALA A 735 13.29 -19.58 9.62
CA ALA A 735 13.19 -20.39 8.42
C ALA A 735 14.43 -21.25 8.23
N LEU A 736 15.62 -20.65 8.35
CA LEU A 736 16.84 -21.39 8.09
C LEU A 736 17.11 -22.43 9.14
N SER A 737 16.79 -22.15 10.40
CA SER A 737 16.89 -23.18 11.43
C SER A 737 15.86 -24.27 11.20
N GLY A 738 14.69 -23.91 10.65
CA GLY A 738 13.71 -24.91 10.27
C GLY A 738 14.23 -25.84 9.19
N ILE A 739 15.03 -25.31 8.27
CA ILE A 739 15.76 -26.16 7.35
C ILE A 739 16.77 -27.00 8.12
N ALA A 740 17.44 -26.40 9.10
CA ALA A 740 18.50 -27.09 9.82
C ALA A 740 17.94 -28.20 10.70
N ALA A 741 16.70 -28.06 11.17
CA ALA A 741 16.08 -29.15 11.91
C ALA A 741 15.77 -30.32 10.99
N GLU A 742 15.42 -30.03 9.74
CA GLU A 742 15.10 -31.09 8.80
C GLU A 742 16.32 -31.86 8.36
N GLN A 743 17.49 -31.21 8.33
CA GLN A 743 18.69 -31.89 7.86
C GLN A 743 19.13 -32.95 8.83
N ASP A 744 19.05 -32.67 10.13
CA ASP A 744 19.27 -33.72 11.11
C ASP A 744 18.13 -34.71 11.09
N ARG A 745 16.93 -34.26 10.74
CA ARG A 745 15.78 -35.15 10.67
C ARG A 745 15.91 -36.13 9.52
N ASN A 746 16.53 -35.72 8.41
CA ASN A 746 16.71 -36.61 7.27
C ASN A 746 17.64 -37.76 7.61
N THR A 747 18.81 -37.44 8.19
CA THR A 747 19.81 -38.45 8.52
C THR A 747 19.29 -39.39 9.58
N ARG A 748 18.54 -38.85 10.55
CA ARG A 748 18.02 -39.65 11.64
C ARG A 748 16.96 -40.62 11.17
N GLU A 749 16.07 -40.18 10.28
CA GLU A 749 15.00 -41.05 9.81
C GLU A 749 15.52 -42.17 8.91
N VAL A 750 16.68 -42.00 8.30
CA VAL A 750 17.24 -43.08 7.50
C VAL A 750 17.93 -44.11 8.40
N PHE A 751 18.86 -43.65 9.21
CA PHE A 751 19.76 -44.57 9.90
C PHE A 751 19.13 -45.16 11.16
N ALA A 752 18.57 -44.31 12.01
CA ALA A 752 18.19 -44.71 13.37
C ALA A 752 16.96 -45.60 13.30
N GLN A 753 17.21 -46.85 12.97
CA GLN A 753 16.15 -47.85 12.85
C GLN A 753 16.42 -49.11 13.64
N VAL A 754 17.64 -49.38 14.04
CA VAL A 754 17.93 -50.53 14.87
C VAL A 754 17.82 -50.12 16.33
N LYS A 755 17.67 -51.12 17.20
CA LYS A 755 17.51 -50.87 18.62
C LYS A 755 18.50 -51.62 19.47
N GLN A 756 19.31 -52.50 18.90
CA GLN A 756 20.48 -53.03 19.56
C GLN A 756 21.71 -52.55 18.82
N MET A 757 22.72 -52.13 19.57
CA MET A 757 24.01 -51.79 18.99
C MET A 757 24.82 -53.09 18.91
N TYR A 758 24.88 -53.66 17.73
CA TYR A 758 25.50 -54.97 17.59
C TYR A 758 27.00 -54.86 17.56
N LYS A 759 27.65 -56.00 17.73
CA LYS A 759 29.10 -56.07 17.75
C LYS A 759 29.58 -56.75 16.48
N THR A 760 30.61 -56.17 15.87
CA THR A 760 31.25 -56.80 14.73
C THR A 760 31.94 -58.08 15.18
N PRO A 761 31.66 -59.21 14.53
CA PRO A 761 32.34 -60.46 14.92
C PRO A 761 33.80 -60.44 14.55
N THR A 762 34.57 -61.26 15.27
CA THR A 762 36.01 -61.31 15.05
C THR A 762 36.35 -61.94 13.71
N LEU A 763 35.57 -62.93 13.29
CA LEU A 763 35.74 -63.50 11.97
C LEU A 763 35.16 -62.57 10.92
N LYS A 764 35.81 -62.54 9.76
CA LYS A 764 35.35 -61.74 8.63
C LYS A 764 35.22 -62.57 7.37
N TYR A 765 35.54 -63.86 7.44
CA TYR A 765 35.46 -64.77 6.30
C TYR A 765 34.52 -65.90 6.70
N PHE A 766 33.44 -66.06 5.96
CA PHE A 766 32.36 -66.96 6.36
C PHE A 766 31.98 -67.86 5.20
N GLY A 767 32.72 -68.97 5.06
CA GLY A 767 32.43 -69.94 4.02
C GLY A 767 32.54 -69.37 2.63
N GLY A 768 33.66 -68.73 2.33
CA GLY A 768 33.79 -68.07 1.05
C GLY A 768 33.19 -66.68 1.01
N PHE A 769 32.97 -66.07 2.16
CA PHE A 769 32.34 -64.75 2.20
C PHE A 769 33.21 -63.85 3.05
N ASN A 770 34.13 -63.18 2.36
CA ASN A 770 35.21 -62.42 2.98
C ASN A 770 34.75 -60.98 3.12
N PHE A 771 34.30 -60.62 4.33
CA PHE A 771 33.79 -59.30 4.64
C PHE A 771 34.88 -58.33 5.04
N SER A 772 36.12 -58.59 4.64
CA SER A 772 37.30 -57.80 4.99
C SER A 772 37.29 -56.40 4.43
N GLN A 773 36.36 -56.06 3.54
CA GLN A 773 36.34 -54.75 2.94
C GLN A 773 35.17 -53.90 3.40
N ILE A 774 34.15 -54.53 3.99
CA ILE A 774 32.96 -53.82 4.41
C ILE A 774 32.90 -53.65 5.92
N LEU A 775 33.40 -54.58 6.68
CA LEU A 775 33.48 -54.40 8.10
C LEU A 775 34.69 -53.54 8.45
N PRO A 776 34.67 -52.85 9.58
CA PRO A 776 35.87 -52.11 10.02
C PRO A 776 36.91 -53.05 10.63
N ASP A 777 38.07 -52.49 10.92
CA ASP A 777 39.20 -53.27 11.42
C ASP A 777 39.73 -52.66 12.71
N PRO A 778 39.78 -53.41 13.81
CA PRO A 778 40.47 -52.92 15.00
C PRO A 778 41.98 -52.92 14.86
N LEU A 779 42.53 -53.63 13.87
CA LEU A 779 43.97 -53.63 13.65
C LEU A 779 44.45 -52.28 13.14
N LYS A 780 43.67 -51.65 12.27
CA LYS A 780 43.86 -50.26 11.89
C LYS A 780 42.73 -49.46 12.51
N PRO A 781 42.85 -49.05 13.78
CA PRO A 781 41.68 -48.53 14.49
C PRO A 781 41.23 -47.15 14.02
N THR A 782 40.16 -47.14 13.22
CA THR A 782 39.56 -45.93 12.72
C THR A 782 38.04 -45.99 12.78
N LYS A 783 37.46 -47.11 13.23
CA LYS A 783 36.04 -47.46 13.06
C LYS A 783 35.61 -47.32 11.61
N ARG A 784 36.46 -47.75 10.70
CA ARG A 784 36.21 -47.60 9.28
C ARG A 784 36.58 -48.88 8.56
N SER A 785 35.84 -49.18 7.50
CA SER A 785 36.19 -50.27 6.62
C SER A 785 37.27 -49.79 5.64
N PHE A 786 37.50 -50.57 4.60
CA PHE A 786 38.42 -50.11 3.57
C PHE A 786 37.72 -49.47 2.40
N ILE A 787 36.48 -49.85 2.12
CA ILE A 787 35.80 -49.38 0.91
C ILE A 787 35.40 -47.92 1.06
N GLU A 788 34.65 -47.60 2.11
CA GLU A 788 34.22 -46.22 2.31
C GLU A 788 35.37 -45.33 2.74
N ASP A 789 36.46 -45.90 3.22
CA ASP A 789 37.67 -45.14 3.48
C ASP A 789 38.25 -44.60 2.18
N LEU A 790 38.19 -45.38 1.10
CA LEU A 790 38.51 -44.86 -0.21
C LEU A 790 37.52 -43.80 -0.64
N LEU A 791 36.27 -43.96 -0.23
CA LEU A 791 35.20 -43.10 -0.70
C LEU A 791 35.26 -41.71 -0.08
N PHE A 792 35.95 -41.55 1.06
CA PHE A 792 36.22 -40.20 1.58
C PHE A 792 37.02 -39.39 0.59
N ASN A 793 38.12 -39.95 0.11
CA ASN A 793 39.10 -39.19 -0.64
C ASN A 793 38.81 -39.16 -2.13
N LYS A 794 37.59 -39.42 -2.52
CA LYS A 794 37.18 -39.15 -3.90
C LYS A 794 36.50 -37.80 -4.02
N VAL A 795 36.50 -36.99 -2.95
CA VAL A 795 35.99 -35.64 -3.00
C VAL A 795 36.94 -34.75 -3.78
N GLN A 805 37.01 -19.73 3.51
CA GLN A 805 35.92 -19.63 2.57
C GLN A 805 34.77 -18.83 3.16
N TYR A 806 34.43 -19.16 4.40
CA TYR A 806 33.46 -18.44 5.22
C TYR A 806 33.69 -18.81 6.68
N GLY A 807 32.76 -18.44 7.54
CA GLY A 807 32.91 -18.74 8.95
C GLY A 807 32.68 -20.22 9.23
N GLU A 808 33.69 -20.86 9.83
CA GLU A 808 33.64 -22.30 10.06
C GLU A 808 34.62 -22.67 11.17
N CYS A 809 34.23 -23.60 12.03
CA CYS A 809 35.11 -24.09 13.09
C CYS A 809 35.60 -25.48 12.75
N LEU A 810 36.92 -25.68 12.83
CA LEU A 810 37.57 -26.90 12.37
C LEU A 810 38.02 -27.74 13.56
N GLY A 811 38.59 -28.90 13.23
CA GLY A 811 39.22 -29.77 14.21
C GLY A 811 38.27 -30.49 15.13
N ASP A 817 42.31 -29.45 19.78
CA ASP A 817 42.40 -29.32 18.33
C ASP A 817 41.15 -28.69 17.75
N LEU A 818 41.02 -27.37 17.84
CA LEU A 818 39.84 -26.67 17.33
C LEU A 818 40.26 -25.30 16.84
N ILE A 819 39.81 -24.92 15.64
CA ILE A 819 40.08 -23.61 15.06
C ILE A 819 38.75 -23.03 14.63
N CYS A 820 38.17 -22.17 15.46
CA CYS A 820 36.89 -21.52 15.13
C CYS A 820 37.18 -20.19 14.45
N ALA A 821 37.56 -20.29 13.18
CA ALA A 821 37.71 -19.09 12.37
C ALA A 821 36.35 -18.56 11.95
N GLN A 822 36.33 -17.29 11.55
CA GLN A 822 35.10 -16.65 11.11
C GLN A 822 35.46 -15.46 10.24
N LYS A 823 34.50 -15.04 9.44
CA LYS A 823 34.72 -13.98 8.46
C LYS A 823 33.74 -12.84 8.66
N PHE A 824 33.95 -11.78 7.89
CA PHE A 824 33.21 -10.53 8.08
C PHE A 824 31.79 -10.66 7.58
N ASN A 825 31.60 -11.23 6.41
CA ASN A 825 30.28 -11.58 5.93
C ASN A 825 29.67 -12.66 6.80
N GLY A 826 28.52 -12.34 7.41
CA GLY A 826 28.04 -13.08 8.55
C GLY A 826 27.43 -14.44 8.30
N LEU A 827 27.65 -15.00 7.12
CA LEU A 827 27.25 -16.37 6.87
C LEU A 827 28.16 -17.33 7.63
N THR A 828 27.62 -18.50 7.95
CA THR A 828 28.36 -19.54 8.65
C THR A 828 27.65 -20.86 8.42
N VAL A 829 28.30 -21.94 8.84
CA VAL A 829 27.76 -23.29 8.72
C VAL A 829 27.90 -23.98 10.06
N LEU A 830 26.80 -24.44 10.59
CA LEU A 830 26.88 -25.28 11.76
C LEU A 830 27.25 -26.70 11.34
N PRO A 831 28.08 -27.38 12.13
CA PRO A 831 28.32 -28.79 11.85
C PRO A 831 27.07 -29.60 12.17
N PRO A 832 26.89 -30.75 11.52
CA PRO A 832 25.69 -31.54 11.76
C PRO A 832 25.70 -32.17 13.13
N LEU A 833 24.52 -32.67 13.52
CA LEU A 833 24.37 -33.30 14.83
C LEU A 833 25.18 -34.57 14.93
N LEU A 834 25.14 -35.41 13.90
CA LEU A 834 25.88 -36.65 13.93
C LEU A 834 27.24 -36.45 13.30
N THR A 835 28.21 -37.20 13.79
CA THR A 835 29.56 -37.17 13.26
C THR A 835 29.83 -38.45 12.50
N ASP A 836 30.95 -38.45 11.78
CA ASP A 836 31.22 -39.48 10.79
C ASP A 836 31.49 -40.83 11.44
N ASP A 837 32.03 -40.85 12.64
CA ASP A 837 32.25 -42.13 13.30
C ASP A 837 30.97 -42.64 13.91
N MET A 838 30.05 -41.75 14.27
CA MET A 838 28.74 -42.18 14.73
C MET A 838 27.94 -42.80 13.59
N ILE A 839 28.15 -42.30 12.37
CA ILE A 839 27.46 -42.83 11.21
C ILE A 839 27.92 -44.24 10.91
N ALA A 840 29.24 -44.43 10.78
CA ALA A 840 29.78 -45.75 10.48
C ALA A 840 29.59 -46.73 11.63
N ALA A 841 29.36 -46.23 12.84
CA ALA A 841 28.92 -47.09 13.92
C ALA A 841 27.58 -47.72 13.60
N TYR A 842 26.66 -46.95 13.01
CA TYR A 842 25.41 -47.56 12.55
C TYR A 842 25.64 -48.43 11.35
N THR A 843 26.57 -48.06 10.48
CA THR A 843 26.87 -48.86 9.30
C THR A 843 27.44 -50.21 9.70
N ALA A 844 28.42 -50.21 10.61
CA ALA A 844 28.96 -51.46 11.11
C ALA A 844 27.99 -52.21 12.00
N ALA A 845 26.94 -51.55 12.48
CA ALA A 845 25.94 -52.26 13.26
C ALA A 845 25.12 -53.18 12.39
N LEU A 846 24.53 -52.64 11.32
CA LEU A 846 23.54 -53.44 10.61
C LEU A 846 24.16 -54.38 9.59
N VAL A 847 25.36 -54.08 9.11
CA VAL A 847 26.06 -55.02 8.24
C VAL A 847 26.42 -56.26 9.01
N SER A 848 26.92 -56.09 10.24
CA SER A 848 27.08 -57.22 11.14
C SER A 848 25.76 -57.89 11.42
N GLY A 849 24.71 -57.10 11.63
CA GLY A 849 23.39 -57.67 11.82
C GLY A 849 22.78 -58.26 10.57
N THR A 850 23.31 -57.92 9.40
CA THR A 850 22.78 -58.48 8.16
C THR A 850 23.12 -59.95 8.06
N ALA A 851 24.33 -60.32 8.45
CA ALA A 851 24.77 -61.70 8.35
C ALA A 851 24.30 -62.57 9.51
N THR A 852 23.34 -62.11 10.30
CA THR A 852 22.81 -62.91 11.39
C THR A 852 21.33 -63.22 11.25
N ALA A 853 20.48 -62.20 11.11
CA ALA A 853 19.05 -62.42 11.12
C ALA A 853 18.37 -61.92 9.85
N GLY A 854 18.61 -60.68 9.46
CA GLY A 854 17.96 -60.11 8.31
C GLY A 854 16.56 -59.61 8.57
N TRP A 855 15.58 -60.50 8.64
CA TRP A 855 14.20 -60.07 8.74
C TRP A 855 13.85 -59.77 10.19
N THR A 856 14.10 -60.73 11.06
CA THR A 856 13.96 -60.53 12.49
C THR A 856 15.01 -59.58 13.05
N PHE A 857 16.05 -59.27 12.27
CA PHE A 857 16.99 -58.22 12.62
C PHE A 857 16.29 -56.87 12.79
N GLY A 858 15.29 -56.58 11.97
CA GLY A 858 14.60 -55.32 12.09
C GLY A 858 13.14 -55.45 12.45
N ALA A 859 12.52 -56.56 12.08
CA ALA A 859 11.11 -56.80 12.33
C ALA A 859 10.90 -57.69 13.55
N GLY A 860 11.74 -57.52 14.57
CA GLY A 860 11.62 -58.25 15.81
C GLY A 860 12.96 -58.34 16.51
N ALA A 861 13.13 -59.41 17.29
CA ALA A 861 14.40 -59.70 17.91
C ALA A 861 15.24 -60.54 16.96
N ALA A 862 16.52 -60.19 16.81
CA ALA A 862 17.36 -60.77 15.77
C ALA A 862 17.66 -62.23 16.07
N LEU A 863 17.25 -63.11 15.17
CA LEU A 863 17.44 -64.54 15.36
C LEU A 863 18.77 -64.98 14.77
N GLN A 864 19.49 -65.80 15.51
CA GLN A 864 20.77 -66.31 15.00
C GLN A 864 20.52 -67.38 13.95
N ILE A 865 20.95 -67.10 12.72
CA ILE A 865 20.91 -68.06 11.63
C ILE A 865 22.26 -67.97 10.94
N PRO A 866 22.91 -69.09 10.63
CA PRO A 866 24.15 -69.05 9.86
C PRO A 866 23.90 -68.55 8.45
N PHE A 867 25.00 -68.19 7.78
CA PHE A 867 24.91 -67.35 6.61
C PHE A 867 24.35 -68.08 5.41
N ALA A 868 24.69 -69.35 5.25
CA ALA A 868 24.23 -70.09 4.07
C ALA A 868 22.74 -70.38 4.15
N MET A 869 22.22 -70.56 5.36
CA MET A 869 20.79 -70.80 5.50
C MET A 869 19.99 -69.54 5.21
N GLN A 870 20.53 -68.39 5.59
CA GLN A 870 19.91 -67.13 5.21
C GLN A 870 20.01 -66.93 3.71
N MET A 871 21.11 -67.38 3.12
CA MET A 871 21.21 -67.41 1.67
C MET A 871 20.24 -68.40 1.06
N ALA A 872 19.91 -69.47 1.79
CA ALA A 872 18.97 -70.46 1.27
C ALA A 872 17.58 -69.88 1.12
N TYR A 873 17.22 -68.92 1.96
CA TYR A 873 15.95 -68.25 1.74
C TYR A 873 16.03 -67.31 0.54
N ARG A 874 17.23 -66.84 0.21
CA ARG A 874 17.34 -65.88 -0.87
C ARG A 874 17.20 -66.51 -2.24
N PHE A 875 17.05 -67.83 -2.32
CA PHE A 875 16.85 -68.46 -3.61
C PHE A 875 15.44 -68.96 -3.83
N ASN A 876 14.82 -69.60 -2.84
CA ASN A 876 13.44 -70.02 -3.03
C ASN A 876 12.49 -68.83 -2.98
N GLY A 877 12.93 -67.70 -2.46
CA GLY A 877 12.16 -66.47 -2.60
C GLY A 877 12.05 -66.02 -4.04
N ILE A 878 13.06 -66.33 -4.85
CA ILE A 878 12.99 -66.05 -6.27
C ILE A 878 12.87 -67.33 -7.09
N GLY A 879 12.51 -68.43 -6.46
CA GLY A 879 12.24 -69.64 -7.20
C GLY A 879 13.46 -70.39 -7.67
N VAL A 880 14.38 -70.63 -6.74
CA VAL A 880 15.53 -71.51 -6.95
C VAL A 880 15.60 -72.42 -5.73
N THR A 881 15.62 -73.72 -5.96
CA THR A 881 15.65 -74.64 -4.83
C THR A 881 17.01 -74.61 -4.15
N GLN A 882 17.01 -75.03 -2.87
CA GLN A 882 18.12 -74.80 -1.97
C GLN A 882 19.37 -75.59 -2.35
N ASN A 883 19.21 -76.63 -3.17
CA ASN A 883 20.33 -77.43 -3.64
C ASN A 883 21.29 -76.62 -4.50
N VAL A 884 20.75 -75.73 -5.34
CA VAL A 884 21.58 -75.03 -6.33
C VAL A 884 22.56 -74.11 -5.63
N LEU A 885 22.12 -73.47 -4.55
CA LEU A 885 23.04 -72.80 -3.63
C LEU A 885 24.08 -73.77 -3.09
N TYR A 886 23.63 -74.93 -2.64
CA TYR A 886 24.54 -75.88 -2.01
C TYR A 886 25.51 -76.47 -3.02
N GLU A 887 25.03 -76.75 -4.23
CA GLU A 887 25.84 -77.50 -5.18
C GLU A 887 26.91 -76.64 -5.85
N ASN A 888 26.71 -75.33 -5.94
CA ASN A 888 27.72 -74.45 -6.50
C ASN A 888 28.17 -73.44 -5.48
N GLN A 889 28.41 -73.91 -4.26
CA GLN A 889 28.54 -73.02 -3.12
C GLN A 889 29.87 -72.29 -3.12
N LYS A 890 30.92 -72.93 -3.60
CA LYS A 890 32.18 -72.22 -3.77
C LYS A 890 32.14 -71.32 -4.99
N GLN A 891 31.46 -71.76 -6.04
CA GLN A 891 31.36 -71.00 -7.28
C GLN A 891 30.64 -69.68 -7.05
N ILE A 892 29.57 -69.72 -6.25
CA ILE A 892 28.91 -68.51 -5.81
C ILE A 892 29.87 -67.64 -5.01
N ALA A 893 30.59 -68.28 -4.08
CA ALA A 893 31.48 -67.56 -3.18
C ALA A 893 32.63 -66.90 -3.92
N ASN A 894 33.12 -67.53 -4.98
CA ASN A 894 34.26 -66.99 -5.70
C ASN A 894 33.87 -65.79 -6.55
N GLN A 895 32.74 -65.89 -7.26
CA GLN A 895 32.27 -64.76 -8.06
C GLN A 895 31.90 -63.58 -7.18
N PHE A 896 31.37 -63.86 -5.99
CA PHE A 896 30.98 -62.83 -5.05
C PHE A 896 32.19 -62.02 -4.60
N ASN A 897 33.20 -62.72 -4.08
CA ASN A 897 34.34 -62.04 -3.48
C ASN A 897 35.20 -61.36 -4.52
N LYS A 898 35.28 -61.93 -5.72
CA LYS A 898 36.10 -61.34 -6.77
C LYS A 898 35.48 -60.05 -7.30
N ALA A 899 34.15 -60.02 -7.44
CA ALA A 899 33.50 -58.82 -7.95
C ALA A 899 33.57 -57.67 -6.96
N ILE A 900 33.74 -57.99 -5.67
CA ILE A 900 33.95 -56.95 -4.67
C ILE A 900 35.26 -56.22 -4.93
N SER A 901 36.33 -56.99 -5.14
CA SER A 901 37.62 -56.39 -5.43
C SER A 901 37.63 -55.69 -6.79
N GLN A 902 36.76 -56.14 -7.70
CA GLN A 902 36.66 -55.47 -8.99
C GLN A 902 36.07 -54.08 -8.85
N ILE A 903 35.01 -53.94 -8.04
CA ILE A 903 34.47 -52.63 -7.75
C ILE A 903 35.46 -51.82 -6.92
N GLN A 904 36.17 -52.51 -6.01
CA GLN A 904 37.20 -51.87 -5.19
C GLN A 904 38.30 -51.28 -6.05
N GLU A 905 38.73 -52.00 -7.08
CA GLU A 905 39.72 -51.44 -8.00
C GLU A 905 39.11 -50.37 -8.89
N SER A 906 37.81 -50.45 -9.15
CA SER A 906 37.18 -49.49 -10.03
C SER A 906 37.06 -48.13 -9.36
N LEU A 907 36.80 -48.11 -8.05
CA LEU A 907 36.49 -46.88 -7.35
C LEU A 907 37.72 -46.21 -6.76
N THR A 908 38.88 -46.41 -7.37
CA THR A 908 40.10 -45.76 -6.91
C THR A 908 40.68 -44.84 -7.96
N THR A 909 40.80 -45.31 -9.20
CA THR A 909 41.40 -44.50 -10.25
C THR A 909 40.41 -43.49 -10.82
N THR A 910 39.33 -43.98 -11.41
CA THR A 910 38.38 -43.09 -12.06
C THR A 910 37.45 -42.48 -11.02
N SER A 911 36.50 -41.67 -11.50
CA SER A 911 35.59 -40.95 -10.63
C SER A 911 34.28 -40.75 -11.37
N THR A 912 33.50 -39.77 -10.92
CA THR A 912 32.20 -39.32 -11.42
C THR A 912 31.09 -40.33 -11.19
N ALA A 913 31.33 -41.38 -10.40
CA ALA A 913 30.22 -42.16 -9.87
C ALA A 913 29.56 -41.42 -8.73
N LEU A 914 30.30 -40.56 -8.05
CA LEU A 914 29.79 -39.75 -6.94
C LEU A 914 29.43 -38.35 -7.39
N GLY A 915 29.04 -38.18 -8.66
CA GLY A 915 28.75 -36.87 -9.18
C GLY A 915 27.55 -36.21 -8.53
N LYS A 916 26.59 -37.03 -8.10
CA LYS A 916 25.42 -36.50 -7.42
C LYS A 916 25.78 -35.95 -6.05
N LEU A 917 26.78 -36.54 -5.39
CA LEU A 917 27.21 -35.98 -4.13
C LEU A 917 28.00 -34.70 -4.35
N GLN A 918 28.83 -34.68 -5.39
CA GLN A 918 29.58 -33.48 -5.70
C GLN A 918 28.68 -32.40 -6.31
N ASP A 919 27.51 -32.80 -6.82
CA ASP A 919 26.48 -31.86 -7.23
C ASP A 919 26.06 -30.96 -6.08
N VAL A 920 25.62 -31.58 -4.98
CA VAL A 920 25.00 -30.84 -3.89
C VAL A 920 26.00 -29.91 -3.21
N VAL A 921 27.21 -30.40 -2.99
CA VAL A 921 28.24 -29.62 -2.32
C VAL A 921 28.66 -28.45 -3.18
N ASN A 922 28.71 -28.64 -4.49
CA ASN A 922 28.99 -27.53 -5.38
C ASN A 922 27.81 -26.57 -5.46
N GLN A 923 26.61 -27.06 -5.15
CA GLN A 923 25.41 -26.29 -5.45
C GLN A 923 25.21 -25.15 -4.48
N ASN A 924 25.20 -25.45 -3.18
CA ASN A 924 25.03 -24.37 -2.21
C ASN A 924 26.24 -23.45 -2.17
N ALA A 925 27.44 -24.01 -2.40
CA ALA A 925 28.64 -23.20 -2.45
C ALA A 925 28.62 -22.26 -3.65
N GLN A 926 27.97 -22.68 -4.74
CA GLN A 926 27.69 -21.76 -5.82
C GLN A 926 26.75 -20.66 -5.37
N ALA A 927 25.73 -21.01 -4.58
CA ALA A 927 24.76 -20.04 -4.14
C ALA A 927 25.36 -19.09 -3.12
N LEU A 928 26.26 -19.59 -2.27
CA LEU A 928 26.93 -18.71 -1.32
C LEU A 928 27.88 -17.77 -2.04
N ASN A 929 28.58 -18.27 -3.06
CA ASN A 929 29.42 -17.42 -3.90
C ASN A 929 28.58 -16.41 -4.65
N THR A 930 27.36 -16.78 -5.00
CA THR A 930 26.44 -15.80 -5.58
C THR A 930 26.06 -14.76 -4.55
N LEU A 931 25.90 -15.17 -3.29
CA LEU A 931 25.46 -14.25 -2.27
C LEU A 931 26.56 -13.25 -1.91
N VAL A 932 27.81 -13.67 -1.98
CA VAL A 932 28.87 -12.73 -1.64
C VAL A 932 29.10 -11.76 -2.79
N LYS A 933 28.77 -12.17 -4.01
CA LYS A 933 28.95 -11.28 -5.15
C LYS A 933 27.86 -10.23 -5.22
N GLN A 934 26.79 -10.39 -4.43
CA GLN A 934 25.77 -9.35 -4.31
C GLN A 934 26.31 -8.07 -3.70
N LEU A 935 27.41 -8.16 -2.93
CA LEU A 935 27.97 -6.99 -2.26
C LEU A 935 28.46 -5.96 -3.26
N SER A 936 29.10 -6.41 -4.34
CA SER A 936 29.81 -5.49 -5.21
C SER A 936 28.90 -4.65 -6.09
N SER A 937 27.62 -4.98 -6.19
CA SER A 937 26.74 -4.12 -6.96
C SER A 937 26.42 -2.85 -6.19
N ASN A 938 25.68 -1.96 -6.85
CA ASN A 938 25.35 -0.69 -6.23
C ASN A 938 23.87 -0.41 -6.15
N PHE A 939 23.04 -1.06 -6.98
CA PHE A 939 21.58 -1.00 -6.93
C PHE A 939 21.08 0.42 -7.14
N GLY A 940 21.70 1.12 -8.08
CA GLY A 940 21.41 2.50 -8.33
C GLY A 940 22.22 3.48 -7.50
N ALA A 941 22.86 3.02 -6.42
CA ALA A 941 23.62 3.95 -5.62
C ALA A 941 24.98 4.23 -6.25
N ILE A 942 25.71 5.15 -5.63
CA ILE A 942 27.02 5.53 -6.12
C ILE A 942 28.02 4.41 -5.87
N SER A 943 28.24 4.08 -4.61
CA SER A 943 29.24 3.10 -4.21
C SER A 943 28.60 1.96 -3.44
N SER A 944 29.32 0.84 -3.37
CA SER A 944 28.97 -0.25 -2.49
C SER A 944 29.66 -0.16 -1.15
N VAL A 945 30.47 0.87 -0.94
CA VAL A 945 31.15 1.08 0.33
C VAL A 945 30.32 2.04 1.17
N LEU A 946 29.98 1.63 2.38
CA LEU A 946 29.18 2.48 3.24
C LEU A 946 29.98 3.61 3.87
N ASN A 947 31.26 3.38 4.13
CA ASN A 947 32.06 4.43 4.74
C ASN A 947 32.53 5.47 3.73
N ASP A 948 32.54 5.13 2.45
CA ASP A 948 32.83 6.12 1.43
C ASP A 948 31.64 7.02 1.14
N ILE A 949 30.45 6.60 1.55
CA ILE A 949 29.32 7.53 1.60
C ILE A 949 29.59 8.62 2.62
N LEU A 950 30.24 8.26 3.73
CA LEU A 950 30.54 9.19 4.79
C LEU A 950 31.64 10.18 4.43
N SER A 951 32.36 9.93 3.34
CA SER A 951 33.23 10.98 2.81
C SER A 951 32.41 12.12 2.23
N ARG A 952 31.31 11.79 1.58
CA ARG A 952 30.36 12.79 1.12
C ARG A 952 29.23 12.93 2.14
N LEU A 953 29.62 13.38 3.33
CA LEU A 953 28.74 13.34 4.48
C LEU A 953 27.72 14.47 4.38
N ASP A 954 26.44 14.08 4.27
CA ASP A 954 25.27 14.91 4.48
C ASP A 954 24.05 14.02 4.69
N PRO A 955 23.31 14.22 5.78
CA PRO A 955 22.21 13.30 6.16
C PRO A 955 21.05 13.17 5.17
N PRO A 956 20.66 14.20 4.37
CA PRO A 956 19.57 13.90 3.42
C PRO A 956 19.97 12.99 2.28
N GLU A 957 21.20 13.12 1.78
CA GLU A 957 21.74 12.09 0.89
C GLU A 957 21.80 10.75 1.60
N ALA A 958 22.26 10.78 2.86
CA ALA A 958 22.70 9.57 3.55
C ALA A 958 21.56 8.59 3.79
N GLU A 959 20.33 9.08 3.92
CA GLU A 959 19.22 8.13 3.93
C GLU A 959 19.02 7.51 2.56
N VAL A 960 18.85 8.35 1.53
CA VAL A 960 18.52 7.89 0.20
C VAL A 960 19.65 7.06 -0.40
N GLN A 961 20.89 7.47 -0.13
CA GLN A 961 22.05 6.73 -0.61
C GLN A 961 22.13 5.35 0.05
N ILE A 962 21.78 5.26 1.33
CA ILE A 962 21.82 3.95 1.98
C ILE A 962 20.56 3.15 1.67
N ASP A 963 19.43 3.82 1.47
CA ASP A 963 18.15 3.13 1.25
C ASP A 963 18.17 2.29 -0.02
N ARG A 964 18.88 2.74 -1.05
CA ARG A 964 19.11 1.88 -2.20
C ARG A 964 19.97 0.68 -1.81
N LEU A 965 21.04 0.92 -1.06
CA LEU A 965 21.86 -0.19 -0.62
C LEU A 965 21.16 -1.02 0.43
N ILE A 966 20.19 -0.45 1.14
CA ILE A 966 19.34 -1.27 1.99
C ILE A 966 18.55 -2.26 1.15
N THR A 967 17.76 -1.76 0.20
CA THR A 967 16.88 -2.65 -0.56
C THR A 967 17.64 -3.51 -1.55
N GLY A 968 18.91 -3.22 -1.80
CA GLY A 968 19.73 -4.15 -2.55
C GLY A 968 20.07 -5.39 -1.74
N ARG A 969 20.50 -5.20 -0.50
CA ARG A 969 20.84 -6.34 0.34
C ARG A 969 19.60 -7.12 0.74
N LEU A 970 18.45 -6.47 0.81
CA LEU A 970 17.21 -7.16 1.19
C LEU A 970 16.77 -8.13 0.10
N GLN A 971 16.76 -7.70 -1.15
CA GLN A 971 16.44 -8.65 -2.20
C GLN A 971 17.60 -9.56 -2.54
N SER A 972 18.79 -9.34 -1.97
CA SER A 972 19.84 -10.32 -2.11
C SER A 972 19.52 -11.57 -1.31
N LEU A 973 19.34 -11.40 -0.01
CA LEU A 973 19.33 -12.58 0.86
C LEU A 973 17.99 -13.30 0.84
N GLN A 974 16.88 -12.58 0.67
CA GLN A 974 15.59 -13.25 0.67
C GLN A 974 15.40 -14.07 -0.59
N THR A 975 16.01 -13.62 -1.69
CA THR A 975 16.12 -14.44 -2.88
C THR A 975 16.94 -15.69 -2.59
N TYR A 976 18.05 -15.52 -1.86
CA TYR A 976 18.88 -16.67 -1.50
C TYR A 976 18.14 -17.64 -0.61
N VAL A 977 17.40 -17.12 0.38
CA VAL A 977 16.68 -17.98 1.32
C VAL A 977 15.65 -18.83 0.60
N THR A 978 14.94 -18.23 -0.35
CA THR A 978 13.88 -18.93 -1.06
C THR A 978 14.45 -20.04 -1.93
N GLN A 979 15.55 -19.75 -2.63
CA GLN A 979 16.18 -20.78 -3.45
C GLN A 979 16.84 -21.84 -2.59
N GLN A 980 17.38 -21.44 -1.44
CA GLN A 980 17.88 -22.42 -0.48
C GLN A 980 16.74 -23.28 0.03
N LEU A 981 15.58 -22.67 0.24
CA LEU A 981 14.44 -23.39 0.79
C LEU A 981 13.92 -24.43 -0.18
N ILE A 982 13.72 -24.03 -1.44
CA ILE A 982 13.16 -24.96 -2.41
C ILE A 982 14.14 -26.05 -2.76
N ARG A 983 15.43 -25.77 -2.59
CA ARG A 983 16.41 -26.82 -2.81
C ARG A 983 16.34 -27.86 -1.72
N ALA A 984 16.03 -27.42 -0.49
CA ALA A 984 16.00 -28.34 0.64
C ALA A 984 14.81 -29.28 0.54
N ALA A 985 13.68 -28.77 0.04
CA ALA A 985 12.49 -29.61 -0.06
C ALA A 985 12.65 -30.68 -1.13
N GLU A 986 13.51 -30.43 -2.11
CA GLU A 986 13.82 -31.45 -3.11
C GLU A 986 14.50 -32.64 -2.48
N ILE A 987 15.62 -32.41 -1.77
CA ILE A 987 16.40 -33.51 -1.25
C ILE A 987 15.72 -34.19 -0.08
N ARG A 988 14.66 -33.60 0.47
CA ARG A 988 13.81 -34.34 1.37
C ARG A 988 13.19 -35.54 0.65
N ALA A 989 12.73 -35.34 -0.59
CA ALA A 989 12.18 -36.45 -1.35
C ALA A 989 13.26 -37.46 -1.68
N SER A 990 14.49 -37.00 -1.90
CA SER A 990 15.60 -37.93 -2.06
C SER A 990 15.90 -38.64 -0.76
N ALA A 991 15.77 -37.95 0.36
CA ALA A 991 15.93 -38.61 1.64
C ALA A 991 14.76 -39.53 1.92
N ASN A 992 13.57 -39.15 1.48
CA ASN A 992 12.42 -40.00 1.68
C ASN A 992 12.52 -41.27 0.84
N LEU A 993 13.16 -41.17 -0.33
CA LEU A 993 13.36 -42.35 -1.16
C LEU A 993 14.40 -43.28 -0.54
N ALA A 994 15.49 -42.72 0.00
CA ALA A 994 16.49 -43.54 0.65
C ALA A 994 15.95 -44.21 1.90
N ALA A 995 15.03 -43.53 2.59
CA ALA A 995 14.41 -44.13 3.76
C ALA A 995 13.55 -45.33 3.38
N THR A 996 13.04 -45.34 2.16
CA THR A 996 12.28 -46.50 1.72
C THR A 996 13.22 -47.67 1.44
N LYS A 997 14.37 -47.40 0.83
CA LYS A 997 15.16 -48.46 0.23
C LYS A 997 15.78 -49.37 1.29
N MET A 998 16.53 -48.79 2.23
CA MET A 998 17.12 -49.64 3.26
C MET A 998 16.09 -50.22 4.21
N SER A 999 14.88 -49.68 4.22
CA SER A 999 13.81 -50.30 4.98
C SER A 999 13.11 -51.40 4.21
N GLU A 1000 13.40 -51.57 2.93
CA GLU A 1000 12.84 -52.69 2.19
C GLU A 1000 13.87 -53.51 1.47
N CYS A 1001 15.03 -52.96 1.13
CA CYS A 1001 16.00 -53.70 0.36
C CYS A 1001 17.08 -54.33 1.24
N VAL A 1002 17.46 -53.63 2.32
CA VAL A 1002 18.39 -54.22 3.27
C VAL A 1002 17.69 -55.28 4.11
N LEU A 1003 16.57 -54.92 4.72
CA LEU A 1003 15.90 -55.85 5.61
C LEU A 1003 15.14 -56.93 4.87
N GLY A 1004 14.76 -56.70 3.63
CA GLY A 1004 13.84 -57.59 2.95
C GLY A 1004 14.33 -58.02 1.58
N GLN A 1005 14.07 -59.28 1.26
CA GLN A 1005 14.23 -59.81 -0.10
C GLN A 1005 13.06 -59.29 -0.92
N SER A 1006 13.22 -58.12 -1.52
CA SER A 1006 12.14 -57.47 -2.22
C SER A 1006 11.83 -58.17 -3.53
N LYS A 1007 10.70 -57.79 -4.12
CA LYS A 1007 10.21 -58.44 -5.32
C LYS A 1007 9.81 -57.47 -6.41
N ARG A 1008 9.74 -56.17 -6.14
CA ARG A 1008 9.38 -55.21 -7.17
C ARG A 1008 10.53 -55.04 -8.16
N VAL A 1009 10.18 -55.13 -9.44
CA VAL A 1009 11.17 -55.38 -10.49
C VAL A 1009 11.88 -54.09 -10.82
N ASP A 1010 13.22 -54.17 -10.91
CA ASP A 1010 14.21 -53.14 -11.28
C ASP A 1010 14.40 -52.14 -10.14
N PHE A 1011 13.58 -52.23 -9.12
CA PHE A 1011 13.92 -51.64 -7.85
C PHE A 1011 15.06 -52.44 -7.23
N CYS A 1012 15.78 -51.80 -6.30
CA CYS A 1012 17.03 -52.29 -5.73
C CYS A 1012 18.09 -52.55 -6.79
N GLY A 1013 18.07 -51.80 -7.88
CA GLY A 1013 19.00 -52.03 -8.95
C GLY A 1013 18.51 -53.07 -9.92
N LYS A 1014 19.44 -53.56 -10.73
CA LYS A 1014 19.10 -54.41 -11.87
C LYS A 1014 18.99 -55.86 -11.45
N GLY A 1015 17.88 -56.50 -11.82
CA GLY A 1015 17.75 -57.93 -11.71
C GLY A 1015 17.00 -58.37 -10.47
N TYR A 1016 16.97 -59.69 -10.30
CA TYR A 1016 16.36 -60.31 -9.14
C TYR A 1016 17.19 -59.99 -7.90
N HIS A 1017 16.63 -59.22 -6.99
CA HIS A 1017 17.39 -58.78 -5.83
C HIS A 1017 17.56 -59.89 -4.81
N LEU A 1018 18.74 -59.94 -4.22
CA LEU A 1018 19.04 -60.89 -3.16
C LEU A 1018 19.30 -60.19 -1.83
N MET A 1019 20.27 -59.27 -1.81
CA MET A 1019 20.77 -58.74 -0.55
C MET A 1019 21.34 -57.35 -0.80
N SER A 1020 21.22 -56.49 0.19
CA SER A 1020 21.67 -55.11 0.07
C SER A 1020 22.73 -54.79 1.10
N PHE A 1021 23.56 -53.80 0.79
CA PHE A 1021 24.66 -53.43 1.68
C PHE A 1021 24.90 -51.93 1.68
N PRO A 1022 24.79 -51.28 2.82
CA PRO A 1022 24.97 -49.83 2.89
C PRO A 1022 26.40 -49.43 3.21
N GLN A 1023 26.71 -48.20 2.83
CA GLN A 1023 28.01 -47.60 3.08
C GLN A 1023 27.83 -46.15 3.49
N ALA A 1024 28.63 -45.71 4.45
CA ALA A 1024 28.63 -44.31 4.82
C ALA A 1024 29.28 -43.48 3.72
N ALA A 1025 28.92 -42.20 3.68
CA ALA A 1025 29.38 -41.31 2.63
C ALA A 1025 29.28 -39.88 3.13
N PRO A 1026 30.18 -39.00 2.71
CA PRO A 1026 30.02 -37.57 3.03
C PRO A 1026 28.78 -37.01 2.37
N HIS A 1027 27.89 -36.45 3.21
CA HIS A 1027 26.60 -35.89 2.85
C HIS A 1027 25.67 -36.90 2.17
N GLY A 1028 25.91 -38.20 2.34
CA GLY A 1028 25.13 -39.14 1.54
C GLY A 1028 25.22 -40.54 2.09
N VAL A 1029 24.56 -41.46 1.38
CA VAL A 1029 24.68 -42.90 1.62
C VAL A 1029 25.06 -43.56 0.31
N VAL A 1030 25.55 -44.79 0.41
CA VAL A 1030 25.89 -45.60 -0.75
C VAL A 1030 25.34 -47.00 -0.54
N PHE A 1031 24.49 -47.44 -1.44
CA PHE A 1031 23.99 -48.81 -1.38
C PHE A 1031 24.83 -49.75 -2.22
N LEU A 1032 24.72 -51.03 -1.91
CA LEU A 1032 25.22 -52.11 -2.75
C LEU A 1032 24.09 -53.11 -2.94
N HIS A 1033 24.22 -53.94 -3.97
CA HIS A 1033 23.10 -54.77 -4.40
C HIS A 1033 23.58 -56.13 -4.85
N VAL A 1034 23.51 -57.12 -3.96
CA VAL A 1034 23.70 -58.51 -4.37
C VAL A 1034 22.50 -58.90 -5.23
N THR A 1035 22.76 -59.17 -6.51
CA THR A 1035 21.70 -59.42 -7.46
C THR A 1035 21.96 -60.72 -8.19
N TYR A 1036 20.88 -61.39 -8.58
CA TYR A 1036 20.97 -62.60 -9.37
C TYR A 1036 20.74 -62.28 -10.85
N VAL A 1037 21.53 -62.90 -11.72
CA VAL A 1037 21.39 -62.73 -13.17
C VAL A 1037 21.52 -64.09 -13.83
N PRO A 1038 20.55 -64.52 -14.62
CA PRO A 1038 20.68 -65.80 -15.32
C PRO A 1038 21.57 -65.68 -16.55
N SER A 1039 21.99 -66.85 -17.05
CA SER A 1039 22.88 -66.90 -18.19
C SER A 1039 22.77 -68.26 -18.90
N GLN A 1040 23.38 -68.32 -20.08
CA GLN A 1040 23.52 -69.53 -20.89
C GLN A 1040 22.16 -70.14 -21.23
N GLU A 1041 21.45 -69.41 -22.08
CA GLU A 1041 20.20 -69.87 -22.64
C GLU A 1041 20.40 -71.10 -23.53
N ARG A 1042 19.28 -71.72 -23.90
CA ARG A 1042 19.28 -72.88 -24.77
C ARG A 1042 17.86 -73.08 -25.30
N ASN A 1043 17.73 -73.34 -26.59
CA ASN A 1043 16.41 -73.54 -27.16
C ASN A 1043 15.81 -74.86 -26.75
N PHE A 1044 14.49 -74.86 -26.59
CA PHE A 1044 13.75 -76.08 -26.33
C PHE A 1044 12.41 -75.98 -27.03
N THR A 1045 11.75 -77.12 -27.14
CA THR A 1045 10.40 -77.20 -27.65
C THR A 1045 9.48 -77.55 -26.50
N THR A 1046 8.40 -76.81 -26.36
CA THR A 1046 7.44 -77.08 -25.31
C THR A 1046 6.05 -77.18 -25.88
N ALA A 1047 5.09 -77.40 -24.99
CA ALA A 1047 3.69 -77.55 -25.34
C ALA A 1047 2.87 -77.25 -24.11
N PRO A 1048 1.61 -76.85 -24.26
CA PRO A 1048 0.78 -76.58 -23.08
C PRO A 1048 0.49 -77.78 -22.19
N ALA A 1049 -0.09 -78.83 -22.73
CA ALA A 1049 -0.60 -79.90 -21.90
C ALA A 1049 -0.23 -81.25 -22.50
N ILE A 1050 -0.47 -82.29 -21.71
CA ILE A 1050 -0.14 -83.66 -22.09
C ILE A 1050 -1.42 -84.47 -22.11
N CYS A 1051 -1.72 -85.08 -23.25
CA CYS A 1051 -2.92 -85.89 -23.39
C CYS A 1051 -2.59 -87.32 -23.02
N HIS A 1052 -3.40 -87.89 -22.13
CA HIS A 1052 -3.11 -89.21 -21.58
C HIS A 1052 -4.42 -89.81 -21.08
N GLU A 1053 -4.86 -90.88 -21.73
CA GLU A 1053 -6.13 -91.55 -21.47
C GLU A 1053 -7.31 -90.58 -21.58
N GLY A 1054 -7.24 -89.70 -22.56
CA GLY A 1054 -8.31 -88.75 -22.81
C GLY A 1054 -8.51 -87.73 -21.71
N LYS A 1055 -7.44 -87.30 -21.06
CA LYS A 1055 -7.54 -86.35 -19.96
C LYS A 1055 -6.47 -85.30 -20.11
N ALA A 1056 -6.72 -84.12 -19.55
CA ALA A 1056 -5.79 -83.00 -19.62
C ALA A 1056 -5.00 -82.92 -18.33
N TYR A 1057 -3.73 -82.55 -18.44
CA TYR A 1057 -2.82 -82.54 -17.32
C TYR A 1057 -2.01 -81.26 -17.37
N PHE A 1058 -1.81 -80.64 -16.21
CA PHE A 1058 -1.24 -79.32 -16.20
C PHE A 1058 -0.20 -79.17 -15.12
N PRO A 1059 0.94 -78.57 -15.44
CA PRO A 1059 2.03 -78.48 -14.47
C PRO A 1059 1.74 -77.45 -13.40
N ARG A 1060 2.08 -77.80 -12.18
CA ARG A 1060 1.87 -76.87 -11.08
C ARG A 1060 2.98 -75.85 -11.01
N GLU A 1061 4.13 -76.16 -11.58
CA GLU A 1061 5.26 -75.25 -11.67
C GLU A 1061 5.93 -75.48 -13.02
N GLY A 1062 6.31 -74.39 -13.67
CA GLY A 1062 7.11 -74.49 -14.89
C GLY A 1062 6.35 -75.07 -16.08
N VAL A 1063 7.12 -75.63 -17.00
CA VAL A 1063 6.62 -76.03 -18.31
C VAL A 1063 7.00 -77.47 -18.61
N PHE A 1064 6.70 -77.93 -19.83
CA PHE A 1064 7.11 -79.25 -20.30
C PHE A 1064 8.14 -79.07 -21.40
N VAL A 1065 9.41 -79.13 -21.04
CA VAL A 1065 10.46 -79.04 -22.05
C VAL A 1065 10.62 -80.37 -22.76
N PHE A 1066 11.28 -80.33 -23.90
CA PHE A 1066 11.59 -81.52 -24.67
C PHE A 1066 13.11 -81.63 -24.80
N ASN A 1067 13.64 -82.77 -24.37
CA ASN A 1067 15.07 -83.03 -24.36
C ASN A 1067 15.68 -83.03 -25.76
N GLY A 1068 14.88 -83.32 -26.78
CA GLY A 1068 15.38 -83.94 -27.97
C GLY A 1068 15.27 -85.44 -27.93
N THR A 1069 15.08 -86.00 -26.74
CA THR A 1069 14.77 -87.40 -26.52
C THR A 1069 13.34 -87.61 -26.05
N SER A 1070 12.96 -86.95 -24.96
CA SER A 1070 11.64 -87.12 -24.40
C SER A 1070 11.21 -85.84 -23.69
N TRP A 1071 9.94 -85.77 -23.36
CA TRP A 1071 9.42 -84.65 -22.59
C TRP A 1071 9.84 -84.77 -21.14
N PHE A 1072 9.83 -83.63 -20.45
CA PHE A 1072 10.22 -83.58 -19.05
C PHE A 1072 9.41 -82.49 -18.38
N ILE A 1073 9.85 -82.07 -17.20
CA ILE A 1073 9.26 -80.93 -16.53
C ILE A 1073 10.35 -80.25 -15.72
N THR A 1074 10.38 -78.92 -15.78
CA THR A 1074 11.36 -78.12 -15.07
C THR A 1074 10.77 -76.77 -14.76
N GLN A 1075 11.48 -76.00 -13.94
CA GLN A 1075 11.07 -74.65 -13.58
C GLN A 1075 11.45 -73.68 -14.70
N ARG A 1076 11.33 -72.38 -14.41
CA ARG A 1076 11.61 -71.38 -15.44
C ARG A 1076 12.97 -70.73 -15.31
N ASN A 1077 13.55 -70.72 -14.11
CA ASN A 1077 14.84 -70.05 -13.94
C ASN A 1077 15.98 -70.97 -14.37
N PHE A 1078 16.13 -72.09 -13.70
CA PHE A 1078 17.21 -73.02 -13.95
C PHE A 1078 16.67 -74.20 -14.76
N PHE A 1079 17.54 -74.79 -15.55
CA PHE A 1079 17.19 -75.96 -16.35
C PHE A 1079 17.61 -77.22 -15.61
N SER A 1080 16.66 -77.79 -14.86
CA SER A 1080 16.85 -79.08 -14.22
C SER A 1080 15.59 -79.89 -14.46
N PRO A 1081 15.59 -80.78 -15.45
CA PRO A 1081 14.36 -81.49 -15.81
C PRO A 1081 13.97 -82.50 -14.77
N GLN A 1082 12.69 -82.86 -14.78
CA GLN A 1082 12.18 -83.90 -13.92
C GLN A 1082 11.25 -84.79 -14.73
N ILE A 1083 10.88 -85.90 -14.10
CA ILE A 1083 10.00 -86.86 -14.74
C ILE A 1083 8.56 -86.44 -14.48
N ILE A 1084 7.75 -86.53 -15.52
CA ILE A 1084 6.37 -86.06 -15.49
C ILE A 1084 5.52 -87.03 -14.68
N THR A 1085 5.28 -86.70 -13.42
CA THR A 1085 4.50 -87.54 -12.53
C THR A 1085 3.19 -86.85 -12.19
N THR A 1086 2.37 -87.52 -11.39
CA THR A 1086 1.15 -86.93 -10.89
C THR A 1086 1.37 -86.05 -9.67
N ASP A 1087 2.61 -85.91 -9.22
CA ASP A 1087 2.90 -85.08 -8.07
C ASP A 1087 2.77 -83.61 -8.42
N ASN A 1088 3.62 -83.15 -9.34
CA ASN A 1088 3.68 -81.77 -9.76
C ASN A 1088 2.65 -81.42 -10.82
N THR A 1089 1.61 -82.23 -10.98
CA THR A 1089 0.68 -82.10 -12.08
C THR A 1089 -0.70 -82.48 -11.56
N PHE A 1090 -1.71 -81.74 -12.02
CA PHE A 1090 -3.08 -82.01 -11.66
C PHE A 1090 -3.91 -82.25 -12.91
N VAL A 1091 -4.83 -83.19 -12.82
CA VAL A 1091 -5.77 -83.44 -13.91
C VAL A 1091 -6.91 -82.44 -13.80
N SER A 1092 -7.44 -82.04 -14.95
CA SER A 1092 -8.64 -81.21 -15.00
C SER A 1092 -9.28 -81.38 -16.36
N GLY A 1093 -10.48 -81.93 -16.39
CA GLY A 1093 -11.22 -82.09 -17.62
C GLY A 1093 -10.66 -83.19 -18.51
N ASN A 1094 -11.35 -83.38 -19.64
CA ASN A 1094 -10.94 -84.39 -20.61
C ASN A 1094 -9.85 -83.83 -21.51
N CYS A 1095 -9.52 -84.57 -22.57
CA CYS A 1095 -8.62 -84.10 -23.59
C CYS A 1095 -9.44 -83.58 -24.76
N ASP A 1096 -8.73 -83.03 -25.76
CA ASP A 1096 -9.30 -82.48 -27.00
C ASP A 1096 -10.33 -81.38 -26.69
N VAL A 1097 -9.89 -80.38 -25.96
CA VAL A 1097 -10.66 -79.14 -25.81
C VAL A 1097 -9.74 -78.00 -26.19
N VAL A 1098 -8.57 -77.96 -25.57
CA VAL A 1098 -7.55 -76.98 -25.88
C VAL A 1098 -6.80 -77.46 -27.10
N ILE A 1099 -5.97 -76.60 -27.68
CA ILE A 1099 -5.22 -76.95 -28.88
C ILE A 1099 -3.77 -77.15 -28.48
N GLY A 1100 -3.09 -78.06 -29.16
CA GLY A 1100 -1.70 -78.33 -28.88
C GLY A 1100 -1.48 -79.16 -27.64
N ILE A 1101 -1.89 -80.43 -27.67
CA ILE A 1101 -1.68 -81.34 -26.56
C ILE A 1101 -0.70 -82.40 -27.03
N ILE A 1102 -0.17 -83.18 -26.09
CA ILE A 1102 0.86 -84.17 -26.38
C ILE A 1102 0.43 -85.53 -25.87
N ASN A 1103 0.43 -86.51 -26.75
CA ASN A 1103 0.38 -87.90 -26.30
C ASN A 1103 1.64 -88.28 -25.54
N ASN A 1104 1.53 -88.47 -24.24
CA ASN A 1104 2.63 -88.98 -23.45
C ASN A 1104 2.05 -89.64 -22.22
N THR A 1105 2.81 -90.58 -21.66
CA THR A 1105 2.41 -91.24 -20.44
C THR A 1105 2.83 -90.41 -19.24
N VAL A 1106 2.33 -90.80 -18.07
CA VAL A 1106 2.64 -90.15 -16.81
C VAL A 1106 3.14 -91.22 -15.85
N TYR A 1107 4.27 -90.97 -15.20
CA TYR A 1107 4.73 -91.87 -14.15
C TYR A 1107 3.83 -91.75 -12.93
N ASP A 1108 3.65 -92.86 -12.23
CA ASP A 1108 2.77 -92.96 -11.07
C ASP A 1108 3.51 -93.60 -9.92
N PRO A 1109 3.14 -93.26 -8.67
CA PRO A 1109 3.84 -93.87 -7.52
C PRO A 1109 3.25 -95.18 -7.03
N LEU A 1110 2.00 -95.48 -7.39
CA LEU A 1110 1.37 -96.71 -6.96
C LEU A 1110 1.63 -97.87 -7.90
N GLN A 1111 2.18 -97.61 -9.07
CA GLN A 1111 2.59 -98.69 -9.97
C GLN A 1111 3.64 -99.66 -9.40
N PRO A 1112 4.65 -99.25 -8.59
CA PRO A 1112 5.50 -100.28 -7.96
C PRO A 1112 4.85 -101.04 -6.83
N GLU A 1113 3.57 -100.81 -6.51
CA GLU A 1113 2.87 -101.61 -5.51
C GLU A 1113 2.32 -102.91 -6.09
N LEU A 1114 2.62 -103.21 -7.36
CA LEU A 1114 2.07 -104.38 -8.01
C LEU A 1114 2.69 -105.67 -7.48
N ASP A 1115 3.94 -105.59 -7.00
CA ASP A 1115 4.67 -106.76 -6.49
C ASP A 1115 4.15 -107.30 -5.17
N SER A 1116 3.17 -106.63 -4.54
CA SER A 1116 2.58 -107.09 -3.30
C SER A 1116 1.82 -108.41 -3.48
N ARG B 5 -30.08 36.34 -41.11
CA ARG B 5 -31.52 36.14 -41.07
C ARG B 5 -31.91 35.09 -40.04
N CYS B 6 -32.39 35.54 -38.89
CA CYS B 6 -32.82 34.64 -37.82
C CYS B 6 -34.33 34.50 -37.88
N THR B 7 -34.80 33.43 -38.50
CA THR B 7 -36.22 33.16 -38.65
C THR B 7 -36.62 32.06 -37.69
N THR B 8 -37.58 32.35 -36.82
CA THR B 8 -38.15 31.37 -35.91
C THR B 8 -39.49 30.88 -36.45
N PHE B 9 -39.91 29.72 -35.96
CA PHE B 9 -41.09 29.04 -36.47
C PHE B 9 -42.26 29.23 -35.53
N ASP B 10 -43.47 29.08 -36.09
CA ASP B 10 -44.69 29.50 -35.41
C ASP B 10 -45.35 28.35 -34.64
N ASP B 11 -45.44 27.16 -35.24
CA ASP B 11 -46.31 26.11 -34.73
C ASP B 11 -45.50 24.84 -34.45
N VAL B 12 -44.39 24.98 -33.74
CA VAL B 12 -43.56 23.83 -33.39
C VAL B 12 -44.19 23.08 -32.23
N GLN B 13 -44.45 21.80 -32.42
CA GLN B 13 -44.85 20.93 -31.32
C GLN B 13 -43.66 20.69 -30.39
N ALA B 14 -43.92 20.70 -29.09
CA ALA B 14 -42.88 20.49 -28.08
C ALA B 14 -42.31 19.08 -28.19
N PRO B 15 -41.03 18.88 -27.83
CA PRO B 15 -40.42 17.55 -27.96
C PRO B 15 -40.99 16.53 -27.00
N ASN B 16 -41.19 15.31 -27.51
CA ASN B 16 -41.74 14.20 -26.73
C ASN B 16 -40.71 13.53 -25.86
N TYR B 17 -39.42 13.63 -26.25
CA TYR B 17 -38.31 12.86 -25.68
C TYR B 17 -38.61 11.36 -25.72
N THR B 18 -38.74 10.87 -26.95
CA THR B 18 -39.15 9.48 -27.16
C THR B 18 -37.99 8.54 -26.84
N GLN B 19 -38.31 7.43 -26.17
CA GLN B 19 -37.31 6.48 -25.70
C GLN B 19 -37.13 5.35 -26.70
N HIS B 20 -35.88 4.98 -26.94
CA HIS B 20 -35.53 3.87 -27.82
C HIS B 20 -34.31 3.17 -27.25
N THR B 21 -33.88 2.10 -27.92
CA THR B 21 -32.72 1.34 -27.48
C THR B 21 -31.64 1.36 -28.56
N SER B 22 -30.39 1.19 -28.14
CA SER B 22 -29.22 1.32 -29.00
C SER B 22 -28.55 -0.01 -29.30
N SER B 23 -29.36 -1.06 -29.47
CA SER B 23 -29.11 -2.44 -29.05
C SER B 23 -27.66 -2.91 -29.13
N MET B 24 -27.06 -2.81 -30.31
CA MET B 24 -25.65 -3.14 -30.48
C MET B 24 -24.99 -2.12 -31.41
N ARG B 25 -25.27 -0.84 -31.18
CA ARG B 25 -24.73 0.20 -32.05
C ARG B 25 -23.80 1.11 -31.26
N GLY B 26 -22.87 1.72 -31.99
CA GLY B 26 -21.82 2.51 -31.39
C GLY B 26 -20.43 1.91 -31.56
N VAL B 27 -20.31 0.82 -32.31
CA VAL B 27 -19.02 0.20 -32.54
C VAL B 27 -18.24 1.03 -33.53
N TYR B 28 -16.97 1.30 -33.23
CA TYR B 28 -16.14 2.05 -34.15
C TYR B 28 -14.71 1.55 -34.11
N TYR B 29 -13.99 1.82 -35.19
CA TYR B 29 -12.53 1.69 -35.15
C TYR B 29 -11.98 2.76 -34.23
N PRO B 30 -11.20 2.40 -33.20
CA PRO B 30 -10.70 3.43 -32.29
C PRO B 30 -9.44 4.12 -32.78
N ASP B 31 -8.70 3.53 -33.71
CA ASP B 31 -7.42 4.10 -34.12
C ASP B 31 -7.07 3.62 -35.52
N GLU B 32 -5.80 3.80 -35.89
CA GLU B 32 -5.28 3.52 -37.21
C GLU B 32 -4.30 2.34 -37.20
N ILE B 33 -4.29 1.55 -36.13
CA ILE B 33 -3.27 0.56 -35.91
C ILE B 33 -3.80 -0.82 -36.23
N PHE B 34 -3.09 -1.54 -37.09
CA PHE B 34 -3.58 -2.77 -37.69
C PHE B 34 -3.39 -3.94 -36.74
N ARG B 35 -4.46 -4.34 -36.09
CA ARG B 35 -4.48 -5.58 -35.34
C ARG B 35 -5.26 -6.61 -36.15
N SER B 36 -4.96 -7.88 -35.93
CA SER B 36 -5.62 -8.93 -36.68
C SER B 36 -5.73 -10.18 -35.83
N ASP B 37 -6.88 -10.84 -35.92
CA ASP B 37 -7.10 -12.21 -35.45
C ASP B 37 -6.92 -12.30 -33.93
N THR B 38 -7.55 -11.39 -33.21
CA THR B 38 -7.41 -11.37 -31.75
C THR B 38 -8.60 -10.67 -31.12
N LEU B 39 -8.61 -10.72 -29.80
CA LEU B 39 -9.41 -9.84 -28.97
C LEU B 39 -8.55 -8.68 -28.50
N TYR B 40 -9.21 -7.59 -28.12
CA TYR B 40 -8.50 -6.41 -27.69
C TYR B 40 -9.38 -5.61 -26.75
N LEU B 41 -8.75 -5.07 -25.71
CA LEU B 41 -9.47 -4.38 -24.66
C LEU B 41 -9.24 -2.88 -24.77
N THR B 42 -10.30 -2.11 -24.57
CA THR B 42 -10.24 -0.66 -24.61
C THR B 42 -10.96 -0.10 -23.40
N GLN B 43 -10.60 1.13 -23.05
CA GLN B 43 -11.30 1.91 -22.03
C GLN B 43 -11.47 3.32 -22.59
N ASP B 44 -12.67 3.61 -23.08
CA ASP B 44 -12.89 4.87 -23.79
C ASP B 44 -14.37 5.21 -23.66
N LEU B 45 -14.77 6.31 -24.29
CA LEU B 45 -16.16 6.71 -24.37
C LEU B 45 -16.89 5.79 -25.33
N PHE B 46 -17.91 5.10 -24.84
CA PHE B 46 -18.65 4.17 -25.67
C PHE B 46 -20.12 4.28 -25.39
N LEU B 47 -20.91 3.76 -26.32
CA LEU B 47 -22.34 3.65 -26.15
C LEU B 47 -22.66 2.27 -25.62
N PRO B 48 -23.09 2.13 -24.36
CA PRO B 48 -23.39 0.80 -23.82
C PRO B 48 -24.61 0.20 -24.50
N PHE B 49 -24.64 -1.12 -24.52
CA PHE B 49 -25.67 -1.82 -25.25
C PHE B 49 -27.01 -1.72 -24.55
N TYR B 50 -28.07 -1.55 -25.34
CA TYR B 50 -29.45 -1.46 -24.89
C TYR B 50 -29.64 -0.28 -23.94
N SER B 51 -28.95 0.81 -24.24
CA SER B 51 -29.10 2.05 -23.49
C SER B 51 -30.34 2.78 -23.97
N ASN B 52 -30.81 3.72 -23.16
CA ASN B 52 -31.94 4.53 -23.60
C ASN B 52 -31.50 5.55 -24.63
N VAL B 53 -32.32 5.71 -25.65
CA VAL B 53 -32.04 6.55 -26.78
C VAL B 53 -33.12 7.62 -26.87
N THR B 54 -32.72 8.88 -26.83
CA THR B 54 -33.67 9.96 -27.03
C THR B 54 -34.06 10.02 -28.50
N GLY B 55 -35.36 9.89 -28.76
CA GLY B 55 -35.87 9.92 -30.12
C GLY B 55 -36.54 11.23 -30.47
N PHE B 56 -35.99 11.93 -31.45
CA PHE B 56 -36.54 13.19 -31.92
C PHE B 56 -37.07 13.01 -33.33
N HIS B 57 -38.38 13.23 -33.48
CA HIS B 57 -39.11 12.94 -34.70
C HIS B 57 -39.63 14.24 -35.26
N THR B 58 -39.25 14.57 -36.50
CA THR B 58 -39.90 15.68 -37.21
C THR B 58 -41.14 15.10 -37.88
N ILE B 59 -42.30 15.33 -37.27
CA ILE B 59 -43.58 15.05 -37.88
C ILE B 59 -44.22 16.41 -38.17
N ASN B 60 -45.34 16.39 -38.90
CA ASN B 60 -46.00 17.57 -39.51
C ASN B 60 -46.18 18.78 -38.59
N HIS B 61 -46.37 18.54 -37.30
CA HIS B 61 -46.42 19.62 -36.32
C HIS B 61 -45.12 19.79 -35.55
N THR B 62 -44.23 18.81 -35.59
CA THR B 62 -43.11 18.73 -34.67
C THR B 62 -41.80 19.10 -35.37
N PHE B 63 -41.05 20.04 -34.78
CA PHE B 63 -39.77 20.47 -35.31
C PHE B 63 -38.76 20.37 -34.18
N GLY B 64 -38.19 19.17 -34.01
CA GLY B 64 -37.34 18.86 -32.85
C GLY B 64 -35.90 19.27 -33.14
N ASN B 65 -35.49 20.41 -32.59
CA ASN B 65 -34.07 20.71 -32.37
C ASN B 65 -33.91 21.70 -31.24
N PRO B 66 -33.92 21.24 -29.99
CA PRO B 66 -33.58 22.10 -28.87
C PRO B 66 -32.07 22.12 -28.67
N VAL B 67 -31.65 22.95 -27.70
CA VAL B 67 -30.29 22.86 -27.21
C VAL B 67 -30.14 21.57 -26.42
N ILE B 68 -29.16 20.76 -26.79
CA ILE B 68 -28.94 19.45 -26.19
C ILE B 68 -27.53 19.43 -25.63
N PRO B 69 -27.32 18.94 -24.40
CA PRO B 69 -25.96 18.87 -23.87
C PRO B 69 -25.12 17.78 -24.53
N PHE B 70 -23.89 18.13 -24.85
CA PHE B 70 -22.95 17.24 -25.51
C PHE B 70 -22.17 16.39 -24.53
N LYS B 71 -22.20 16.75 -23.24
CA LYS B 71 -21.09 16.70 -22.27
C LYS B 71 -20.08 15.58 -22.45
N ASP B 72 -20.57 14.34 -22.47
CA ASP B 72 -19.69 13.19 -22.55
C ASP B 72 -19.12 12.99 -23.95
N GLY B 73 -19.79 13.51 -24.96
CA GLY B 73 -19.63 12.99 -26.30
C GLY B 73 -20.91 12.24 -26.60
N ILE B 74 -21.35 12.32 -27.84
CA ILE B 74 -22.67 11.81 -28.18
C ILE B 74 -22.56 10.76 -29.27
N TYR B 75 -23.57 9.90 -29.30
CA TYR B 75 -23.91 9.11 -30.46
C TYR B 75 -24.99 9.83 -31.24
N PHE B 76 -24.90 9.77 -32.56
CA PHE B 76 -25.95 10.30 -33.42
C PHE B 76 -26.38 9.24 -34.40
N ALA B 77 -27.69 9.14 -34.60
CA ALA B 77 -28.28 8.32 -35.65
C ALA B 77 -29.17 9.19 -36.53
N ALA B 78 -29.26 8.81 -37.81
CA ALA B 78 -30.05 9.57 -38.78
C ALA B 78 -30.82 8.59 -39.64
N THR B 79 -32.10 8.42 -39.35
CA THR B 79 -32.98 7.59 -40.17
C THR B 79 -33.58 8.50 -41.23
N GLU B 80 -33.06 8.44 -42.44
CA GLU B 80 -33.36 9.43 -43.45
C GLU B 80 -33.94 8.81 -44.71
N LYS B 81 -34.80 9.58 -45.37
CA LYS B 81 -35.21 9.31 -46.73
C LYS B 81 -35.14 10.55 -47.61
N SER B 82 -34.92 11.73 -47.04
CA SER B 82 -34.85 12.97 -47.82
C SER B 82 -33.72 13.89 -47.37
N ASN B 83 -32.77 13.37 -46.58
CA ASN B 83 -31.61 14.12 -46.06
C ASN B 83 -32.05 15.34 -45.25
N VAL B 84 -32.88 15.10 -44.24
CA VAL B 84 -33.48 16.20 -43.50
C VAL B 84 -32.48 16.83 -42.54
N VAL B 85 -31.86 16.01 -41.68
CA VAL B 85 -30.79 16.50 -40.84
C VAL B 85 -29.59 16.80 -41.73
N ARG B 86 -29.15 18.05 -41.74
CA ARG B 86 -28.06 18.45 -42.61
C ARG B 86 -26.87 19.06 -41.89
N GLY B 87 -27.00 19.42 -40.61
CA GLY B 87 -25.84 19.97 -39.96
C GLY B 87 -25.99 20.04 -38.46
N TRP B 88 -24.98 20.60 -37.82
CA TRP B 88 -24.95 20.80 -36.38
C TRP B 88 -24.22 22.09 -36.08
N VAL B 89 -24.56 22.68 -34.94
CA VAL B 89 -23.74 23.73 -34.34
C VAL B 89 -23.26 23.19 -33.00
N PHE B 90 -21.95 23.11 -32.83
CA PHE B 90 -21.37 22.64 -31.58
C PHE B 90 -20.79 23.83 -30.85
N GLY B 91 -21.24 24.06 -29.63
CA GLY B 91 -20.73 25.15 -28.84
C GLY B 91 -20.97 24.98 -27.36
N SER B 92 -20.81 26.07 -26.62
CA SER B 92 -21.09 26.07 -25.19
C SER B 92 -22.30 26.93 -24.85
N THR B 93 -22.28 28.22 -25.20
CA THR B 93 -23.41 29.09 -24.94
C THR B 93 -24.31 29.27 -26.14
N MET B 94 -23.88 28.76 -27.31
CA MET B 94 -24.64 28.76 -28.56
C MET B 94 -24.99 30.17 -29.02
N ASN B 95 -24.06 31.10 -28.85
CA ASN B 95 -24.21 32.47 -29.32
C ASN B 95 -22.86 32.97 -29.83
N ASN B 96 -22.78 34.28 -30.05
CA ASN B 96 -21.60 34.91 -30.62
C ASN B 96 -20.61 35.42 -29.57
N LYS B 97 -20.82 35.10 -28.30
CA LYS B 97 -19.85 35.44 -27.26
C LYS B 97 -19.05 34.23 -26.80
N SER B 98 -19.22 33.09 -27.47
CA SER B 98 -18.38 31.92 -27.28
C SER B 98 -18.15 31.27 -28.62
N GLN B 99 -16.97 30.70 -28.80
CA GLN B 99 -16.60 30.07 -30.06
C GLN B 99 -17.44 28.82 -30.30
N SER B 100 -18.00 28.73 -31.50
CA SER B 100 -18.77 27.55 -31.89
C SER B 100 -18.32 27.13 -33.28
N VAL B 101 -18.65 25.88 -33.63
CA VAL B 101 -18.26 25.29 -34.89
C VAL B 101 -19.49 24.68 -35.54
N ILE B 102 -19.63 24.90 -36.85
CA ILE B 102 -20.80 24.46 -37.59
C ILE B 102 -20.32 23.55 -38.71
N ILE B 103 -20.86 22.34 -38.74
CA ILE B 103 -20.50 21.36 -39.76
C ILE B 103 -21.79 20.95 -40.44
N ILE B 104 -21.98 21.41 -41.69
CA ILE B 104 -23.18 21.12 -42.45
C ILE B 104 -22.80 20.50 -43.78
N ASN B 105 -23.83 20.03 -44.47
CA ASN B 105 -23.78 19.78 -45.91
C ASN B 105 -24.88 20.61 -46.53
N ASN B 106 -24.50 21.59 -47.36
CA ASN B 106 -25.47 22.47 -48.01
C ASN B 106 -25.99 21.92 -49.33
N SER B 107 -25.91 20.59 -49.52
CA SER B 107 -26.22 19.81 -50.72
C SER B 107 -25.28 20.09 -51.88
N THR B 108 -24.29 20.96 -51.72
CA THR B 108 -23.21 21.15 -52.69
C THR B 108 -21.84 20.86 -52.09
N ASN B 109 -21.65 21.19 -50.82
CA ASN B 109 -20.37 21.10 -50.16
C ASN B 109 -20.59 20.73 -48.70
N VAL B 110 -19.60 20.08 -48.11
CA VAL B 110 -19.58 19.92 -46.66
C VAL B 110 -18.82 21.11 -46.09
N VAL B 111 -19.53 21.95 -45.34
CA VAL B 111 -19.00 23.21 -44.86
C VAL B 111 -18.67 23.06 -43.38
N ILE B 112 -17.41 23.29 -43.05
CA ILE B 112 -16.89 23.15 -41.69
C ILE B 112 -16.33 24.50 -41.30
N ARG B 113 -16.98 25.19 -40.38
CA ARG B 113 -16.59 26.57 -40.07
C ARG B 113 -16.67 26.78 -38.57
N ALA B 114 -15.65 27.43 -38.01
CA ALA B 114 -15.54 27.65 -36.57
C ALA B 114 -15.28 29.13 -36.32
N CYS B 115 -16.26 29.82 -35.75
CA CYS B 115 -16.22 31.27 -35.56
C CYS B 115 -16.91 31.61 -34.23
N ASN B 116 -17.12 32.91 -34.01
CA ASN B 116 -18.13 33.39 -33.07
C ASN B 116 -19.37 33.71 -33.91
N PHE B 117 -20.15 32.68 -34.20
CA PHE B 117 -21.33 32.84 -35.04
C PHE B 117 -22.44 33.52 -34.26
N GLU B 118 -23.09 34.48 -34.88
CA GLU B 118 -24.30 35.04 -34.30
C GLU B 118 -25.41 34.02 -34.59
N LEU B 119 -25.62 33.12 -33.63
CA LEU B 119 -26.52 32.00 -33.83
C LEU B 119 -27.97 32.45 -33.92
N CYS B 120 -28.62 32.08 -35.01
CA CYS B 120 -30.07 32.14 -35.05
C CYS B 120 -30.62 30.99 -34.24
N ASP B 121 -31.51 31.32 -33.29
CA ASP B 121 -32.00 30.32 -32.36
C ASP B 121 -32.98 29.32 -32.98
N ASN B 122 -33.33 29.50 -34.25
CA ASN B 122 -34.00 28.48 -35.04
C ASN B 122 -33.22 28.32 -36.34
N PRO B 123 -32.18 27.46 -36.35
CA PRO B 123 -31.40 27.27 -37.59
C PRO B 123 -31.99 26.22 -38.52
N PHE B 124 -32.20 26.58 -39.78
CA PHE B 124 -32.88 25.67 -40.70
C PHE B 124 -32.49 25.99 -42.14
N PHE B 125 -32.48 24.95 -42.95
CA PHE B 125 -32.62 25.07 -44.40
C PHE B 125 -34.08 24.91 -44.77
N ALA B 126 -34.49 25.60 -45.82
CA ALA B 126 -35.86 25.51 -46.29
C ALA B 126 -35.86 24.98 -47.72
N VAL B 127 -36.70 23.98 -47.97
CA VAL B 127 -36.84 23.35 -49.27
C VAL B 127 -38.25 23.57 -49.77
N SER B 128 -38.37 24.12 -50.97
CA SER B 128 -39.67 24.24 -51.61
C SER B 128 -40.20 22.86 -51.97
N LYS B 129 -41.39 22.53 -51.44
CA LYS B 129 -42.00 21.22 -51.67
C LYS B 129 -42.41 20.96 -53.12
N PRO B 130 -43.05 21.91 -53.89
CA PRO B 130 -43.31 21.59 -55.31
C PRO B 130 -42.08 21.67 -56.18
N MET B 131 -41.17 22.60 -55.89
CA MET B 131 -39.95 22.73 -56.70
C MET B 131 -39.00 21.58 -56.44
N GLY B 132 -38.79 21.22 -55.17
CA GLY B 132 -37.82 20.22 -54.82
C GLY B 132 -36.41 20.75 -54.63
N THR B 133 -36.26 22.05 -54.41
CA THR B 133 -34.96 22.69 -54.29
C THR B 133 -34.85 23.43 -52.95
N GLN B 134 -33.62 23.50 -52.42
CA GLN B 134 -33.36 24.28 -51.22
C GLN B 134 -33.47 25.77 -51.50
N THR B 135 -34.24 26.47 -50.68
CA THR B 135 -34.43 27.91 -50.83
C THR B 135 -33.56 28.73 -49.89
N HIS B 136 -33.54 28.37 -48.60
CA HIS B 136 -32.86 29.15 -47.58
C HIS B 136 -31.52 28.55 -47.22
N THR B 137 -30.57 29.42 -46.86
CA THR B 137 -29.42 29.08 -46.03
C THR B 137 -29.47 30.02 -44.83
N MET B 138 -30.29 29.66 -43.85
CA MET B 138 -30.59 30.51 -42.69
C MET B 138 -30.04 29.81 -41.45
N ILE B 139 -28.77 30.07 -41.15
CA ILE B 139 -28.09 29.41 -40.04
C ILE B 139 -27.60 30.45 -39.06
N PHE B 140 -26.71 31.31 -39.52
CA PHE B 140 -26.06 32.31 -38.69
C PHE B 140 -26.44 33.70 -39.17
N ASP B 141 -26.52 34.63 -38.23
CA ASP B 141 -26.75 36.02 -38.57
C ASP B 141 -25.46 36.71 -38.96
N ASN B 142 -24.38 36.44 -38.24
CA ASN B 142 -23.06 37.00 -38.53
C ASN B 142 -22.02 36.02 -38.00
N ALA B 143 -20.82 36.13 -38.55
CA ALA B 143 -19.70 35.30 -38.12
C ALA B 143 -18.45 36.16 -37.98
N PHE B 144 -17.72 35.96 -36.89
CA PHE B 144 -16.51 36.74 -36.65
C PHE B 144 -15.58 35.94 -35.75
N ASN B 145 -14.30 36.37 -35.75
CA ASN B 145 -13.18 35.65 -35.12
C ASN B 145 -13.13 34.19 -35.56
N CYS B 146 -13.16 34.01 -36.87
CA CYS B 146 -13.28 32.68 -37.45
C CYS B 146 -11.99 31.90 -37.29
N THR B 147 -12.04 30.83 -36.50
CA THR B 147 -10.85 30.08 -36.15
C THR B 147 -10.49 29.05 -37.21
N PHE B 148 -11.46 28.23 -37.62
CA PHE B 148 -11.21 27.24 -38.65
C PHE B 148 -12.28 27.30 -39.72
N GLU B 149 -11.87 27.14 -40.97
CA GLU B 149 -12.79 27.01 -42.09
C GLU B 149 -12.31 25.87 -42.98
N TYR B 150 -13.26 25.04 -43.42
CA TYR B 150 -12.98 24.11 -44.50
C TYR B 150 -14.27 23.86 -45.26
N ILE B 151 -14.13 23.74 -46.58
CA ILE B 151 -15.21 23.38 -47.48
C ILE B 151 -14.75 22.18 -48.28
N SER B 152 -15.62 21.17 -48.37
CA SER B 152 -15.28 19.95 -49.10
C SER B 152 -15.34 20.20 -50.61
N ASP B 153 -15.14 19.12 -51.36
CA ASP B 153 -15.27 19.21 -52.80
C ASP B 153 -16.74 19.34 -53.20
N ALA B 154 -16.97 19.82 -54.42
CA ALA B 154 -18.32 20.05 -54.90
C ALA B 154 -18.96 18.74 -55.32
N PHE B 155 -20.24 18.59 -54.97
CA PHE B 155 -21.03 17.44 -55.37
C PHE B 155 -22.49 17.86 -55.41
N SER B 156 -23.36 16.93 -55.77
CA SER B 156 -24.78 17.19 -55.90
C SER B 156 -25.55 16.17 -55.07
N LEU B 157 -26.29 16.65 -54.08
CA LEU B 157 -27.07 15.80 -53.18
C LEU B 157 -28.54 15.95 -53.51
N ASP B 158 -29.30 14.88 -53.28
CA ASP B 158 -30.74 14.92 -53.52
C ASP B 158 -31.41 15.75 -52.42
N VAL B 159 -32.19 16.74 -52.84
CA VAL B 159 -32.72 17.74 -51.92
C VAL B 159 -34.21 17.54 -51.64
N SER B 160 -34.98 17.06 -52.61
CA SER B 160 -36.44 17.02 -52.56
C SER B 160 -36.95 16.01 -51.54
N GLU B 161 -38.24 16.10 -51.26
CA GLU B 161 -38.91 15.18 -50.34
C GLU B 161 -39.27 13.86 -51.03
N LYS B 162 -38.76 12.76 -50.51
CA LYS B 162 -39.20 11.43 -50.90
C LYS B 162 -40.33 10.97 -50.00
N SER B 163 -40.88 9.80 -50.32
CA SER B 163 -41.89 9.17 -49.49
C SER B 163 -41.59 7.69 -49.38
N GLY B 164 -42.21 7.04 -48.39
CA GLY B 164 -42.01 5.64 -48.17
C GLY B 164 -41.10 5.34 -46.99
N ASN B 165 -40.27 4.31 -47.13
CA ASN B 165 -39.38 3.90 -46.05
C ASN B 165 -38.22 4.89 -45.89
N PHE B 166 -37.63 4.88 -44.71
CA PHE B 166 -36.37 5.58 -44.48
C PHE B 166 -35.24 4.77 -45.10
N LYS B 167 -34.73 5.25 -46.23
CA LYS B 167 -33.70 4.51 -46.96
C LYS B 167 -32.33 4.66 -46.32
N HIS B 168 -32.00 5.85 -45.83
CA HIS B 168 -30.65 6.18 -45.40
C HIS B 168 -30.53 6.09 -43.89
N LEU B 169 -29.52 5.36 -43.42
CA LEU B 169 -29.20 5.30 -42.00
C LEU B 169 -27.76 5.72 -41.80
N ARG B 170 -27.57 6.96 -41.37
CA ARG B 170 -26.26 7.51 -41.05
C ARG B 170 -26.07 7.50 -39.55
N GLU B 171 -24.96 6.91 -39.09
CA GLU B 171 -24.68 6.72 -37.68
C GLU B 171 -23.39 7.46 -37.34
N PHE B 172 -23.48 8.41 -36.42
CA PHE B 172 -22.40 9.36 -36.17
C PHE B 172 -22.06 9.39 -34.69
N VAL B 173 -20.78 9.63 -34.40
CA VAL B 173 -20.26 9.71 -33.04
C VAL B 173 -19.30 10.88 -32.98
N PHE B 174 -19.42 11.69 -31.94
CA PHE B 174 -18.59 12.87 -31.79
C PHE B 174 -17.99 12.91 -30.40
N LYS B 175 -16.68 13.16 -30.32
CA LYS B 175 -15.96 13.24 -29.05
C LYS B 175 -15.02 14.44 -29.10
N ASN B 176 -14.88 15.11 -27.96
CA ASN B 176 -13.82 16.10 -27.78
C ASN B 176 -12.76 15.50 -26.86
N LYS B 177 -11.53 15.48 -27.34
CA LYS B 177 -10.43 14.90 -26.59
C LYS B 177 -9.14 15.57 -27.02
N ASP B 178 -8.41 16.10 -26.04
CA ASP B 178 -7.13 16.82 -26.23
C ASP B 178 -7.28 17.97 -27.22
N GLY B 179 -8.40 18.67 -27.14
CA GLY B 179 -8.70 19.72 -28.08
C GLY B 179 -9.10 19.26 -29.46
N PHE B 180 -9.14 17.95 -29.71
CA PHE B 180 -9.54 17.41 -30.99
C PHE B 180 -11.02 17.04 -30.95
N LEU B 181 -11.74 17.48 -31.95
CA LEU B 181 -13.11 17.02 -32.15
C LEU B 181 -13.07 15.76 -33.01
N TYR B 182 -13.42 14.64 -32.41
CA TYR B 182 -13.42 13.37 -33.12
C TYR B 182 -14.71 13.24 -33.90
N VAL B 183 -14.61 12.84 -35.16
CA VAL B 183 -15.77 12.66 -36.03
C VAL B 183 -15.76 11.24 -36.56
N TYR B 184 -16.78 10.47 -36.24
CA TYR B 184 -16.90 9.09 -36.65
C TYR B 184 -18.10 8.92 -37.56
N LYS B 185 -17.89 8.23 -38.68
CA LYS B 185 -18.90 8.07 -39.72
C LYS B 185 -19.20 6.61 -39.97
N GLY B 186 -20.46 6.31 -40.21
CA GLY B 186 -20.85 5.04 -40.78
C GLY B 186 -22.18 5.17 -41.48
N TYR B 187 -22.46 4.22 -42.37
CA TYR B 187 -23.68 4.24 -43.14
C TYR B 187 -24.10 2.82 -43.49
N GLN B 188 -25.41 2.57 -43.42
CA GLN B 188 -26.01 1.38 -43.99
C GLN B 188 -27.39 1.77 -44.51
N PRO B 189 -27.90 1.06 -45.51
CA PRO B 189 -29.29 1.31 -45.93
C PRO B 189 -30.27 0.42 -45.18
N ILE B 190 -31.40 1.02 -44.80
CA ILE B 190 -32.46 0.33 -44.09
C ILE B 190 -33.79 0.65 -44.77
N ASP B 191 -34.86 0.11 -44.17
CA ASP B 191 -36.23 0.39 -44.64
C ASP B 191 -37.20 0.17 -43.46
N VAL B 192 -37.63 1.27 -42.84
CA VAL B 192 -38.52 1.21 -41.69
C VAL B 192 -39.20 2.58 -41.59
N VAL B 193 -40.33 2.62 -40.88
CA VAL B 193 -41.09 3.87 -40.75
C VAL B 193 -40.52 4.74 -39.63
N ARG B 194 -40.33 4.15 -38.45
CA ARG B 194 -39.72 4.85 -37.31
C ARG B 194 -38.84 3.85 -36.57
N ASP B 195 -38.39 4.27 -35.37
CA ASP B 195 -37.87 3.39 -34.33
C ASP B 195 -36.64 2.59 -34.78
N LEU B 196 -35.47 3.26 -34.81
CA LEU B 196 -34.14 2.75 -35.21
C LEU B 196 -33.90 1.30 -34.79
N PRO B 197 -33.72 0.41 -35.75
CA PRO B 197 -33.74 -1.02 -35.44
C PRO B 197 -32.44 -1.47 -34.82
N SER B 198 -32.49 -2.70 -34.32
CA SER B 198 -31.29 -3.36 -33.82
C SER B 198 -30.33 -3.64 -34.96
N GLY B 199 -29.05 -3.64 -34.64
CA GLY B 199 -28.05 -3.90 -35.66
C GLY B 199 -26.66 -3.67 -35.10
N PHE B 200 -25.70 -3.75 -36.01
CA PHE B 200 -24.29 -3.86 -35.62
C PHE B 200 -23.48 -3.27 -36.77
N ASN B 201 -23.02 -2.03 -36.61
CA ASN B 201 -22.33 -1.33 -37.68
C ASN B 201 -21.07 -0.69 -37.11
N THR B 202 -19.94 -0.96 -37.74
CA THR B 202 -18.66 -0.43 -37.30
C THR B 202 -18.45 0.94 -37.91
N LEU B 203 -18.24 1.94 -37.05
CA LEU B 203 -18.10 3.29 -37.53
C LEU B 203 -16.63 3.59 -37.82
N LYS B 204 -16.40 4.62 -38.62
CA LYS B 204 -15.06 4.86 -39.11
C LYS B 204 -14.63 6.29 -38.85
N PRO B 205 -13.37 6.50 -38.48
CA PRO B 205 -12.88 7.87 -38.27
C PRO B 205 -12.70 8.61 -39.58
N ILE B 206 -13.29 9.81 -39.65
CA ILE B 206 -13.13 10.60 -40.87
C ILE B 206 -12.50 11.94 -40.56
N PHE B 207 -12.69 12.46 -39.34
CA PHE B 207 -12.12 13.77 -39.00
C PHE B 207 -11.72 13.84 -37.54
N LYS B 208 -10.49 14.30 -37.32
CA LYS B 208 -9.92 14.54 -36.00
C LYS B 208 -9.49 16.00 -36.00
N LEU B 209 -10.22 16.83 -35.28
CA LEU B 209 -10.24 18.25 -35.59
C LEU B 209 -9.70 19.08 -34.43
N PRO B 210 -8.46 19.56 -34.50
CA PRO B 210 -7.95 20.41 -33.42
C PRO B 210 -8.57 21.80 -33.43
N LEU B 211 -9.77 21.89 -32.87
CA LEU B 211 -10.49 23.14 -32.77
C LEU B 211 -10.23 23.83 -31.44
N GLY B 212 -10.14 23.03 -30.37
CA GLY B 212 -9.72 23.54 -29.08
C GLY B 212 -10.67 24.51 -28.43
N ILE B 213 -11.96 24.36 -28.66
CA ILE B 213 -12.93 25.30 -28.12
C ILE B 213 -13.87 24.57 -27.16
N ASN B 214 -14.34 25.31 -26.16
CA ASN B 214 -15.26 24.79 -25.16
C ASN B 214 -16.60 24.50 -25.81
N ILE B 215 -16.96 23.22 -25.91
CA ILE B 215 -18.22 22.81 -26.49
C ILE B 215 -18.95 21.95 -25.48
N THR B 216 -20.06 22.46 -24.95
CA THR B 216 -20.89 21.70 -24.02
C THR B 216 -22.27 21.39 -24.57
N ASN B 217 -22.74 22.15 -25.55
CA ASN B 217 -24.09 22.00 -26.06
C ASN B 217 -24.04 21.85 -27.58
N PHE B 218 -25.18 21.46 -28.14
CA PHE B 218 -25.30 21.35 -29.58
C PHE B 218 -26.76 21.42 -29.98
N ARG B 219 -26.97 21.63 -31.26
CA ARG B 219 -28.28 21.58 -31.88
C ARG B 219 -28.11 21.11 -33.31
N ALA B 220 -28.89 20.11 -33.70
CA ALA B 220 -28.87 19.65 -35.08
C ALA B 220 -29.52 20.68 -35.98
N ILE B 221 -29.09 20.71 -37.23
CA ILE B 221 -29.61 21.66 -38.20
C ILE B 221 -30.50 20.88 -39.16
N LEU B 222 -31.80 21.15 -39.07
CA LEU B 222 -32.83 20.38 -39.74
C LEU B 222 -33.06 20.95 -41.15
N THR B 223 -34.15 20.53 -41.78
CA THR B 223 -34.54 21.05 -43.08
C THR B 223 -36.05 21.20 -43.12
N ALA B 224 -36.52 22.45 -43.18
CA ALA B 224 -37.94 22.72 -43.30
C ALA B 224 -38.41 22.44 -44.71
N PHE B 225 -39.61 21.91 -44.84
CA PHE B 225 -40.21 21.53 -46.12
C PHE B 225 -41.37 22.48 -46.40
N SER B 226 -41.10 23.52 -47.16
CA SER B 226 -42.10 24.56 -47.30
C SER B 226 -42.86 24.41 -48.61
N PRO B 227 -44.19 24.62 -48.60
CA PRO B 227 -45.00 24.59 -49.82
C PRO B 227 -44.93 25.90 -50.60
N ILE B 231 -44.67 29.90 -42.68
CA ILE B 231 -43.75 29.85 -43.81
C ILE B 231 -43.28 28.41 -44.02
N TRP B 232 -43.09 27.69 -42.91
CA TRP B 232 -42.36 26.44 -42.89
C TRP B 232 -43.31 25.25 -42.92
N GLY B 233 -42.70 24.07 -42.95
CA GLY B 233 -43.40 22.80 -42.86
C GLY B 233 -42.38 21.71 -42.77
N THR B 234 -42.86 20.51 -42.44
CA THR B 234 -41.98 19.35 -42.29
C THR B 234 -42.61 18.14 -42.97
N SER B 235 -41.82 17.07 -43.03
CA SER B 235 -42.33 15.74 -43.29
C SER B 235 -41.51 14.77 -42.45
N ALA B 236 -41.71 13.48 -42.66
CA ALA B 236 -41.27 12.47 -41.70
C ALA B 236 -39.76 12.28 -41.73
N ALA B 237 -39.12 12.56 -40.60
CA ALA B 237 -37.74 12.17 -40.36
C ALA B 237 -37.59 11.91 -38.87
N ALA B 238 -36.47 11.29 -38.52
CA ALA B 238 -36.18 10.97 -37.13
C ALA B 238 -34.68 10.94 -36.96
N TYR B 239 -34.21 11.43 -35.82
CA TYR B 239 -32.81 11.34 -35.49
C TYR B 239 -32.70 11.02 -34.02
N PHE B 240 -31.56 10.46 -33.63
CA PHE B 240 -31.46 9.82 -32.34
C PHE B 240 -30.15 10.20 -31.69
N VAL B 241 -30.19 10.42 -30.38
CA VAL B 241 -29.02 10.84 -29.63
C VAL B 241 -28.74 9.79 -28.57
N GLY B 242 -27.55 9.20 -28.63
CA GLY B 242 -27.06 8.30 -27.60
C GLY B 242 -25.94 8.97 -26.84
N TYR B 243 -25.88 8.69 -25.53
CA TYR B 243 -24.87 9.30 -24.67
C TYR B 243 -23.70 8.34 -24.52
N LEU B 244 -22.51 8.81 -24.84
CA LEU B 244 -21.32 8.00 -24.67
C LEU B 244 -20.98 7.85 -23.21
N LYS B 245 -20.43 6.69 -22.85
CA LYS B 245 -20.06 6.45 -21.47
C LYS B 245 -18.65 5.87 -21.41
N PRO B 246 -17.88 6.25 -20.39
CA PRO B 246 -16.57 5.62 -20.19
C PRO B 246 -16.71 4.20 -19.68
N THR B 247 -16.52 3.22 -20.55
CA THR B 247 -16.65 1.82 -20.18
C THR B 247 -15.53 1.02 -20.81
N THR B 248 -15.58 -0.29 -20.61
CA THR B 248 -14.61 -1.21 -21.19
C THR B 248 -15.29 -2.21 -22.11
N PHE B 249 -14.72 -2.39 -23.30
CA PHE B 249 -15.20 -3.33 -24.28
C PHE B 249 -14.15 -4.38 -24.58
N MET B 250 -14.56 -5.37 -25.37
CA MET B 250 -13.65 -6.35 -25.94
C MET B 250 -14.14 -6.61 -27.37
N LEU B 251 -13.50 -5.99 -28.34
CA LEU B 251 -13.85 -6.20 -29.73
C LEU B 251 -12.94 -7.26 -30.33
N LYS B 252 -13.33 -7.75 -31.51
CA LYS B 252 -12.59 -8.82 -32.16
C LYS B 252 -12.14 -8.38 -33.55
N TYR B 253 -10.85 -8.50 -33.80
CA TYR B 253 -10.30 -8.33 -35.13
C TYR B 253 -10.38 -9.65 -35.88
N ASP B 254 -10.66 -9.58 -37.17
CA ASP B 254 -10.67 -10.77 -38.01
C ASP B 254 -9.26 -11.03 -38.55
N GLU B 255 -9.16 -11.88 -39.57
CA GLU B 255 -7.88 -12.04 -40.25
C GLU B 255 -7.50 -10.81 -41.07
N ASN B 256 -8.48 -10.10 -41.62
CA ASN B 256 -8.18 -8.95 -42.47
C ASN B 256 -8.19 -7.63 -41.73
N GLY B 257 -8.21 -7.65 -40.40
CA GLY B 257 -8.19 -6.41 -39.64
C GLY B 257 -9.50 -5.67 -39.73
N THR B 258 -10.58 -6.34 -39.34
CA THR B 258 -11.91 -5.74 -39.40
C THR B 258 -12.66 -6.16 -38.15
N ILE B 259 -13.30 -5.18 -37.51
CA ILE B 259 -14.07 -5.44 -36.30
C ILE B 259 -15.30 -6.26 -36.67
N THR B 260 -15.35 -7.49 -36.17
CA THR B 260 -16.45 -8.39 -36.49
C THR B 260 -17.39 -8.65 -35.33
N ASP B 261 -16.90 -8.56 -34.09
CA ASP B 261 -17.76 -8.73 -32.93
C ASP B 261 -17.12 -8.01 -31.75
N ALA B 262 -17.98 -7.44 -30.91
CA ALA B 262 -17.56 -6.77 -29.70
C ALA B 262 -18.51 -7.15 -28.57
N VAL B 263 -18.15 -6.76 -27.35
CA VAL B 263 -18.96 -7.12 -26.19
C VAL B 263 -18.75 -6.07 -25.11
N ASP B 264 -19.86 -5.63 -24.50
CA ASP B 264 -19.77 -4.75 -23.35
C ASP B 264 -19.41 -5.57 -22.13
N CYS B 265 -18.49 -5.04 -21.33
CA CYS B 265 -18.05 -5.74 -20.14
C CYS B 265 -18.84 -5.34 -18.90
N SER B 266 -19.95 -4.62 -19.07
CA SER B 266 -20.64 -4.12 -17.90
C SER B 266 -22.16 -4.16 -18.02
N GLN B 267 -22.72 -4.96 -18.91
CA GLN B 267 -24.16 -5.04 -19.03
C GLN B 267 -24.77 -6.19 -18.26
N ASN B 268 -24.01 -7.25 -18.04
CA ASN B 268 -24.42 -8.39 -17.23
C ASN B 268 -23.17 -9.16 -16.83
N PRO B 269 -23.23 -9.93 -15.74
CA PRO B 269 -22.03 -10.69 -15.32
C PRO B 269 -21.60 -11.78 -16.30
N LEU B 270 -22.50 -12.23 -17.18
CA LEU B 270 -22.12 -13.17 -18.23
C LEU B 270 -21.06 -12.59 -19.14
N ALA B 271 -21.27 -11.36 -19.61
CA ALA B 271 -20.37 -10.80 -20.59
C ALA B 271 -19.06 -10.35 -19.97
N GLU B 272 -19.07 -9.99 -18.68
CA GLU B 272 -17.83 -9.61 -18.03
C GLU B 272 -16.92 -10.82 -17.86
N LEU B 273 -17.51 -12.01 -17.74
CA LEU B 273 -16.74 -13.24 -17.69
C LEU B 273 -15.96 -13.45 -18.98
N LYS B 274 -16.59 -13.19 -20.12
CA LYS B 274 -15.91 -13.30 -21.40
C LYS B 274 -14.82 -12.25 -21.52
N CYS B 275 -15.02 -11.08 -20.94
CA CYS B 275 -13.98 -10.07 -20.90
C CYS B 275 -12.81 -10.50 -20.02
N SER B 276 -13.10 -11.29 -18.98
CA SER B 276 -12.05 -11.71 -18.06
C SER B 276 -11.19 -12.83 -18.65
N VAL B 277 -11.83 -13.90 -19.10
CA VAL B 277 -11.09 -15.07 -19.60
C VAL B 277 -10.61 -14.85 -21.03
N LYS B 278 -11.08 -13.78 -21.69
CA LYS B 278 -10.66 -13.36 -23.02
C LYS B 278 -10.94 -14.45 -24.06
N SER B 279 -12.24 -14.73 -24.22
CA SER B 279 -12.75 -15.64 -25.24
C SER B 279 -14.26 -15.41 -25.36
N PHE B 280 -14.84 -15.96 -26.42
CA PHE B 280 -16.29 -15.95 -26.57
C PHE B 280 -16.94 -17.25 -26.10
N GLU B 281 -16.19 -18.32 -25.98
CA GLU B 281 -16.71 -19.60 -25.54
C GLU B 281 -15.99 -20.03 -24.28
N ILE B 282 -16.76 -20.27 -23.23
CA ILE B 282 -16.22 -20.73 -21.95
C ILE B 282 -17.07 -21.90 -21.50
N ASP B 283 -16.43 -22.98 -21.09
CA ASP B 283 -17.15 -24.17 -20.65
C ASP B 283 -17.65 -23.97 -19.22
N LYS B 284 -18.33 -24.99 -18.70
CA LYS B 284 -18.90 -24.88 -17.38
C LYS B 284 -17.81 -24.96 -16.31
N GLY B 285 -18.17 -24.51 -15.11
CA GLY B 285 -17.24 -24.51 -13.99
C GLY B 285 -17.36 -23.27 -13.14
N ILE B 286 -16.60 -23.20 -12.07
CA ILE B 286 -16.52 -22.01 -11.23
C ILE B 286 -15.48 -21.12 -11.88
N TYR B 287 -15.73 -19.82 -11.91
CA TYR B 287 -14.73 -18.92 -12.45
C TYR B 287 -14.63 -17.72 -11.55
N GLN B 288 -13.41 -17.38 -11.17
CA GLN B 288 -13.19 -16.25 -10.29
C GLN B 288 -13.21 -14.95 -11.08
N THR B 289 -13.96 -13.98 -10.59
CA THR B 289 -13.96 -12.64 -11.12
C THR B 289 -13.46 -11.69 -10.03
N SER B 290 -13.53 -10.39 -10.32
CA SER B 290 -12.93 -9.40 -9.43
C SER B 290 -13.72 -9.27 -8.14
N ASN B 291 -13.12 -8.59 -7.18
CA ASN B 291 -13.75 -8.42 -5.89
C ASN B 291 -14.79 -7.30 -5.94
N PHE B 292 -15.66 -7.27 -4.94
CA PHE B 292 -16.65 -6.22 -4.81
C PHE B 292 -16.39 -5.42 -3.56
N ARG B 293 -17.09 -4.28 -3.46
CA ARG B 293 -17.10 -3.49 -2.23
C ARG B 293 -18.32 -2.60 -2.23
N VAL B 294 -19.04 -2.58 -1.12
CA VAL B 294 -20.23 -1.73 -0.99
C VAL B 294 -19.81 -0.34 -0.57
N VAL B 295 -20.22 0.65 -1.35
CA VAL B 295 -19.89 2.06 -1.09
C VAL B 295 -20.71 2.55 0.10
N PRO B 296 -20.14 3.31 1.04
CA PRO B 296 -20.93 3.85 2.14
C PRO B 296 -21.89 4.92 1.69
N SER B 297 -22.86 5.21 2.57
CA SER B 297 -23.91 6.19 2.31
C SER B 297 -24.25 6.92 3.61
N GLY B 298 -23.77 8.14 3.74
CA GLY B 298 -24.03 8.94 4.93
C GLY B 298 -22.77 9.32 5.68
N ASP B 299 -22.84 10.32 6.54
CA ASP B 299 -21.69 10.82 7.29
C ASP B 299 -22.04 10.95 8.77
N VAL B 300 -21.06 10.71 9.62
CA VAL B 300 -21.16 10.86 11.07
C VAL B 300 -19.91 11.57 11.54
N VAL B 301 -20.06 12.77 12.09
CA VAL B 301 -18.96 13.53 12.66
C VAL B 301 -19.42 14.09 14.00
N ARG B 302 -18.84 13.62 15.09
CA ARG B 302 -19.25 14.07 16.41
C ARG B 302 -18.04 14.47 17.24
N PHE B 303 -18.25 15.45 18.12
CA PHE B 303 -17.28 16.00 19.04
C PHE B 303 -17.88 15.99 20.45
N PRO B 304 -17.09 16.18 21.52
CA PRO B 304 -17.69 16.24 22.86
C PRO B 304 -18.45 17.52 23.15
N ASN B 305 -18.86 17.70 24.41
CA ASN B 305 -19.80 18.73 24.80
C ASN B 305 -19.18 20.12 24.86
N ILE B 306 -19.92 21.00 25.54
CA ILE B 306 -19.80 22.46 25.63
C ILE B 306 -18.37 22.95 25.78
N THR B 307 -17.98 23.85 24.90
CA THR B 307 -16.61 24.33 24.79
C THR B 307 -16.43 25.56 25.67
N ASN B 308 -15.34 26.31 25.47
CA ASN B 308 -15.02 27.49 26.26
C ASN B 308 -16.03 28.60 25.98
N LEU B 309 -16.94 28.83 26.93
CA LEU B 309 -17.83 29.97 26.83
C LEU B 309 -17.04 31.26 26.99
N CYS B 310 -17.35 32.22 26.19
CA CYS B 310 -16.50 33.39 26.13
C CYS B 310 -16.99 34.51 27.03
N PRO B 311 -16.08 35.36 27.55
CA PRO B 311 -16.52 36.48 28.38
C PRO B 311 -17.25 37.54 27.60
N PHE B 312 -18.49 37.23 27.21
CA PHE B 312 -19.34 38.18 26.52
C PHE B 312 -20.36 38.81 27.44
N GLY B 313 -20.56 38.24 28.62
CA GLY B 313 -21.24 38.92 29.72
C GLY B 313 -20.48 40.09 30.30
N GLU B 314 -19.28 40.39 29.81
CA GLU B 314 -18.58 41.63 30.05
C GLU B 314 -18.59 42.55 28.85
N VAL B 315 -18.79 42.01 27.65
CA VAL B 315 -18.77 42.83 26.45
C VAL B 315 -20.07 43.64 26.35
N PHE B 316 -21.20 42.95 26.22
CA PHE B 316 -22.48 43.61 26.03
C PHE B 316 -23.33 43.63 27.28
N ASN B 317 -22.76 43.27 28.43
CA ASN B 317 -23.53 43.25 29.66
C ASN B 317 -22.83 44.03 30.77
N ALA B 318 -21.84 44.86 30.42
CA ALA B 318 -21.22 45.71 31.42
C ALA B 318 -22.04 46.98 31.61
N THR B 319 -21.78 47.66 32.72
CA THR B 319 -22.53 48.86 33.09
C THR B 319 -21.85 50.14 32.65
N LYS B 320 -20.54 50.26 32.88
CA LYS B 320 -19.83 51.51 32.65
C LYS B 320 -18.82 51.32 31.53
N PHE B 321 -18.96 52.11 30.47
CA PHE B 321 -17.85 52.19 29.53
C PHE B 321 -17.15 53.52 29.66
N PRO B 322 -15.83 53.57 29.54
CA PRO B 322 -15.14 54.86 29.56
C PRO B 322 -15.23 55.58 28.22
N SER B 323 -14.50 56.69 28.09
CA SER B 323 -14.57 57.54 26.92
C SER B 323 -13.84 56.92 25.74
N VAL B 324 -13.75 57.67 24.64
CA VAL B 324 -13.18 57.14 23.42
C VAL B 324 -11.67 57.32 23.41
N TYR B 325 -11.17 58.42 23.97
CA TYR B 325 -9.73 58.56 24.16
C TYR B 325 -9.20 57.60 25.22
N ALA B 326 -10.07 57.13 26.12
CA ALA B 326 -9.73 56.17 27.16
C ALA B 326 -10.35 54.81 26.86
N TRP B 327 -10.28 54.40 25.59
CA TRP B 327 -10.91 53.18 25.11
C TRP B 327 -10.29 51.93 25.76
N GLU B 328 -11.15 50.96 26.06
CA GLU B 328 -10.75 49.69 26.64
C GLU B 328 -10.14 48.78 25.59
N ARG B 329 -9.35 47.81 26.04
CA ARG B 329 -8.71 46.85 25.15
C ARG B 329 -8.74 45.49 25.84
N LYS B 330 -9.68 44.65 25.46
CA LYS B 330 -9.98 43.41 26.16
C LYS B 330 -9.26 42.24 25.49
N LYS B 331 -8.51 41.49 26.29
CA LYS B 331 -7.80 40.32 25.79
C LYS B 331 -8.69 39.09 25.90
N ILE B 332 -8.92 38.41 24.78
CA ILE B 332 -9.76 37.22 24.72
C ILE B 332 -8.91 36.10 24.13
N SER B 333 -8.54 35.12 24.95
CA SER B 333 -7.70 34.02 24.53
C SER B 333 -8.42 32.70 24.69
N ASN B 334 -7.99 31.72 23.88
CA ASN B 334 -8.34 30.29 23.83
C ASN B 334 -9.80 29.97 24.09
N CYS B 335 -10.70 30.82 23.61
CA CYS B 335 -12.10 30.76 23.99
C CYS B 335 -12.93 30.50 22.76
N VAL B 336 -13.67 29.39 22.77
CA VAL B 336 -14.40 28.97 21.58
C VAL B 336 -15.67 29.82 21.50
N ALA B 337 -15.61 30.90 20.72
CA ALA B 337 -16.72 31.81 20.57
C ALA B 337 -17.68 31.32 19.49
N ASP B 338 -18.78 32.02 19.34
CA ASP B 338 -19.73 31.61 18.32
C ASP B 338 -20.13 32.74 17.39
N TYR B 339 -20.26 33.96 17.91
CA TYR B 339 -20.85 35.18 17.35
C TYR B 339 -22.36 35.10 17.18
N SER B 340 -22.98 33.95 17.46
CA SER B 340 -24.39 33.80 17.16
C SER B 340 -25.27 34.55 18.15
N VAL B 341 -24.74 34.91 19.31
CA VAL B 341 -25.51 35.74 20.23
C VAL B 341 -25.54 37.18 19.73
N LEU B 342 -24.50 37.60 19.00
CA LEU B 342 -24.44 38.95 18.46
C LEU B 342 -24.85 39.05 17.00
N TYR B 343 -24.60 38.00 16.20
CA TYR B 343 -24.99 38.02 14.80
C TYR B 343 -26.51 37.96 14.66
N ASN B 344 -27.15 37.10 15.45
CA ASN B 344 -28.61 36.97 15.42
C ASN B 344 -29.21 37.84 16.52
N SER B 345 -29.09 39.14 16.32
CA SER B 345 -29.48 40.09 17.36
C SER B 345 -30.16 41.29 16.75
N THR B 346 -31.41 41.52 17.12
CA THR B 346 -32.11 42.77 16.80
C THR B 346 -31.94 43.75 17.96
N PHE B 347 -30.70 43.92 18.38
CA PHE B 347 -30.38 44.79 19.51
C PHE B 347 -29.20 45.69 19.24
N PHE B 348 -28.33 45.35 18.29
CA PHE B 348 -27.21 46.19 17.94
C PHE B 348 -27.49 46.85 16.61
N SER B 349 -26.99 48.07 16.45
CA SER B 349 -27.37 48.93 15.35
C SER B 349 -26.35 48.98 14.22
N THR B 350 -25.09 48.69 14.49
CA THR B 350 -24.05 48.97 13.50
C THR B 350 -23.76 47.74 12.64
N PHE B 351 -23.20 46.69 13.24
CA PHE B 351 -22.73 45.46 12.59
C PHE B 351 -21.90 45.77 11.33
N LYS B 352 -20.74 46.36 11.56
CA LYS B 352 -19.84 46.68 10.45
C LYS B 352 -18.55 45.91 10.62
N CYS B 353 -18.40 44.83 9.85
CA CYS B 353 -17.22 44.00 9.86
C CYS B 353 -16.35 44.30 8.65
N TYR B 354 -15.05 44.44 8.88
CA TYR B 354 -14.16 45.03 7.90
C TYR B 354 -13.16 44.02 7.35
N ALA B 358 -20.99 38.50 7.61
CA ALA B 358 -21.88 37.34 7.64
C ALA B 358 -21.08 36.05 7.65
N THR B 359 -20.06 35.99 6.82
CA THR B 359 -19.19 34.83 6.77
C THR B 359 -18.31 34.73 8.01
N LYS B 360 -18.07 35.84 8.70
CA LYS B 360 -17.26 35.86 9.90
C LYS B 360 -17.91 35.16 11.08
N LEU B 361 -19.22 34.87 10.99
CA LEU B 361 -19.91 34.07 12.01
C LEU B 361 -19.25 32.71 12.20
N ASN B 362 -18.82 32.08 11.12
CA ASN B 362 -18.14 30.79 11.18
C ASN B 362 -16.68 30.88 10.78
N ASP B 363 -16.23 32.00 10.22
CA ASP B 363 -14.82 32.16 9.87
C ASP B 363 -13.94 32.28 11.11
N LEU B 364 -14.52 32.57 12.27
CA LEU B 364 -13.74 32.78 13.48
C LEU B 364 -13.18 31.46 13.99
N CYS B 365 -11.93 31.18 13.63
CA CYS B 365 -11.10 30.22 14.35
C CYS B 365 -9.68 30.79 14.47
N PHE B 366 -9.60 32.11 14.61
CA PHE B 366 -8.37 32.89 14.55
C PHE B 366 -7.69 32.82 15.91
N SER B 367 -6.62 33.59 16.10
CA SER B 367 -5.99 33.82 17.40
C SER B 367 -6.80 34.82 18.21
N ASN B 368 -6.15 35.42 19.21
CA ASN B 368 -6.78 36.29 20.20
C ASN B 368 -7.54 37.46 19.56
N VAL B 369 -8.60 37.88 20.23
CA VAL B 369 -9.49 38.92 19.71
C VAL B 369 -9.52 40.05 20.72
N TYR B 370 -9.30 41.28 20.23
CA TYR B 370 -9.40 42.47 21.07
C TYR B 370 -10.80 43.04 20.99
N ALA B 371 -11.34 43.44 22.14
CA ALA B 371 -12.64 44.06 22.22
C ALA B 371 -12.47 45.47 22.77
N ASP B 372 -12.85 46.47 21.98
CA ASP B 372 -12.72 47.87 22.35
C ASP B 372 -14.10 48.42 22.66
N SER B 373 -14.34 48.73 23.94
CA SER B 373 -15.64 49.19 24.39
C SER B 373 -15.54 50.64 24.85
N PHE B 374 -16.45 51.48 24.35
CA PHE B 374 -16.44 52.92 24.57
C PHE B 374 -17.77 53.48 24.09
N VAL B 375 -18.01 54.75 24.43
CA VAL B 375 -19.29 55.41 24.22
C VAL B 375 -19.08 56.67 23.39
N VAL B 376 -19.80 56.77 22.27
CA VAL B 376 -19.65 57.88 21.34
C VAL B 376 -20.95 58.65 21.23
N LYS B 377 -20.86 59.81 20.58
CA LYS B 377 -22.04 60.54 20.14
C LYS B 377 -22.61 59.88 18.88
N GLY B 378 -23.94 59.90 18.77
CA GLY B 378 -24.62 59.23 17.67
C GLY B 378 -24.33 59.80 16.30
N ASP B 379 -23.84 61.03 16.22
CA ASP B 379 -23.38 61.57 14.95
C ASP B 379 -21.89 61.39 14.74
N ASP B 380 -21.14 61.04 15.77
CA ASP B 380 -19.73 60.74 15.64
C ASP B 380 -19.45 59.38 15.03
N VAL B 381 -20.50 58.57 14.80
CA VAL B 381 -20.38 57.16 14.44
C VAL B 381 -19.69 56.99 13.09
N ARG B 382 -19.83 57.99 12.20
CA ARG B 382 -19.16 57.95 10.90
C ARG B 382 -17.64 57.91 11.04
N GLN B 383 -17.10 58.66 11.99
CA GLN B 383 -15.66 58.73 12.12
C GLN B 383 -15.06 57.49 12.79
N ILE B 384 -15.87 56.56 13.30
CA ILE B 384 -15.38 55.26 13.72
C ILE B 384 -15.43 54.38 12.47
N ALA B 385 -14.35 54.45 11.70
CA ALA B 385 -14.11 53.71 10.47
C ALA B 385 -12.64 53.93 10.10
N PRO B 386 -12.06 53.11 9.20
CA PRO B 386 -10.70 53.41 8.72
C PRO B 386 -10.64 54.74 7.96
N GLY B 387 -9.49 55.39 8.07
CA GLY B 387 -9.36 56.74 7.55
C GLY B 387 -10.01 57.76 8.47
N GLN B 388 -11.07 58.40 7.98
CA GLN B 388 -11.96 59.29 8.76
C GLN B 388 -11.22 60.48 9.36
N THR B 389 -10.80 61.38 8.47
CA THR B 389 -10.01 62.54 8.86
C THR B 389 -10.82 63.56 9.66
N GLY B 390 -11.21 63.17 10.89
CA GLY B 390 -12.03 64.00 11.74
C GLY B 390 -11.75 63.70 13.20
N VAL B 391 -12.38 64.51 14.06
CA VAL B 391 -12.00 64.70 15.46
C VAL B 391 -11.95 63.38 16.24
N ILE B 392 -12.89 62.48 15.97
CA ILE B 392 -12.95 61.21 16.70
C ILE B 392 -11.81 60.30 16.27
N ALA B 393 -11.63 60.11 14.97
CA ALA B 393 -10.56 59.24 14.54
C ALA B 393 -9.20 59.93 14.54
N ASP B 394 -9.15 61.26 14.50
CA ASP B 394 -7.85 61.91 14.57
C ASP B 394 -7.32 61.95 15.99
N TYR B 395 -8.19 62.19 16.96
CA TYR B 395 -7.76 62.57 18.31
C TYR B 395 -8.26 61.64 19.41
N ASN B 396 -9.34 60.90 19.19
CA ASN B 396 -9.88 60.02 20.22
C ASN B 396 -9.54 58.55 19.99
N TYR B 397 -9.78 58.02 18.80
CA TYR B 397 -9.41 56.64 18.50
C TYR B 397 -9.22 56.47 17.00
N LYS B 398 -7.97 56.31 16.57
CA LYS B 398 -7.67 56.00 15.19
C LYS B 398 -7.67 54.49 14.98
N LEU B 399 -8.22 54.07 13.85
CA LEU B 399 -8.44 52.68 13.48
C LEU B 399 -7.49 52.31 12.34
N PRO B 400 -7.04 51.06 12.26
CA PRO B 400 -6.21 50.64 11.13
C PRO B 400 -7.00 50.61 9.82
N ASP B 401 -6.23 50.58 8.73
CA ASP B 401 -6.78 50.77 7.40
C ASP B 401 -6.73 49.53 6.52
N ASP B 402 -5.99 48.49 6.92
CA ASP B 402 -5.78 47.34 6.07
C ASP B 402 -6.47 46.07 6.58
N PHE B 403 -6.18 45.65 7.81
CA PHE B 403 -6.87 44.52 8.41
C PHE B 403 -7.65 44.99 9.63
N MET B 404 -8.89 44.53 9.74
CA MET B 404 -9.77 44.94 10.82
C MET B 404 -10.85 43.88 10.98
N GLY B 405 -11.35 43.76 12.20
CA GLY B 405 -12.43 42.83 12.46
C GLY B 405 -13.78 43.51 12.32
N CYS B 406 -14.48 43.72 13.43
CA CYS B 406 -15.86 44.19 13.37
C CYS B 406 -16.06 45.42 14.26
N VAL B 407 -17.11 46.17 13.93
CA VAL B 407 -17.52 47.36 14.67
C VAL B 407 -19.02 47.26 14.90
N LEU B 408 -19.43 47.29 16.18
CA LEU B 408 -20.84 47.20 16.52
C LEU B 408 -21.17 48.22 17.61
N ALA B 409 -22.39 48.76 17.53
CA ALA B 409 -22.86 49.75 18.49
C ALA B 409 -24.38 49.73 18.50
N TRP B 410 -24.95 50.49 19.44
CA TRP B 410 -26.38 50.42 19.76
C TRP B 410 -26.74 51.55 20.71
N ASN B 411 -28.02 51.92 20.72
CA ASN B 411 -28.48 53.12 21.41
C ASN B 411 -28.52 52.89 22.92
N THR B 412 -27.84 53.76 23.65
CA THR B 412 -27.75 53.69 25.11
C THR B 412 -28.06 55.03 25.74
N ARG B 413 -29.05 55.75 25.19
CA ARG B 413 -29.47 57.01 25.80
C ARG B 413 -30.14 56.78 27.14
N ASN B 414 -30.84 55.65 27.28
CA ASN B 414 -31.50 55.34 28.55
C ASN B 414 -30.50 55.01 29.66
N ILE B 415 -29.28 54.60 29.30
CA ILE B 415 -28.29 54.26 30.30
C ILE B 415 -27.26 55.37 30.43
N ASP B 416 -26.58 55.70 29.32
CA ASP B 416 -25.39 56.53 29.38
C ASP B 416 -25.69 58.02 29.21
N ALA B 417 -26.95 58.42 29.07
CA ALA B 417 -27.32 59.82 29.10
C ALA B 417 -28.19 60.08 30.31
N THR B 418 -27.95 61.20 30.98
CA THR B 418 -28.68 61.56 32.18
C THR B 418 -29.55 62.77 31.87
N SER B 419 -30.81 62.71 32.31
CA SER B 419 -31.79 63.76 32.01
C SER B 419 -31.36 65.11 32.57
N THR B 420 -30.79 65.12 33.77
CA THR B 420 -30.20 66.35 34.30
C THR B 420 -28.79 66.59 33.79
N GLY B 421 -28.16 65.59 33.16
CA GLY B 421 -26.88 65.81 32.54
C GLY B 421 -25.83 64.75 32.78
N ASN B 422 -25.29 64.21 31.69
CA ASN B 422 -24.09 63.38 31.74
C ASN B 422 -22.96 64.21 31.17
N TYR B 423 -22.22 64.87 32.05
CA TYR B 423 -21.05 65.65 31.66
C TYR B 423 -19.78 64.89 31.96
N ASN B 424 -19.89 63.62 32.32
CA ASN B 424 -18.75 62.84 32.78
C ASN B 424 -17.84 62.44 31.63
N TYR B 425 -18.44 61.98 30.54
CA TYR B 425 -17.66 61.50 29.40
C TYR B 425 -17.08 62.66 28.62
N LYS B 426 -15.81 62.53 28.25
CA LYS B 426 -15.10 63.58 27.52
C LYS B 426 -14.56 63.01 26.22
N TYR B 427 -13.99 63.88 25.40
CA TYR B 427 -13.39 63.45 24.13
C TYR B 427 -12.37 64.47 23.68
N ARG B 428 -11.27 63.98 23.11
CA ARG B 428 -10.21 64.86 22.65
C ARG B 428 -10.59 65.51 21.33
N TYR B 429 -10.43 66.84 21.29
CA TYR B 429 -10.72 67.61 20.09
C TYR B 429 -9.58 68.55 19.72
N LEU B 430 -8.46 68.51 20.45
CA LEU B 430 -7.29 69.33 20.18
C LEU B 430 -6.05 68.52 20.54
N ARG B 431 -5.17 68.29 19.57
CA ARG B 431 -3.91 67.61 19.82
C ARG B 431 -2.92 67.93 18.71
N HIS B 432 -1.67 68.16 19.10
CA HIS B 432 -0.58 68.39 18.14
C HIS B 432 -0.15 67.05 17.56
N GLY B 433 -0.79 66.68 16.46
CA GLY B 433 -0.51 65.40 15.84
C GLY B 433 -1.66 64.43 15.93
N LYS B 434 -2.10 63.92 14.78
CA LYS B 434 -3.21 62.98 14.76
C LYS B 434 -2.76 61.63 15.30
N LEU B 435 -3.73 60.85 15.77
CA LEU B 435 -3.43 59.54 16.31
C LEU B 435 -3.12 58.54 15.19
N ARG B 436 -2.25 57.60 15.49
CA ARG B 436 -2.06 56.42 14.70
C ARG B 436 -3.04 55.34 15.18
N PRO B 437 -3.25 54.26 14.42
CA PRO B 437 -4.04 53.15 14.96
C PRO B 437 -3.38 52.51 16.16
N PHE B 438 -4.22 51.95 17.05
CA PHE B 438 -3.92 51.39 18.37
C PHE B 438 -3.44 52.42 19.38
N GLU B 439 -3.44 53.70 19.06
CA GLU B 439 -2.86 54.72 19.92
C GLU B 439 -3.93 55.31 20.84
N ARG B 440 -3.54 55.56 22.09
CA ARG B 440 -4.45 55.94 23.15
C ARG B 440 -3.84 57.11 23.91
N ASP B 441 -4.58 58.21 24.03
CA ASP B 441 -4.04 59.41 24.66
C ASP B 441 -4.98 59.84 25.80
N ILE B 442 -4.40 60.02 26.99
CA ILE B 442 -5.12 60.46 28.17
C ILE B 442 -4.62 61.83 28.63
N SER B 443 -3.77 62.48 27.82
CA SER B 443 -3.13 63.73 28.21
C SER B 443 -4.16 64.88 28.25
N ASN B 444 -4.36 65.43 29.44
CA ASN B 444 -5.23 66.58 29.65
C ASN B 444 -4.39 67.87 29.70
N VAL B 445 -3.73 68.13 28.58
CA VAL B 445 -2.72 69.18 28.47
C VAL B 445 -3.38 70.44 27.93
N PRO B 446 -3.16 71.61 28.55
CA PRO B 446 -3.75 72.86 28.02
C PRO B 446 -3.22 73.21 26.64
N PHE B 447 -4.13 73.25 25.67
CA PHE B 447 -3.76 73.35 24.27
C PHE B 447 -3.34 74.76 23.91
N SER B 448 -2.15 74.88 23.33
CA SER B 448 -1.69 76.12 22.70
C SER B 448 -1.23 75.76 21.30
N PRO B 449 -1.92 76.23 20.25
CA PRO B 449 -1.59 75.80 18.88
C PRO B 449 -0.25 76.29 18.35
N ASP B 450 0.43 77.20 19.05
CA ASP B 450 1.69 77.76 18.58
C ASP B 450 2.91 77.10 19.19
N GLY B 451 2.75 75.95 19.86
CA GLY B 451 3.88 75.24 20.43
C GLY B 451 4.46 75.86 21.67
N LYS B 452 3.88 76.92 22.20
CA LYS B 452 4.32 77.69 23.34
C LYS B 452 3.71 77.11 24.62
N PRO B 453 4.31 77.35 25.79
CA PRO B 453 3.67 76.92 27.03
C PRO B 453 2.37 77.66 27.29
N CYS B 454 1.50 77.01 28.05
CA CYS B 454 0.09 77.39 28.11
C CYS B 454 -0.38 77.24 29.55
N THR B 455 -0.81 78.35 30.14
CA THR B 455 -1.35 78.37 31.49
C THR B 455 -2.73 79.02 31.42
N PRO B 456 -3.81 78.24 31.48
CA PRO B 456 -5.16 78.80 31.37
C PRO B 456 -5.53 79.59 32.60
N PRO B 457 -6.51 80.51 32.52
CA PRO B 457 -7.34 80.94 31.38
C PRO B 457 -6.74 82.07 30.55
N ALA B 458 -5.46 81.99 30.22
CA ALA B 458 -4.82 83.02 29.41
C ALA B 458 -5.19 82.83 27.94
N LEU B 459 -4.56 83.65 27.10
CA LEU B 459 -4.85 83.67 25.67
C LEU B 459 -4.41 82.38 25.01
N ASN B 460 -5.30 81.83 24.16
CA ASN B 460 -5.10 80.61 23.38
C ASN B 460 -4.75 79.41 24.27
N CYS B 461 -5.37 79.35 25.45
CA CYS B 461 -5.22 78.24 26.38
C CYS B 461 -6.58 77.59 26.62
N TYR B 462 -6.76 76.40 26.08
CA TYR B 462 -8.03 75.70 26.15
C TYR B 462 -7.79 74.29 26.68
N TRP B 463 -8.86 73.65 27.11
CA TRP B 463 -8.72 72.28 27.59
C TRP B 463 -9.05 71.30 26.47
N PRO B 464 -8.32 70.19 26.35
CA PRO B 464 -8.48 69.33 25.17
C PRO B 464 -9.69 68.40 25.23
N LEU B 465 -10.52 68.48 26.26
CA LEU B 465 -11.59 67.51 26.44
C LEU B 465 -12.91 68.25 26.64
N ASN B 466 -13.76 68.24 25.62
CA ASN B 466 -15.14 68.69 25.77
C ASN B 466 -15.96 67.61 26.44
N ASP B 467 -16.83 68.01 27.37
CA ASP B 467 -17.83 67.10 27.89
C ASP B 467 -18.81 66.72 26.80
N TYR B 468 -19.41 65.53 26.92
CA TYR B 468 -20.44 65.14 25.95
C TYR B 468 -21.67 66.01 26.10
N GLY B 469 -22.23 66.07 27.30
CA GLY B 469 -23.47 66.80 27.49
C GLY B 469 -24.63 66.07 26.85
N PHE B 470 -24.98 64.91 27.39
CA PHE B 470 -26.05 64.10 26.82
C PHE B 470 -27.22 64.08 27.80
N TYR B 471 -28.35 64.63 27.36
CA TYR B 471 -29.57 64.53 28.13
C TYR B 471 -30.46 63.49 27.48
N THR B 472 -31.58 63.18 28.15
CA THR B 472 -32.56 62.31 27.54
C THR B 472 -33.41 63.02 26.49
N THR B 473 -33.23 64.32 26.32
CA THR B 473 -34.04 65.14 25.43
C THR B 473 -33.32 65.49 24.13
N THR B 474 -32.05 65.12 23.98
CA THR B 474 -31.26 65.54 22.83
C THR B 474 -31.71 64.82 21.56
N GLY B 475 -31.11 65.22 20.44
CA GLY B 475 -31.44 64.62 19.16
C GLY B 475 -30.92 63.20 19.03
N ILE B 476 -31.30 62.56 17.92
CA ILE B 476 -30.88 61.19 17.65
C ILE B 476 -29.36 61.08 17.58
N GLY B 477 -28.78 61.62 16.52
CA GLY B 477 -27.35 61.58 16.33
C GLY B 477 -26.60 62.32 17.42
N TYR B 478 -27.24 62.47 18.58
CA TYR B 478 -26.63 63.16 19.71
C TYR B 478 -26.89 62.41 21.01
N GLN B 479 -26.75 61.08 21.00
CA GLN B 479 -26.98 60.27 22.21
C GLN B 479 -25.75 59.43 22.54
N PRO B 480 -25.78 58.61 23.60
CA PRO B 480 -24.58 57.83 23.87
C PRO B 480 -24.70 56.40 23.36
N TYR B 481 -23.86 56.03 22.40
CA TYR B 481 -23.88 54.69 21.83
C TYR B 481 -22.72 53.89 22.41
N ARG B 482 -23.02 52.81 23.11
CA ARG B 482 -21.98 51.85 23.50
C ARG B 482 -21.43 51.15 22.26
N VAL B 483 -20.19 51.47 21.91
CA VAL B 483 -19.56 50.93 20.72
C VAL B 483 -18.64 49.79 21.14
N VAL B 484 -18.80 48.64 20.50
CA VAL B 484 -17.89 47.52 20.68
C VAL B 484 -17.13 47.33 19.38
N VAL B 485 -15.83 47.59 19.43
CA VAL B 485 -14.95 47.45 18.28
C VAL B 485 -14.08 46.22 18.48
N LEU B 486 -14.13 45.31 17.51
CA LEU B 486 -13.52 44.00 17.64
C LEU B 486 -12.30 43.92 16.73
N SER B 487 -11.13 43.76 17.34
CA SER B 487 -9.87 43.65 16.61
C SER B 487 -9.37 42.21 16.69
N PHE B 488 -8.80 41.73 15.60
CA PHE B 488 -8.40 40.32 15.47
C PHE B 488 -6.88 40.27 15.45
N GLU B 489 -6.28 39.71 16.51
CA GLU B 489 -4.82 39.68 16.60
C GLU B 489 -4.33 38.59 17.54
N THR B 496 -6.25 32.22 20.58
CA THR B 496 -6.56 31.00 19.85
C THR B 496 -8.04 30.63 20.02
N VAL B 497 -8.91 31.50 19.54
CA VAL B 497 -10.35 31.27 19.61
C VAL B 497 -10.76 30.33 18.47
N CYS B 498 -11.97 29.77 18.59
CA CYS B 498 -12.54 29.01 17.47
C CYS B 498 -14.06 28.99 17.62
N GLY B 499 -14.72 28.12 16.86
CA GLY B 499 -16.16 28.00 16.87
C GLY B 499 -16.59 26.55 16.98
N PRO B 500 -17.73 26.29 17.63
CA PRO B 500 -18.20 24.91 17.78
C PRO B 500 -18.79 24.39 16.48
N LYS B 501 -18.34 23.21 16.06
CA LYS B 501 -18.75 22.62 14.78
C LYS B 501 -18.85 21.11 14.96
N LEU B 502 -20.05 20.57 14.82
CA LEU B 502 -20.29 19.14 15.02
C LEU B 502 -21.59 18.75 14.34
N SER B 503 -21.88 17.45 14.36
CA SER B 503 -23.13 16.92 13.78
C SER B 503 -23.55 15.70 14.59
N THR B 504 -24.45 15.92 15.54
CA THR B 504 -24.84 14.86 16.48
C THR B 504 -25.71 13.84 15.75
N ASP B 505 -25.06 12.87 15.12
CA ASP B 505 -25.73 11.90 14.26
C ASP B 505 -25.21 10.53 14.64
N LEU B 506 -26.11 9.62 14.98
CA LEU B 506 -25.73 8.25 15.30
C LEU B 506 -26.59 7.37 14.39
N ILE B 507 -26.09 7.11 13.20
CA ILE B 507 -26.80 6.29 12.22
C ILE B 507 -26.08 4.94 12.22
N LYS B 508 -26.57 4.03 13.06
CA LYS B 508 -25.89 2.77 13.28
C LYS B 508 -26.46 1.68 12.40
N ASN B 509 -25.73 0.57 12.33
CA ASN B 509 -26.03 -0.60 11.50
C ASN B 509 -26.17 -0.23 10.02
N GLN B 510 -25.43 0.78 9.59
CA GLN B 510 -25.45 1.24 8.21
C GLN B 510 -24.07 1.75 7.85
N CYS B 511 -23.59 1.36 6.67
CA CYS B 511 -22.24 1.67 6.24
C CYS B 511 -22.10 3.15 5.95
N VAL B 512 -21.33 3.85 6.78
CA VAL B 512 -21.04 5.27 6.66
C VAL B 512 -19.55 5.48 6.85
N ASN B 513 -19.07 6.66 6.44
CA ASN B 513 -17.68 7.04 6.68
C ASN B 513 -17.62 7.99 7.88
N PHE B 514 -17.59 7.39 9.06
CA PHE B 514 -17.60 8.14 10.30
C PHE B 514 -16.30 8.91 10.50
N ASN B 515 -16.38 9.98 11.29
CA ASN B 515 -15.20 10.76 11.67
C ASN B 515 -15.40 11.16 13.14
N PHE B 516 -14.83 10.38 14.03
CA PHE B 516 -14.77 10.74 15.44
C PHE B 516 -13.56 11.64 15.68
N ASN B 517 -13.17 11.78 16.94
CA ASN B 517 -12.18 12.78 17.35
C ASN B 517 -10.82 12.36 16.83
N GLY B 518 -10.56 12.71 15.58
CA GLY B 518 -9.36 12.28 14.87
C GLY B 518 -9.43 10.88 14.32
N LEU B 519 -10.55 10.19 14.48
CA LEU B 519 -10.70 8.80 14.06
C LEU B 519 -11.57 8.77 12.81
N THR B 520 -10.93 8.73 11.64
CA THR B 520 -11.64 8.71 10.38
C THR B 520 -12.03 7.28 10.04
N GLY B 521 -12.43 7.04 8.79
CA GLY B 521 -12.62 5.70 8.32
C GLY B 521 -14.08 5.37 8.08
N THR B 522 -14.30 4.38 7.21
CA THR B 522 -15.62 3.89 6.87
C THR B 522 -15.91 2.61 7.64
N GLY B 523 -17.04 2.60 8.33
CA GLY B 523 -17.39 1.39 9.04
C GLY B 523 -18.88 1.32 9.27
N VAL B 524 -19.28 0.27 9.95
CA VAL B 524 -20.66 0.05 10.34
C VAL B 524 -20.71 0.08 11.85
N LEU B 525 -21.18 1.18 12.41
CA LEU B 525 -21.18 1.33 13.85
C LEU B 525 -22.33 0.54 14.46
N THR B 526 -22.10 0.08 15.69
CA THR B 526 -23.03 -0.80 16.39
C THR B 526 -22.67 -0.78 17.85
N PRO B 527 -23.64 -0.94 18.75
CA PRO B 527 -23.32 -1.00 20.18
C PRO B 527 -22.61 -2.29 20.53
N SER B 528 -21.99 -2.28 21.71
CA SER B 528 -21.32 -3.47 22.21
C SER B 528 -21.51 -3.56 23.71
N SER B 529 -20.86 -4.56 24.31
CA SER B 529 -20.89 -4.80 25.74
C SER B 529 -19.47 -5.06 26.24
N LYS B 530 -18.53 -4.23 25.80
CA LYS B 530 -17.15 -4.38 26.21
C LYS B 530 -16.95 -3.75 27.59
N ARG B 531 -16.30 -4.50 28.48
CA ARG B 531 -15.99 -3.98 29.80
C ARG B 531 -14.87 -2.95 29.67
N PHE B 532 -15.24 -1.69 29.61
CA PHE B 532 -14.27 -0.62 29.43
C PHE B 532 -13.66 -0.22 30.77
N GLN B 533 -12.91 0.88 30.74
CA GLN B 533 -12.40 1.61 31.89
C GLN B 533 -12.78 3.06 31.71
N PRO B 534 -12.93 3.82 32.80
CA PRO B 534 -13.38 5.22 32.66
C PRO B 534 -12.40 6.14 31.97
N PHE B 535 -11.16 5.71 31.71
CA PHE B 535 -10.20 6.51 30.99
C PHE B 535 -9.92 5.97 29.59
N GLN B 536 -10.70 4.99 29.13
CA GLN B 536 -10.56 4.53 27.76
C GLN B 536 -11.13 5.54 26.78
N GLN B 537 -10.62 5.52 25.56
CA GLN B 537 -11.18 6.32 24.48
C GLN B 537 -11.64 5.47 23.31
N PHE B 538 -10.82 4.54 22.86
CA PHE B 538 -11.12 3.66 21.72
C PHE B 538 -10.11 2.54 21.73
N GLY B 539 -10.56 1.33 21.42
CA GLY B 539 -9.72 0.16 21.45
C GLY B 539 -9.35 -0.35 20.07
N ARG B 540 -8.36 -1.24 20.05
CA ARG B 540 -7.89 -1.87 18.83
C ARG B 540 -7.89 -3.37 19.00
N ASP B 541 -7.83 -4.05 17.87
CA ASP B 541 -7.83 -5.51 17.83
C ASP B 541 -6.41 -6.04 18.01
N VAL B 542 -6.23 -7.31 17.67
CA VAL B 542 -4.89 -7.91 17.57
C VAL B 542 -4.06 -7.15 16.54
N SER B 543 -4.70 -6.69 15.47
CA SER B 543 -4.08 -5.85 14.46
C SER B 543 -4.00 -4.41 14.92
N ASP B 544 -3.74 -3.50 13.99
CA ASP B 544 -3.66 -2.08 14.30
C ASP B 544 -4.82 -1.32 13.70
N PHE B 545 -6.02 -1.87 13.86
CA PHE B 545 -7.25 -1.24 13.42
C PHE B 545 -8.14 -1.01 14.63
N THR B 546 -8.91 0.09 14.59
CA THR B 546 -9.66 0.53 15.76
C THR B 546 -10.85 -0.40 15.99
N ASP B 547 -10.77 -1.20 17.06
CA ASP B 547 -11.84 -2.13 17.39
C ASP B 547 -13.06 -1.41 17.94
N SER B 548 -12.90 -0.75 19.08
CA SER B 548 -13.99 -0.09 19.76
C SER B 548 -13.86 1.42 19.63
N VAL B 549 -14.93 2.11 20.02
CA VAL B 549 -14.91 3.57 20.13
C VAL B 549 -15.95 3.94 21.17
N ARG B 550 -15.71 5.07 21.85
CA ARG B 550 -16.52 5.54 22.94
C ARG B 550 -17.06 6.91 22.56
N ASP B 551 -18.35 7.13 22.81
CA ASP B 551 -19.03 8.32 22.32
C ASP B 551 -18.53 9.56 23.06
N PRO B 552 -17.98 10.57 22.36
CA PRO B 552 -17.56 11.79 23.05
C PRO B 552 -18.69 12.59 23.66
N LYS B 553 -19.94 12.31 23.28
CA LYS B 553 -21.07 12.97 23.91
C LYS B 553 -21.76 12.10 24.96
N THR B 554 -22.10 10.85 24.62
CA THR B 554 -22.94 10.05 25.49
C THR B 554 -22.21 8.89 26.14
N SER B 555 -20.93 8.68 25.83
CA SER B 555 -20.07 7.63 26.40
C SER B 555 -20.68 6.24 26.21
N GLU B 556 -20.81 5.86 24.94
CA GLU B 556 -21.44 4.60 24.59
C GLU B 556 -20.39 3.58 24.17
N ILE B 557 -20.57 2.35 24.62
CA ILE B 557 -19.73 1.24 24.19
C ILE B 557 -20.10 0.92 22.74
N LEU B 558 -19.24 1.33 21.82
CA LEU B 558 -19.44 1.04 20.41
C LEU B 558 -18.25 0.24 19.92
N ASP B 559 -18.45 -0.49 18.82
CA ASP B 559 -17.36 -1.19 18.16
C ASP B 559 -17.57 -1.13 16.65
N ILE B 560 -16.46 -1.22 15.92
CA ILE B 560 -16.43 -0.91 14.50
C ILE B 560 -16.24 -2.21 13.73
N SER B 561 -17.05 -2.40 12.69
CA SER B 561 -16.94 -3.52 11.78
C SER B 561 -16.65 -3.00 10.37
N PRO B 562 -15.95 -3.76 9.54
CA PRO B 562 -15.74 -3.32 8.16
C PRO B 562 -17.03 -3.41 7.37
N CYS B 563 -17.12 -2.56 6.35
CA CYS B 563 -18.37 -2.35 5.63
C CYS B 563 -18.85 -3.58 4.89
N ALA B 564 -18.20 -3.92 3.79
CA ALA B 564 -18.51 -5.07 2.95
C ALA B 564 -17.47 -5.19 1.87
N PHE B 565 -17.09 -6.43 1.58
CA PHE B 565 -16.17 -6.77 0.51
C PHE B 565 -16.25 -8.29 0.32
N GLY B 566 -15.45 -8.80 -0.59
CA GLY B 566 -15.37 -10.22 -0.82
C GLY B 566 -15.22 -10.49 -2.30
N GLY B 567 -15.28 -11.77 -2.65
CA GLY B 567 -15.11 -12.18 -4.02
C GLY B 567 -16.43 -12.40 -4.74
N VAL B 568 -16.38 -12.25 -6.06
CA VAL B 568 -17.51 -12.47 -6.93
C VAL B 568 -17.25 -13.72 -7.75
N SER B 569 -18.10 -14.72 -7.61
CA SER B 569 -17.89 -16.03 -8.21
C SER B 569 -19.01 -16.34 -9.17
N VAL B 570 -18.66 -16.69 -10.40
CA VAL B 570 -19.61 -16.89 -11.50
C VAL B 570 -19.71 -18.37 -11.78
N ILE B 571 -20.93 -18.90 -11.81
CA ILE B 571 -21.19 -20.28 -12.15
C ILE B 571 -21.88 -20.32 -13.50
N THR B 572 -21.32 -21.06 -14.44
CA THR B 572 -21.94 -21.20 -15.75
C THR B 572 -22.14 -22.66 -16.08
N PRO B 573 -23.16 -22.97 -16.88
CA PRO B 573 -23.26 -24.30 -17.46
C PRO B 573 -22.56 -24.38 -18.80
N GLY B 574 -21.71 -23.41 -19.11
CA GLY B 574 -21.01 -23.39 -20.38
C GLY B 574 -21.77 -22.64 -21.44
N THR B 575 -21.04 -21.91 -22.29
CA THR B 575 -21.67 -21.03 -23.28
C THR B 575 -22.38 -21.82 -24.38
N ASN B 576 -21.84 -22.99 -24.74
CA ASN B 576 -22.46 -23.78 -25.79
C ASN B 576 -23.77 -24.39 -25.30
N ALA B 577 -23.80 -24.84 -24.05
CA ALA B 577 -25.01 -25.47 -23.53
C ALA B 577 -26.10 -24.44 -23.28
N SER B 578 -25.84 -23.50 -22.38
CA SER B 578 -26.81 -22.45 -22.07
C SER B 578 -26.15 -21.09 -22.10
N SER B 579 -26.87 -20.07 -21.67
CA SER B 579 -26.28 -18.73 -21.62
C SER B 579 -26.73 -17.97 -20.38
N GLU B 580 -27.18 -18.65 -19.35
CA GLU B 580 -27.71 -17.99 -18.16
C GLU B 580 -26.85 -18.35 -16.96
N VAL B 581 -26.46 -17.34 -16.19
CA VAL B 581 -25.44 -17.50 -15.17
C VAL B 581 -26.04 -17.40 -13.78
N ALA B 582 -25.22 -17.60 -12.77
CA ALA B 582 -25.61 -17.44 -11.39
C ALA B 582 -24.38 -17.05 -10.59
N VAL B 583 -24.59 -16.23 -9.57
CA VAL B 583 -23.46 -15.66 -8.85
C VAL B 583 -23.42 -16.18 -7.43
N LEU B 584 -22.23 -16.13 -6.86
CA LEU B 584 -22.01 -16.41 -5.45
C LEU B 584 -21.11 -15.32 -4.88
N TYR B 585 -21.59 -14.68 -3.82
CA TYR B 585 -20.86 -13.60 -3.18
C TYR B 585 -20.10 -14.19 -2.01
N GLN B 586 -18.79 -14.05 -2.06
CA GLN B 586 -17.91 -14.81 -1.17
C GLN B 586 -17.90 -14.20 0.22
N ASP B 587 -18.39 -14.97 1.19
CA ASP B 587 -18.16 -14.77 2.62
C ASP B 587 -18.72 -13.44 3.11
N VAL B 588 -20.04 -13.29 2.98
CA VAL B 588 -20.67 -12.04 3.33
C VAL B 588 -22.09 -12.35 3.80
N ASN B 589 -22.61 -11.48 4.66
CA ASN B 589 -23.92 -11.65 5.26
C ASN B 589 -25.00 -11.20 4.29
N CYS B 590 -25.97 -12.06 4.05
CA CYS B 590 -26.89 -11.88 2.94
C CYS B 590 -27.99 -10.87 3.20
N THR B 591 -28.21 -10.49 4.45
CA THR B 591 -29.26 -9.51 4.75
C THR B 591 -28.85 -8.12 4.27
N ASP B 592 -27.62 -7.71 4.60
CA ASP B 592 -27.16 -6.39 4.23
C ASP B 592 -26.89 -6.28 2.74
N VAL B 593 -26.46 -7.38 2.13
CA VAL B 593 -26.15 -7.38 0.71
C VAL B 593 -27.40 -7.21 -0.11
N SER B 594 -28.43 -8.02 0.17
CA SER B 594 -29.68 -7.96 -0.58
C SER B 594 -30.39 -6.62 -0.41
N THR B 595 -30.19 -5.97 0.73
CA THR B 595 -30.71 -4.62 0.89
C THR B 595 -29.95 -3.64 0.03
N ALA B 596 -28.61 -3.70 0.06
CA ALA B 596 -27.79 -2.76 -0.68
C ALA B 596 -27.88 -2.94 -2.19
N ILE B 597 -28.26 -4.12 -2.65
CA ILE B 597 -28.51 -4.30 -4.07
C ILE B 597 -29.80 -3.60 -4.47
N HIS B 598 -30.87 -3.82 -3.72
CA HIS B 598 -32.11 -3.11 -3.98
C HIS B 598 -31.98 -1.62 -3.69
N ALA B 599 -31.11 -1.24 -2.77
CA ALA B 599 -30.77 0.16 -2.60
C ALA B 599 -29.73 0.64 -3.60
N ASP B 600 -29.21 -0.26 -4.44
CA ASP B 600 -28.24 0.02 -5.50
C ASP B 600 -26.97 0.65 -4.92
N GLN B 601 -26.27 -0.16 -4.14
CA GLN B 601 -25.04 0.27 -3.51
C GLN B 601 -23.84 -0.59 -3.86
N LEU B 602 -24.00 -1.64 -4.66
CA LEU B 602 -22.91 -2.56 -4.94
C LEU B 602 -22.18 -2.14 -6.20
N THR B 603 -20.94 -1.73 -6.03
CA THR B 603 -20.08 -1.52 -7.17
C THR B 603 -19.06 -2.66 -7.25
N PRO B 604 -18.81 -3.20 -8.45
CA PRO B 604 -19.43 -2.86 -9.73
C PRO B 604 -20.78 -3.52 -9.94
N ALA B 605 -21.64 -2.86 -10.71
CA ALA B 605 -22.94 -3.38 -11.04
C ALA B 605 -23.05 -3.51 -12.56
N TRP B 606 -24.24 -3.82 -13.03
CA TRP B 606 -24.46 -3.99 -14.46
C TRP B 606 -25.71 -3.26 -14.90
N ARG B 607 -25.77 -3.01 -16.20
CA ARG B 607 -26.95 -2.43 -16.82
C ARG B 607 -28.13 -3.36 -16.67
N ILE B 608 -28.07 -4.49 -17.36
CA ILE B 608 -29.17 -5.43 -17.41
C ILE B 608 -28.83 -6.51 -16.39
N TYR B 609 -29.20 -6.27 -15.14
CA TYR B 609 -29.09 -7.30 -14.12
C TYR B 609 -30.11 -7.03 -13.03
N SER B 610 -30.88 -8.05 -12.67
CA SER B 610 -31.81 -7.99 -11.56
C SER B 610 -31.44 -9.07 -10.56
N THR B 611 -32.11 -9.04 -9.42
CA THR B 611 -31.86 -10.05 -8.40
C THR B 611 -32.41 -11.40 -8.82
N GLY B 612 -33.64 -11.43 -9.32
CA GLY B 612 -34.27 -12.68 -9.66
C GLY B 612 -34.87 -13.43 -8.49
N ASN B 613 -34.70 -12.91 -7.27
CA ASN B 613 -35.41 -13.36 -6.06
C ASN B 613 -35.12 -14.82 -5.73
N ASN B 614 -33.84 -15.19 -5.81
CA ASN B 614 -33.38 -16.53 -5.52
C ASN B 614 -32.23 -16.47 -4.53
N VAL B 615 -32.43 -15.70 -3.48
CA VAL B 615 -31.40 -15.41 -2.49
C VAL B 615 -31.25 -16.62 -1.58
N PHE B 616 -30.00 -17.02 -1.33
CA PHE B 616 -29.72 -18.17 -0.47
C PHE B 616 -28.42 -17.92 0.29
N GLN B 617 -28.35 -18.51 1.48
CA GLN B 617 -27.27 -18.29 2.44
C GLN B 617 -26.44 -19.56 2.55
N THR B 618 -25.19 -19.50 2.12
CA THR B 618 -24.26 -20.59 2.28
C THR B 618 -23.30 -20.28 3.41
N GLN B 619 -22.40 -21.22 3.70
CA GLN B 619 -21.29 -20.89 4.57
C GLN B 619 -20.25 -20.07 3.82
N ALA B 620 -20.18 -20.23 2.51
CA ALA B 620 -19.30 -19.40 1.71
C ALA B 620 -19.94 -18.08 1.30
N GLY B 621 -21.21 -17.85 1.64
CA GLY B 621 -21.79 -16.55 1.44
C GLY B 621 -23.21 -16.50 0.90
N CYS B 622 -23.42 -15.66 -0.11
CA CYS B 622 -24.74 -15.30 -0.59
C CYS B 622 -24.96 -15.81 -1.99
N LEU B 623 -25.96 -16.66 -2.15
CA LEU B 623 -26.23 -17.33 -3.41
C LEU B 623 -27.40 -16.66 -4.11
N ILE B 624 -27.14 -16.13 -5.31
CA ILE B 624 -28.16 -15.51 -6.13
C ILE B 624 -28.11 -16.13 -7.51
N GLY B 625 -29.24 -16.66 -7.97
CA GLY B 625 -29.31 -17.28 -9.26
C GLY B 625 -29.46 -18.78 -9.23
N ALA B 626 -29.65 -19.37 -8.06
CA ALA B 626 -29.83 -20.81 -7.97
C ALA B 626 -31.00 -21.11 -7.04
N GLU B 627 -31.46 -22.34 -7.11
CA GLU B 627 -32.62 -22.79 -6.37
C GLU B 627 -32.24 -23.91 -5.41
N HIS B 628 -32.67 -23.79 -4.16
CA HIS B 628 -32.36 -24.80 -3.16
C HIS B 628 -33.30 -25.97 -3.34
N VAL B 629 -32.81 -27.02 -3.99
CA VAL B 629 -33.55 -28.26 -4.12
C VAL B 629 -33.02 -29.24 -3.11
N ASP B 630 -33.91 -29.80 -2.29
CA ASP B 630 -33.51 -30.66 -1.17
C ASP B 630 -33.36 -32.12 -1.56
N THR B 631 -33.09 -32.41 -2.83
CA THR B 631 -32.74 -33.75 -3.25
C THR B 631 -31.24 -33.94 -3.09
N SER B 632 -30.71 -35.02 -3.66
CA SER B 632 -29.29 -35.30 -3.58
C SER B 632 -28.81 -35.89 -4.89
N TYR B 633 -27.66 -35.42 -5.36
CA TYR B 633 -27.05 -35.95 -6.59
C TYR B 633 -25.55 -35.96 -6.42
N GLU B 634 -24.86 -36.41 -7.46
CA GLU B 634 -23.41 -36.30 -7.50
C GLU B 634 -23.00 -34.85 -7.71
N CYS B 635 -21.83 -34.50 -7.19
CA CYS B 635 -21.30 -33.15 -7.34
C CYS B 635 -20.75 -32.98 -8.74
N ASP B 636 -21.39 -32.12 -9.53
CA ASP B 636 -20.86 -31.77 -10.83
C ASP B 636 -19.96 -30.55 -10.73
N ILE B 637 -20.40 -29.52 -10.01
CA ILE B 637 -19.64 -28.29 -9.86
C ILE B 637 -19.59 -27.97 -8.36
N PRO B 638 -18.41 -27.92 -7.76
CA PRO B 638 -18.33 -27.68 -6.31
C PRO B 638 -18.54 -26.22 -5.96
N ILE B 639 -19.05 -26.02 -4.74
CA ILE B 639 -19.30 -24.69 -4.22
C ILE B 639 -18.53 -24.51 -2.92
N GLY B 640 -18.79 -25.38 -1.96
CA GLY B 640 -18.13 -25.34 -0.68
C GLY B 640 -19.09 -25.79 0.40
N ALA B 641 -18.52 -26.33 1.48
CA ALA B 641 -19.24 -26.71 2.70
C ALA B 641 -20.35 -27.73 2.42
N GLY B 642 -20.03 -28.74 1.62
CA GLY B 642 -21.01 -29.76 1.33
C GLY B 642 -22.07 -29.36 0.32
N ILE B 643 -21.86 -28.29 -0.43
CA ILE B 643 -22.85 -27.82 -1.39
C ILE B 643 -22.25 -27.90 -2.79
N CYS B 644 -23.03 -28.40 -3.75
CA CYS B 644 -22.61 -28.44 -5.13
C CYS B 644 -23.77 -28.03 -6.04
N ALA B 645 -23.40 -27.52 -7.20
CA ALA B 645 -24.36 -27.04 -8.18
C ALA B 645 -24.40 -27.96 -9.38
N SER B 646 -25.53 -27.93 -10.07
CA SER B 646 -25.72 -28.66 -11.32
C SER B 646 -26.84 -27.99 -12.09
N TYR B 647 -26.95 -28.36 -13.36
CA TYR B 647 -27.99 -27.81 -14.23
C TYR B 647 -29.03 -28.90 -14.44
N HIS B 648 -29.97 -28.98 -13.52
CA HIS B 648 -31.01 -30.00 -13.56
C HIS B 648 -32.24 -29.48 -14.32
N THR B 649 -33.34 -30.21 -14.21
CA THR B 649 -34.56 -29.93 -14.95
C THR B 649 -35.69 -29.79 -13.94
N VAL B 650 -36.26 -28.59 -13.84
CA VAL B 650 -37.34 -28.36 -12.88
C VAL B 650 -38.67 -28.81 -13.45
N GLN B 658 -38.83 -25.74 -16.91
CA GLN B 658 -37.73 -26.12 -17.79
C GLN B 658 -36.52 -26.62 -17.02
N LYS B 659 -35.38 -25.97 -17.25
CA LYS B 659 -34.11 -26.39 -16.70
C LYS B 659 -33.40 -25.20 -16.10
N SER B 660 -32.80 -25.40 -14.92
CA SER B 660 -32.14 -24.31 -14.22
C SER B 660 -30.93 -24.84 -13.46
N ILE B 661 -30.19 -23.90 -12.91
CA ILE B 661 -29.01 -24.21 -12.10
C ILE B 661 -29.47 -24.29 -10.66
N VAL B 662 -29.30 -25.45 -10.04
CA VAL B 662 -29.77 -25.67 -8.67
C VAL B 662 -28.63 -26.16 -7.81
N ALA B 663 -28.72 -25.88 -6.52
CA ALA B 663 -27.73 -26.27 -5.54
C ALA B 663 -28.30 -27.31 -4.60
N TYR B 664 -27.42 -28.17 -4.08
CA TYR B 664 -27.84 -29.33 -3.32
C TYR B 664 -26.64 -29.88 -2.56
N THR B 665 -26.81 -31.05 -1.97
CA THR B 665 -25.79 -31.73 -1.19
C THR B 665 -25.40 -33.00 -1.93
N MET B 666 -24.12 -33.37 -1.84
CA MET B 666 -23.58 -34.46 -2.64
C MET B 666 -24.21 -35.80 -2.25
N SER B 667 -24.37 -36.67 -3.25
CA SER B 667 -24.74 -38.05 -2.99
C SER B 667 -23.47 -38.85 -2.77
N LEU B 668 -23.49 -39.71 -1.75
CA LEU B 668 -22.32 -40.50 -1.45
C LEU B 668 -22.26 -41.80 -2.24
N GLY B 669 -23.34 -42.21 -2.86
CA GLY B 669 -23.39 -43.41 -3.65
C GLY B 669 -24.43 -44.37 -3.13
N ALA B 670 -24.40 -45.57 -3.70
CA ALA B 670 -25.33 -46.62 -3.28
C ALA B 670 -24.97 -47.11 -1.89
N ASP B 671 -25.94 -47.07 -0.98
CA ASP B 671 -25.73 -47.50 0.39
C ASP B 671 -26.00 -49.00 0.49
N SER B 672 -25.12 -49.76 -0.15
CA SER B 672 -25.32 -51.20 -0.29
C SER B 672 -25.07 -51.87 1.06
N SER B 673 -26.13 -52.08 1.81
CA SER B 673 -26.01 -52.78 3.09
C SER B 673 -26.10 -54.28 2.83
N ILE B 674 -24.98 -54.84 2.44
CA ILE B 674 -24.88 -56.27 2.23
C ILE B 674 -24.88 -56.97 3.58
N ALA B 675 -25.60 -58.08 3.66
CA ALA B 675 -25.84 -58.75 4.93
C ALA B 675 -24.58 -59.48 5.41
N TYR B 676 -24.66 -60.03 6.60
CA TYR B 676 -23.51 -60.73 7.16
C TYR B 676 -23.96 -61.85 8.07
N SER B 677 -23.25 -62.97 7.98
CA SER B 677 -23.35 -64.03 8.96
C SER B 677 -21.98 -64.68 9.07
N ASN B 678 -21.80 -65.46 10.12
CA ASN B 678 -20.52 -66.11 10.37
C ASN B 678 -20.38 -67.44 9.64
N ASN B 679 -21.23 -67.68 8.64
CA ASN B 679 -21.28 -68.97 7.98
C ASN B 679 -21.36 -68.88 6.46
N THR B 680 -21.41 -67.67 5.90
CA THR B 680 -21.80 -67.48 4.51
C THR B 680 -20.59 -67.05 3.69
N ILE B 681 -20.41 -67.68 2.53
CA ILE B 681 -19.31 -67.38 1.63
C ILE B 681 -19.88 -66.85 0.32
N ALA B 682 -19.34 -65.74 -0.15
CA ALA B 682 -19.58 -65.28 -1.51
C ALA B 682 -18.36 -65.57 -2.37
N ILE B 683 -18.59 -66.24 -3.49
CA ILE B 683 -17.50 -66.57 -4.42
C ILE B 683 -17.90 -66.23 -5.84
N PRO B 684 -17.09 -65.44 -6.55
CA PRO B 684 -17.37 -65.16 -7.95
C PRO B 684 -17.12 -66.39 -8.81
N THR B 685 -17.90 -66.48 -9.89
CA THR B 685 -17.81 -67.61 -10.79
C THR B 685 -17.22 -67.23 -12.14
N ASN B 686 -17.48 -66.04 -12.64
CA ASN B 686 -17.10 -65.66 -13.97
C ASN B 686 -16.30 -64.37 -13.86
N PHE B 687 -16.01 -63.72 -14.97
CA PHE B 687 -15.12 -62.57 -14.90
C PHE B 687 -15.34 -61.66 -16.10
N SER B 688 -14.52 -60.60 -16.12
CA SER B 688 -14.36 -59.73 -17.25
C SER B 688 -12.90 -59.30 -17.29
N ILE B 689 -12.50 -58.70 -18.41
CA ILE B 689 -11.15 -58.18 -18.58
C ILE B 689 -11.27 -56.76 -19.09
N SER B 690 -10.71 -55.81 -18.35
CA SER B 690 -10.81 -54.40 -18.72
C SER B 690 -9.43 -53.85 -19.05
N ILE B 691 -9.45 -52.74 -19.78
CA ILE B 691 -8.24 -52.05 -20.19
C ILE B 691 -8.36 -50.64 -19.64
N THR B 692 -7.77 -50.41 -18.48
CA THR B 692 -7.91 -49.12 -17.82
C THR B 692 -6.75 -48.22 -18.25
N THR B 693 -7.06 -46.95 -18.48
CA THR B 693 -6.10 -46.01 -19.01
C THR B 693 -5.52 -45.13 -17.91
N GLU B 694 -4.31 -44.65 -18.15
CA GLU B 694 -3.65 -43.76 -17.21
C GLU B 694 -2.70 -42.85 -17.97
N VAL B 695 -2.81 -41.55 -17.72
CA VAL B 695 -2.05 -40.54 -18.42
C VAL B 695 -1.21 -39.79 -17.40
N MET B 696 0.10 -39.74 -17.62
CA MET B 696 1.00 -39.08 -16.70
C MET B 696 1.95 -38.20 -17.49
N PRO B 697 2.08 -36.92 -17.15
CA PRO B 697 3.01 -36.05 -17.87
C PRO B 697 4.44 -36.32 -17.41
N VAL B 698 5.37 -36.12 -18.33
CA VAL B 698 6.76 -36.47 -18.07
C VAL B 698 7.71 -35.30 -18.23
N SER B 699 7.33 -34.22 -18.89
CA SER B 699 8.33 -33.25 -19.31
C SER B 699 7.68 -31.91 -19.57
N MET B 700 8.37 -30.84 -19.20
CA MET B 700 7.90 -29.48 -19.38
C MET B 700 8.71 -28.84 -20.50
N ALA B 701 8.03 -28.01 -21.30
CA ALA B 701 8.67 -27.34 -22.41
C ALA B 701 9.72 -26.36 -21.91
N LYS B 702 10.95 -26.52 -22.37
CA LYS B 702 12.05 -25.71 -21.86
C LYS B 702 12.04 -24.34 -22.51
N THR B 703 12.44 -23.34 -21.74
CA THR B 703 12.43 -21.95 -22.17
C THR B 703 13.79 -21.33 -21.93
N SER B 704 13.96 -20.13 -22.47
CA SER B 704 15.11 -19.29 -22.17
C SER B 704 14.72 -17.85 -22.40
N VAL B 705 15.43 -16.94 -21.73
CA VAL B 705 15.13 -15.52 -21.77
C VAL B 705 16.42 -14.73 -21.85
N ASP B 706 16.56 -13.89 -22.86
CA ASP B 706 17.63 -12.91 -22.90
C ASP B 706 17.27 -11.71 -22.05
N CYS B 707 18.28 -11.13 -21.40
CA CYS B 707 18.05 -9.91 -20.63
C CYS B 707 17.82 -8.71 -21.52
N ASN B 708 18.81 -8.40 -22.38
CA ASN B 708 18.84 -7.11 -23.07
C ASN B 708 17.73 -6.99 -24.09
N MET B 709 17.37 -8.09 -24.74
CA MET B 709 16.23 -8.02 -25.62
C MET B 709 14.91 -8.10 -24.87
N TYR B 710 14.94 -8.22 -23.54
CA TYR B 710 13.74 -8.08 -22.73
C TYR B 710 13.69 -6.76 -21.97
N ILE B 711 14.76 -6.38 -21.29
CA ILE B 711 14.69 -5.20 -20.45
C ILE B 711 15.18 -3.94 -21.15
N CYS B 712 16.03 -4.05 -22.15
CA CYS B 712 16.60 -2.86 -22.77
C CYS B 712 15.84 -2.44 -24.02
N GLY B 713 15.77 -3.30 -25.03
CA GLY B 713 15.09 -2.91 -26.25
C GLY B 713 15.86 -1.86 -27.00
N ASP B 714 16.93 -2.27 -27.68
CA ASP B 714 17.77 -1.34 -28.43
C ASP B 714 18.10 -0.04 -27.69
N SER B 715 18.41 -0.13 -26.39
CA SER B 715 18.75 1.06 -25.65
C SER B 715 20.15 0.90 -25.08
N THR B 716 21.06 1.76 -25.52
CA THR B 716 22.44 1.69 -25.05
C THR B 716 22.53 2.08 -23.58
N GLU B 717 21.74 3.07 -23.16
CA GLU B 717 21.81 3.54 -21.78
C GLU B 717 21.20 2.55 -20.82
N CYS B 718 20.34 1.66 -21.30
CA CYS B 718 19.88 0.54 -20.50
C CYS B 718 21.05 -0.35 -20.10
N ALA B 719 21.90 -0.69 -21.06
CA ALA B 719 23.07 -1.51 -20.75
C ALA B 719 24.07 -0.76 -19.90
N ASN B 720 24.18 0.55 -20.12
CA ASN B 720 25.08 1.37 -19.31
C ASN B 720 24.62 1.44 -17.87
N LEU B 721 23.30 1.42 -17.65
CA LEU B 721 22.76 1.34 -16.31
C LEU B 721 22.73 -0.08 -15.78
N LEU B 722 22.73 -1.08 -16.68
CA LEU B 722 22.65 -2.48 -16.27
C LEU B 722 23.90 -2.92 -15.51
N LEU B 723 25.04 -2.29 -15.78
CA LEU B 723 26.31 -2.69 -15.20
C LEU B 723 26.38 -2.43 -13.71
N GLN B 724 25.47 -1.61 -13.16
CA GLN B 724 25.38 -1.43 -11.72
C GLN B 724 24.40 -2.38 -11.07
N TYR B 725 24.03 -3.48 -11.74
CA TYR B 725 23.11 -4.44 -11.17
C TYR B 725 23.70 -5.85 -11.14
N GLY B 726 25.01 -5.97 -11.29
CA GLY B 726 25.66 -7.26 -11.28
C GLY B 726 25.41 -8.04 -12.55
N SER B 727 26.07 -9.18 -12.65
CA SER B 727 25.89 -10.08 -13.78
C SER B 727 24.75 -11.04 -13.46
N PHE B 728 23.55 -10.47 -13.35
CA PHE B 728 22.39 -11.27 -13.00
C PHE B 728 21.99 -12.20 -14.13
N CYS B 729 22.30 -11.81 -15.36
CA CYS B 729 21.97 -12.60 -16.53
C CYS B 729 22.68 -13.94 -16.54
N THR B 730 23.82 -14.03 -15.84
CA THR B 730 24.55 -15.28 -15.73
C THR B 730 23.73 -16.35 -15.02
N GLN B 731 23.30 -16.07 -13.79
CA GLN B 731 22.50 -17.06 -13.10
C GLN B 731 21.08 -17.11 -13.64
N LEU B 732 20.61 -16.05 -14.29
CA LEU B 732 19.30 -16.13 -14.92
C LEU B 732 19.34 -17.00 -16.17
N ASN B 733 20.47 -17.05 -16.86
CA ASN B 733 20.60 -18.02 -17.95
C ASN B 733 20.73 -19.43 -17.40
N ARG B 734 21.65 -19.63 -16.47
CA ARG B 734 22.02 -21.00 -16.13
C ARG B 734 20.98 -21.69 -15.26
N ALA B 735 20.11 -20.93 -14.59
CA ALA B 735 19.01 -21.57 -13.89
C ALA B 735 18.03 -22.19 -14.86
N LEU B 736 17.63 -21.43 -15.87
CA LEU B 736 16.70 -21.97 -16.86
C LEU B 736 17.39 -22.98 -17.77
N SER B 737 18.68 -22.82 -18.02
CA SER B 737 19.39 -23.84 -18.78
C SER B 737 19.53 -25.11 -17.96
N GLY B 738 19.76 -24.97 -16.65
CA GLY B 738 19.90 -26.12 -15.79
C GLY B 738 18.62 -26.94 -15.73
N ILE B 739 17.48 -26.25 -15.66
CA ILE B 739 16.23 -27.00 -15.69
C ILE B 739 15.87 -27.42 -17.10
N ALA B 740 16.44 -26.79 -18.12
CA ALA B 740 16.26 -27.29 -19.47
C ALA B 740 17.00 -28.60 -19.64
N ALA B 741 18.18 -28.72 -19.02
CA ALA B 741 18.93 -29.96 -19.11
C ALA B 741 18.25 -31.07 -18.36
N GLU B 742 17.61 -30.75 -17.23
CA GLU B 742 16.97 -31.79 -16.46
C GLU B 742 15.66 -32.27 -17.07
N GLN B 743 15.10 -31.50 -18.01
CA GLN B 743 13.98 -32.03 -18.78
C GLN B 743 14.40 -33.23 -19.60
N ASP B 744 15.54 -33.13 -20.28
CA ASP B 744 16.02 -34.29 -21.03
C ASP B 744 16.55 -35.37 -20.12
N ARG B 745 16.92 -35.02 -18.88
CA ARG B 745 17.21 -36.03 -17.88
C ARG B 745 15.96 -36.84 -17.55
N ASN B 746 14.79 -36.19 -17.57
CA ASN B 746 13.56 -36.87 -17.20
C ASN B 746 13.17 -37.92 -18.23
N THR B 747 13.31 -37.58 -19.52
CA THR B 747 12.77 -38.43 -20.57
C THR B 747 13.55 -39.73 -20.69
N ARG B 748 14.87 -39.63 -20.70
CA ARG B 748 15.69 -40.84 -20.74
C ARG B 748 15.65 -41.61 -19.44
N GLU B 749 15.23 -40.98 -18.34
CA GLU B 749 14.98 -41.74 -17.13
C GLU B 749 13.71 -42.56 -17.25
N VAL B 750 12.82 -42.20 -18.16
CA VAL B 750 11.64 -43.01 -18.40
C VAL B 750 11.90 -44.10 -19.42
N PHE B 751 12.46 -43.75 -20.57
CA PHE B 751 12.47 -44.67 -21.70
C PHE B 751 13.78 -45.41 -21.87
N ALA B 752 14.92 -44.74 -21.71
CA ALA B 752 16.22 -45.29 -22.09
C ALA B 752 16.62 -46.36 -21.08
N GLN B 753 16.01 -47.53 -21.23
CA GLN B 753 16.22 -48.63 -20.30
C GLN B 753 16.67 -49.91 -20.99
N VAL B 754 16.15 -50.20 -22.17
CA VAL B 754 16.50 -51.44 -22.86
C VAL B 754 17.82 -51.27 -23.57
N LYS B 755 18.38 -52.38 -24.04
CA LYS B 755 19.66 -52.38 -24.71
C LYS B 755 19.56 -52.86 -26.15
N GLN B 756 18.45 -53.47 -26.54
CA GLN B 756 18.29 -54.00 -27.88
C GLN B 756 17.03 -53.40 -28.48
N MET B 757 17.20 -52.69 -29.59
CA MET B 757 16.06 -52.18 -30.33
C MET B 757 15.40 -53.35 -31.04
N TYR B 758 14.34 -53.89 -30.47
CA TYR B 758 13.70 -55.06 -31.07
C TYR B 758 12.89 -54.64 -32.29
N LYS B 759 12.92 -55.48 -33.31
CA LYS B 759 12.29 -55.12 -34.56
C LYS B 759 10.79 -55.37 -34.46
N THR B 760 10.04 -54.50 -35.12
CA THR B 760 8.61 -54.66 -35.29
C THR B 760 8.30 -55.98 -35.99
N PRO B 761 7.58 -56.90 -35.36
CA PRO B 761 7.27 -58.17 -36.02
C PRO B 761 6.22 -57.98 -37.11
N THR B 762 6.26 -58.88 -38.08
CA THR B 762 5.36 -58.79 -39.23
C THR B 762 3.93 -59.12 -38.83
N LEU B 763 3.74 -60.30 -38.26
CA LEU B 763 2.42 -60.69 -37.76
C LEU B 763 2.04 -59.83 -36.56
N LYS B 764 0.81 -59.34 -36.55
CA LYS B 764 0.33 -58.50 -35.48
C LYS B 764 -0.93 -59.09 -34.85
N TYR B 765 -0.98 -60.42 -34.77
CA TYR B 765 -2.18 -61.12 -34.32
C TYR B 765 -1.73 -62.45 -33.73
N PHE B 766 -1.68 -62.50 -32.40
CA PHE B 766 -1.04 -63.60 -31.69
C PHE B 766 -2.06 -64.28 -30.79
N GLY B 767 -2.45 -65.48 -31.17
CA GLY B 767 -3.33 -66.29 -30.34
C GLY B 767 -4.71 -65.69 -30.13
N GLY B 768 -5.28 -65.09 -31.17
CA GLY B 768 -6.56 -64.43 -31.05
C GLY B 768 -6.49 -63.01 -30.57
N PHE B 769 -5.30 -62.50 -30.28
CA PHE B 769 -5.15 -61.16 -29.72
C PHE B 769 -4.58 -60.25 -30.81
N ASN B 770 -5.33 -59.21 -31.13
CA ASN B 770 -5.09 -58.41 -32.33
C ASN B 770 -4.41 -57.11 -31.92
N PHE B 771 -3.10 -57.07 -32.06
CA PHE B 771 -2.31 -55.93 -31.65
C PHE B 771 -2.08 -54.92 -32.76
N SER B 772 -2.78 -55.06 -33.88
CA SER B 772 -2.37 -54.42 -35.13
C SER B 772 -2.54 -52.91 -35.12
N GLN B 773 -3.39 -52.38 -34.27
CA GLN B 773 -3.55 -50.94 -34.15
C GLN B 773 -2.66 -50.33 -33.10
N ILE B 774 -1.86 -51.16 -32.42
CA ILE B 774 -0.96 -50.68 -31.38
C ILE B 774 0.45 -50.51 -31.90
N LEU B 775 0.92 -51.44 -32.72
CA LEU B 775 2.20 -51.28 -33.38
C LEU B 775 2.07 -50.25 -34.50
N PRO B 776 3.16 -49.58 -34.87
CA PRO B 776 3.11 -48.70 -36.03
C PRO B 776 3.08 -49.49 -37.33
N ASP B 777 2.54 -48.87 -38.36
CA ASP B 777 2.29 -49.55 -39.63
C ASP B 777 3.50 -49.41 -40.55
N PRO B 778 4.15 -50.50 -40.94
CA PRO B 778 5.18 -50.40 -41.99
C PRO B 778 4.59 -50.18 -43.37
N LEU B 779 3.31 -50.50 -43.56
CA LEU B 779 2.69 -50.31 -44.87
C LEU B 779 2.47 -48.83 -45.15
N LYS B 780 2.00 -48.09 -44.15
CA LYS B 780 1.84 -46.64 -44.24
C LYS B 780 2.78 -46.03 -43.21
N PRO B 781 4.05 -45.81 -43.58
CA PRO B 781 5.04 -45.41 -42.58
C PRO B 781 4.89 -43.98 -42.10
N THR B 782 4.36 -43.83 -40.89
CA THR B 782 4.40 -42.58 -40.15
C THR B 782 5.10 -42.77 -38.81
N LYS B 783 5.49 -44.01 -38.49
CA LYS B 783 6.14 -44.40 -37.23
C LYS B 783 5.30 -44.01 -36.02
N ARG B 784 3.99 -44.16 -36.16
CA ARG B 784 3.06 -43.95 -35.06
C ARG B 784 1.97 -45.00 -35.13
N SER B 785 1.39 -45.33 -33.98
CA SER B 785 0.23 -46.19 -34.03
C SER B 785 -0.98 -45.38 -34.48
N PHE B 786 -2.07 -46.08 -34.76
CA PHE B 786 -3.31 -45.39 -34.99
C PHE B 786 -3.83 -44.77 -33.69
N ILE B 787 -3.50 -45.39 -32.57
CA ILE B 787 -3.92 -44.86 -31.27
C ILE B 787 -3.14 -43.60 -30.96
N GLU B 788 -1.86 -43.57 -31.32
CA GLU B 788 -1.03 -42.41 -31.08
C GLU B 788 -1.43 -41.24 -31.97
N ASP B 789 -1.90 -41.52 -33.19
CA ASP B 789 -2.34 -40.46 -34.10
C ASP B 789 -3.59 -39.77 -33.58
N LEU B 790 -4.39 -40.44 -32.76
CA LEU B 790 -5.40 -39.74 -31.99
C LEU B 790 -4.77 -38.76 -31.01
N LEU B 791 -3.67 -39.17 -30.38
CA LEU B 791 -3.11 -38.38 -29.29
C LEU B 791 -2.40 -37.14 -29.80
N PHE B 792 -1.87 -37.19 -31.02
CA PHE B 792 -1.28 -36.00 -31.61
C PHE B 792 -2.31 -35.07 -32.24
N ASN B 793 -3.60 -35.29 -31.97
CA ASN B 793 -4.66 -34.45 -32.49
C ASN B 793 -5.56 -33.90 -31.40
N LYS B 794 -5.82 -34.68 -30.36
CA LYS B 794 -6.69 -34.22 -29.28
C LYS B 794 -6.03 -33.15 -28.43
N VAL B 795 -4.71 -33.03 -28.47
CA VAL B 795 -4.01 -32.02 -27.70
C VAL B 795 -3.95 -30.69 -28.44
N THR B 796 -4.06 -30.72 -29.77
CA THR B 796 -3.97 -29.54 -30.64
C THR B 796 -5.00 -28.44 -30.36
N GLN B 805 3.55 -13.71 -28.96
CA GLN B 805 3.87 -14.89 -28.15
C GLN B 805 5.36 -15.00 -27.87
N TYR B 806 5.97 -16.04 -28.43
CA TYR B 806 7.30 -16.48 -28.05
C TYR B 806 8.08 -16.90 -29.29
N GLY B 807 9.39 -16.83 -29.19
CA GLY B 807 10.23 -17.30 -30.28
C GLY B 807 10.21 -18.81 -30.40
N GLU B 808 10.30 -19.29 -31.63
CA GLU B 808 10.28 -20.72 -31.92
C GLU B 808 10.81 -20.92 -33.33
N CYS B 809 11.50 -22.03 -33.55
CA CYS B 809 11.98 -22.39 -34.87
C CYS B 809 11.18 -23.56 -35.42
N LEU B 810 10.78 -23.47 -36.68
CA LEU B 810 10.06 -24.56 -37.33
C LEU B 810 10.56 -24.81 -38.74
N LEU B 818 12.15 -25.93 -42.48
CA LEU B 818 12.88 -25.69 -41.24
C LEU B 818 13.40 -24.26 -41.21
N ILE B 819 12.57 -23.35 -40.71
CA ILE B 819 12.86 -21.92 -40.69
C ILE B 819 12.74 -21.42 -39.27
N CYS B 820 13.78 -20.75 -38.79
CA CYS B 820 13.78 -20.17 -37.45
C CYS B 820 13.31 -18.73 -37.50
N ALA B 821 12.68 -18.30 -36.41
CA ALA B 821 12.24 -16.93 -36.27
C ALA B 821 12.19 -16.59 -34.78
N GLN B 822 12.46 -15.33 -34.47
CA GLN B 822 12.44 -14.86 -33.09
C GLN B 822 11.69 -13.55 -33.00
N LYS B 823 11.02 -13.34 -31.87
CA LYS B 823 10.20 -12.17 -31.68
C LYS B 823 11.04 -11.07 -31.04
N PHE B 824 10.39 -10.00 -30.59
CA PHE B 824 11.12 -8.86 -30.03
C PHE B 824 11.60 -9.14 -28.62
N ASN B 825 10.68 -9.53 -27.74
CA ASN B 825 11.04 -9.95 -26.39
C ASN B 825 11.95 -11.17 -26.43
N GLY B 826 13.13 -11.03 -25.86
CA GLY B 826 14.20 -11.99 -26.08
C GLY B 826 13.99 -13.30 -25.38
N LEU B 827 13.02 -14.07 -25.86
CA LEU B 827 12.62 -15.31 -25.20
C LEU B 827 12.16 -16.30 -26.26
N THR B 828 12.46 -17.56 -26.02
CA THR B 828 12.17 -18.59 -27.00
C THR B 828 12.07 -19.94 -26.31
N VAL B 829 11.75 -20.95 -27.10
CA VAL B 829 11.63 -22.33 -26.65
C VAL B 829 12.70 -23.14 -27.36
N LEU B 830 13.54 -23.75 -26.61
CA LEU B 830 14.46 -24.69 -27.25
C LEU B 830 13.73 -25.99 -27.55
N PRO B 831 14.04 -26.64 -28.68
CA PRO B 831 13.39 -27.90 -28.97
C PRO B 831 13.91 -28.99 -28.07
N PRO B 832 13.13 -30.03 -27.81
CA PRO B 832 13.61 -31.13 -26.97
C PRO B 832 14.66 -31.95 -27.70
N LEU B 833 15.41 -32.72 -26.92
CA LEU B 833 16.49 -33.53 -27.49
C LEU B 833 15.93 -34.70 -28.29
N LEU B 834 15.20 -35.58 -27.63
CA LEU B 834 14.67 -36.76 -28.29
C LEU B 834 13.45 -36.37 -29.10
N THR B 835 13.54 -36.52 -30.42
CA THR B 835 12.40 -36.23 -31.26
C THR B 835 11.36 -37.34 -31.12
N ASP B 836 10.18 -37.10 -31.68
CA ASP B 836 9.02 -37.89 -31.30
C ASP B 836 9.06 -39.28 -31.92
N ASP B 837 9.54 -39.38 -33.16
CA ASP B 837 9.69 -40.68 -33.79
C ASP B 837 10.74 -41.52 -33.08
N MET B 838 11.80 -40.88 -32.59
CA MET B 838 12.77 -41.56 -31.74
C MET B 838 12.12 -42.06 -30.47
N ILE B 839 11.27 -41.22 -29.87
CA ILE B 839 10.50 -41.65 -28.71
C ILE B 839 9.49 -42.71 -29.12
N ALA B 840 8.91 -42.57 -30.30
CA ALA B 840 8.01 -43.60 -30.81
C ALA B 840 8.77 -44.87 -31.16
N ALA B 841 10.06 -44.76 -31.45
CA ALA B 841 10.87 -45.95 -31.69
C ALA B 841 11.05 -46.74 -30.41
N TYR B 842 11.36 -46.07 -29.31
CA TYR B 842 11.40 -46.77 -28.02
C TYR B 842 10.03 -47.25 -27.61
N THR B 843 8.98 -46.52 -28.01
CA THR B 843 7.62 -46.93 -27.71
C THR B 843 7.28 -48.24 -28.42
N ALA B 844 7.60 -48.32 -29.70
CA ALA B 844 7.31 -49.52 -30.46
C ALA B 844 8.21 -50.68 -30.05
N ALA B 845 9.43 -50.37 -29.63
CA ALA B 845 10.38 -51.44 -29.30
C ALA B 845 9.96 -52.17 -28.03
N LEU B 846 9.49 -51.44 -27.04
CA LEU B 846 9.18 -52.07 -25.77
C LEU B 846 7.91 -52.89 -25.83
N VAL B 847 6.89 -52.41 -26.53
CA VAL B 847 5.63 -53.16 -26.62
C VAL B 847 5.84 -54.40 -27.47
N SER B 848 6.70 -54.32 -28.48
CA SER B 848 7.04 -55.48 -29.29
C SER B 848 7.75 -56.54 -28.45
N GLY B 849 8.81 -56.13 -27.74
CA GLY B 849 9.49 -57.04 -26.87
C GLY B 849 8.69 -57.46 -25.65
N THR B 850 7.63 -56.71 -25.32
CA THR B 850 6.75 -57.13 -24.24
C THR B 850 6.03 -58.42 -24.57
N ALA B 851 5.54 -58.54 -25.80
CA ALA B 851 4.79 -59.71 -26.22
C ALA B 851 5.68 -60.88 -26.59
N THR B 852 6.93 -60.88 -26.20
CA THR B 852 7.77 -62.01 -26.54
C THR B 852 8.46 -62.63 -25.33
N ALA B 853 8.98 -61.82 -24.40
CA ALA B 853 9.61 -62.38 -23.20
C ALA B 853 8.99 -61.87 -21.90
N GLY B 854 8.96 -60.56 -21.69
CA GLY B 854 8.55 -60.00 -20.42
C GLY B 854 9.62 -59.87 -19.35
N TRP B 855 9.99 -60.97 -18.70
CA TRP B 855 10.81 -60.86 -17.50
C TRP B 855 12.28 -60.66 -17.84
N THR B 856 12.84 -61.53 -18.68
CA THR B 856 14.18 -61.30 -19.20
C THR B 856 14.22 -60.10 -20.13
N PHE B 857 13.08 -59.76 -20.71
CA PHE B 857 12.90 -58.46 -21.34
C PHE B 857 13.03 -57.32 -20.34
N GLY B 858 12.76 -57.57 -19.06
CA GLY B 858 13.03 -56.60 -18.01
C GLY B 858 14.32 -56.90 -17.26
N ALA B 859 14.79 -58.15 -17.33
CA ALA B 859 16.05 -58.54 -16.70
C ALA B 859 17.23 -58.44 -17.64
N GLY B 860 17.16 -57.58 -18.65
CA GLY B 860 18.26 -57.41 -19.58
C GLY B 860 17.96 -57.98 -20.96
N ALA B 861 18.75 -58.95 -21.39
CA ALA B 861 18.52 -59.59 -22.66
C ALA B 861 17.29 -60.49 -22.58
N ALA B 862 16.41 -60.37 -23.56
CA ALA B 862 15.12 -61.04 -23.50
C ALA B 862 15.24 -62.50 -23.92
N LEU B 863 14.09 -63.16 -24.00
CA LEU B 863 13.97 -64.55 -24.43
C LEU B 863 12.79 -64.67 -25.38
N GLN B 864 12.40 -65.90 -25.68
CA GLN B 864 11.25 -66.21 -26.49
C GLN B 864 10.34 -67.15 -25.71
N ILE B 865 9.05 -66.82 -25.68
CA ILE B 865 8.09 -67.70 -25.03
C ILE B 865 6.79 -67.55 -25.83
N PRO B 866 5.95 -68.59 -25.92
CA PRO B 866 4.63 -68.40 -26.50
C PRO B 866 3.78 -67.49 -25.63
N PHE B 867 3.05 -66.60 -26.31
CA PHE B 867 2.38 -65.50 -25.63
C PHE B 867 1.25 -65.98 -24.75
N ALA B 868 0.57 -67.04 -25.16
CA ALA B 868 -0.50 -67.59 -24.34
C ALA B 868 0.05 -68.20 -23.05
N MET B 869 1.25 -68.78 -23.11
CA MET B 869 1.84 -69.36 -21.91
C MET B 869 2.23 -68.29 -20.92
N GLN B 870 2.73 -67.16 -21.43
CA GLN B 870 3.07 -66.04 -20.56
C GLN B 870 1.83 -65.40 -19.96
N MET B 871 0.71 -65.46 -20.68
CA MET B 871 -0.56 -65.05 -20.10
C MET B 871 -0.94 -65.93 -18.91
N ALA B 872 -0.78 -67.24 -19.06
CA ALA B 872 -1.23 -68.19 -18.05
C ALA B 872 -0.46 -68.07 -16.74
N TYR B 873 0.79 -67.62 -16.81
CA TYR B 873 1.54 -67.40 -15.58
C TYR B 873 0.96 -66.23 -14.80
N ARG B 874 0.51 -65.20 -15.51
CA ARG B 874 -0.08 -64.06 -14.84
C ARG B 874 -1.38 -64.44 -14.14
N PHE B 875 -2.14 -65.37 -14.72
CA PHE B 875 -3.26 -65.94 -13.99
C PHE B 875 -2.76 -66.78 -12.82
N ASN B 876 -1.66 -67.51 -13.03
CA ASN B 876 -1.06 -68.25 -11.94
C ASN B 876 -0.44 -67.31 -10.93
N GLY B 877 -0.08 -66.09 -11.33
CA GLY B 877 0.41 -65.12 -10.38
C GLY B 877 -0.65 -64.67 -9.40
N ILE B 878 -1.90 -64.54 -9.86
CA ILE B 878 -2.99 -64.13 -8.99
C ILE B 878 -3.79 -65.33 -8.49
N GLY B 879 -3.28 -66.54 -8.67
CA GLY B 879 -3.97 -67.70 -8.16
C GLY B 879 -5.13 -68.15 -9.01
N VAL B 880 -4.85 -68.43 -10.28
CA VAL B 880 -5.80 -69.04 -11.20
C VAL B 880 -5.06 -70.15 -11.92
N THR B 881 -5.66 -71.34 -11.96
CA THR B 881 -5.03 -72.45 -12.66
C THR B 881 -5.06 -72.21 -14.16
N GLN B 882 -4.00 -72.65 -14.84
CA GLN B 882 -3.69 -72.19 -16.18
C GLN B 882 -4.62 -72.76 -17.23
N ASN B 883 -5.33 -73.83 -16.90
CA ASN B 883 -6.36 -74.39 -17.77
C ASN B 883 -7.49 -73.40 -18.02
N VAL B 884 -7.78 -72.54 -17.03
CA VAL B 884 -8.89 -71.60 -17.13
C VAL B 884 -8.65 -70.62 -18.27
N LEU B 885 -7.39 -70.21 -18.45
CA LEU B 885 -7.01 -69.52 -19.68
C LEU B 885 -7.21 -70.41 -20.89
N TYR B 886 -6.68 -71.64 -20.83
CA TYR B 886 -6.69 -72.55 -21.96
C TYR B 886 -8.09 -73.00 -22.35
N GLU B 887 -9.02 -73.00 -21.40
CA GLU B 887 -10.37 -73.45 -21.70
C GLU B 887 -11.33 -72.29 -21.96
N ASN B 888 -10.81 -71.06 -22.03
CA ASN B 888 -11.67 -69.90 -22.27
C ASN B 888 -11.03 -68.99 -23.30
N GLN B 889 -10.26 -69.56 -24.21
CA GLN B 889 -9.28 -68.80 -24.97
C GLN B 889 -9.93 -67.89 -26.00
N LYS B 890 -10.99 -68.36 -26.66
CA LYS B 890 -11.64 -67.52 -27.66
C LYS B 890 -12.44 -66.41 -27.00
N GLN B 891 -13.08 -66.73 -25.87
CA GLN B 891 -13.90 -65.75 -25.15
C GLN B 891 -13.04 -64.63 -24.60
N ILE B 892 -11.85 -64.97 -24.10
CA ILE B 892 -10.92 -63.96 -23.61
C ILE B 892 -10.43 -63.11 -24.77
N ALA B 893 -10.05 -63.75 -25.88
CA ALA B 893 -9.58 -63.02 -27.04
C ALA B 893 -10.67 -62.15 -27.65
N ASN B 894 -11.93 -62.60 -27.55
CA ASN B 894 -13.05 -61.73 -27.89
C ASN B 894 -13.11 -60.56 -26.92
N GLN B 895 -13.08 -60.85 -25.61
CA GLN B 895 -13.15 -59.81 -24.60
C GLN B 895 -11.94 -58.89 -24.64
N PHE B 896 -10.80 -59.39 -25.13
CA PHE B 896 -9.65 -58.52 -25.29
C PHE B 896 -9.86 -57.58 -26.47
N ASN B 897 -10.12 -58.13 -27.65
CA ASN B 897 -10.10 -57.34 -28.86
C ASN B 897 -11.32 -56.45 -28.99
N LYS B 898 -12.42 -56.82 -28.33
CA LYS B 898 -13.56 -55.92 -28.27
C LYS B 898 -13.25 -54.72 -27.38
N ALA B 899 -12.56 -54.97 -26.26
CA ALA B 899 -12.35 -53.92 -25.27
C ALA B 899 -11.37 -52.87 -25.77
N ILE B 900 -10.47 -53.24 -26.68
CA ILE B 900 -9.62 -52.24 -27.30
C ILE B 900 -10.46 -51.29 -28.14
N SER B 901 -11.28 -51.85 -29.02
CA SER B 901 -12.12 -51.04 -29.89
C SER B 901 -13.17 -50.29 -29.10
N GLN B 902 -13.62 -50.84 -27.97
CA GLN B 902 -14.49 -50.09 -27.09
C GLN B 902 -13.75 -48.91 -26.48
N ILE B 903 -12.47 -49.09 -26.12
CA ILE B 903 -11.65 -47.98 -25.70
C ILE B 903 -11.33 -47.07 -26.88
N GLN B 904 -11.00 -47.67 -28.03
CA GLN B 904 -10.64 -46.91 -29.22
C GLN B 904 -11.76 -45.99 -29.66
N GLU B 905 -12.98 -46.48 -29.64
CA GLU B 905 -14.11 -45.63 -29.96
C GLU B 905 -14.49 -44.71 -28.82
N SER B 906 -13.99 -44.96 -27.61
CA SER B 906 -14.31 -44.08 -26.50
C SER B 906 -13.58 -42.76 -26.62
N LEU B 907 -12.25 -42.81 -26.66
CA LEU B 907 -11.47 -41.58 -26.64
C LEU B 907 -11.47 -40.87 -27.99
N THR B 908 -11.96 -41.53 -29.05
CA THR B 908 -11.91 -40.97 -30.39
C THR B 908 -12.73 -39.70 -30.49
N THR B 909 -14.01 -39.77 -30.12
CA THR B 909 -14.89 -38.64 -30.34
C THR B 909 -14.68 -37.56 -29.28
N THR B 910 -14.94 -37.90 -28.03
CA THR B 910 -14.87 -36.89 -26.98
C THR B 910 -13.44 -36.80 -26.45
N SER B 911 -13.26 -35.99 -25.41
CA SER B 911 -11.95 -35.63 -24.90
C SER B 911 -12.08 -35.41 -23.39
N THR B 912 -11.12 -34.66 -22.83
CA THR B 912 -10.89 -34.22 -21.45
C THR B 912 -10.37 -35.34 -20.56
N ALA B 913 -10.28 -36.58 -21.04
CA ALA B 913 -9.45 -37.55 -20.33
C ALA B 913 -7.99 -37.17 -20.43
N LEU B 914 -7.59 -36.56 -21.54
CA LEU B 914 -6.24 -36.08 -21.76
C LEU B 914 -5.99 -34.73 -21.13
N GLY B 915 -6.93 -34.22 -20.32
CA GLY B 915 -6.85 -32.88 -19.78
C GLY B 915 -5.64 -32.63 -18.90
N LYS B 916 -5.06 -33.70 -18.35
CA LYS B 916 -3.86 -33.62 -17.55
C LYS B 916 -2.62 -33.23 -18.36
N LEU B 917 -2.71 -33.17 -19.68
CA LEU B 917 -1.58 -32.75 -20.48
C LEU B 917 -1.73 -31.34 -21.02
N GLN B 918 -2.92 -30.98 -21.50
CA GLN B 918 -3.07 -29.72 -22.19
C GLN B 918 -3.02 -28.55 -21.23
N ASP B 919 -3.36 -28.80 -19.96
CA ASP B 919 -3.23 -27.79 -18.91
C ASP B 919 -1.80 -27.35 -18.73
N VAL B 920 -0.85 -28.28 -18.89
CA VAL B 920 0.58 -27.99 -18.75
C VAL B 920 1.01 -26.96 -19.77
N VAL B 921 0.61 -27.17 -21.02
CA VAL B 921 0.84 -26.16 -22.04
C VAL B 921 -0.01 -24.93 -21.74
N ASN B 922 -1.20 -25.12 -21.16
CA ASN B 922 -2.04 -23.98 -20.85
C ASN B 922 -1.53 -23.19 -19.66
N GLN B 923 -0.84 -23.83 -18.73
CA GLN B 923 -0.42 -23.05 -17.57
C GLN B 923 0.83 -22.23 -17.86
N ASN B 924 1.80 -22.79 -18.57
CA ASN B 924 3.05 -22.06 -18.73
C ASN B 924 2.97 -21.00 -19.82
N ALA B 925 2.06 -21.18 -20.78
CA ALA B 925 1.78 -20.11 -21.73
C ALA B 925 1.20 -18.90 -21.01
N GLN B 926 0.35 -19.14 -20.01
CA GLN B 926 -0.12 -18.05 -19.15
C GLN B 926 1.02 -17.47 -18.34
N ALA B 927 1.97 -18.30 -17.92
CA ALA B 927 3.14 -17.78 -17.25
C ALA B 927 4.01 -16.97 -18.20
N LEU B 928 4.11 -17.40 -19.44
CA LEU B 928 4.81 -16.59 -20.44
C LEU B 928 4.04 -15.32 -20.74
N ASN B 929 2.71 -15.43 -20.84
CA ASN B 929 1.88 -14.26 -21.11
C ASN B 929 1.90 -13.30 -19.92
N THR B 930 2.12 -13.84 -18.72
CA THR B 930 2.26 -13.01 -17.52
C THR B 930 3.42 -12.05 -17.66
N LEU B 931 4.57 -12.56 -18.09
CA LEU B 931 5.75 -11.73 -18.26
C LEU B 931 5.55 -10.71 -19.37
N VAL B 932 4.89 -11.11 -20.44
CA VAL B 932 4.67 -10.21 -21.56
C VAL B 932 3.66 -9.13 -21.19
N LYS B 933 2.67 -9.49 -20.36
CA LYS B 933 1.69 -8.52 -19.89
C LYS B 933 2.34 -7.43 -19.07
N GLN B 934 3.37 -7.79 -18.30
CA GLN B 934 4.02 -6.87 -17.38
C GLN B 934 4.79 -5.76 -18.06
N LEU B 935 4.91 -5.75 -19.38
CA LEU B 935 5.67 -4.70 -20.04
C LEU B 935 4.95 -3.36 -19.95
N SER B 936 3.63 -3.38 -19.86
CA SER B 936 2.91 -2.12 -19.76
C SER B 936 2.89 -1.57 -18.34
N SER B 937 3.45 -2.27 -17.37
CA SER B 937 3.56 -1.75 -16.02
C SER B 937 4.55 -0.60 -15.99
N ASN B 938 4.10 0.56 -15.57
CA ASN B 938 4.94 1.75 -15.59
C ASN B 938 5.79 1.90 -14.33
N PHE B 939 5.39 1.24 -13.24
CA PHE B 939 6.13 1.18 -11.98
C PHE B 939 6.36 2.57 -11.39
N GLY B 940 5.38 3.46 -11.56
CA GLY B 940 5.51 4.80 -11.04
C GLY B 940 6.39 5.72 -11.85
N ALA B 941 6.90 5.27 -12.99
CA ALA B 941 7.72 6.12 -13.84
C ALA B 941 6.82 6.93 -14.77
N ILE B 942 7.41 7.54 -15.78
CA ILE B 942 6.66 8.33 -16.75
C ILE B 942 5.73 7.43 -17.55
N SER B 943 6.30 6.46 -18.25
CA SER B 943 5.54 5.52 -19.05
C SER B 943 6.37 4.25 -19.18
N SER B 944 5.83 3.28 -19.91
CA SER B 944 6.56 2.07 -20.26
C SER B 944 7.26 2.19 -21.60
N VAL B 945 7.57 3.42 -22.02
CA VAL B 945 8.32 3.66 -23.25
C VAL B 945 9.64 4.28 -22.86
N LEU B 946 10.73 3.57 -23.16
CA LEU B 946 12.05 4.10 -22.87
C LEU B 946 12.41 5.24 -23.82
N ASN B 947 11.92 5.18 -25.06
CA ASN B 947 12.38 6.13 -26.06
C ASN B 947 11.79 7.50 -25.84
N ASP B 948 10.59 7.59 -25.27
CA ASP B 948 10.03 8.88 -24.88
C ASP B 948 10.87 9.52 -23.80
N ILE B 949 11.23 8.74 -22.79
CA ILE B 949 12.03 9.27 -21.68
C ILE B 949 13.45 9.57 -22.16
N LEU B 950 13.94 8.83 -23.16
CA LEU B 950 15.18 9.19 -23.81
C LEU B 950 15.06 10.48 -24.61
N SER B 951 13.89 10.75 -25.18
CA SER B 951 13.73 11.90 -26.06
C SER B 951 13.19 13.13 -25.34
N ARG B 952 12.28 12.96 -24.39
CA ARG B 952 11.63 14.12 -23.79
C ARG B 952 12.54 14.80 -22.78
N LEU B 953 12.93 14.07 -21.74
CA LEU B 953 13.50 14.69 -20.55
C LEU B 953 14.98 14.37 -20.41
N ASP B 954 15.59 15.07 -19.44
CA ASP B 954 17.03 15.06 -19.27
C ASP B 954 17.53 13.70 -18.78
N PRO B 955 18.75 13.33 -19.14
CA PRO B 955 19.35 12.08 -18.63
C PRO B 955 19.53 12.05 -17.11
N PRO B 956 19.89 13.15 -16.42
CA PRO B 956 19.84 13.07 -14.94
C PRO B 956 18.44 12.89 -14.38
N GLU B 957 17.42 13.33 -15.11
CA GLU B 957 16.05 13.00 -14.71
C GLU B 957 15.70 11.58 -15.09
N ALA B 958 16.12 11.15 -16.29
CA ALA B 958 15.75 9.84 -16.80
C ALA B 958 16.40 8.71 -16.03
N GLU B 959 17.62 8.92 -15.54
CA GLU B 959 18.34 7.84 -14.91
C GLU B 959 17.98 7.66 -13.44
N VAL B 960 16.91 8.29 -12.99
CA VAL B 960 16.13 7.77 -11.88
C VAL B 960 14.80 7.22 -12.36
N GLN B 961 14.35 7.61 -13.55
CA GLN B 961 13.07 7.12 -14.05
C GLN B 961 13.24 5.74 -14.66
N ILE B 962 14.17 5.58 -15.60
CA ILE B 962 14.38 4.28 -16.19
C ILE B 962 15.03 3.34 -15.19
N ASP B 963 15.75 3.91 -14.21
CA ASP B 963 16.25 3.15 -13.08
C ASP B 963 15.11 2.55 -12.28
N ARG B 964 14.07 3.35 -12.06
CA ARG B 964 12.85 2.84 -11.44
C ARG B 964 12.15 1.83 -12.33
N LEU B 965 12.33 1.95 -13.64
CA LEU B 965 11.70 1.01 -14.55
C LEU B 965 12.47 -0.29 -14.63
N ILE B 966 13.81 -0.21 -14.70
CA ILE B 966 14.64 -1.40 -14.82
C ILE B 966 14.53 -2.27 -13.58
N THR B 967 14.50 -1.65 -12.40
CA THR B 967 14.28 -2.44 -11.20
C THR B 967 12.86 -2.99 -11.12
N GLY B 968 11.93 -2.41 -11.87
CA GLY B 968 10.60 -2.99 -11.94
C GLY B 968 10.60 -4.30 -12.71
N ARG B 969 11.20 -4.30 -13.90
CA ARG B 969 11.20 -5.50 -14.72
C ARG B 969 12.11 -6.57 -14.15
N LEU B 970 13.24 -6.17 -13.56
CA LEU B 970 14.19 -7.12 -13.04
C LEU B 970 13.62 -7.87 -11.84
N GLN B 971 12.93 -7.15 -10.97
CA GLN B 971 12.19 -7.82 -9.91
C GLN B 971 11.06 -8.66 -10.47
N SER B 972 10.45 -8.22 -11.56
CA SER B 972 9.36 -8.99 -12.16
C SER B 972 9.88 -10.27 -12.79
N LEU B 973 11.08 -10.23 -13.33
CA LEU B 973 11.63 -11.42 -13.97
C LEU B 973 12.00 -12.47 -12.95
N GLN B 974 12.36 -12.05 -11.74
CA GLN B 974 12.72 -13.00 -10.69
C GLN B 974 11.52 -13.85 -10.28
N THR B 975 10.34 -13.23 -10.24
CA THR B 975 9.15 -13.94 -9.82
C THR B 975 8.77 -15.01 -10.83
N TYR B 976 8.94 -14.71 -12.12
CA TYR B 976 8.70 -15.71 -13.15
C TYR B 976 9.67 -16.88 -13.02
N VAL B 977 10.93 -16.58 -12.73
CA VAL B 977 11.96 -17.62 -12.60
C VAL B 977 11.61 -18.57 -11.48
N THR B 978 11.21 -18.02 -10.34
CA THR B 978 11.00 -18.83 -9.15
C THR B 978 9.80 -19.75 -9.30
N GLN B 979 8.70 -19.24 -9.84
CA GLN B 979 7.55 -20.11 -10.08
C GLN B 979 7.83 -21.12 -11.17
N GLN B 980 8.61 -20.74 -12.17
CA GLN B 980 9.06 -21.71 -13.18
C GLN B 980 9.96 -22.76 -12.54
N LEU B 981 10.78 -22.33 -11.59
CA LEU B 981 11.73 -23.26 -10.98
C LEU B 981 11.03 -24.25 -10.07
N ILE B 982 10.06 -23.79 -9.28
CA ILE B 982 9.44 -24.70 -8.33
C ILE B 982 8.50 -25.65 -9.04
N ARG B 983 7.94 -25.22 -10.17
CA ARG B 983 7.05 -26.09 -10.91
C ARG B 983 7.83 -27.22 -11.55
N ALA B 984 9.06 -26.93 -11.97
CA ALA B 984 9.94 -27.96 -12.53
C ALA B 984 10.27 -29.01 -11.49
N ALA B 985 10.28 -28.63 -10.22
CA ALA B 985 10.49 -29.62 -9.17
C ALA B 985 9.30 -30.56 -9.04
N GLU B 986 8.09 -30.05 -9.28
CA GLU B 986 6.91 -30.88 -9.07
C GLU B 986 6.76 -31.93 -10.16
N ILE B 987 6.89 -31.51 -11.42
CA ILE B 987 6.74 -32.44 -12.53
C ILE B 987 7.86 -33.47 -12.53
N ARG B 988 9.06 -33.09 -12.10
CA ARG B 988 10.15 -34.06 -11.99
C ARG B 988 9.86 -35.08 -10.90
N ALA B 989 9.22 -34.64 -9.82
CA ALA B 989 8.75 -35.60 -8.83
C ALA B 989 7.65 -36.47 -9.42
N SER B 990 6.80 -35.90 -10.26
CA SER B 990 5.81 -36.70 -10.96
C SER B 990 6.45 -37.60 -12.00
N ALA B 991 7.59 -37.19 -12.55
CA ALA B 991 8.28 -38.02 -13.52
C ALA B 991 8.91 -39.23 -12.86
N ASN B 992 9.42 -39.06 -11.63
CA ASN B 992 10.01 -40.18 -10.92
C ASN B 992 8.97 -41.23 -10.57
N LEU B 993 7.73 -40.80 -10.35
CA LEU B 993 6.64 -41.75 -10.22
C LEU B 993 6.39 -42.46 -11.54
N ALA B 994 6.51 -41.74 -12.65
CA ALA B 994 6.26 -42.33 -13.96
C ALA B 994 7.33 -43.33 -14.32
N ALA B 995 8.59 -42.99 -14.03
CA ALA B 995 9.68 -43.93 -14.29
C ALA B 995 9.59 -45.14 -13.39
N THR B 996 9.05 -44.97 -12.19
CA THR B 996 8.84 -46.12 -11.32
C THR B 996 7.75 -47.03 -11.87
N LYS B 997 6.68 -46.44 -12.40
CA LYS B 997 5.63 -47.25 -12.99
C LYS B 997 6.09 -47.93 -14.27
N MET B 998 7.10 -47.38 -14.94
CA MET B 998 7.55 -47.99 -16.18
C MET B 998 8.26 -49.30 -15.92
N SER B 999 8.96 -49.40 -14.80
CA SER B 999 9.73 -50.60 -14.51
C SER B 999 9.01 -51.55 -13.57
N GLU B 1000 7.98 -51.09 -12.88
CA GLU B 1000 7.31 -51.93 -11.91
C GLU B 1000 5.95 -52.38 -12.40
N CYS B 1001 5.55 -51.96 -13.60
CA CYS B 1001 4.24 -52.40 -14.08
C CYS B 1001 4.35 -52.98 -15.48
N VAL B 1002 5.24 -52.43 -16.30
CA VAL B 1002 5.41 -52.89 -17.67
C VAL B 1002 6.38 -54.04 -17.76
N LEU B 1003 7.55 -53.91 -17.14
CA LEU B 1003 8.57 -54.93 -17.19
C LEU B 1003 8.34 -56.05 -16.19
N GLY B 1004 7.17 -56.10 -15.56
CA GLY B 1004 6.87 -57.16 -14.63
C GLY B 1004 5.48 -57.03 -14.06
N GLN B 1005 4.86 -58.17 -13.75
CA GLN B 1005 3.61 -58.16 -13.01
C GLN B 1005 3.82 -57.60 -11.63
N SER B 1006 2.92 -56.70 -11.22
CA SER B 1006 2.92 -56.22 -9.85
C SER B 1006 1.82 -56.90 -9.06
N LYS B 1007 1.77 -56.62 -7.77
CA LYS B 1007 0.79 -57.23 -6.88
C LYS B 1007 0.06 -56.25 -6.00
N ARG B 1008 0.56 -55.02 -5.85
CA ARG B 1008 -0.11 -54.03 -5.02
C ARG B 1008 -1.39 -53.53 -5.69
N VAL B 1009 -2.51 -53.75 -4.99
CA VAL B 1009 -3.83 -53.43 -5.52
C VAL B 1009 -4.00 -51.91 -5.55
N ASP B 1010 -4.69 -51.42 -6.57
CA ASP B 1010 -5.04 -50.05 -6.93
C ASP B 1010 -3.82 -49.30 -7.48
N PHE B 1011 -2.64 -49.88 -7.38
CA PHE B 1011 -1.56 -49.49 -8.26
C PHE B 1011 -1.76 -50.22 -9.58
N CYS B 1012 -1.24 -49.61 -10.65
CA CYS B 1012 -1.49 -50.03 -12.04
C CYS B 1012 -2.99 -50.08 -12.35
N GLY B 1013 -3.73 -49.10 -11.83
CA GLY B 1013 -5.17 -49.09 -12.00
C GLY B 1013 -5.87 -50.06 -11.07
N LYS B 1014 -7.19 -50.05 -11.15
CA LYS B 1014 -7.99 -50.91 -10.30
C LYS B 1014 -7.93 -52.36 -10.77
N GLY B 1015 -8.44 -53.24 -9.94
CA GLY B 1015 -8.51 -54.65 -10.26
C GLY B 1015 -7.17 -55.34 -10.16
N TYR B 1016 -7.20 -56.65 -10.33
CA TYR B 1016 -5.99 -57.45 -10.32
C TYR B 1016 -5.19 -57.17 -11.58
N HIS B 1017 -3.95 -56.70 -11.41
CA HIS B 1017 -3.11 -56.37 -12.54
C HIS B 1017 -2.70 -57.62 -13.30
N LEU B 1018 -2.76 -57.54 -14.63
CA LEU B 1018 -2.30 -58.61 -15.50
C LEU B 1018 -1.11 -58.20 -16.34
N MET B 1019 -1.21 -57.07 -17.03
CA MET B 1019 -0.19 -56.68 -18.00
C MET B 1019 -0.37 -55.21 -18.31
N SER B 1020 0.73 -54.52 -18.51
CA SER B 1020 0.71 -53.09 -18.79
C SER B 1020 1.24 -52.81 -20.19
N PHE B 1021 0.86 -51.65 -20.73
CA PHE B 1021 1.31 -51.24 -22.05
C PHE B 1021 1.51 -49.73 -22.15
N PRO B 1022 2.69 -49.28 -22.56
CA PRO B 1022 2.93 -47.85 -22.69
C PRO B 1022 2.49 -47.31 -24.03
N GLN B 1023 2.13 -46.02 -24.04
CA GLN B 1023 1.81 -45.30 -25.25
C GLN B 1023 2.40 -43.91 -25.19
N ALA B 1024 3.06 -43.51 -26.27
CA ALA B 1024 3.69 -42.20 -26.32
C ALA B 1024 2.66 -41.11 -26.58
N ALA B 1025 3.03 -39.90 -26.17
CA ALA B 1025 2.17 -38.73 -26.24
C ALA B 1025 3.06 -37.51 -26.07
N PRO B 1026 2.60 -36.33 -26.49
CA PRO B 1026 3.38 -35.12 -26.23
C PRO B 1026 3.49 -34.83 -24.74
N HIS B 1027 4.74 -34.71 -24.27
CA HIS B 1027 5.12 -34.33 -22.90
C HIS B 1027 4.68 -35.34 -21.86
N GLY B 1028 4.29 -36.54 -22.26
CA GLY B 1028 3.81 -37.51 -21.30
C GLY B 1028 3.74 -38.88 -21.90
N VAL B 1029 3.19 -39.81 -21.14
CA VAL B 1029 2.95 -41.17 -21.59
C VAL B 1029 1.49 -41.52 -21.30
N VAL B 1030 1.05 -42.62 -21.89
CA VAL B 1030 -0.25 -43.19 -21.61
C VAL B 1030 -0.06 -44.67 -21.32
N PHE B 1031 -0.51 -45.14 -20.17
CA PHE B 1031 -0.41 -46.54 -19.84
C PHE B 1031 -1.73 -47.25 -20.11
N LEU B 1032 -1.61 -48.54 -20.41
CA LEU B 1032 -2.77 -49.38 -20.69
C LEU B 1032 -2.75 -50.52 -19.69
N HIS B 1033 -3.66 -50.48 -18.73
CA HIS B 1033 -3.68 -51.45 -17.65
C HIS B 1033 -4.70 -52.52 -18.00
N VAL B 1034 -4.22 -53.57 -18.66
CA VAL B 1034 -5.06 -54.74 -18.87
C VAL B 1034 -5.17 -55.47 -17.54
N THR B 1035 -6.37 -55.51 -16.97
CA THR B 1035 -6.56 -56.02 -15.63
C THR B 1035 -7.59 -57.13 -15.63
N TYR B 1036 -7.63 -57.86 -14.53
CA TYR B 1036 -8.60 -58.94 -14.33
C TYR B 1036 -9.65 -58.50 -13.33
N VAL B 1037 -10.91 -58.74 -13.67
CA VAL B 1037 -12.03 -58.40 -12.80
C VAL B 1037 -13.00 -59.58 -12.75
N PRO B 1038 -13.23 -60.18 -11.60
CA PRO B 1038 -14.15 -61.32 -11.51
C PRO B 1038 -15.61 -60.86 -11.51
N SER B 1039 -16.51 -61.84 -11.58
CA SER B 1039 -17.95 -61.57 -11.60
C SER B 1039 -18.72 -62.83 -11.20
N GLN B 1040 -20.05 -62.67 -11.17
CA GLN B 1040 -21.02 -63.76 -10.95
C GLN B 1040 -20.82 -64.45 -9.59
N GLU B 1041 -21.10 -63.68 -8.55
CA GLU B 1041 -21.04 -64.19 -7.19
C GLU B 1041 -22.26 -65.03 -6.85
N ARG B 1042 -22.08 -65.95 -5.89
CA ARG B 1042 -23.14 -66.79 -5.37
C ARG B 1042 -22.98 -66.94 -3.87
N ASN B 1043 -23.98 -67.52 -3.22
CA ASN B 1043 -23.93 -67.79 -1.80
C ASN B 1043 -23.60 -69.25 -1.56
N PHE B 1044 -22.69 -69.51 -0.62
CA PHE B 1044 -22.34 -70.87 -0.22
C PHE B 1044 -22.04 -70.88 1.26
N THR B 1045 -22.22 -72.06 1.87
CA THR B 1045 -22.06 -72.22 3.31
C THR B 1045 -20.71 -72.83 3.62
N THR B 1046 -19.97 -72.21 4.53
CA THR B 1046 -18.57 -72.51 4.76
C THR B 1046 -18.37 -73.83 5.49
N ALA B 1047 -17.08 -74.22 5.57
CA ALA B 1047 -16.63 -75.28 6.48
C ALA B 1047 -15.19 -74.99 6.84
N PRO B 1048 -14.94 -74.39 8.01
CA PRO B 1048 -13.55 -74.20 8.43
C PRO B 1048 -12.84 -75.48 8.78
N ALA B 1049 -13.56 -76.46 9.31
CA ALA B 1049 -12.94 -77.65 9.88
C ALA B 1049 -13.79 -78.88 9.57
N ILE B 1050 -13.12 -80.02 9.49
CA ILE B 1050 -13.74 -81.28 9.10
C ILE B 1050 -13.41 -82.31 10.16
N CYS B 1051 -14.43 -82.88 10.79
CA CYS B 1051 -14.24 -83.89 11.83
C CYS B 1051 -14.34 -85.25 11.17
N HIS B 1052 -13.22 -85.96 11.11
CA HIS B 1052 -13.20 -87.33 10.64
C HIS B 1052 -12.33 -88.13 11.60
N GLU B 1053 -13.00 -89.00 12.37
CA GLU B 1053 -12.36 -89.94 13.29
C GLU B 1053 -11.55 -89.21 14.37
N GLY B 1054 -12.07 -88.09 14.84
CA GLY B 1054 -11.47 -87.38 15.95
C GLY B 1054 -10.22 -86.58 15.64
N LYS B 1055 -10.02 -86.17 14.39
CA LYS B 1055 -8.85 -85.40 14.02
C LYS B 1055 -9.28 -84.12 13.32
N ALA B 1056 -8.38 -83.14 13.34
CA ALA B 1056 -8.63 -81.82 12.75
C ALA B 1056 -7.92 -81.72 11.41
N TYR B 1057 -8.68 -81.56 10.35
CA TYR B 1057 -8.16 -81.58 8.99
C TYR B 1057 -8.26 -80.18 8.43
N PHE B 1058 -7.14 -79.53 8.26
CA PHE B 1058 -7.19 -78.19 7.74
C PHE B 1058 -6.61 -78.14 6.34
N PRO B 1059 -7.20 -77.34 5.44
CA PRO B 1059 -6.73 -77.33 4.05
C PRO B 1059 -5.34 -76.73 3.94
N ARG B 1060 -4.56 -77.28 3.00
CA ARG B 1060 -3.28 -76.67 2.66
C ARG B 1060 -3.50 -75.30 2.05
N GLU B 1061 -4.53 -75.18 1.22
CA GLU B 1061 -4.99 -73.90 0.69
C GLU B 1061 -6.44 -74.07 0.28
N GLY B 1062 -7.08 -72.95 -0.05
CA GLY B 1062 -8.50 -72.96 -0.35
C GLY B 1062 -9.34 -73.16 0.90
N VAL B 1063 -10.65 -73.10 0.69
CA VAL B 1063 -11.62 -73.26 1.76
C VAL B 1063 -12.62 -74.32 1.34
N PHE B 1064 -13.63 -74.54 2.20
CA PHE B 1064 -14.59 -75.60 1.96
C PHE B 1064 -15.99 -75.03 2.01
N VAL B 1065 -16.77 -75.29 0.97
CA VAL B 1065 -18.15 -74.85 0.89
C VAL B 1065 -19.04 -76.02 0.51
N PHE B 1066 -20.30 -75.90 0.89
CA PHE B 1066 -21.34 -76.88 0.58
C PHE B 1066 -22.07 -76.40 -0.67
N ASN B 1067 -21.96 -77.14 -1.77
CA ASN B 1067 -22.61 -76.62 -2.97
C ASN B 1067 -24.12 -76.86 -2.94
N GLY B 1068 -24.59 -77.71 -2.06
CA GLY B 1068 -25.97 -78.15 -2.07
C GLY B 1068 -26.06 -79.64 -1.89
N THR B 1069 -25.11 -80.38 -2.46
CA THR B 1069 -25.08 -81.83 -2.30
C THR B 1069 -24.06 -82.26 -1.26
N SER B 1070 -22.80 -81.91 -1.48
CA SER B 1070 -21.72 -82.32 -0.60
C SER B 1070 -20.79 -81.14 -0.42
N TRP B 1071 -19.65 -81.41 0.18
CA TRP B 1071 -18.65 -80.40 0.44
C TRP B 1071 -17.56 -80.46 -0.62
N PHE B 1072 -17.03 -79.31 -0.96
CA PHE B 1072 -16.03 -79.21 -2.00
C PHE B 1072 -14.98 -78.21 -1.59
N ILE B 1073 -13.87 -78.22 -2.30
CA ILE B 1073 -12.80 -77.26 -2.09
C ILE B 1073 -12.67 -76.40 -3.35
N THR B 1074 -12.40 -75.12 -3.16
CA THR B 1074 -12.12 -74.24 -4.28
C THR B 1074 -11.17 -73.14 -3.83
N GLN B 1075 -10.64 -72.41 -4.80
CA GLN B 1075 -9.83 -71.23 -4.56
C GLN B 1075 -10.72 -70.00 -4.47
N ARG B 1076 -10.17 -68.93 -3.91
CA ARG B 1076 -10.98 -67.75 -3.66
C ARG B 1076 -11.20 -66.93 -4.92
N ASN B 1077 -10.32 -67.05 -5.89
CA ASN B 1077 -10.44 -66.24 -7.09
C ASN B 1077 -11.47 -66.78 -8.05
N PHE B 1078 -11.84 -68.06 -7.92
CA PHE B 1078 -12.60 -68.71 -8.97
C PHE B 1078 -13.32 -69.92 -8.39
N PHE B 1079 -14.55 -70.13 -8.85
CA PHE B 1079 -15.41 -71.18 -8.32
C PHE B 1079 -15.13 -72.48 -9.08
N SER B 1080 -14.22 -73.28 -8.54
CA SER B 1080 -13.88 -74.58 -9.11
C SER B 1080 -13.98 -75.62 -8.01
N PRO B 1081 -15.14 -76.27 -7.87
CA PRO B 1081 -15.31 -77.27 -6.81
C PRO B 1081 -14.47 -78.51 -7.09
N GLN B 1082 -13.75 -78.97 -6.08
CA GLN B 1082 -12.94 -80.16 -6.22
C GLN B 1082 -13.15 -81.08 -5.03
N ILE B 1083 -12.50 -82.23 -5.12
CA ILE B 1083 -12.73 -83.34 -4.22
C ILE B 1083 -11.79 -83.19 -3.03
N ILE B 1084 -12.23 -83.68 -1.88
CA ILE B 1084 -11.56 -83.44 -0.60
C ILE B 1084 -10.75 -84.67 -0.26
N THR B 1085 -9.43 -84.57 -0.43
CA THR B 1085 -8.52 -85.66 -0.09
C THR B 1085 -7.44 -85.17 0.86
N THR B 1086 -6.41 -85.99 1.07
CA THR B 1086 -5.22 -85.54 1.78
C THR B 1086 -4.26 -84.79 0.89
N ASP B 1087 -4.57 -84.69 -0.41
CA ASP B 1087 -3.66 -84.04 -1.34
C ASP B 1087 -3.69 -82.52 -1.19
N ASN B 1088 -4.70 -81.99 -0.53
CA ASN B 1088 -4.90 -80.56 -0.40
C ASN B 1088 -5.24 -80.16 1.03
N THR B 1089 -5.14 -81.10 1.97
CA THR B 1089 -5.58 -80.87 3.33
C THR B 1089 -4.68 -81.64 4.27
N PHE B 1090 -4.03 -80.94 5.18
CA PHE B 1090 -3.23 -81.60 6.19
C PHE B 1090 -4.07 -81.86 7.44
N VAL B 1091 -3.50 -82.63 8.35
CA VAL B 1091 -4.11 -82.89 9.66
C VAL B 1091 -3.18 -82.31 10.72
N SER B 1092 -3.78 -81.69 11.73
CA SER B 1092 -3.02 -81.14 12.85
C SER B 1092 -3.96 -81.06 14.05
N GLY B 1093 -3.68 -81.83 15.08
CA GLY B 1093 -4.49 -81.82 16.27
C GLY B 1093 -5.77 -82.62 16.13
N ASN B 1094 -6.43 -82.82 17.26
CA ASN B 1094 -7.64 -83.62 17.28
C ASN B 1094 -8.86 -82.77 16.91
N CYS B 1095 -9.97 -83.45 16.73
CA CYS B 1095 -11.25 -82.78 16.57
C CYS B 1095 -11.69 -82.18 17.91
N ASP B 1096 -12.76 -81.37 17.84
CA ASP B 1096 -13.40 -80.72 18.98
C ASP B 1096 -12.42 -79.82 19.74
N VAL B 1097 -11.86 -78.86 19.00
CA VAL B 1097 -11.13 -77.75 19.61
C VAL B 1097 -11.70 -76.45 19.05
N VAL B 1098 -11.75 -76.39 17.72
CA VAL B 1098 -12.11 -75.17 17.00
C VAL B 1098 -13.61 -75.09 16.78
N ILE B 1099 -14.06 -73.93 16.33
CA ILE B 1099 -15.48 -73.68 16.09
C ILE B 1099 -15.82 -74.05 14.65
N GLY B 1100 -16.97 -74.69 14.45
CA GLY B 1100 -17.45 -74.97 13.12
C GLY B 1100 -16.77 -76.13 12.43
N ILE B 1101 -16.99 -77.33 12.94
CA ILE B 1101 -16.37 -78.54 12.41
C ILE B 1101 -17.46 -79.38 11.79
N ILE B 1102 -17.14 -80.08 10.70
CA ILE B 1102 -18.12 -80.83 9.93
C ILE B 1102 -17.77 -82.32 9.97
N ASN B 1103 -18.77 -83.15 10.23
CA ASN B 1103 -18.61 -84.60 10.11
C ASN B 1103 -18.69 -84.98 8.63
N ASN B 1104 -17.53 -85.18 8.02
CA ASN B 1104 -17.45 -85.71 6.68
C ASN B 1104 -16.16 -86.51 6.59
N THR B 1105 -15.97 -87.21 5.47
CA THR B 1105 -14.85 -88.12 5.30
C THR B 1105 -13.83 -87.51 4.35
N VAL B 1106 -12.76 -88.27 4.14
CA VAL B 1106 -11.66 -87.89 3.26
C VAL B 1106 -11.39 -89.06 2.34
N TYR B 1107 -11.35 -88.81 1.03
CA TYR B 1107 -10.94 -89.86 0.11
C TYR B 1107 -9.44 -90.11 0.21
N ASP B 1108 -9.08 -91.39 0.20
CA ASP B 1108 -7.70 -91.82 0.13
C ASP B 1108 -7.54 -92.81 -1.01
N PRO B 1109 -6.54 -92.63 -1.88
CA PRO B 1109 -6.32 -93.60 -2.97
C PRO B 1109 -5.74 -94.94 -2.53
N LEU B 1110 -5.54 -95.17 -1.23
CA LEU B 1110 -5.07 -96.48 -0.75
C LEU B 1110 -6.15 -97.55 -0.88
N GLN B 1111 -7.41 -97.15 -0.96
CA GLN B 1111 -8.51 -98.12 -0.86
C GLN B 1111 -8.65 -99.06 -2.07
N PRO B 1112 -8.62 -98.61 -3.38
CA PRO B 1112 -8.91 -99.57 -4.45
C PRO B 1112 -7.84 -100.63 -4.73
N GLU B 1113 -6.77 -100.65 -3.94
CA GLU B 1113 -5.74 -101.67 -4.11
C GLU B 1113 -6.12 -103.02 -3.52
N LEU B 1114 -7.26 -103.12 -2.86
CA LEU B 1114 -7.64 -104.36 -2.20
C LEU B 1114 -8.32 -105.33 -3.17
N ARG C 5 7.55 33.53 53.34
CA ARG C 5 8.46 33.08 54.39
C ARG C 5 9.17 31.80 54.02
N CYS C 6 10.51 31.84 54.00
CA CYS C 6 11.34 30.68 53.78
C CYS C 6 11.97 30.29 55.10
N THR C 7 11.45 29.24 55.72
CA THR C 7 11.89 28.79 57.03
C THR C 7 12.69 27.51 56.89
N THR C 8 14.00 27.62 57.08
CA THR C 8 14.87 26.46 57.06
C THR C 8 15.00 25.89 58.48
N PHE C 9 15.44 24.65 58.56
CA PHE C 9 15.41 23.90 59.81
C PHE C 9 16.77 23.89 60.50
N ASP C 10 16.75 23.46 61.77
CA ASP C 10 17.92 23.54 62.64
C ASP C 10 18.66 22.21 62.77
N ASP C 11 17.94 21.10 62.88
CA ASP C 11 18.56 19.84 63.29
C ASP C 11 18.28 18.75 62.25
N VAL C 12 18.52 19.03 60.98
CA VAL C 12 18.32 18.05 59.93
C VAL C 12 19.46 17.05 59.92
N GLN C 13 19.15 15.78 60.14
CA GLN C 13 20.11 14.71 59.90
C GLN C 13 20.32 14.55 58.40
N ALA C 14 21.57 14.28 58.02
CA ALA C 14 21.94 14.12 56.61
C ALA C 14 21.23 12.90 56.01
N PRO C 15 20.97 12.93 54.69
CA PRO C 15 20.30 11.78 54.05
C PRO C 15 21.17 10.54 54.04
N ASN C 16 20.54 9.39 54.33
CA ASN C 16 21.25 8.13 54.46
C ASN C 16 21.55 7.47 53.12
N TYR C 17 20.79 7.80 52.08
CA TYR C 17 20.80 7.13 50.78
C TYR C 17 20.60 5.62 50.93
N THR C 18 19.47 5.26 51.54
CA THR C 18 19.19 3.87 51.87
C THR C 18 18.74 3.12 50.62
N GLN C 19 19.24 1.90 50.45
CA GLN C 19 18.99 1.13 49.25
C GLN C 19 17.86 0.13 49.49
N HIS C 20 16.96 0.02 48.50
CA HIS C 20 15.82 -0.87 48.58
C HIS C 20 15.57 -1.47 47.20
N THR C 21 14.62 -2.40 47.12
CA THR C 21 14.35 -3.16 45.90
C THR C 21 13.05 -2.71 45.26
N SER C 22 12.88 -3.07 43.99
CA SER C 22 11.81 -2.53 43.15
C SER C 22 10.91 -3.60 42.57
N SER C 23 10.78 -4.75 43.25
CA SER C 23 10.68 -6.09 42.67
C SER C 23 9.79 -6.21 41.43
N MET C 24 8.49 -5.97 41.59
CA MET C 24 7.58 -6.10 40.46
C MET C 24 6.54 -4.96 40.50
N ARG C 25 6.98 -3.76 40.84
CA ARG C 25 6.07 -2.63 40.89
C ARG C 25 6.49 -1.58 39.86
N GLY C 26 5.73 -0.51 39.80
CA GLY C 26 5.91 0.47 38.75
C GLY C 26 5.14 0.17 37.48
N VAL C 27 4.13 -0.68 37.56
CA VAL C 27 3.37 -1.08 36.39
C VAL C 27 2.25 -0.06 36.17
N TYR C 28 2.04 0.33 34.92
CA TYR C 28 1.05 1.36 34.62
C TYR C 28 0.51 1.19 33.22
N TYR C 29 -0.69 1.72 33.00
CA TYR C 29 -1.23 1.79 31.65
C TYR C 29 -0.42 2.78 30.83
N PRO C 30 0.10 2.39 29.67
CA PRO C 30 0.86 3.33 28.85
C PRO C 30 -0.01 4.25 28.03
N ASP C 31 -1.26 3.90 27.78
CA ASP C 31 -2.15 4.70 26.94
C ASP C 31 -3.59 4.36 27.31
N GLU C 32 -4.52 4.78 26.45
CA GLU C 32 -5.94 4.63 26.70
C GLU C 32 -6.62 3.72 25.68
N ILE C 33 -5.85 2.87 25.00
CA ILE C 33 -6.42 1.95 24.02
C ILE C 33 -6.87 0.70 24.76
N PHE C 34 -8.10 0.27 24.48
CA PHE C 34 -8.66 -0.92 25.14
C PHE C 34 -8.38 -2.15 24.29
N ARG C 35 -7.39 -2.93 24.69
CA ARG C 35 -7.24 -4.29 24.22
C ARG C 35 -7.66 -5.23 25.33
N SER C 36 -7.99 -6.47 24.97
CA SER C 36 -8.54 -7.37 25.97
C SER C 36 -8.17 -8.81 25.64
N ASP C 37 -7.73 -9.54 26.67
CA ASP C 37 -7.36 -10.95 26.62
C ASP C 37 -6.33 -11.20 25.52
N THR C 38 -5.19 -10.54 25.69
CA THR C 38 -4.16 -10.56 24.66
C THR C 38 -2.83 -10.28 25.32
N LEU C 39 -1.79 -10.31 24.50
CA LEU C 39 -0.43 -10.08 24.95
C LEU C 39 0.16 -9.00 24.08
N TYR C 40 0.95 -8.11 24.69
CA TYR C 40 1.33 -6.90 23.98
C TYR C 40 2.67 -6.39 24.44
N LEU C 41 3.51 -6.01 23.50
CA LEU C 41 4.83 -5.49 23.80
C LEU C 41 4.80 -3.97 23.88
N THR C 42 5.45 -3.43 24.90
CA THR C 42 5.60 -2.00 25.09
C THR C 42 7.09 -1.66 25.13
N GLN C 43 7.45 -0.49 24.61
CA GLN C 43 8.85 -0.08 24.50
C GLN C 43 8.93 1.39 24.90
N ASP C 44 9.18 1.66 26.19
CA ASP C 44 9.16 3.03 26.66
C ASP C 44 10.03 3.10 27.92
N LEU C 45 9.93 4.21 28.64
CA LEU C 45 10.60 4.39 29.92
C LEU C 45 9.86 3.62 30.99
N PHE C 46 10.61 2.85 31.79
CA PHE C 46 9.98 2.04 32.82
C PHE C 46 10.90 1.92 34.01
N LEU C 47 10.28 1.63 35.15
CA LEU C 47 11.01 1.09 36.28
C LEU C 47 11.32 -0.38 36.00
N PRO C 48 12.58 -0.77 35.90
CA PRO C 48 12.89 -2.17 35.64
C PRO C 48 12.69 -3.00 36.90
N PHE C 49 12.73 -4.31 36.70
CA PHE C 49 12.45 -5.21 37.81
C PHE C 49 13.73 -5.46 38.62
N TYR C 50 13.57 -5.44 39.94
CA TYR C 50 14.65 -5.64 40.91
C TYR C 50 15.75 -4.60 40.73
N SER C 51 15.35 -3.34 40.64
CA SER C 51 16.29 -2.24 40.59
C SER C 51 16.42 -1.63 41.97
N ASN C 52 17.51 -0.89 42.17
CA ASN C 52 17.74 -0.28 43.47
C ASN C 52 16.83 0.92 43.68
N VAL C 53 16.30 1.02 44.89
CA VAL C 53 15.37 2.07 45.25
C VAL C 53 16.03 2.89 46.34
N THR C 54 16.17 4.19 46.09
CA THR C 54 16.78 5.07 47.08
C THR C 54 15.76 5.38 48.16
N GLY C 55 16.11 5.06 49.41
CA GLY C 55 15.20 5.20 50.53
C GLY C 55 15.40 6.53 51.23
N PHE C 56 14.30 7.26 51.39
CA PHE C 56 14.30 8.59 52.00
C PHE C 56 13.45 8.52 53.27
N HIS C 57 14.10 8.27 54.39
CA HIS C 57 13.45 8.07 55.66
C HIS C 57 13.35 9.39 56.41
N THR C 58 12.19 9.62 57.04
CA THR C 58 12.03 10.72 57.97
C THR C 58 11.89 10.10 59.36
N ILE C 59 12.96 10.19 60.14
CA ILE C 59 12.89 9.79 61.55
C ILE C 59 13.08 11.10 62.31
N ASN C 60 13.00 11.06 63.65
CA ASN C 60 12.69 12.25 64.45
C ASN C 60 13.76 13.34 64.39
N HIS C 61 14.97 13.00 63.93
CA HIS C 61 15.98 14.00 63.64
C HIS C 61 16.22 14.19 62.15
N THR C 62 15.54 13.42 61.30
CA THR C 62 15.83 13.37 59.88
C THR C 62 14.69 13.99 59.09
N PHE C 63 15.01 15.04 58.33
CA PHE C 63 14.06 15.71 57.44
C PHE C 63 14.72 15.72 56.06
N GLY C 64 14.50 14.65 55.29
CA GLY C 64 15.15 14.49 54.00
C GLY C 64 14.28 15.08 52.91
N ASN C 65 14.77 16.15 52.26
CA ASN C 65 14.35 16.59 50.93
C ASN C 65 15.42 17.45 50.26
N PRO C 66 16.48 16.86 49.73
CA PRO C 66 17.48 17.66 49.00
C PRO C 66 17.04 17.86 47.56
N VAL C 67 17.94 18.48 46.79
CA VAL C 67 17.75 18.59 45.34
C VAL C 67 17.90 17.22 44.71
N ILE C 68 16.88 16.78 43.97
CA ILE C 68 16.87 15.45 43.39
C ILE C 68 16.60 15.56 41.90
N PRO C 69 17.41 14.93 41.05
CA PRO C 69 17.21 15.05 39.60
C PRO C 69 16.06 14.20 39.09
N PHE C 70 15.39 14.72 38.06
CA PHE C 70 14.24 14.09 37.42
C PHE C 70 14.64 13.11 36.32
N LYS C 71 15.94 12.84 36.16
CA LYS C 71 16.68 12.81 34.91
C LYS C 71 15.85 12.47 33.67
N ASP C 72 15.16 11.33 33.70
CA ASP C 72 14.39 10.89 32.53
C ASP C 72 12.99 10.48 32.92
N GLY C 73 12.49 11.00 34.03
CA GLY C 73 11.22 10.52 34.54
C GLY C 73 11.50 9.70 35.78
N ILE C 74 10.59 9.77 36.74
CA ILE C 74 10.82 9.22 38.07
C ILE C 74 9.67 8.32 38.46
N TYR C 75 9.97 7.38 39.35
CA TYR C 75 8.96 6.59 40.03
C TYR C 75 8.92 7.01 41.49
N PHE C 76 7.72 7.21 42.01
CA PHE C 76 7.57 7.60 43.40
C PHE C 76 6.62 6.64 44.11
N ALA C 77 6.97 6.30 45.34
CA ALA C 77 6.11 5.58 46.24
C ALA C 77 6.00 6.35 47.55
N ALA C 78 4.81 6.30 48.14
CA ALA C 78 4.50 7.04 49.36
C ALA C 78 4.03 6.06 50.41
N THR C 79 4.89 5.76 51.37
CA THR C 79 4.52 4.90 52.49
C THR C 79 3.88 5.78 53.55
N GLU C 80 2.56 5.72 53.67
CA GLU C 80 1.80 6.71 54.41
C GLU C 80 1.06 6.06 55.57
N LYS C 81 1.16 6.69 56.73
CA LYS C 81 0.20 6.51 57.81
C LYS C 81 -0.24 7.84 58.42
N SER C 82 0.51 8.91 58.22
CA SER C 82 0.22 10.21 58.84
C SER C 82 0.08 11.31 57.80
N ASN C 83 0.03 10.95 56.51
CA ASN C 83 -0.15 11.88 55.38
C ASN C 83 0.96 12.93 55.35
N VAL C 84 2.19 12.46 55.52
CA VAL C 84 3.33 13.36 55.69
C VAL C 84 3.74 13.98 54.36
N VAL C 85 3.97 13.16 53.35
CA VAL C 85 4.27 13.69 52.02
C VAL C 85 3.01 14.27 51.43
N ARG C 86 3.05 15.56 51.09
CA ARG C 86 1.89 16.24 50.55
C ARG C 86 2.17 17.07 49.31
N GLY C 87 3.43 17.26 48.91
CA GLY C 87 3.67 18.16 47.80
C GLY C 87 4.98 17.92 47.10
N TRP C 88 5.06 18.49 45.90
CA TRP C 88 6.27 18.46 45.08
C TRP C 88 6.37 19.77 44.32
N VAL C 89 7.60 20.15 44.00
CA VAL C 89 7.86 21.22 43.04
C VAL C 89 8.87 20.69 42.03
N PHE C 90 8.50 20.73 40.75
CA PHE C 90 9.36 20.25 39.69
C PHE C 90 9.95 21.45 38.98
N GLY C 91 11.22 21.36 38.60
CA GLY C 91 11.83 22.49 37.93
C GLY C 91 13.22 22.18 37.42
N SER C 92 13.98 23.24 37.18
CA SER C 92 15.37 23.11 36.75
C SER C 92 16.35 23.68 37.78
N THR C 93 16.22 24.96 38.12
CA THR C 93 17.17 25.60 39.02
C THR C 93 16.64 25.77 40.43
N MET C 94 15.33 25.55 40.63
CA MET C 94 14.64 25.65 41.92
C MET C 94 14.81 27.04 42.55
N ASN C 95 14.59 28.08 41.73
CA ASN C 95 14.64 29.46 42.17
C ASN C 95 13.59 30.24 41.38
N ASN C 96 13.54 31.55 41.58
CA ASN C 96 12.65 32.41 40.82
C ASN C 96 13.06 32.58 39.36
N LYS C 97 14.30 32.27 39.03
CA LYS C 97 14.81 32.49 37.69
C LYS C 97 14.26 31.49 36.67
N SER C 98 13.71 30.37 37.11
CA SER C 98 13.19 29.35 36.22
C SER C 98 11.74 29.06 36.55
N GLN C 99 11.00 28.60 35.55
CA GLN C 99 9.64 28.15 35.76
C GLN C 99 9.64 26.88 36.60
N SER C 100 8.70 26.80 37.54
CA SER C 100 8.54 25.63 38.37
C SER C 100 7.06 25.48 38.67
N VAL C 101 6.64 24.24 38.93
CA VAL C 101 5.22 23.94 39.10
C VAL C 101 4.99 23.39 40.50
N ILE C 102 3.99 23.94 41.18
CA ILE C 102 3.56 23.45 42.48
C ILE C 102 2.58 22.30 42.27
N ILE C 103 2.89 21.17 42.90
CA ILE C 103 2.04 19.97 42.84
C ILE C 103 1.81 19.58 44.30
N ILE C 104 0.76 20.12 44.92
CA ILE C 104 0.54 19.90 46.34
C ILE C 104 -0.91 19.52 46.62
N ASN C 105 -1.12 19.01 47.83
CA ASN C 105 -2.44 18.88 48.43
C ASN C 105 -2.36 19.51 49.81
N ASN C 106 -3.12 20.58 50.01
CA ASN C 106 -3.10 21.32 51.27
C ASN C 106 -4.10 20.79 52.28
N SER C 107 -4.50 19.52 52.17
CA SER C 107 -5.54 18.82 52.93
C SER C 107 -6.94 19.42 52.76
N THR C 108 -7.10 20.38 51.86
CA THR C 108 -8.41 20.85 51.39
C THR C 108 -8.55 20.72 49.89
N ASN C 109 -7.46 20.92 49.15
CA ASN C 109 -7.49 21.02 47.70
C ASN C 109 -6.18 20.50 47.15
N VAL C 110 -6.27 19.75 46.05
CA VAL C 110 -5.09 19.43 45.26
C VAL C 110 -4.84 20.63 44.35
N VAL C 111 -3.66 21.23 44.48
CA VAL C 111 -3.39 22.51 43.84
C VAL C 111 -2.28 22.33 42.81
N ILE C 112 -2.59 22.65 41.56
CA ILE C 112 -1.63 22.69 40.47
C ILE C 112 -1.35 24.15 40.18
N ARG C 113 -0.08 24.52 40.14
CA ARG C 113 0.29 25.93 40.01
C ARG C 113 1.69 26.04 39.48
N ALA C 114 1.85 26.60 38.28
CA ALA C 114 3.15 26.75 37.63
C ALA C 114 3.44 28.23 37.44
N CYS C 115 4.43 28.75 38.16
CA CYS C 115 4.83 30.16 38.06
C CYS C 115 6.36 30.23 38.12
N ASN C 116 6.88 31.44 38.30
CA ASN C 116 8.29 31.64 38.64
C ASN C 116 8.39 31.89 40.14
N PHE C 117 8.28 30.81 40.90
CA PHE C 117 8.36 30.94 42.36
C PHE C 117 9.79 31.06 42.81
N GLU C 118 10.06 32.02 43.69
CA GLU C 118 11.29 31.94 44.47
C GLU C 118 11.11 30.83 45.48
N LEU C 119 11.87 29.76 45.30
CA LEU C 119 11.72 28.57 46.13
C LEU C 119 12.25 28.83 47.52
N CYS C 120 11.46 28.50 48.52
CA CYS C 120 12.00 28.39 49.87
C CYS C 120 12.88 27.15 49.95
N ASP C 121 14.06 27.31 50.55
CA ASP C 121 15.08 26.27 50.49
C ASP C 121 14.73 25.05 51.34
N ASN C 122 13.73 25.17 52.21
CA ASN C 122 13.27 24.05 53.04
C ASN C 122 11.75 24.12 53.09
N PRO C 123 11.06 23.57 52.08
CA PRO C 123 9.59 23.71 52.02
C PRO C 123 8.90 22.66 52.88
N PHE C 124 7.94 23.11 53.70
CA PHE C 124 7.31 22.22 54.64
C PHE C 124 5.94 22.75 55.03
N PHE C 125 5.02 21.82 55.28
CA PHE C 125 3.84 22.10 56.06
C PHE C 125 4.15 21.83 57.52
N ALA C 126 3.59 22.64 58.41
CA ALA C 126 3.74 22.42 59.84
C ALA C 126 2.38 22.12 60.44
N VAL C 127 2.30 21.01 61.18
CA VAL C 127 1.09 20.57 61.84
C VAL C 127 1.38 20.45 63.33
N SER C 128 0.51 21.04 64.15
CA SER C 128 0.64 20.93 65.60
C SER C 128 0.42 19.49 66.02
N LYS C 129 1.39 18.94 66.74
CA LYS C 129 1.32 17.57 67.26
C LYS C 129 0.27 17.39 68.37
N PRO C 130 0.06 18.32 69.33
CA PRO C 130 -1.11 18.14 70.21
C PRO C 130 -2.44 18.47 69.55
N MET C 131 -2.52 19.55 68.77
CA MET C 131 -3.81 19.97 68.25
C MET C 131 -4.26 19.15 67.04
N GLY C 132 -3.32 18.63 66.25
CA GLY C 132 -3.66 17.80 65.11
C GLY C 132 -4.13 18.54 63.88
N THR C 133 -3.85 19.84 63.78
CA THR C 133 -4.33 20.67 62.68
C THR C 133 -3.17 21.29 61.93
N GLN C 134 -3.40 21.58 60.65
CA GLN C 134 -2.40 22.26 59.82
C GLN C 134 -2.21 23.70 60.27
N THR C 135 -0.96 24.07 60.55
CA THR C 135 -0.62 25.43 60.96
C THR C 135 -0.02 26.23 59.80
N HIS C 136 1.07 25.74 59.21
CA HIS C 136 1.82 26.49 58.22
C HIS C 136 1.55 26.00 56.81
N THR C 137 1.42 26.94 55.89
CA THR C 137 1.65 26.71 54.47
C THR C 137 2.85 27.55 54.08
N MET C 138 4.04 27.02 54.38
CA MET C 138 5.29 27.72 54.10
C MET C 138 5.89 27.11 52.85
N ILE C 139 5.41 27.61 51.71
CA ILE C 139 5.72 27.06 50.40
C ILE C 139 6.56 28.04 49.60
N PHE C 140 6.02 29.21 49.32
CA PHE C 140 6.54 30.13 48.34
C PHE C 140 6.76 31.48 49.00
N ASP C 141 7.86 32.12 48.64
CA ASP C 141 8.11 33.47 49.08
C ASP C 141 7.63 34.48 48.03
N ASN C 142 7.66 34.09 46.76
CA ASN C 142 7.33 34.94 45.63
C ASN C 142 6.53 34.12 44.64
N ALA C 143 5.75 34.83 43.81
CA ALA C 143 4.94 34.17 42.79
C ALA C 143 4.69 35.17 41.67
N PHE C 144 5.22 34.87 40.48
CA PHE C 144 5.01 35.74 39.33
C PHE C 144 5.19 34.95 38.04
N ASN C 145 4.64 35.52 36.95
CA ASN C 145 4.62 34.95 35.60
C ASN C 145 4.04 33.54 35.60
N CYS C 146 2.81 33.45 36.08
CA CYS C 146 2.16 32.16 36.28
C CYS C 146 1.71 31.56 34.96
N THR C 147 1.95 30.27 34.81
CA THR C 147 1.66 29.55 33.56
C THR C 147 0.30 28.86 33.60
N PHE C 148 -0.01 28.13 34.67
CA PHE C 148 -1.35 27.56 34.82
C PHE C 148 -1.66 27.35 36.29
N GLU C 149 -2.93 27.52 36.63
CA GLU C 149 -3.47 27.26 37.96
C GLU C 149 -4.54 26.17 37.85
N TYR C 150 -4.44 25.16 38.70
CA TYR C 150 -5.61 24.33 38.97
C TYR C 150 -5.72 24.03 40.46
N ILE C 151 -6.94 24.15 40.96
CA ILE C 151 -7.31 23.74 42.30
C ILE C 151 -8.43 22.71 42.19
N SER C 152 -8.28 21.60 42.90
CA SER C 152 -9.26 20.52 42.85
C SER C 152 -10.51 20.89 43.63
N ASP C 153 -11.38 19.89 43.80
CA ASP C 153 -12.55 20.06 44.64
C ASP C 153 -12.13 20.25 46.10
N ALA C 154 -12.99 20.88 46.87
CA ALA C 154 -12.75 21.00 48.30
C ALA C 154 -13.10 19.69 48.98
N PHE C 155 -12.24 19.26 49.90
CA PHE C 155 -12.46 18.02 50.64
C PHE C 155 -11.77 18.14 51.98
N SER C 156 -11.98 17.12 52.82
CA SER C 156 -11.36 17.04 54.14
C SER C 156 -10.42 15.84 54.15
N LEU C 157 -9.16 16.09 54.45
CA LEU C 157 -8.15 15.05 54.48
C LEU C 157 -7.63 14.88 55.91
N ASP C 158 -7.19 13.66 56.22
CA ASP C 158 -6.74 13.31 57.56
C ASP C 158 -5.36 13.94 57.79
N VAL C 159 -5.27 14.82 58.78
CA VAL C 159 -4.09 15.64 58.97
C VAL C 159 -3.20 15.12 60.10
N SER C 160 -3.81 14.70 61.20
CA SER C 160 -3.13 14.47 62.46
C SER C 160 -2.16 13.29 62.39
N GLU C 161 -1.22 13.27 63.35
CA GLU C 161 -0.23 12.21 63.41
C GLU C 161 -0.86 10.92 63.90
N LYS C 162 -0.59 9.83 63.19
CA LYS C 162 -1.02 8.50 63.57
C LYS C 162 0.18 7.70 64.07
N SER C 163 -0.11 6.54 64.66
CA SER C 163 0.93 5.62 65.08
C SER C 163 0.54 4.21 64.64
N GLY C 164 1.56 3.37 64.51
CA GLY C 164 1.38 2.02 64.02
C GLY C 164 2.09 1.81 62.69
N ASN C 165 1.59 0.83 61.94
CA ASN C 165 2.16 0.53 60.63
C ASN C 165 1.78 1.60 59.60
N PHE C 166 2.58 1.63 58.54
CA PHE C 166 2.21 2.36 57.33
C PHE C 166 0.96 1.74 56.73
N LYS C 167 -0.17 2.45 56.79
CA LYS C 167 -1.42 1.87 56.34
C LYS C 167 -1.80 2.26 54.92
N HIS C 168 -1.09 3.22 54.33
CA HIS C 168 -1.44 3.71 53.01
C HIS C 168 -0.20 3.70 52.14
N LEU C 169 -0.32 3.17 50.93
CA LEU C 169 0.79 3.09 50.01
C LEU C 169 0.37 3.71 48.68
N ARG C 170 0.83 4.92 48.42
CA ARG C 170 0.52 5.65 47.20
C ARG C 170 1.72 5.62 46.28
N GLU C 171 1.49 5.26 45.02
CA GLU C 171 2.56 5.01 44.07
C GLU C 171 2.37 5.92 42.86
N PHE C 172 3.41 6.67 42.52
CA PHE C 172 3.30 7.78 41.58
C PHE C 172 4.36 7.66 40.48
N VAL C 173 4.00 8.15 39.29
CA VAL C 173 4.87 8.17 38.13
C VAL C 173 4.80 9.54 37.47
N PHE C 174 5.96 10.17 37.29
CA PHE C 174 6.04 11.50 36.72
C PHE C 174 6.96 11.46 35.50
N LYS C 175 6.43 11.89 34.36
CA LYS C 175 7.15 11.80 33.09
C LYS C 175 7.00 13.09 32.31
N ASN C 176 8.13 13.72 32.00
CA ASN C 176 8.17 14.80 31.01
C ASN C 176 8.19 14.13 29.64
N LYS C 177 7.14 14.33 28.86
CA LYS C 177 6.99 13.60 27.61
C LYS C 177 6.32 14.51 26.58
N ASP C 178 7.14 15.07 25.68
CA ASP C 178 6.70 15.81 24.50
C ASP C 178 5.91 17.07 24.89
N GLY C 179 6.51 17.87 25.76
CA GLY C 179 5.84 19.04 26.28
C GLY C 179 4.82 18.77 27.35
N PHE C 180 4.52 17.50 27.63
CA PHE C 180 3.54 17.13 28.64
C PHE C 180 4.24 16.58 29.87
N LEU C 181 3.66 16.88 31.02
CA LEU C 181 4.04 16.22 32.27
C LEU C 181 2.99 15.18 32.57
N TYR C 182 3.39 13.92 32.55
CA TYR C 182 2.46 12.82 32.74
C TYR C 182 2.50 12.36 34.18
N VAL C 183 1.36 12.46 34.85
CA VAL C 183 1.22 12.13 36.26
C VAL C 183 0.37 10.88 36.34
N TYR C 184 0.96 9.78 36.77
CA TYR C 184 0.26 8.51 36.84
C TYR C 184 0.20 8.05 38.29
N LYS C 185 -0.92 7.46 38.69
CA LYS C 185 -1.26 7.31 40.10
C LYS C 185 -1.69 5.88 40.41
N GLY C 186 -1.35 5.41 41.60
CA GLY C 186 -1.91 4.17 42.12
C GLY C 186 -1.80 4.09 43.63
N TYR C 187 -2.68 3.28 44.21
CA TYR C 187 -2.79 3.16 45.66
C TYR C 187 -3.14 1.74 46.07
N GLN C 188 -2.53 1.27 47.15
CA GLN C 188 -3.00 0.11 47.87
C GLN C 188 -2.83 0.36 49.36
N PRO C 189 -3.59 -0.33 50.20
CA PRO C 189 -3.28 -0.34 51.64
C PRO C 189 -2.29 -1.43 51.98
N ILE C 190 -1.39 -1.12 52.92
CA ILE C 190 -0.42 -2.06 53.42
C ILE C 190 -0.39 -1.97 54.94
N ASP C 191 0.53 -2.73 55.55
CA ASP C 191 0.82 -2.62 56.97
C ASP C 191 2.24 -3.11 57.21
N VAL C 192 3.17 -2.16 57.33
CA VAL C 192 4.59 -2.48 57.37
C VAL C 192 5.28 -1.39 58.19
N VAL C 193 6.49 -1.71 58.66
CA VAL C 193 7.28 -0.79 59.46
C VAL C 193 8.15 0.08 58.56
N ARG C 194 9.06 -0.56 57.81
CA ARG C 194 9.91 0.11 56.84
C ARG C 194 10.04 -0.81 55.63
N ASP C 195 10.96 -0.45 54.73
CA ASP C 195 11.45 -1.31 53.65
C ASP C 195 10.35 -1.76 52.70
N LEU C 196 9.91 -0.85 51.80
CA LEU C 196 8.83 -0.93 50.82
C LEU C 196 8.66 -2.32 50.21
N PRO C 197 7.51 -2.95 50.40
CA PRO C 197 7.41 -4.39 50.16
C PRO C 197 7.27 -4.74 48.68
N SER C 198 7.52 -6.01 48.40
CA SER C 198 7.34 -6.56 47.08
C SER C 198 5.86 -6.66 46.74
N GLY C 199 5.58 -6.81 45.45
CA GLY C 199 4.22 -6.96 45.00
C GLY C 199 4.06 -6.42 43.60
N PHE C 200 2.82 -6.06 43.27
CA PHE C 200 2.45 -5.83 41.88
C PHE C 200 1.23 -4.92 41.87
N ASN C 201 1.37 -3.69 41.38
CA ASN C 201 0.28 -2.73 41.44
C ASN C 201 0.25 -1.91 40.16
N THR C 202 -0.87 -1.97 39.46
CA THR C 202 -1.05 -1.23 38.22
C THR C 202 -1.38 0.22 38.53
N LEU C 203 -0.70 1.15 37.88
CA LEU C 203 -0.97 2.55 38.15
C LEU C 203 -1.82 3.15 37.04
N LYS C 204 -2.57 4.19 37.40
CA LYS C 204 -3.50 4.76 36.45
C LYS C 204 -3.10 6.17 36.08
N PRO C 205 -3.30 6.56 34.81
CA PRO C 205 -3.06 7.96 34.44
C PRO C 205 -4.12 8.87 35.00
N ILE C 206 -3.68 9.99 35.59
CA ILE C 206 -4.66 10.94 36.10
C ILE C 206 -4.52 12.30 35.44
N PHE C 207 -3.32 12.68 35.00
CA PHE C 207 -3.16 14.02 34.44
C PHE C 207 -2.13 14.06 33.31
N LYS C 208 -2.57 14.60 32.18
CA LYS C 208 -1.73 14.97 31.05
C LYS C 208 -1.58 16.48 31.11
N LEU C 209 -0.39 16.95 31.45
CA LEU C 209 -0.25 18.37 31.76
C LEU C 209 0.68 19.05 30.77
N PRO C 210 0.16 19.83 29.83
CA PRO C 210 1.01 20.53 28.85
C PRO C 210 1.65 21.79 29.42
N LEU C 211 2.61 21.60 30.33
CA LEU C 211 3.35 22.74 30.84
C LEU C 211 4.45 23.15 29.87
N GLY C 212 5.25 22.19 29.43
CA GLY C 212 6.30 22.47 28.47
C GLY C 212 7.48 23.23 29.05
N ILE C 213 7.86 22.93 30.28
CA ILE C 213 8.97 23.59 30.93
C ILE C 213 10.12 22.60 31.09
N ASN C 214 11.33 23.16 31.24
CA ASN C 214 12.53 22.35 31.40
C ASN C 214 12.58 21.86 32.84
N ILE C 215 12.27 20.59 33.04
CA ILE C 215 12.30 19.98 34.36
C ILE C 215 13.47 19.02 34.41
N THR C 216 14.48 19.36 35.20
CA THR C 216 15.57 18.44 35.45
C THR C 216 15.78 18.14 36.93
N ASN C 217 15.11 18.85 37.82
CA ASN C 217 15.29 18.68 39.25
C ASN C 217 13.95 18.84 39.95
N PHE C 218 13.90 18.38 41.20
CA PHE C 218 12.68 18.51 41.99
C PHE C 218 13.01 18.33 43.46
N ARG C 219 11.97 18.46 44.27
CA ARG C 219 12.06 18.30 45.71
C ARG C 219 10.66 18.05 46.25
N ALA C 220 10.52 17.02 47.08
CA ALA C 220 9.24 16.72 47.71
C ALA C 220 8.98 17.70 48.85
N ILE C 221 7.71 17.81 49.22
CA ILE C 221 7.29 18.70 50.29
C ILE C 221 6.68 17.83 51.38
N LEU C 222 7.38 17.74 52.49
CA LEU C 222 6.97 16.92 53.63
C LEU C 222 5.96 17.68 54.48
N THR C 223 5.70 17.16 55.68
CA THR C 223 4.89 17.85 56.66
C THR C 223 5.56 17.69 58.02
N ALA C 224 6.09 18.78 58.55
CA ALA C 224 6.72 18.75 59.86
C ALA C 224 5.65 18.72 60.94
N PHE C 225 5.83 17.84 61.93
CA PHE C 225 4.91 17.74 63.05
C PHE C 225 5.54 18.42 64.25
N SER C 226 5.04 19.59 64.58
CA SER C 226 5.67 20.41 65.59
C SER C 226 4.89 20.33 66.91
N PRO C 227 5.59 20.34 68.05
CA PRO C 227 4.93 20.36 69.36
C PRO C 227 4.32 21.72 69.72
N ILE C 231 11.08 25.58 66.02
CA ILE C 231 10.73 24.37 66.76
C ILE C 231 9.95 23.46 65.83
N TRP C 232 10.67 22.62 65.11
CA TRP C 232 10.08 21.67 64.18
C TRP C 232 10.33 20.24 64.67
N GLY C 233 9.65 19.30 64.01
CA GLY C 233 9.79 17.91 64.34
C GLY C 233 9.08 17.09 63.28
N THR C 234 9.38 15.80 63.27
CA THR C 234 8.83 14.88 62.28
C THR C 234 8.16 13.71 62.97
N SER C 235 7.41 12.94 62.19
CA SER C 235 6.98 11.60 62.57
C SER C 235 7.53 10.61 61.55
N ALA C 236 7.30 9.33 61.83
CA ALA C 236 7.89 8.27 61.05
C ALA C 236 7.20 8.14 59.70
N ALA C 237 7.93 8.46 58.63
CA ALA C 237 7.46 8.27 57.27
C ALA C 237 8.67 8.05 56.38
N ALA C 238 8.45 7.39 55.26
CA ALA C 238 9.51 7.19 54.29
C ALA C 238 8.91 7.27 52.90
N TYR C 239 9.76 7.52 51.92
CA TYR C 239 9.31 7.71 50.56
C TYR C 239 10.47 7.39 49.64
N PHE C 240 10.14 7.08 48.39
CA PHE C 240 11.08 6.35 47.56
C PHE C 240 11.11 6.89 46.15
N VAL C 241 12.30 6.90 45.56
CA VAL C 241 12.53 7.40 44.22
C VAL C 241 13.15 6.29 43.39
N GLY C 242 12.47 5.93 42.30
CA GLY C 242 13.02 5.04 41.30
C GLY C 242 13.16 5.79 39.99
N TYR C 243 14.22 5.49 39.26
CA TYR C 243 14.45 6.12 37.97
C TYR C 243 13.89 5.26 36.85
N LEU C 244 13.36 5.92 35.83
CA LEU C 244 12.82 5.21 34.69
C LEU C 244 13.91 4.94 33.68
N LYS C 245 13.78 3.83 32.97
CA LYS C 245 14.78 3.40 32.02
C LYS C 245 14.10 2.93 30.75
N PRO C 246 14.72 3.17 29.59
CA PRO C 246 14.13 2.70 28.33
C PRO C 246 14.25 1.20 28.20
N THR C 247 13.14 0.48 28.41
CA THR C 247 13.16 -0.96 28.33
C THR C 247 12.09 -1.46 27.38
N THR C 248 11.86 -2.77 27.41
CA THR C 248 10.77 -3.38 26.68
C THR C 248 10.04 -4.33 27.62
N PHE C 249 8.75 -4.12 27.78
CA PHE C 249 7.93 -4.99 28.59
C PHE C 249 6.92 -5.74 27.73
N MET C 250 6.20 -6.63 28.38
CA MET C 250 5.19 -7.42 27.72
C MET C 250 4.05 -7.60 28.70
N LEU C 251 2.83 -7.23 28.28
CA LEU C 251 1.72 -7.11 29.19
C LEU C 251 0.60 -8.06 28.79
N LYS C 252 0.04 -8.74 29.79
CA LYS C 252 -1.13 -9.58 29.59
C LYS C 252 -2.35 -8.81 30.05
N TYR C 253 -3.31 -8.62 29.15
CA TYR C 253 -4.59 -8.06 29.52
C TYR C 253 -5.56 -9.19 29.78
N ASP C 254 -6.53 -8.94 30.64
CA ASP C 254 -7.52 -9.95 30.92
C ASP C 254 -8.73 -9.77 30.00
N GLU C 255 -9.83 -10.44 30.34
CA GLU C 255 -11.10 -10.19 29.68
C GLU C 255 -11.57 -8.77 29.93
N ASN C 256 -11.39 -8.25 31.13
CA ASN C 256 -11.94 -6.95 31.49
C ASN C 256 -10.97 -5.81 31.28
N GLY C 257 -9.92 -6.01 30.49
CA GLY C 257 -9.00 -4.93 30.18
C GLY C 257 -8.16 -4.46 31.34
N THR C 258 -7.69 -5.38 32.17
CA THR C 258 -6.90 -5.06 33.35
C THR C 258 -5.51 -5.65 33.17
N ILE C 259 -4.49 -4.85 33.45
CA ILE C 259 -3.12 -5.34 33.43
C ILE C 259 -2.95 -6.35 34.56
N THR C 260 -2.76 -7.61 34.22
CA THR C 260 -2.65 -8.67 35.21
C THR C 260 -1.24 -9.18 35.41
N ASP C 261 -0.39 -9.08 34.40
CA ASP C 261 0.96 -9.64 34.50
C ASP C 261 1.88 -8.93 33.53
N ALA C 262 3.14 -8.84 33.91
CA ALA C 262 4.16 -8.20 33.10
C ALA C 262 5.42 -9.03 33.14
N VAL C 263 6.39 -8.67 32.29
CA VAL C 263 7.69 -9.31 32.31
C VAL C 263 8.72 -8.35 31.72
N ASP C 264 9.90 -8.33 32.34
CA ASP C 264 11.04 -7.63 31.78
C ASP C 264 11.52 -8.37 30.54
N CYS C 265 12.24 -7.65 29.68
CA CYS C 265 13.00 -8.28 28.61
C CYS C 265 14.49 -8.13 28.82
N SER C 266 14.93 -7.88 30.06
CA SER C 266 16.32 -7.50 30.28
C SER C 266 16.97 -8.17 31.48
N GLN C 267 16.22 -8.84 32.36
CA GLN C 267 16.81 -9.29 33.61
C GLN C 267 17.62 -10.57 33.47
N ASN C 268 17.21 -11.48 32.60
CA ASN C 268 17.91 -12.74 32.40
C ASN C 268 17.58 -13.25 31.01
N PRO C 269 18.35 -14.19 30.47
CA PRO C 269 17.96 -14.80 29.19
C PRO C 269 16.61 -15.51 29.21
N LEU C 270 16.15 -15.97 30.38
CA LEU C 270 14.87 -16.65 30.45
C LEU C 270 13.71 -15.72 30.14
N ALA C 271 13.74 -14.51 30.66
CA ALA C 271 12.66 -13.59 30.36
C ALA C 271 12.71 -13.11 28.91
N GLU C 272 13.91 -12.97 28.35
CA GLU C 272 14.02 -12.58 26.95
C GLU C 272 13.51 -13.68 26.04
N LEU C 273 13.65 -14.93 26.47
CA LEU C 273 12.99 -16.04 25.79
C LEU C 273 11.48 -15.88 25.80
N LYS C 274 10.91 -15.44 26.94
CA LYS C 274 9.49 -15.16 26.98
C LYS C 274 9.13 -13.97 26.11
N CYS C 275 10.06 -13.04 25.93
CA CYS C 275 9.80 -11.90 25.08
C CYS C 275 9.79 -12.31 23.60
N SER C 276 10.69 -13.21 23.23
CA SER C 276 10.79 -13.60 21.83
C SER C 276 9.64 -14.50 21.42
N VAL C 277 9.35 -15.53 22.21
CA VAL C 277 8.33 -16.50 21.85
C VAL C 277 6.93 -15.95 22.09
N LYS C 278 6.81 -14.90 22.91
CA LYS C 278 5.56 -14.25 23.27
C LYS C 278 4.58 -15.23 23.92
N SER C 279 5.02 -15.78 25.05
CA SER C 279 4.20 -16.71 25.81
C SER C 279 4.78 -16.77 27.23
N PHE C 280 3.90 -17.07 28.19
CA PHE C 280 4.37 -17.17 29.57
C PHE C 280 4.83 -18.56 29.92
N GLU C 281 4.13 -19.59 29.44
CA GLU C 281 4.54 -20.97 29.67
C GLU C 281 5.30 -21.47 28.46
N ILE C 282 6.47 -22.06 28.69
CA ILE C 282 7.36 -22.47 27.62
C ILE C 282 7.73 -23.92 27.84
N ASP C 283 7.49 -24.75 26.83
CA ASP C 283 7.87 -26.14 26.92
C ASP C 283 9.37 -26.31 26.70
N LYS C 284 9.85 -27.52 26.97
CA LYS C 284 11.28 -27.77 26.93
C LYS C 284 11.79 -27.75 25.48
N GLY C 285 13.09 -27.56 25.35
CA GLY C 285 13.73 -27.49 24.07
C GLY C 285 14.60 -26.26 23.93
N ILE C 286 15.29 -26.20 22.82
CA ILE C 286 16.10 -25.05 22.47
C ILE C 286 15.24 -24.12 21.62
N TYR C 287 15.49 -22.83 21.71
CA TYR C 287 14.76 -21.84 20.93
C TYR C 287 15.74 -20.75 20.52
N GLN C 288 15.77 -20.44 19.24
CA GLN C 288 16.66 -19.41 18.77
C GLN C 288 16.13 -18.04 19.16
N THR C 289 17.03 -17.14 19.51
CA THR C 289 16.68 -15.76 19.78
C THR C 289 17.67 -14.85 19.07
N SER C 290 17.68 -13.56 19.42
CA SER C 290 18.42 -12.55 18.69
C SER C 290 19.93 -12.77 18.76
N ASN C 291 20.66 -11.95 18.02
CA ASN C 291 22.09 -12.15 17.81
C ASN C 291 22.88 -11.53 18.95
N PHE C 292 24.20 -11.48 18.79
CA PHE C 292 25.03 -10.77 19.75
C PHE C 292 26.24 -10.19 19.03
N ARG C 293 27.00 -9.39 19.77
CA ARG C 293 28.12 -8.63 19.28
C ARG C 293 28.85 -8.05 20.47
N VAL C 294 30.18 -7.90 20.35
CA VAL C 294 31.01 -7.36 21.40
C VAL C 294 31.49 -5.97 20.97
N VAL C 295 31.39 -5.01 21.88
CA VAL C 295 31.74 -3.61 21.64
C VAL C 295 33.24 -3.51 21.35
N PRO C 296 33.67 -2.74 20.35
CA PRO C 296 35.08 -2.39 20.26
C PRO C 296 35.43 -1.37 21.33
N SER C 297 36.53 -1.60 22.01
CA SER C 297 37.01 -0.67 23.03
C SER C 297 38.48 -0.42 22.78
N GLY C 298 38.87 0.84 22.85
CA GLY C 298 40.22 1.25 22.51
C GLY C 298 40.36 1.56 21.04
N ASP C 299 41.48 2.21 20.72
CA ASP C 299 41.73 2.63 19.35
C ASP C 299 43.24 2.63 19.12
N VAL C 300 43.61 2.29 17.88
CA VAL C 300 44.94 2.53 17.35
C VAL C 300 44.78 3.27 16.04
N VAL C 301 45.34 4.45 15.96
CA VAL C 301 45.40 5.20 14.71
C VAL C 301 46.87 5.44 14.38
N ARG C 302 47.26 5.11 13.15
CA ARG C 302 48.66 5.10 12.78
C ARG C 302 48.89 5.86 11.49
N PHE C 303 50.11 6.36 11.37
CA PHE C 303 50.53 7.17 10.23
C PHE C 303 52.02 6.94 10.04
N PRO C 304 52.58 7.36 8.91
CA PRO C 304 54.06 7.37 8.81
C PRO C 304 54.72 8.47 9.60
N ASN C 305 56.03 8.61 9.40
CA ASN C 305 56.91 9.51 10.14
C ASN C 305 56.54 10.99 10.06
N LEU C 502 49.85 11.40 17.86
CA LEU C 502 49.28 10.58 16.79
C LEU C 502 48.72 9.28 17.35
N SER C 503 49.23 8.89 18.53
CA SER C 503 48.81 7.69 19.28
C SER C 503 48.92 6.43 18.44
N THR C 504 50.08 6.25 17.82
CA THR C 504 50.34 5.11 16.94
C THR C 504 50.75 3.87 17.75
N ASP C 505 49.89 3.44 18.66
CA ASP C 505 50.25 2.42 19.63
C ASP C 505 50.02 1.04 19.03
N LEU C 506 50.07 0.01 19.88
CA LEU C 506 49.69 -1.33 19.48
C LEU C 506 48.76 -1.91 20.54
N ILE C 507 47.56 -2.31 20.11
CA ILE C 507 46.64 -3.02 20.97
C ILE C 507 46.35 -4.34 20.27
N LYS C 508 47.12 -5.37 20.60
CA LYS C 508 46.83 -6.68 20.10
C LYS C 508 45.70 -7.32 20.89
N ASN C 509 44.94 -8.18 20.21
CA ASN C 509 44.01 -9.14 20.82
C ASN C 509 42.90 -8.44 21.58
N GLN C 510 42.55 -7.23 21.16
CA GLN C 510 41.36 -6.54 21.63
C GLN C 510 40.62 -6.00 20.42
N CYS C 511 39.31 -6.12 20.46
CA CYS C 511 38.46 -5.48 19.46
C CYS C 511 38.59 -3.96 19.60
N VAL C 512 39.18 -3.33 18.59
CA VAL C 512 39.30 -1.89 18.54
C VAL C 512 38.73 -1.43 17.20
N ASN C 513 38.78 -0.13 16.96
CA ASN C 513 38.34 0.47 15.71
C ASN C 513 39.52 1.19 15.08
N PHE C 514 40.33 0.42 14.35
CA PHE C 514 41.59 0.89 13.81
C PHE C 514 41.40 1.98 12.77
N ASN C 515 42.44 2.78 12.58
CA ASN C 515 42.51 3.70 11.45
C ASN C 515 43.95 3.79 11.01
N PHE C 516 44.26 3.19 9.88
CA PHE C 516 45.59 3.34 9.32
C PHE C 516 45.58 4.53 8.37
N ASN C 517 46.60 4.64 7.52
CA ASN C 517 46.69 5.73 6.54
C ASN C 517 45.64 5.52 5.45
N GLY C 518 44.40 5.84 5.79
CA GLY C 518 43.28 5.64 4.91
C GLY C 518 42.50 4.36 5.13
N LEU C 519 42.95 3.48 6.02
CA LEU C 519 42.31 2.20 6.24
C LEU C 519 41.56 2.25 7.57
N THR C 520 40.24 2.39 7.49
CA THR C 520 39.39 2.45 8.66
C THR C 520 38.68 1.12 8.87
N GLY C 521 37.93 1.04 9.96
CA GLY C 521 37.15 -0.13 10.29
C GLY C 521 37.44 -0.60 11.70
N THR C 522 36.72 -1.65 12.09
CA THR C 522 36.86 -2.24 13.41
C THR C 522 37.37 -3.67 13.28
N GLY C 523 37.72 -4.26 14.42
CA GLY C 523 38.11 -5.66 14.44
C GLY C 523 39.14 -5.91 15.52
N VAL C 524 39.56 -7.16 15.58
CA VAL C 524 40.61 -7.61 16.50
C VAL C 524 41.88 -7.74 15.69
N LEU C 525 42.98 -7.18 16.22
CA LEU C 525 44.23 -7.09 15.49
C LEU C 525 45.21 -8.15 16.00
N THR C 526 46.08 -8.60 15.11
CA THR C 526 46.92 -9.77 15.35
C THR C 526 48.06 -9.76 14.34
N PRO C 527 49.21 -10.34 14.67
CA PRO C 527 50.32 -10.37 13.71
C PRO C 527 50.10 -11.38 12.60
N SER C 528 50.54 -11.01 11.40
CA SER C 528 50.42 -11.85 10.21
C SER C 528 51.77 -12.43 9.82
N SER C 529 51.71 -13.40 8.91
CA SER C 529 52.90 -14.02 8.35
C SER C 529 52.75 -14.22 6.85
N LYS C 530 52.17 -13.25 6.17
CA LYS C 530 51.92 -13.38 4.75
C LYS C 530 53.05 -12.77 3.93
N ARG C 531 53.34 -13.40 2.81
CA ARG C 531 54.49 -13.06 1.98
C ARG C 531 54.15 -11.83 1.14
N PHE C 532 54.55 -10.66 1.59
CA PHE C 532 54.33 -9.45 0.82
C PHE C 532 55.45 -9.19 -0.16
N GLN C 533 55.42 -8.00 -0.73
CA GLN C 533 56.37 -7.40 -1.63
C GLN C 533 56.76 -6.07 -1.03
N PRO C 534 57.84 -5.44 -1.48
CA PRO C 534 58.16 -4.08 -1.00
C PRO C 534 57.12 -3.03 -1.39
N PHE C 535 56.26 -3.29 -2.35
CA PHE C 535 55.24 -2.31 -2.74
C PHE C 535 53.84 -2.72 -2.30
N GLN C 536 53.69 -3.81 -1.56
CA GLN C 536 52.39 -4.12 -0.98
C GLN C 536 52.07 -3.13 0.11
N GLN C 537 50.77 -2.95 0.36
CA GLN C 537 50.35 -2.03 1.40
C GLN C 537 49.33 -2.70 2.30
N PHE C 538 48.53 -3.59 1.73
CA PHE C 538 47.44 -4.29 2.41
C PHE C 538 46.95 -5.37 1.47
N GLY C 539 46.43 -6.45 2.04
CA GLY C 539 45.97 -7.54 1.22
C GLY C 539 44.52 -7.89 1.43
N ARG C 540 43.94 -8.62 0.47
CA ARG C 540 42.57 -9.06 0.57
C ARG C 540 42.48 -10.57 0.45
N ASP C 541 41.41 -11.10 1.03
CA ASP C 541 41.14 -12.53 1.06
C ASP C 541 40.51 -12.97 -0.26
N VAL C 542 39.94 -14.18 -0.26
CA VAL C 542 39.14 -14.63 -1.39
C VAL C 542 37.88 -13.77 -1.54
N SER C 543 37.40 -13.19 -0.44
CA SER C 543 36.32 -12.22 -0.48
C SER C 543 36.89 -10.86 -0.89
N ASP C 544 36.10 -9.82 -0.71
CA ASP C 544 36.53 -8.48 -1.09
C ASP C 544 36.79 -7.61 0.14
N PHE C 545 37.12 -8.24 1.25
CA PHE C 545 37.48 -7.52 2.46
C PHE C 545 38.98 -7.32 2.49
N THR C 546 39.39 -6.13 2.89
CA THR C 546 40.81 -5.85 3.12
C THR C 546 41.25 -6.64 4.34
N ASP C 547 42.00 -7.72 4.11
CA ASP C 547 42.30 -8.68 5.17
C ASP C 547 43.55 -8.29 5.94
N SER C 548 44.68 -8.22 5.26
CA SER C 548 45.94 -7.96 5.92
C SER C 548 46.33 -6.50 5.76
N VAL C 549 47.28 -6.07 6.59
CA VAL C 549 47.66 -4.66 6.63
C VAL C 549 49.14 -4.56 6.97
N ARG C 550 49.77 -3.51 6.45
CA ARG C 550 51.19 -3.24 6.63
C ARG C 550 51.31 -1.91 7.33
N ASP C 551 52.12 -1.86 8.38
CA ASP C 551 52.18 -0.70 9.26
C ASP C 551 52.77 0.51 8.53
N PRO C 552 52.08 1.65 8.50
CA PRO C 552 52.74 2.88 8.01
C PRO C 552 53.90 3.34 8.87
N LYS C 553 54.00 2.90 10.11
CA LYS C 553 55.05 3.30 11.01
C LYS C 553 56.21 2.32 11.07
N THR C 554 55.95 1.02 11.17
CA THR C 554 56.99 0.04 11.39
C THR C 554 57.11 -0.99 10.27
N SER C 555 56.27 -0.90 9.24
CA SER C 555 56.22 -1.84 8.12
C SER C 555 56.02 -3.28 8.59
N GLU C 556 55.13 -3.46 9.56
CA GLU C 556 54.83 -4.78 10.10
C GLU C 556 53.59 -5.33 9.42
N ILE C 557 53.67 -6.58 8.97
CA ILE C 557 52.56 -7.21 8.28
C ILE C 557 51.59 -7.73 9.32
N LEU C 558 50.42 -7.12 9.41
CA LEU C 558 49.40 -7.56 10.34
C LEU C 558 48.17 -7.98 9.55
N ASP C 559 47.45 -8.97 10.06
CA ASP C 559 46.18 -9.36 9.47
C ASP C 559 45.04 -8.93 10.40
N ILE C 560 43.88 -8.66 9.80
CA ILE C 560 42.74 -8.14 10.54
C ILE C 560 41.67 -9.22 10.60
N SER C 561 41.21 -9.49 11.79
CA SER C 561 40.18 -10.47 12.05
C SER C 561 38.87 -9.79 12.43
N PRO C 562 37.72 -10.40 12.15
CA PRO C 562 36.46 -9.83 12.60
C PRO C 562 36.33 -9.90 14.10
N CYS C 563 35.65 -8.90 14.66
CA CYS C 563 35.59 -8.71 16.10
C CYS C 563 34.89 -9.84 16.84
N ALA C 564 33.57 -9.91 16.73
CA ALA C 564 32.74 -10.89 17.43
C ALA C 564 31.31 -10.74 16.94
N PHE C 565 30.63 -11.87 16.79
CA PHE C 565 29.26 -11.91 16.31
C PHE C 565 28.75 -13.33 16.53
N GLY C 566 27.51 -13.56 16.13
CA GLY C 566 26.92 -14.87 16.14
C GLY C 566 25.51 -14.80 16.65
N GLY C 567 24.92 -15.98 16.85
CA GLY C 567 23.57 -16.07 17.33
C GLY C 567 23.49 -16.62 18.74
N VAL C 568 22.34 -16.44 19.37
CA VAL C 568 22.11 -16.87 20.74
C VAL C 568 21.00 -17.90 20.73
N SER C 569 21.19 -18.99 21.47
CA SER C 569 20.20 -20.03 21.60
C SER C 569 20.07 -20.41 23.05
N VAL C 570 18.86 -20.35 23.56
CA VAL C 570 18.57 -20.56 24.97
C VAL C 570 18.13 -21.99 25.18
N ILE C 571 18.59 -22.61 26.26
CA ILE C 571 18.28 -23.99 26.57
C ILE C 571 17.47 -24.03 27.84
N THR C 572 16.26 -24.57 27.77
CA THR C 572 15.42 -24.70 28.94
C THR C 572 14.94 -26.14 29.10
N PRO C 573 14.74 -26.58 30.34
CA PRO C 573 14.10 -27.87 30.57
C PRO C 573 12.59 -27.79 30.71
N GLY C 574 12.02 -26.61 30.71
CA GLY C 574 10.60 -26.45 30.91
C GLY C 574 10.29 -25.65 32.16
N THR C 575 9.05 -25.21 32.25
CA THR C 575 8.61 -24.33 33.32
C THR C 575 8.06 -25.08 34.51
N ASN C 576 7.27 -26.13 34.29
CA ASN C 576 6.62 -26.83 35.39
C ASN C 576 7.58 -27.60 36.28
N ALA C 577 8.79 -27.88 35.80
CA ALA C 577 9.81 -28.57 36.57
C ALA C 577 10.83 -27.59 37.15
N SER C 578 11.48 -26.80 36.30
CA SER C 578 12.52 -25.90 36.79
C SER C 578 12.32 -24.50 36.26
N SER C 579 13.29 -23.63 36.55
CA SER C 579 13.34 -22.32 35.94
C SER C 579 14.74 -21.90 35.55
N GLU C 580 15.76 -22.69 35.85
CA GLU C 580 17.11 -22.35 35.46
C GLU C 580 17.34 -22.68 33.98
N VAL C 581 18.24 -21.93 33.34
CA VAL C 581 18.52 -22.09 31.93
C VAL C 581 20.02 -22.05 31.68
N ALA C 582 20.40 -22.45 30.49
CA ALA C 582 21.78 -22.36 30.03
C ALA C 582 21.77 -21.78 28.63
N VAL C 583 22.87 -21.13 28.27
CA VAL C 583 22.95 -20.40 27.01
C VAL C 583 23.88 -21.14 26.06
N LEU C 584 23.90 -20.67 24.82
CA LEU C 584 24.79 -21.18 23.81
C LEU C 584 25.18 -20.06 22.89
N TYR C 585 26.46 -19.82 22.74
CA TYR C 585 26.96 -18.85 21.78
C TYR C 585 27.52 -19.61 20.59
N GLN C 586 26.91 -19.41 19.44
CA GLN C 586 27.16 -20.27 18.30
C GLN C 586 28.40 -19.82 17.56
N ASP C 587 29.32 -20.78 17.35
CA ASP C 587 30.51 -20.64 16.50
C ASP C 587 31.41 -19.50 16.97
N VAL C 588 31.96 -19.69 18.16
CA VAL C 588 32.76 -18.65 18.79
C VAL C 588 33.76 -19.33 19.73
N ASN C 589 34.80 -18.59 20.11
CA ASN C 589 35.87 -19.11 20.93
C ASN C 589 35.54 -18.90 22.40
N CYS C 590 35.96 -19.85 23.23
CA CYS C 590 35.51 -19.87 24.61
C CYS C 590 36.45 -19.18 25.58
N THR C 591 37.36 -18.33 25.11
CA THR C 591 38.12 -17.52 26.05
C THR C 591 37.92 -16.03 25.87
N ASP C 592 37.74 -15.55 24.63
CA ASP C 592 37.45 -14.14 24.45
C ASP C 592 36.01 -13.82 24.80
N VAL C 593 35.12 -14.81 24.68
CA VAL C 593 33.76 -14.66 25.21
C VAL C 593 33.82 -14.54 26.72
N SER C 594 34.59 -15.41 27.38
CA SER C 594 34.80 -15.30 28.82
C SER C 594 35.52 -14.03 29.19
N THR C 595 36.32 -13.48 28.27
CA THR C 595 36.92 -12.18 28.48
C THR C 595 35.89 -11.07 28.34
N ALA C 596 35.06 -11.14 27.30
CA ALA C 596 34.13 -10.06 27.02
C ALA C 596 33.04 -9.96 28.07
N ILE C 597 32.55 -11.10 28.56
CA ILE C 597 31.57 -11.06 29.64
C ILE C 597 32.22 -10.68 30.95
N HIS C 598 33.54 -10.86 31.07
CA HIS C 598 34.23 -10.41 32.26
C HIS C 598 34.38 -8.91 32.26
N ALA C 599 34.70 -8.35 31.09
CA ALA C 599 34.80 -6.90 30.94
C ALA C 599 33.45 -6.24 30.74
N ASP C 600 32.41 -7.03 30.49
CA ASP C 600 31.04 -6.57 30.22
C ASP C 600 31.01 -5.59 29.05
N GLN C 601 31.36 -6.11 27.88
CA GLN C 601 31.20 -5.40 26.62
C GLN C 601 30.35 -6.19 25.64
N LEU C 602 29.52 -7.10 26.15
CA LEU C 602 28.70 -7.94 25.30
C LEU C 602 27.34 -7.27 25.08
N THR C 603 26.99 -7.08 23.82
CA THR C 603 25.68 -6.59 23.47
C THR C 603 24.82 -7.77 23.02
N PRO C 604 23.71 -8.06 23.70
CA PRO C 604 23.30 -7.41 24.94
C PRO C 604 23.80 -8.19 26.15
N ALA C 605 23.73 -7.58 27.31
CA ALA C 605 24.12 -8.21 28.57
C ALA C 605 23.03 -7.97 29.60
N TRP C 606 22.60 -9.03 30.27
CA TRP C 606 21.54 -8.88 31.24
C TRP C 606 22.10 -8.38 32.56
N ARG C 607 21.19 -7.95 33.42
CA ARG C 607 21.57 -7.61 34.79
C ARG C 607 21.80 -8.87 35.60
N ILE C 608 20.75 -9.66 35.79
CA ILE C 608 20.80 -10.79 36.71
C ILE C 608 21.30 -11.96 35.86
N TYR C 609 22.61 -12.02 35.72
CA TYR C 609 23.26 -13.11 35.01
C TYR C 609 24.69 -13.23 35.48
N SER C 610 25.07 -14.41 35.95
CA SER C 610 26.38 -14.64 36.50
C SER C 610 26.98 -15.88 35.85
N THR C 611 28.30 -15.92 35.80
CA THR C 611 28.99 -17.08 35.23
C THR C 611 28.90 -18.24 36.20
N GLY C 612 28.26 -19.33 35.76
CA GLY C 612 28.09 -20.49 36.60
C GLY C 612 29.27 -21.43 36.65
N ASN C 613 30.43 -21.01 36.11
CA ASN C 613 31.68 -21.77 36.10
C ASN C 613 31.51 -23.12 35.44
N ASN C 614 30.81 -23.13 34.31
CA ASN C 614 30.50 -24.34 33.57
C ASN C 614 30.78 -24.13 32.10
N VAL C 615 31.86 -23.42 31.80
CA VAL C 615 32.22 -23.11 30.42
C VAL C 615 32.82 -24.36 29.80
N PHE C 616 32.15 -24.89 28.77
CA PHE C 616 32.66 -25.98 27.97
C PHE C 616 32.66 -25.54 26.51
N GLN C 617 33.62 -26.06 25.75
CA GLN C 617 33.71 -25.73 24.33
C GLN C 617 33.31 -26.93 23.49
N THR C 618 32.17 -26.81 22.82
CA THR C 618 31.83 -27.73 21.75
C THR C 618 32.40 -27.22 20.46
N GLN C 619 32.22 -27.97 19.38
CA GLN C 619 32.49 -27.41 18.07
C GLN C 619 31.38 -26.47 17.64
N ALA C 620 30.19 -26.63 18.22
CA ALA C 620 29.11 -25.69 17.96
C ALA C 620 29.35 -24.33 18.62
N GLY C 621 30.22 -24.26 19.60
CA GLY C 621 30.61 -22.99 20.18
C GLY C 621 30.82 -23.12 21.68
N CYS C 622 30.26 -22.16 22.41
CA CYS C 622 30.45 -22.02 23.85
C CYS C 622 29.11 -22.12 24.55
N LEU C 623 28.94 -23.14 25.36
CA LEU C 623 27.80 -23.19 26.25
C LEU C 623 28.24 -22.83 27.66
N ILE C 624 27.33 -22.22 28.41
CA ILE C 624 27.63 -21.72 29.74
C ILE C 624 26.49 -22.15 30.66
N GLY C 625 26.85 -22.79 31.76
CA GLY C 625 25.86 -23.11 32.77
C GLY C 625 25.28 -24.49 32.65
N ALA C 626 26.12 -25.48 32.36
CA ALA C 626 25.70 -26.87 32.36
C ALA C 626 26.88 -27.75 32.71
N GLU C 627 26.62 -28.78 33.51
CA GLU C 627 27.69 -29.70 33.87
C GLU C 627 28.02 -30.61 32.70
N HIS C 628 29.31 -30.72 32.41
CA HIS C 628 29.77 -31.59 31.33
C HIS C 628 30.06 -32.97 31.89
N VAL C 629 28.99 -33.70 32.15
CA VAL C 629 29.10 -35.04 32.70
C VAL C 629 29.59 -35.98 31.62
N ASP C 630 30.55 -36.84 31.95
CA ASP C 630 31.14 -37.73 30.97
C ASP C 630 30.47 -39.10 30.94
N THR C 631 29.24 -39.21 31.43
CA THR C 631 28.47 -40.42 31.23
C THR C 631 27.75 -40.32 29.88
N SER C 632 26.83 -41.24 29.62
CA SER C 632 26.14 -41.26 28.34
C SER C 632 24.70 -41.69 28.53
N TYR C 633 23.81 -41.03 27.79
CA TYR C 633 22.41 -41.37 27.74
C TYR C 633 21.94 -41.15 26.31
N GLU C 634 20.64 -41.11 26.11
CA GLU C 634 20.10 -40.80 24.81
C GLU C 634 19.75 -39.32 24.72
N CYS C 635 19.56 -38.84 23.49
CA CYS C 635 19.47 -37.41 23.25
C CYS C 635 18.16 -36.86 23.74
N ASP C 636 18.23 -35.90 24.67
CA ASP C 636 17.05 -35.20 25.14
C ASP C 636 16.83 -33.94 24.31
N ILE C 637 17.82 -33.05 24.27
CA ILE C 637 17.75 -31.84 23.47
C ILE C 637 19.06 -31.76 22.68
N PRO C 638 19.01 -31.65 21.36
CA PRO C 638 20.25 -31.66 20.57
C PRO C 638 20.99 -30.35 20.63
N ILE C 639 22.32 -30.44 20.52
CA ILE C 639 23.17 -29.26 20.46
C ILE C 639 23.93 -29.29 19.15
N GLY C 640 24.72 -30.33 18.96
CA GLY C 640 25.56 -30.46 17.79
C GLY C 640 26.76 -31.33 18.10
N ALA C 641 27.24 -32.00 17.04
CA ALA C 641 28.44 -32.86 17.06
C ALA C 641 28.30 -33.99 18.09
N GLY C 642 27.16 -34.66 18.06
CA GLY C 642 26.94 -35.79 18.94
C GLY C 642 26.79 -35.42 20.40
N ILE C 643 26.53 -34.17 20.72
CA ILE C 643 26.38 -33.71 22.09
C ILE C 643 24.94 -33.29 22.29
N CYS C 644 24.28 -33.89 23.28
CA CYS C 644 22.94 -33.48 23.64
C CYS C 644 22.91 -33.13 25.12
N ALA C 645 22.07 -32.16 25.45
CA ALA C 645 21.90 -31.71 26.82
C ALA C 645 20.61 -32.28 27.39
N SER C 646 20.58 -32.37 28.72
CA SER C 646 19.42 -32.88 29.41
C SER C 646 19.35 -32.25 30.79
N TYR C 647 18.33 -32.65 31.54
CA TYR C 647 18.11 -32.14 32.89
C TYR C 647 17.98 -33.36 33.79
N HIS C 648 19.12 -33.88 34.24
CA HIS C 648 19.14 -35.08 35.05
C HIS C 648 19.36 -34.76 36.52
N THR C 649 19.30 -35.80 37.33
CA THR C 649 19.51 -35.73 38.77
C THR C 649 20.92 -36.20 39.08
N VAL C 650 21.69 -35.38 39.79
CA VAL C 650 23.03 -35.78 40.19
C VAL C 650 23.41 -35.07 41.48
N GLN C 658 20.40 -34.57 43.28
CA GLN C 658 19.47 -33.49 42.99
C GLN C 658 19.56 -33.09 41.52
N LYS C 659 18.52 -32.43 41.03
CA LYS C 659 18.39 -32.18 39.60
C LYS C 659 19.28 -31.04 39.13
N SER C 660 19.74 -31.16 37.89
CA SER C 660 20.66 -30.18 37.31
C SER C 660 20.66 -30.32 35.80
N ILE C 661 21.05 -29.22 35.14
CA ILE C 661 21.20 -29.19 33.69
C ILE C 661 22.56 -29.81 33.36
N VAL C 662 22.54 -30.95 32.69
CA VAL C 662 23.77 -31.67 32.36
C VAL C 662 23.89 -31.78 30.85
N ALA C 663 25.12 -31.70 30.37
CA ALA C 663 25.42 -31.83 28.95
C ALA C 663 26.40 -32.97 28.78
N TYR C 664 26.14 -33.83 27.80
CA TYR C 664 26.88 -35.08 27.72
C TYR C 664 26.95 -35.55 26.28
N THR C 665 27.65 -36.66 26.08
CA THR C 665 27.76 -37.31 24.81
C THR C 665 26.75 -38.45 24.74
N MET C 666 26.04 -38.54 23.60
CA MET C 666 24.93 -39.45 23.45
C MET C 666 25.34 -40.91 23.53
N SER C 667 24.33 -41.76 23.61
CA SER C 667 24.47 -43.20 23.43
C SER C 667 23.62 -43.60 22.23
N LEU C 668 24.20 -44.39 21.34
CA LEU C 668 23.49 -44.78 20.12
C LEU C 668 22.48 -45.88 20.36
N GLY C 669 22.51 -46.53 21.50
CA GLY C 669 21.56 -47.58 21.81
C GLY C 669 22.20 -48.65 22.67
N ALA C 670 21.43 -49.68 22.94
CA ALA C 670 21.88 -50.77 23.80
C ALA C 670 22.91 -51.62 23.08
N ASP C 671 24.11 -51.72 23.65
CA ASP C 671 25.19 -52.51 23.07
C ASP C 671 24.89 -53.97 23.35
N SER C 672 24.12 -54.59 22.48
CA SER C 672 23.85 -56.01 22.60
C SER C 672 24.81 -56.81 21.72
N SER C 673 24.82 -58.12 21.94
CA SER C 673 25.61 -59.03 21.14
C SER C 673 25.02 -60.43 21.27
N ILE C 674 25.00 -61.14 20.16
CA ILE C 674 24.54 -62.53 20.13
C ILE C 674 25.57 -63.36 19.39
N ALA C 675 25.68 -64.63 19.77
CA ALA C 675 26.81 -65.44 19.35
C ALA C 675 26.63 -65.92 17.92
N TYR C 676 27.63 -66.65 17.44
CA TYR C 676 27.67 -67.17 16.08
C TYR C 676 28.09 -68.64 16.11
N SER C 677 27.56 -69.42 15.18
CA SER C 677 28.01 -70.78 14.95
C SER C 677 27.67 -71.13 13.52
N ASN C 678 27.66 -72.42 13.20
CA ASN C 678 27.11 -72.87 11.93
C ASN C 678 26.10 -73.99 12.10
N ASN C 679 25.49 -74.10 13.28
CA ASN C 679 24.30 -74.91 13.44
C ASN C 679 23.21 -74.32 14.32
N THR C 680 23.46 -73.19 14.99
CA THR C 680 22.48 -72.66 15.93
C THR C 680 21.36 -71.96 15.17
N ILE C 681 20.12 -72.29 15.51
CA ILE C 681 18.95 -71.65 14.91
C ILE C 681 18.03 -71.20 16.01
N ALA C 682 17.64 -69.92 15.97
CA ALA C 682 16.62 -69.39 16.84
C ALA C 682 15.27 -69.46 16.14
N ILE C 683 14.28 -70.04 16.81
CA ILE C 683 12.91 -70.08 16.29
C ILE C 683 11.95 -69.60 17.37
N PRO C 684 11.11 -68.63 17.06
CA PRO C 684 10.15 -68.15 18.05
C PRO C 684 9.03 -69.15 18.28
N THR C 685 8.45 -69.09 19.47
CA THR C 685 7.31 -69.95 19.79
C THR C 685 6.05 -69.15 20.01
N ASN C 686 6.07 -68.16 20.90
CA ASN C 686 4.85 -67.42 21.18
C ASN C 686 4.81 -66.22 20.24
N PHE C 687 3.91 -65.28 20.50
CA PHE C 687 3.81 -64.11 19.65
C PHE C 687 3.18 -62.98 20.42
N SER C 688 2.83 -61.93 19.69
CA SER C 688 2.25 -60.70 20.22
C SER C 688 1.66 -59.93 19.05
N ILE C 689 0.55 -59.28 19.29
CA ILE C 689 -0.16 -58.55 18.25
C ILE C 689 -0.09 -57.06 18.59
N SER C 690 0.79 -56.35 17.91
CA SER C 690 0.93 -54.93 18.17
C SER C 690 -0.10 -54.14 17.39
N ILE C 691 -0.32 -52.90 17.82
CA ILE C 691 -1.17 -51.95 17.09
C ILE C 691 -0.34 -50.69 16.92
N THR C 692 0.32 -50.57 15.78
CA THR C 692 1.18 -49.44 15.48
C THR C 692 0.36 -48.36 14.79
N THR C 693 0.49 -47.12 15.27
CA THR C 693 -0.24 -46.01 14.70
C THR C 693 0.64 -45.20 13.77
N GLU C 694 -0.02 -44.37 12.96
CA GLU C 694 0.67 -43.46 12.06
C GLU C 694 -0.28 -42.31 11.77
N VAL C 695 0.23 -41.09 11.82
CA VAL C 695 -0.58 -39.89 11.63
C VAL C 695 -0.01 -39.12 10.46
N MET C 696 -0.85 -38.86 9.45
CA MET C 696 -0.40 -38.17 8.27
C MET C 696 -1.24 -36.93 8.03
N PRO C 697 -0.61 -35.79 7.76
CA PRO C 697 -1.37 -34.60 7.37
C PRO C 697 -1.87 -34.72 5.95
N VAL C 698 -3.01 -34.08 5.69
CA VAL C 698 -3.59 -34.13 4.35
C VAL C 698 -3.80 -32.73 3.81
N SER C 699 -4.56 -31.90 4.52
CA SER C 699 -5.12 -30.69 3.94
C SER C 699 -4.61 -29.46 4.65
N MET C 700 -3.91 -28.60 3.91
CA MET C 700 -3.59 -27.27 4.40
C MET C 700 -4.83 -26.40 4.32
N ALA C 701 -5.00 -25.52 5.31
CA ALA C 701 -6.14 -24.62 5.34
C ALA C 701 -6.04 -23.60 4.22
N LYS C 702 -6.97 -23.64 3.28
CA LYS C 702 -6.95 -22.72 2.15
C LYS C 702 -7.29 -21.31 2.59
N THR C 703 -6.71 -20.34 1.90
CA THR C 703 -6.86 -18.94 2.25
C THR C 703 -7.30 -18.14 1.04
N SER C 704 -7.68 -16.89 1.31
CA SER C 704 -7.94 -15.90 0.28
C SER C 704 -7.79 -14.53 0.91
N VAL C 705 -7.66 -13.51 0.07
CA VAL C 705 -7.28 -12.20 0.56
C VAL C 705 -7.73 -11.16 -0.46
N ASP C 706 -8.16 -10.00 0.04
CA ASP C 706 -8.52 -8.86 -0.80
C ASP C 706 -7.38 -7.85 -0.78
N CYS C 707 -7.14 -7.21 -1.91
CA CYS C 707 -6.06 -6.24 -2.00
C CYS C 707 -6.43 -4.94 -1.30
N ASN C 708 -7.58 -4.37 -1.66
CA ASN C 708 -7.92 -3.02 -1.21
C ASN C 708 -8.22 -2.99 0.28
N MET C 709 -8.63 -4.12 0.86
CA MET C 709 -8.71 -4.21 2.30
C MET C 709 -7.38 -4.54 2.94
N TYR C 710 -6.31 -4.69 2.14
CA TYR C 710 -4.97 -4.89 2.69
C TYR C 710 -4.05 -3.73 2.34
N ILE C 711 -3.89 -3.38 1.07
CA ILE C 711 -2.95 -2.32 0.73
C ILE C 711 -3.62 -0.95 0.79
N CYS C 712 -4.88 -0.85 0.39
CA CYS C 712 -5.50 0.47 0.32
C CYS C 712 -6.05 0.89 1.66
N GLY C 713 -7.03 0.16 2.19
CA GLY C 713 -7.63 0.56 3.44
C GLY C 713 -8.46 1.82 3.29
N ASP C 714 -9.63 1.69 2.67
CA ASP C 714 -10.53 2.81 2.45
C ASP C 714 -9.97 4.00 1.67
N SER C 715 -8.84 3.83 0.98
CA SER C 715 -8.31 4.95 0.23
C SER C 715 -8.82 4.91 -1.20
N THR C 716 -8.77 6.06 -1.84
CA THR C 716 -9.10 6.15 -3.26
C THR C 716 -7.86 6.22 -4.12
N GLU C 717 -6.91 7.09 -3.79
CA GLU C 717 -5.70 7.26 -4.56
C GLU C 717 -4.78 6.04 -4.48
N CYS C 718 -4.96 5.18 -3.49
CA CYS C 718 -4.37 3.85 -3.54
C CYS C 718 -4.88 3.09 -4.75
N ALA C 719 -6.21 3.00 -4.87
CA ALA C 719 -6.81 2.30 -6.01
C ALA C 719 -6.64 3.10 -7.28
N ASN C 720 -6.58 4.42 -7.19
CA ASN C 720 -6.49 5.24 -8.39
C ASN C 720 -5.10 5.27 -9.00
N LEU C 721 -4.07 4.80 -8.29
CA LEU C 721 -2.72 4.90 -8.80
C LEU C 721 -2.09 3.54 -9.07
N LEU C 722 -2.74 2.45 -8.67
CA LEU C 722 -2.23 1.12 -8.98
C LEU C 722 -2.50 0.69 -10.41
N LEU C 723 -3.00 1.59 -11.25
CA LEU C 723 -3.28 1.27 -12.65
C LEU C 723 -2.02 1.08 -13.47
N GLN C 724 -0.86 1.47 -12.96
CA GLN C 724 0.42 1.24 -13.63
C GLN C 724 1.07 -0.06 -13.20
N TYR C 725 0.30 -1.01 -12.69
CA TYR C 725 0.85 -2.23 -12.13
C TYR C 725 0.12 -3.47 -12.64
N GLY C 726 -0.56 -3.36 -13.77
CA GLY C 726 -1.27 -4.49 -14.33
C GLY C 726 -2.46 -4.88 -13.48
N SER C 727 -2.73 -6.18 -13.45
CA SER C 727 -3.76 -6.73 -12.59
C SER C 727 -3.07 -7.76 -11.72
N PHE C 728 -2.44 -7.27 -10.66
CA PHE C 728 -1.76 -8.19 -9.76
C PHE C 728 -2.75 -8.96 -8.93
N CYS C 729 -3.83 -8.31 -8.51
CA CYS C 729 -4.84 -8.96 -7.70
C CYS C 729 -5.57 -10.04 -8.47
N THR C 730 -5.59 -9.93 -9.80
CA THR C 730 -6.12 -11.00 -10.63
C THR C 730 -5.27 -12.26 -10.50
N GLN C 731 -3.99 -12.16 -10.87
CA GLN C 731 -3.13 -13.33 -10.90
C GLN C 731 -2.84 -13.87 -9.50
N LEU C 732 -2.94 -13.01 -8.48
CA LEU C 732 -2.76 -13.50 -7.13
C LEU C 732 -4.00 -14.21 -6.63
N ASN C 733 -5.17 -13.82 -7.10
CA ASN C 733 -6.34 -14.63 -6.82
C ASN C 733 -6.33 -15.91 -7.63
N ARG C 734 -5.77 -15.86 -8.84
CA ARG C 734 -5.65 -17.06 -9.66
C ARG C 734 -4.74 -18.09 -9.02
N ALA C 735 -3.63 -17.64 -8.45
CA ALA C 735 -2.68 -18.56 -7.85
C ALA C 735 -3.28 -19.22 -6.61
N LEU C 736 -3.92 -18.42 -5.76
CA LEU C 736 -4.49 -18.95 -4.55
C LEU C 736 -5.73 -19.78 -4.81
N SER C 737 -6.39 -19.56 -5.94
CA SER C 737 -7.44 -20.48 -6.36
C SER C 737 -6.85 -21.85 -6.66
N GLY C 738 -5.70 -21.88 -7.34
CA GLY C 738 -5.04 -23.14 -7.60
C GLY C 738 -4.54 -23.81 -6.33
N ILE C 739 -4.26 -23.02 -5.30
CA ILE C 739 -4.00 -23.59 -3.98
C ILE C 739 -5.24 -24.30 -3.46
N ALA C 740 -6.37 -23.60 -3.46
CA ALA C 740 -7.60 -24.15 -2.94
C ALA C 740 -8.11 -25.29 -3.80
N ALA C 741 -7.84 -25.24 -5.10
CA ALA C 741 -8.25 -26.32 -5.99
C ALA C 741 -7.50 -27.59 -5.68
N GLU C 742 -6.21 -27.48 -5.38
CA GLU C 742 -5.44 -28.69 -5.11
C GLU C 742 -5.65 -29.19 -3.70
N GLN C 743 -6.13 -28.36 -2.79
CA GLN C 743 -6.44 -28.85 -1.45
C GLN C 743 -7.61 -29.81 -1.47
N ASP C 744 -8.69 -29.43 -2.16
CA ASP C 744 -9.80 -30.35 -2.31
C ASP C 744 -9.43 -31.53 -3.20
N ARG C 745 -8.51 -31.30 -4.15
CA ARG C 745 -7.98 -32.39 -4.96
C ARG C 745 -7.25 -33.41 -4.11
N ASN C 746 -6.51 -32.95 -3.11
CA ASN C 746 -5.83 -33.88 -2.22
C ASN C 746 -6.82 -34.62 -1.33
N THR C 747 -7.85 -33.93 -0.86
CA THR C 747 -8.81 -34.56 0.03
C THR C 747 -9.63 -35.60 -0.72
N ARG C 748 -10.10 -35.24 -1.91
CA ARG C 748 -10.92 -36.15 -2.69
C ARG C 748 -10.11 -37.30 -3.26
N GLU C 749 -8.78 -37.16 -3.37
CA GLU C 749 -7.97 -38.24 -3.89
C GLU C 749 -7.82 -39.35 -2.86
N VAL C 750 -7.54 -38.99 -1.61
CA VAL C 750 -7.36 -40.01 -0.59
C VAL C 750 -8.67 -40.55 -0.05
N PHE C 751 -9.79 -39.92 -0.35
CA PHE C 751 -11.05 -40.31 0.27
C PHE C 751 -12.06 -40.83 -0.72
N ALA C 752 -12.30 -40.13 -1.83
CA ALA C 752 -13.25 -40.61 -2.82
C ALA C 752 -12.59 -41.76 -3.59
N GLN C 753 -12.54 -42.91 -2.93
CA GLN C 753 -11.96 -44.12 -3.47
C GLN C 753 -12.93 -45.27 -3.30
N VAL C 754 -14.18 -44.97 -2.97
CA VAL C 754 -15.18 -45.99 -2.72
C VAL C 754 -15.91 -46.31 -4.01
N LYS C 755 -16.52 -47.48 -4.04
CA LYS C 755 -17.42 -47.90 -5.08
C LYS C 755 -18.87 -47.90 -4.61
N GLN C 756 -19.08 -48.28 -3.35
CA GLN C 756 -20.38 -48.25 -2.72
C GLN C 756 -20.23 -47.68 -1.32
N MET C 757 -21.32 -47.19 -0.77
CA MET C 757 -21.36 -46.89 0.64
C MET C 757 -21.88 -48.12 1.37
N TYR C 758 -21.44 -48.30 2.60
CA TYR C 758 -21.74 -49.51 3.35
C TYR C 758 -22.23 -49.15 4.74
N LYS C 759 -23.40 -49.65 5.09
CA LYS C 759 -24.02 -49.26 6.34
C LYS C 759 -23.35 -49.96 7.51
N THR C 760 -23.34 -49.27 8.64
CA THR C 760 -22.74 -49.81 9.85
C THR C 760 -23.57 -50.97 10.38
N PRO C 761 -22.99 -52.16 10.51
CA PRO C 761 -23.73 -53.25 11.15
C PRO C 761 -23.89 -53.01 12.63
N THR C 762 -25.06 -53.38 13.16
CA THR C 762 -25.33 -53.16 14.57
C THR C 762 -24.52 -54.09 15.45
N LEU C 763 -24.18 -55.27 14.96
CA LEU C 763 -23.30 -56.17 15.68
C LEU C 763 -21.89 -55.61 15.64
N LYS C 764 -21.45 -55.04 16.75
CA LYS C 764 -20.09 -54.52 16.86
C LYS C 764 -19.18 -55.50 17.59
N TYR C 765 -19.46 -56.80 17.47
CA TYR C 765 -18.72 -57.79 18.23
C TYR C 765 -18.74 -59.09 17.43
N PHE C 766 -17.67 -59.35 16.70
CA PHE C 766 -17.63 -60.48 15.77
C PHE C 766 -16.95 -61.69 16.39
N GLY C 767 -17.45 -62.10 17.54
CA GLY C 767 -16.87 -63.23 18.24
C GLY C 767 -15.51 -62.93 18.80
N GLY C 768 -15.45 -62.05 19.80
CA GLY C 768 -14.21 -61.65 20.41
C GLY C 768 -13.62 -60.36 19.90
N PHE C 769 -14.39 -59.55 19.19
CA PHE C 769 -13.82 -58.38 18.53
C PHE C 769 -14.71 -57.19 18.83
N ASN C 770 -14.44 -56.52 19.94
CA ASN C 770 -15.32 -55.47 20.44
C ASN C 770 -15.10 -54.21 19.62
N PHE C 771 -15.87 -54.07 18.54
CA PHE C 771 -15.83 -52.85 17.72
C PHE C 771 -16.72 -51.76 18.29
N SER C 772 -16.58 -51.45 19.58
CA SER C 772 -17.41 -50.44 20.21
C SER C 772 -16.74 -49.08 20.25
N GLN C 773 -15.50 -49.00 19.78
CA GLN C 773 -14.75 -47.75 19.77
C GLN C 773 -14.35 -47.35 18.35
N ILE C 774 -13.95 -48.34 17.56
CA ILE C 774 -13.53 -48.11 16.19
C ILE C 774 -14.64 -47.46 15.37
N LEU C 775 -15.74 -48.17 15.16
CA LEU C 775 -16.87 -47.65 14.38
C LEU C 775 -17.66 -46.64 15.20
N PRO C 776 -18.70 -46.02 14.62
CA PRO C 776 -19.51 -45.02 15.33
C PRO C 776 -20.49 -45.52 16.41
N ASP C 777 -21.20 -44.59 17.07
CA ASP C 777 -22.15 -44.92 18.11
C ASP C 777 -23.56 -44.44 17.75
N PRO C 778 -24.45 -45.38 17.46
CA PRO C 778 -25.83 -45.06 17.09
C PRO C 778 -26.65 -44.52 18.25
N LEU C 779 -26.25 -44.77 19.49
CA LEU C 779 -27.03 -44.37 20.64
C LEU C 779 -26.70 -42.96 21.09
N LYS C 780 -25.44 -42.55 20.97
CA LYS C 780 -25.05 -41.16 21.14
C LYS C 780 -24.85 -40.56 19.76
N PRO C 781 -25.80 -39.80 19.25
CA PRO C 781 -25.68 -39.30 17.87
C PRO C 781 -24.65 -38.20 17.73
N THR C 782 -23.49 -38.56 17.19
CA THR C 782 -22.45 -37.60 16.83
C THR C 782 -21.87 -37.84 15.45
N LYS C 783 -22.26 -38.93 14.77
CA LYS C 783 -21.60 -39.45 13.57
C LYS C 783 -20.11 -39.68 13.79
N ARG C 784 -19.72 -40.05 15.01
CA ARG C 784 -18.31 -40.09 15.37
C ARG C 784 -18.04 -41.32 16.21
N SER C 785 -16.87 -41.91 16.02
CA SER C 785 -16.51 -43.03 16.87
C SER C 785 -15.98 -42.52 18.20
N PHE C 786 -15.75 -43.46 19.10
CA PHE C 786 -15.26 -43.12 20.43
C PHE C 786 -13.83 -42.61 20.38
N ILE C 787 -13.00 -43.26 19.56
CA ILE C 787 -11.61 -42.84 19.49
C ILE C 787 -11.46 -41.60 18.63
N GLU C 788 -12.35 -41.40 17.65
CA GLU C 788 -12.30 -40.17 16.89
C GLU C 788 -12.80 -38.99 17.71
N ASP C 789 -13.69 -39.27 18.67
CA ASP C 789 -14.14 -38.24 19.60
C ASP C 789 -13.00 -37.75 20.48
N LEU C 790 -12.03 -38.63 20.78
CA LEU C 790 -10.81 -38.20 21.44
C LEU C 790 -10.03 -37.23 20.57
N LEU C 791 -10.10 -37.41 19.25
CA LEU C 791 -9.23 -36.66 18.36
C LEU C 791 -9.70 -35.21 18.21
N PHE C 792 -11.01 -35.01 18.03
CA PHE C 792 -11.54 -33.67 17.79
C PHE C 792 -11.32 -32.74 18.98
N ASN C 793 -11.27 -33.30 20.18
CA ASN C 793 -11.03 -32.47 21.35
C ASN C 793 -9.55 -32.22 21.54
N LYS C 794 -8.71 -33.20 21.23
CA LYS C 794 -7.29 -33.08 21.49
C LYS C 794 -6.53 -32.35 20.39
N VAL C 795 -7.20 -31.72 19.43
CA VAL C 795 -6.46 -30.96 18.43
C VAL C 795 -5.99 -29.64 19.03
N THR C 796 -6.91 -28.77 19.43
CA THR C 796 -6.50 -27.50 19.98
C THR C 796 -6.49 -27.56 21.50
N GLN C 805 -8.49 -13.57 13.88
CA GLN C 805 -7.40 -12.87 13.20
C GLN C 805 -7.49 -13.06 11.70
N TYR C 806 -8.68 -13.42 11.23
CA TYR C 806 -8.87 -13.88 9.86
C TYR C 806 -10.35 -13.92 9.57
N GLY C 807 -10.69 -13.79 8.29
CA GLY C 807 -12.08 -13.87 7.88
C GLY C 807 -12.60 -15.29 8.02
N GLU C 808 -13.74 -15.44 8.67
CA GLU C 808 -14.20 -16.76 9.08
C GLU C 808 -15.71 -16.72 9.27
N CYS C 809 -16.38 -17.82 8.94
CA CYS C 809 -17.81 -17.96 9.17
C CYS C 809 -18.05 -19.09 10.15
N LEU C 810 -18.68 -18.78 11.28
CA LEU C 810 -18.93 -19.73 12.35
C LEU C 810 -20.14 -20.60 12.03
N GLY C 811 -20.65 -21.29 13.06
CA GLY C 811 -21.88 -22.05 12.96
C GLY C 811 -21.66 -23.53 12.80
N ASP C 817 -27.49 -19.23 12.97
CA ASP C 817 -26.58 -20.37 13.03
C ASP C 817 -25.20 -20.02 12.52
N LEU C 818 -25.06 -20.06 11.20
CA LEU C 818 -23.78 -19.94 10.52
C LEU C 818 -23.38 -18.47 10.50
N ILE C 819 -22.79 -18.01 11.61
CA ILE C 819 -22.45 -16.60 11.77
C ILE C 819 -21.23 -16.29 10.92
N CYS C 820 -21.42 -15.54 9.84
CA CYS C 820 -20.32 -15.09 8.99
C CYS C 820 -19.95 -13.68 9.40
N ALA C 821 -18.66 -13.46 9.63
CA ALA C 821 -18.16 -12.12 9.94
C ALA C 821 -16.77 -11.97 9.34
N GLN C 822 -16.48 -10.76 8.86
CA GLN C 822 -15.20 -10.49 8.22
C GLN C 822 -14.48 -9.38 8.97
N LYS C 823 -13.22 -9.19 8.63
CA LYS C 823 -12.32 -8.33 9.38
C LYS C 823 -11.71 -7.30 8.45
N PHE C 824 -10.98 -6.35 9.05
CA PHE C 824 -10.48 -5.20 8.31
C PHE C 824 -9.32 -5.57 7.40
N ASN C 825 -8.36 -6.33 7.92
CA ASN C 825 -7.34 -6.95 7.09
C ASN C 825 -7.99 -7.90 6.10
N GLY C 826 -7.51 -7.84 4.85
CA GLY C 826 -8.25 -8.41 3.72
C GLY C 826 -8.27 -9.92 3.65
N LEU C 827 -7.52 -10.61 4.52
CA LEU C 827 -7.44 -12.05 4.44
C LEU C 827 -8.75 -12.70 4.90
N THR C 828 -8.94 -13.93 4.45
CA THR C 828 -10.05 -14.76 4.91
C THR C 828 -9.72 -16.22 4.65
N VAL C 829 -10.51 -17.09 5.24
CA VAL C 829 -10.34 -18.52 5.13
C VAL C 829 -11.56 -19.08 4.42
N LEU C 830 -11.33 -19.78 3.35
CA LEU C 830 -12.47 -20.45 2.77
C LEU C 830 -12.74 -21.74 3.53
N PRO C 831 -14.00 -22.13 3.66
CA PRO C 831 -14.31 -23.42 4.24
C PRO C 831 -13.98 -24.53 3.25
N PRO C 832 -13.74 -25.74 3.71
CA PRO C 832 -13.42 -26.83 2.78
C PRO C 832 -14.64 -27.29 2.00
N LEU C 833 -14.43 -28.23 1.09
CA LEU C 833 -15.56 -28.76 0.34
C LEU C 833 -16.38 -29.73 1.17
N LEU C 834 -15.73 -30.50 2.04
CA LEU C 834 -16.40 -31.55 2.77
C LEU C 834 -16.35 -31.25 4.26
N THR C 835 -17.37 -31.72 4.97
CA THR C 835 -17.38 -31.64 6.41
C THR C 835 -16.68 -32.83 7.01
N ASP C 836 -16.44 -32.76 8.33
CA ASP C 836 -15.84 -33.88 9.02
C ASP C 836 -16.78 -35.07 9.08
N ASP C 837 -18.09 -34.79 9.10
CA ASP C 837 -19.08 -35.86 9.15
C ASP C 837 -19.11 -36.63 7.83
N MET C 838 -18.95 -35.92 6.72
CA MET C 838 -18.89 -36.58 5.43
C MET C 838 -17.62 -37.41 5.31
N ILE C 839 -16.53 -36.92 5.89
CA ILE C 839 -15.30 -37.72 5.95
C ILE C 839 -15.51 -38.91 6.85
N ALA C 840 -16.26 -38.73 7.93
CA ALA C 840 -16.61 -39.85 8.80
C ALA C 840 -17.52 -40.84 8.09
N ALA C 841 -18.31 -40.36 7.13
CA ALA C 841 -19.19 -41.26 6.38
C ALA C 841 -18.38 -42.21 5.52
N TYR C 842 -17.31 -41.72 4.89
CA TYR C 842 -16.41 -42.64 4.20
C TYR C 842 -15.66 -43.51 5.18
N THR C 843 -15.26 -42.93 6.31
CA THR C 843 -14.43 -43.64 7.27
C THR C 843 -15.21 -44.78 7.92
N ALA C 844 -16.46 -44.51 8.29
CA ALA C 844 -17.26 -45.55 8.92
C ALA C 844 -17.67 -46.62 7.91
N ALA C 845 -17.84 -46.24 6.65
CA ALA C 845 -18.26 -47.22 5.66
C ALA C 845 -17.15 -48.20 5.34
N LEU C 846 -15.93 -47.70 5.17
CA LEU C 846 -14.83 -48.56 4.80
C LEU C 846 -14.43 -49.49 5.93
N VAL C 847 -14.49 -48.99 7.16
CA VAL C 847 -14.23 -49.83 8.32
C VAL C 847 -15.30 -50.89 8.46
N SER C 848 -16.55 -50.51 8.23
CA SER C 848 -17.62 -51.51 8.19
C SER C 848 -17.46 -52.42 6.98
N GLY C 849 -17.05 -51.84 5.85
CA GLY C 849 -16.80 -52.68 4.69
C GLY C 849 -15.53 -53.48 4.75
N THR C 850 -14.66 -53.20 5.74
CA THR C 850 -13.46 -54.01 5.90
C THR C 850 -13.81 -55.40 6.39
N ALA C 851 -14.80 -55.51 7.24
CA ALA C 851 -15.13 -56.76 7.89
C ALA C 851 -15.97 -57.68 7.03
N THR C 852 -16.14 -57.39 5.74
CA THR C 852 -17.00 -58.23 4.94
C THR C 852 -16.32 -58.85 3.74
N ALA C 853 -15.54 -58.09 2.98
CA ALA C 853 -14.93 -58.61 1.77
C ALA C 853 -13.42 -58.56 1.77
N GLY C 854 -12.84 -57.39 2.02
CA GLY C 854 -11.40 -57.25 2.06
C GLY C 854 -10.73 -56.87 0.75
N TRP C 855 -10.61 -57.79 -0.20
CA TRP C 855 -9.71 -57.57 -1.33
C TRP C 855 -10.44 -57.16 -2.60
N THR C 856 -11.46 -57.92 -3.00
CA THR C 856 -12.37 -57.46 -4.04
C THR C 856 -13.27 -56.34 -3.54
N PHE C 857 -13.29 -56.11 -2.22
CA PHE C 857 -13.88 -54.92 -1.62
C PHE C 857 -13.45 -53.63 -2.29
N GLY C 858 -12.19 -53.55 -2.72
CA GLY C 858 -11.72 -52.39 -3.44
C GLY C 858 -11.34 -52.70 -4.87
N ALA C 859 -10.94 -53.95 -5.12
CA ALA C 859 -10.55 -54.32 -6.47
C ALA C 859 -11.75 -54.45 -7.41
N GLY C 860 -12.94 -54.63 -6.88
CA GLY C 860 -14.11 -54.80 -7.72
C GLY C 860 -15.39 -54.79 -6.91
N ALA C 861 -16.30 -55.70 -7.20
CA ALA C 861 -17.51 -55.83 -6.41
C ALA C 861 -17.21 -56.52 -5.09
N ALA C 862 -18.02 -56.21 -4.07
CA ALA C 862 -17.79 -56.75 -2.75
C ALA C 862 -18.20 -58.22 -2.68
N LEU C 863 -17.70 -58.89 -1.65
CA LEU C 863 -18.01 -60.27 -1.34
C LEU C 863 -18.32 -60.38 0.14
N GLN C 864 -18.54 -61.61 0.60
CA GLN C 864 -18.85 -61.87 2.00
C GLN C 864 -18.01 -63.03 2.50
N ILE C 865 -17.35 -62.82 3.63
CA ILE C 865 -16.55 -63.85 4.27
C ILE C 865 -16.71 -63.67 5.77
N PRO C 866 -16.71 -64.73 6.56
CA PRO C 866 -16.58 -64.58 8.00
C PRO C 866 -15.24 -63.97 8.36
N PHE C 867 -15.23 -63.27 9.49
CA PHE C 867 -14.07 -62.48 9.87
C PHE C 867 -12.87 -63.36 10.21
N ALA C 868 -13.12 -64.52 10.82
CA ALA C 868 -12.04 -65.41 11.18
C ALA C 868 -11.38 -66.01 9.95
N MET C 869 -12.19 -66.37 8.95
CA MET C 869 -11.63 -66.87 7.69
C MET C 869 -10.84 -65.80 6.99
N GLN C 870 -11.32 -64.56 7.08
CA GLN C 870 -10.57 -63.43 6.55
C GLN C 870 -9.29 -63.20 7.34
N MET C 871 -9.33 -63.44 8.65
CA MET C 871 -8.12 -63.38 9.45
C MET C 871 -7.16 -64.48 9.08
N ALA C 872 -7.68 -65.67 8.76
CA ALA C 872 -6.82 -66.81 8.47
C ALA C 872 -6.03 -66.62 7.20
N TYR C 873 -6.55 -65.84 6.25
CA TYR C 873 -5.81 -65.57 5.03
C TYR C 873 -4.59 -64.72 5.30
N ARG C 874 -4.62 -63.93 6.36
CA ARG C 874 -3.46 -63.14 6.71
C ARG C 874 -2.32 -64.01 7.23
N PHE C 875 -2.66 -65.14 7.86
CA PHE C 875 -1.62 -65.96 8.47
C PHE C 875 -0.82 -66.73 7.43
N ASN C 876 -1.49 -67.48 6.56
CA ASN C 876 -0.75 -68.08 5.46
C ASN C 876 -0.37 -67.07 4.42
N GLY C 877 -0.95 -65.87 4.46
CA GLY C 877 -0.38 -64.75 3.73
C GLY C 877 1.05 -64.45 4.17
N ILE C 878 1.28 -64.45 5.48
CA ILE C 878 2.63 -64.30 5.99
C ILE C 878 3.28 -65.63 6.31
N GLY C 879 2.57 -66.74 6.15
CA GLY C 879 3.20 -68.03 6.28
C GLY C 879 2.94 -68.76 7.58
N VAL C 880 1.68 -68.75 8.03
CA VAL C 880 1.28 -69.42 9.26
C VAL C 880 0.02 -70.22 8.95
N THR C 881 0.00 -71.49 9.35
CA THR C 881 -1.17 -72.33 9.13
C THR C 881 -2.35 -71.85 9.97
N GLN C 882 -3.55 -72.12 9.46
CA GLN C 882 -4.79 -71.55 9.98
C GLN C 882 -5.18 -72.10 11.35
N ASN C 883 -4.53 -73.17 11.80
CA ASN C 883 -4.79 -73.71 13.12
C ASN C 883 -4.39 -72.75 14.22
N VAL C 884 -3.27 -72.04 14.01
CA VAL C 884 -2.71 -71.15 15.03
C VAL C 884 -3.70 -70.04 15.37
N LEU C 885 -4.40 -69.55 14.36
CA LEU C 885 -5.58 -68.73 14.61
C LEU C 885 -6.66 -69.54 15.32
N TYR C 886 -7.04 -70.67 14.73
CA TYR C 886 -8.22 -71.38 15.15
C TYR C 886 -8.05 -72.05 16.51
N GLU C 887 -6.82 -72.37 16.90
CA GLU C 887 -6.60 -72.87 18.25
C GLU C 887 -6.60 -71.73 19.26
N ASN C 888 -5.83 -70.69 18.99
CA ASN C 888 -5.52 -69.65 19.96
C ASN C 888 -6.48 -68.48 19.87
N GLN C 889 -7.69 -68.74 19.41
CA GLN C 889 -8.62 -67.68 19.01
C GLN C 889 -9.03 -66.81 20.19
N LYS C 890 -9.12 -67.38 21.38
CA LYS C 890 -9.43 -66.58 22.55
C LYS C 890 -8.26 -65.71 22.96
N GLN C 891 -7.04 -66.25 22.90
CA GLN C 891 -5.87 -65.47 23.27
C GLN C 891 -5.63 -64.34 22.28
N ILE C 892 -5.85 -64.60 21.00
CA ILE C 892 -5.70 -63.58 19.96
C ILE C 892 -6.72 -62.47 20.17
N ALA C 893 -7.98 -62.85 20.34
CA ALA C 893 -9.05 -61.88 20.52
C ALA C 893 -8.86 -61.07 21.80
N ASN C 894 -8.32 -61.72 22.83
CA ASN C 894 -8.02 -60.97 24.04
C ASN C 894 -6.77 -60.12 23.88
N GLN C 895 -5.82 -60.55 23.06
CA GLN C 895 -4.75 -59.63 22.70
C GLN C 895 -5.25 -58.50 21.83
N PHE C 896 -6.29 -58.77 21.05
CA PHE C 896 -6.83 -57.78 20.14
C PHE C 896 -7.49 -56.64 20.89
N ASN C 897 -8.54 -56.96 21.66
CA ASN C 897 -9.38 -55.91 22.23
C ASN C 897 -8.68 -55.17 23.37
N LYS C 898 -7.85 -55.88 24.14
CA LYS C 898 -7.22 -55.26 25.30
C LYS C 898 -6.14 -54.27 24.89
N ALA C 899 -5.41 -54.58 23.82
CA ALA C 899 -4.42 -53.64 23.33
C ALA C 899 -5.07 -52.41 22.72
N ILE C 900 -6.28 -52.55 22.19
CA ILE C 900 -7.03 -51.41 21.68
C ILE C 900 -7.33 -50.42 22.80
N SER C 901 -7.78 -50.92 23.94
CA SER C 901 -8.03 -50.07 25.09
C SER C 901 -6.74 -49.46 25.63
N GLN C 902 -5.63 -50.18 25.49
CA GLN C 902 -4.33 -49.61 25.83
C GLN C 902 -3.94 -48.51 24.86
N ILE C 903 -4.26 -48.69 23.57
CA ILE C 903 -4.13 -47.61 22.61
C ILE C 903 -5.11 -46.49 22.92
N GLN C 904 -6.32 -46.86 23.38
CA GLN C 904 -7.33 -45.86 23.70
C GLN C 904 -6.90 -44.99 24.87
N GLU C 905 -6.33 -45.59 25.90
CA GLU C 905 -5.82 -44.79 27.01
C GLU C 905 -4.48 -44.15 26.70
N SER C 906 -3.78 -44.64 25.67
CA SER C 906 -2.53 -43.99 25.27
C SER C 906 -2.79 -42.60 24.72
N LEU C 907 -3.85 -42.45 23.93
CA LEU C 907 -4.25 -41.15 23.39
C LEU C 907 -5.38 -40.54 24.20
N THR C 908 -5.35 -40.74 25.51
CA THR C 908 -6.35 -40.14 26.38
C THR C 908 -5.73 -39.16 27.37
N THR C 909 -4.71 -39.59 28.10
CA THR C 909 -4.09 -38.79 29.17
C THR C 909 -3.42 -37.53 28.64
N THR C 910 -2.37 -37.69 27.86
CA THR C 910 -1.66 -36.58 27.25
C THR C 910 -1.46 -36.87 25.77
N SER C 911 -1.38 -35.80 24.99
CA SER C 911 -1.31 -35.96 23.54
C SER C 911 -0.01 -36.60 23.07
N THR C 912 1.08 -35.81 23.08
CA THR C 912 2.45 -36.19 22.72
C THR C 912 2.63 -36.92 21.39
N ALA C 913 1.61 -36.95 20.54
CA ALA C 913 1.71 -37.70 19.30
C ALA C 913 1.27 -36.90 18.09
N LEU C 914 0.20 -36.12 18.21
CA LEU C 914 -0.35 -35.43 17.05
C LEU C 914 0.24 -34.04 16.90
N GLY C 915 1.57 -33.96 16.98
CA GLY C 915 2.23 -32.69 16.74
C GLY C 915 2.27 -32.32 15.28
N LYS C 916 2.16 -33.30 14.39
CA LYS C 916 2.20 -33.04 12.96
C LYS C 916 1.01 -32.21 12.52
N LEU C 917 -0.19 -32.59 12.98
CA LEU C 917 -1.35 -31.76 12.69
C LEU C 917 -1.30 -30.45 13.46
N GLN C 918 -0.60 -30.43 14.59
CA GLN C 918 -0.37 -29.14 15.24
C GLN C 918 0.65 -28.32 14.50
N ASP C 919 1.52 -28.96 13.72
CA ASP C 919 2.55 -28.21 13.03
C ASP C 919 1.96 -27.41 11.88
N VAL C 920 1.07 -28.02 11.11
CA VAL C 920 0.51 -27.37 9.92
C VAL C 920 -0.37 -26.20 10.32
N VAL C 921 -1.03 -26.29 11.47
CA VAL C 921 -1.77 -25.13 11.96
C VAL C 921 -0.81 -24.08 12.47
N ASN C 922 0.34 -24.50 13.02
CA ASN C 922 1.32 -23.52 13.47
C ASN C 922 2.03 -22.84 12.33
N GLN C 923 2.17 -23.52 11.19
CA GLN C 923 2.89 -22.95 10.07
C GLN C 923 2.13 -21.80 9.45
N ASN C 924 0.91 -22.05 8.99
CA ASN C 924 0.18 -21.05 8.23
C ASN C 924 -0.30 -19.91 9.11
N ALA C 925 -0.57 -20.18 10.38
CA ALA C 925 -0.95 -19.09 11.28
C ALA C 925 0.21 -18.14 11.52
N GLN C 926 1.43 -18.69 11.65
CA GLN C 926 2.61 -17.86 11.84
C GLN C 926 2.91 -17.06 10.59
N ALA C 927 2.58 -17.60 9.43
CA ALA C 927 2.71 -16.83 8.20
C ALA C 927 1.71 -15.70 8.16
N LEU C 928 0.47 -15.97 8.56
CA LEU C 928 -0.55 -14.92 8.51
C LEU C 928 -0.34 -13.89 9.61
N ASN C 929 0.21 -14.30 10.74
CA ASN C 929 0.63 -13.35 11.75
C ASN C 929 1.72 -12.44 11.21
N THR C 930 2.63 -13.00 10.42
CA THR C 930 3.70 -12.21 9.83
C THR C 930 3.14 -11.24 8.80
N LEU C 931 2.10 -11.65 8.08
CA LEU C 931 1.50 -10.78 7.08
C LEU C 931 0.82 -9.58 7.72
N VAL C 932 0.21 -9.77 8.89
CA VAL C 932 -0.41 -8.66 9.60
C VAL C 932 0.65 -7.67 10.06
N LYS C 933 1.79 -8.18 10.51
CA LYS C 933 2.88 -7.35 10.98
C LYS C 933 3.50 -6.51 9.86
N GLN C 934 3.30 -6.91 8.60
CA GLN C 934 3.81 -6.12 7.49
C GLN C 934 3.13 -4.77 7.37
N LEU C 935 1.84 -4.68 7.74
CA LEU C 935 1.15 -3.40 7.68
C LEU C 935 1.71 -2.42 8.70
N SER C 936 2.00 -2.90 9.90
CA SER C 936 2.62 -2.04 10.90
C SER C 936 4.06 -1.69 10.51
N SER C 937 4.73 -2.58 9.79
CA SER C 937 6.08 -2.31 9.32
C SER C 937 6.02 -1.28 8.20
N ASN C 938 6.24 -0.02 8.56
CA ASN C 938 6.25 1.02 7.56
C ASN C 938 7.49 0.89 6.70
N PHE C 939 7.31 1.05 5.38
CA PHE C 939 8.35 0.78 4.41
C PHE C 939 8.95 2.05 3.83
N GLY C 940 8.11 3.01 3.44
CA GLY C 940 8.57 4.27 2.90
C GLY C 940 9.24 5.17 3.91
N ALA C 941 9.15 4.84 5.19
CA ALA C 941 9.98 5.32 6.30
C ALA C 941 9.69 6.75 6.72
N ILE C 942 8.88 7.48 5.97
CA ILE C 942 8.20 8.62 6.58
C ILE C 942 6.72 8.55 6.24
N SER C 943 5.99 7.79 7.05
CA SER C 943 4.56 7.77 7.29
C SER C 943 4.31 6.67 8.30
N SER C 944 3.10 6.67 8.86
CA SER C 944 2.60 5.52 9.59
C SER C 944 1.27 5.04 9.03
N VAL C 945 0.34 5.96 8.82
CA VAL C 945 -0.98 5.68 8.29
C VAL C 945 -1.15 6.50 7.02
N LEU C 946 -1.86 5.94 6.03
CA LEU C 946 -2.17 6.68 4.82
C LEU C 946 -2.99 7.94 5.10
N ASN C 947 -3.83 7.92 6.13
CA ASN C 947 -4.56 9.11 6.54
C ASN C 947 -3.60 10.20 7.01
N ASP C 948 -2.52 9.80 7.66
CA ASP C 948 -1.58 10.78 8.20
C ASP C 948 -0.81 11.48 7.09
N ILE C 949 -0.31 10.70 6.13
CA ILE C 949 0.49 11.26 5.06
C ILE C 949 -0.37 12.10 4.11
N LEU C 950 -1.68 11.86 4.08
CA LEU C 950 -2.57 12.80 3.41
C LEU C 950 -2.64 14.12 4.16
N SER C 951 -2.69 14.05 5.49
CA SER C 951 -2.87 15.26 6.28
C SER C 951 -1.55 15.98 6.51
N ARG C 952 -0.55 15.26 7.03
CA ARG C 952 0.70 15.88 7.42
C ARG C 952 1.46 16.40 6.20
N LEU C 953 1.46 15.64 5.12
CA LEU C 953 2.17 16.05 3.92
C LEU C 953 1.17 16.50 2.86
N ASP C 954 1.67 17.26 1.91
CA ASP C 954 0.84 17.88 0.90
C ASP C 954 0.34 16.84 -0.12
N PRO C 955 -0.82 17.07 -0.71
CA PRO C 955 -1.30 16.19 -1.80
C PRO C 955 -0.38 16.12 -3.01
N PRO C 956 -0.03 17.22 -3.69
CA PRO C 956 0.27 17.09 -5.12
C PRO C 956 1.61 16.45 -5.46
N GLU C 957 2.54 16.33 -4.52
CA GLU C 957 3.74 15.57 -4.85
C GLU C 957 4.20 14.59 -3.78
N ALA C 958 3.63 14.60 -2.57
CA ALA C 958 4.03 13.60 -1.58
C ALA C 958 3.37 12.24 -1.83
N GLU C 959 2.53 12.13 -2.87
CA GLU C 959 2.03 10.83 -3.31
C GLU C 959 3.11 9.94 -3.90
N VAL C 960 4.28 10.49 -4.19
CA VAL C 960 5.45 9.67 -4.51
C VAL C 960 5.80 8.76 -3.35
N GLN C 961 5.61 9.24 -2.12
CA GLN C 961 6.04 8.50 -0.93
C GLN C 961 5.20 7.25 -0.71
N ILE C 962 3.90 7.30 -1.01
CA ILE C 962 3.07 6.13 -0.76
C ILE C 962 3.29 5.06 -1.81
N ASP C 963 3.73 5.45 -3.00
CA ASP C 963 4.11 4.46 -4.01
C ASP C 963 5.30 3.64 -3.54
N ARG C 964 6.26 4.31 -2.91
CA ARG C 964 7.31 3.62 -2.17
C ARG C 964 6.73 2.75 -1.07
N LEU C 965 5.68 3.22 -0.41
CA LEU C 965 5.08 2.45 0.67
C LEU C 965 4.32 1.25 0.12
N ILE C 966 3.58 1.42 -0.97
CA ILE C 966 2.72 0.34 -1.42
C ILE C 966 3.53 -0.76 -2.09
N THR C 967 4.68 -0.43 -2.68
CA THR C 967 5.39 -1.43 -3.46
C THR C 967 6.13 -2.43 -2.58
N GLY C 968 6.54 -2.02 -1.39
CA GLY C 968 7.08 -2.99 -0.45
C GLY C 968 5.98 -3.88 0.09
N ARG C 969 4.82 -3.27 0.37
CA ARG C 969 3.65 -4.03 0.77
C ARG C 969 3.18 -4.95 -0.35
N LEU C 970 3.40 -4.53 -1.60
CA LEU C 970 3.14 -5.40 -2.73
C LEU C 970 4.03 -6.62 -2.72
N GLN C 971 5.35 -6.41 -2.55
CA GLN C 971 6.27 -7.53 -2.51
C GLN C 971 6.11 -8.34 -1.26
N SER C 972 5.67 -7.72 -0.17
CA SER C 972 5.41 -8.45 1.06
C SER C 972 4.28 -9.45 0.86
N LEU C 973 3.26 -9.06 0.12
CA LEU C 973 2.22 -10.00 -0.24
C LEU C 973 2.73 -11.00 -1.27
N GLN C 974 3.62 -10.55 -2.15
CA GLN C 974 4.10 -11.41 -3.23
C GLN C 974 4.92 -12.56 -2.70
N THR C 975 5.86 -12.27 -1.79
CA THR C 975 6.65 -13.32 -1.20
C THR C 975 5.83 -14.19 -0.26
N TYR C 976 4.69 -13.72 0.20
CA TYR C 976 3.79 -14.62 0.93
C TYR C 976 3.25 -15.71 0.03
N VAL C 977 2.83 -15.34 -1.18
CA VAL C 977 2.13 -16.27 -2.06
C VAL C 977 3.05 -17.39 -2.51
N THR C 978 4.28 -17.03 -2.88
CA THR C 978 5.25 -18.04 -3.27
C THR C 978 5.63 -18.92 -2.10
N GLN C 979 5.79 -18.32 -0.92
CA GLN C 979 6.12 -19.11 0.25
C GLN C 979 4.91 -19.89 0.74
N GLN C 980 3.69 -19.43 0.42
CA GLN C 980 2.55 -20.30 0.64
C GLN C 980 2.54 -21.43 -0.37
N LEU C 981 3.02 -21.16 -1.58
CA LEU C 981 2.91 -22.12 -2.66
C LEU C 981 3.84 -23.32 -2.48
N ILE C 982 5.00 -23.12 -1.87
CA ILE C 982 5.94 -24.23 -1.72
C ILE C 982 5.41 -25.27 -0.75
N ARG C 983 4.90 -24.83 0.40
CA ARG C 983 4.37 -25.80 1.35
C ARG C 983 3.05 -26.39 0.87
N ALA C 984 2.38 -25.72 -0.06
CA ALA C 984 1.23 -26.33 -0.71
C ALA C 984 1.66 -27.55 -1.50
N ALA C 985 2.71 -27.40 -2.31
CA ALA C 985 3.21 -28.53 -3.07
C ALA C 985 3.95 -29.53 -2.19
N GLU C 986 4.39 -29.10 -1.02
CA GLU C 986 5.10 -30.00 -0.13
C GLU C 986 4.16 -31.05 0.43
N ILE C 987 2.98 -30.63 0.90
CA ILE C 987 2.09 -31.61 1.49
C ILE C 987 1.38 -32.44 0.44
N ARG C 988 1.39 -31.99 -0.82
CA ARG C 988 0.74 -32.77 -1.86
C ARG C 988 1.53 -34.04 -2.14
N ALA C 989 2.85 -33.98 -1.99
CA ALA C 989 3.63 -35.20 -2.00
C ALA C 989 3.29 -36.08 -0.80
N SER C 990 2.99 -35.45 0.33
CA SER C 990 2.62 -36.23 1.51
C SER C 990 1.25 -36.85 1.36
N ALA C 991 0.35 -36.17 0.65
CA ALA C 991 -0.96 -36.73 0.42
C ALA C 991 -0.91 -37.91 -0.54
N ASN C 992 0.04 -37.88 -1.49
CA ASN C 992 0.23 -39.01 -2.39
C ASN C 992 0.65 -40.26 -1.63
N LEU C 993 1.47 -40.07 -0.60
CA LEU C 993 1.84 -41.17 0.27
C LEU C 993 0.62 -41.68 1.02
N ALA C 994 -0.25 -40.77 1.44
CA ALA C 994 -1.49 -41.18 2.10
C ALA C 994 -2.40 -41.90 1.12
N ALA C 995 -2.44 -41.44 -0.12
CA ALA C 995 -3.22 -42.12 -1.15
C ALA C 995 -2.65 -43.50 -1.43
N THR C 996 -1.34 -43.64 -1.34
CA THR C 996 -0.75 -44.97 -1.41
C THR C 996 -1.10 -45.77 -0.17
N LYS C 997 -1.00 -45.15 1.00
CA LYS C 997 -1.28 -45.87 2.24
C LYS C 997 -2.76 -46.05 2.49
N MET C 998 -3.64 -45.42 1.72
CA MET C 998 -5.04 -45.74 1.89
C MET C 998 -5.40 -47.02 1.16
N SER C 999 -4.95 -47.14 -0.08
CA SER C 999 -5.33 -48.27 -0.90
C SER C 999 -4.44 -49.48 -0.60
N GLU C 1000 -3.15 -49.33 -0.82
CA GLU C 1000 -2.23 -50.46 -0.78
C GLU C 1000 -2.07 -51.00 0.63
N CYS C 1001 -2.23 -50.17 1.63
CA CYS C 1001 -1.99 -50.63 2.99
C CYS C 1001 -3.24 -51.18 3.65
N VAL C 1002 -4.42 -50.73 3.26
CA VAL C 1002 -5.66 -51.10 3.94
C VAL C 1002 -6.47 -52.10 3.13
N LEU C 1003 -6.63 -51.85 1.82
CA LEU C 1003 -7.50 -52.69 1.02
C LEU C 1003 -6.90 -54.05 0.70
N GLY C 1004 -5.63 -54.27 1.00
CA GLY C 1004 -5.03 -55.56 0.77
C GLY C 1004 -3.85 -55.76 1.69
N GLN C 1005 -3.49 -57.03 1.86
CA GLN C 1005 -2.32 -57.40 2.64
C GLN C 1005 -1.05 -56.98 1.91
N SER C 1006 -0.36 -55.99 2.44
CA SER C 1006 0.92 -55.63 1.87
C SER C 1006 1.98 -56.64 2.25
N LYS C 1007 3.08 -56.65 1.50
CA LYS C 1007 4.19 -57.53 1.79
C LYS C 1007 5.51 -56.81 1.99
N ARG C 1008 5.58 -55.52 1.68
CA ARG C 1008 6.83 -54.81 1.75
C ARG C 1008 7.14 -54.41 3.20
N VAL C 1009 8.42 -54.33 3.50
CA VAL C 1009 8.89 -54.29 4.88
C VAL C 1009 8.85 -52.86 5.39
N ASP C 1010 8.29 -52.69 6.61
CA ASP C 1010 8.29 -51.48 7.44
C ASP C 1010 7.36 -50.41 6.87
N PHE C 1011 6.84 -50.63 5.68
CA PHE C 1011 5.61 -50.03 5.24
C PHE C 1011 4.47 -50.69 6.01
N CYS C 1012 3.36 -49.97 6.14
CA CYS C 1012 2.21 -50.37 6.97
C CYS C 1012 2.60 -50.61 8.43
N GLY C 1013 3.57 -49.84 8.94
CA GLY C 1013 4.05 -50.05 10.29
C GLY C 1013 5.12 -51.12 10.38
N LYS C 1014 5.56 -51.37 11.60
CA LYS C 1014 6.58 -52.39 11.86
C LYS C 1014 5.93 -53.74 12.11
N GLY C 1015 6.74 -54.77 12.00
CA GLY C 1015 6.25 -56.13 12.11
C GLY C 1015 5.56 -56.59 10.85
N TYR C 1016 5.14 -57.84 10.87
CA TYR C 1016 4.42 -58.41 9.74
C TYR C 1016 2.99 -57.91 9.76
N HIS C 1017 2.62 -57.13 8.74
CA HIS C 1017 1.30 -56.54 8.69
C HIS C 1017 0.21 -57.57 8.51
N LEU C 1018 -0.88 -57.41 9.26
CA LEU C 1018 -2.08 -58.19 9.04
C LEU C 1018 -3.21 -57.32 8.53
N MET C 1019 -3.59 -56.29 9.28
CA MET C 1019 -4.83 -55.59 9.00
C MET C 1019 -4.66 -54.14 9.39
N SER C 1020 -5.19 -53.24 8.57
CA SER C 1020 -5.05 -51.82 8.81
C SER C 1020 -6.42 -51.17 8.96
N PHE C 1021 -6.44 -50.00 9.60
CA PHE C 1021 -7.68 -49.28 9.84
C PHE C 1021 -7.51 -47.78 9.66
N PRO C 1022 -8.32 -47.15 8.83
CA PRO C 1022 -8.27 -45.70 8.68
C PRO C 1022 -9.04 -45.02 9.80
N GLN C 1023 -8.61 -43.80 10.12
CA GLN C 1023 -9.33 -42.97 11.07
C GLN C 1023 -9.38 -41.54 10.54
N ALA C 1024 -10.59 -40.99 10.48
CA ALA C 1024 -10.74 -39.59 10.14
C ALA C 1024 -10.21 -38.70 11.27
N ALA C 1025 -9.71 -37.54 10.89
CA ALA C 1025 -9.12 -36.59 11.82
C ALA C 1025 -9.15 -35.22 11.17
N PRO C 1026 -9.05 -34.15 11.96
CA PRO C 1026 -8.95 -32.82 11.35
C PRO C 1026 -7.64 -32.67 10.56
N HIS C 1027 -7.79 -32.28 9.29
CA HIS C 1027 -6.73 -32.01 8.33
C HIS C 1027 -5.88 -33.22 7.97
N GLY C 1028 -6.26 -34.42 8.41
CA GLY C 1028 -5.41 -35.55 8.15
C GLY C 1028 -6.10 -36.83 8.53
N VAL C 1029 -5.36 -37.92 8.44
CA VAL C 1029 -5.87 -39.23 8.84
C VAL C 1029 -4.94 -39.83 9.87
N VAL C 1030 -5.44 -40.87 10.53
CA VAL C 1030 -4.64 -41.70 11.41
C VAL C 1030 -4.78 -43.13 10.95
N PHE C 1031 -3.65 -43.78 10.68
CA PHE C 1031 -3.70 -45.18 10.32
C PHE C 1031 -3.49 -46.06 11.54
N LEU C 1032 -4.09 -47.24 11.49
CA LEU C 1032 -3.86 -48.28 12.46
C LEU C 1032 -3.20 -49.45 11.75
N HIS C 1033 -2.42 -50.23 12.49
CA HIS C 1033 -1.70 -51.35 11.90
C HIS C 1033 -1.73 -52.50 12.91
N VAL C 1034 -2.73 -53.36 12.76
CA VAL C 1034 -2.73 -54.63 13.46
C VAL C 1034 -1.68 -55.51 12.81
N THR C 1035 -0.55 -55.69 13.49
CA THR C 1035 0.58 -56.42 12.92
C THR C 1035 0.94 -57.61 13.81
N TYR C 1036 1.54 -58.62 13.18
CA TYR C 1036 1.95 -59.82 13.87
C TYR C 1036 3.41 -59.70 14.28
N VAL C 1037 3.70 -60.02 15.54
CA VAL C 1037 5.07 -59.99 16.06
C VAL C 1037 5.32 -61.26 16.84
N PRO C 1038 6.34 -62.03 16.50
CA PRO C 1038 6.61 -63.31 17.17
C PRO C 1038 7.27 -63.11 18.53
N SER C 1039 7.46 -64.22 19.24
CA SER C 1039 8.03 -64.21 20.58
C SER C 1039 8.51 -65.61 20.97
N GLN C 1040 9.24 -65.66 22.08
CA GLN C 1040 9.65 -66.89 22.77
C GLN C 1040 10.54 -67.77 21.86
N GLU C 1041 11.76 -67.27 21.66
CA GLU C 1041 12.78 -67.97 20.90
C GLU C 1041 13.47 -69.05 21.74
N ARG C 1042 14.16 -69.96 21.05
CA ARG C 1042 14.96 -71.00 21.70
C ARG C 1042 16.18 -71.31 20.85
N ASN C 1043 17.14 -72.00 21.45
CA ASN C 1043 18.32 -72.50 20.74
C ASN C 1043 17.99 -73.83 20.10
N PHE C 1044 18.44 -74.03 18.87
CA PHE C 1044 18.30 -75.33 18.21
C PHE C 1044 19.46 -75.60 17.28
N THR C 1045 19.77 -76.88 17.11
CA THR C 1045 20.77 -77.32 16.17
C THR C 1045 20.09 -77.80 14.89
N THR C 1046 20.53 -77.27 13.77
CA THR C 1046 19.90 -77.53 12.49
C THR C 1046 20.67 -78.56 11.68
N ALA C 1047 20.24 -78.76 10.44
CA ALA C 1047 20.95 -79.50 9.43
C ALA C 1047 20.47 -79.01 8.07
N PRO C 1048 21.38 -78.73 7.14
CA PRO C 1048 20.96 -78.30 5.79
C PRO C 1048 20.29 -79.42 5.01
N ALA C 1049 20.96 -80.56 4.94
CA ALA C 1049 20.46 -81.69 4.17
C ALA C 1049 20.59 -82.95 5.00
N ILE C 1050 19.79 -83.96 4.62
CA ILE C 1050 19.69 -85.20 5.38
C ILE C 1050 20.16 -86.33 4.48
N CYS C 1051 21.12 -87.11 4.97
CA CYS C 1051 21.67 -88.21 4.20
C CYS C 1051 20.92 -89.50 4.54
N HIS C 1052 20.47 -90.20 3.52
CA HIS C 1052 19.65 -91.39 3.71
C HIS C 1052 19.76 -92.22 2.45
N GLU C 1053 20.38 -93.40 2.59
CA GLU C 1053 20.46 -94.40 1.53
C GLU C 1053 21.19 -93.87 0.30
N GLY C 1054 22.17 -92.99 0.53
CA GLY C 1054 22.89 -92.36 -0.55
C GLY C 1054 22.06 -91.37 -1.33
N LYS C 1055 21.27 -90.54 -0.65
CA LYS C 1055 20.43 -89.56 -1.31
C LYS C 1055 20.55 -88.21 -0.61
N ALA C 1056 20.23 -87.16 -1.35
CA ALA C 1056 20.27 -85.80 -0.86
C ALA C 1056 18.85 -85.26 -0.80
N TYR C 1057 18.41 -84.88 0.39
CA TYR C 1057 17.06 -84.37 0.62
C TYR C 1057 17.12 -82.88 0.91
N PHE C 1058 16.15 -82.15 0.37
CA PHE C 1058 16.11 -80.73 0.54
C PHE C 1058 14.66 -80.41 0.86
N PRO C 1059 14.40 -79.67 1.94
CA PRO C 1059 13.02 -79.41 2.33
C PRO C 1059 12.35 -78.45 1.38
N ARG C 1060 11.06 -78.66 1.16
CA ARG C 1060 10.32 -77.77 0.27
C ARG C 1060 10.02 -76.44 0.94
N GLU C 1061 9.87 -76.45 2.25
CA GLU C 1061 9.76 -75.22 3.03
C GLU C 1061 10.20 -75.52 4.45
N GLY C 1062 10.66 -74.48 5.13
CA GLY C 1062 11.17 -74.67 6.46
C GLY C 1062 12.51 -75.38 6.47
N VAL C 1063 12.93 -75.78 7.68
CA VAL C 1063 14.21 -76.44 7.88
C VAL C 1063 14.06 -77.63 8.80
N PHE C 1064 15.18 -78.25 9.15
CA PHE C 1064 15.22 -79.40 10.03
C PHE C 1064 15.99 -79.04 11.28
N VAL C 1065 15.44 -79.34 12.45
CA VAL C 1065 16.11 -79.15 13.72
C VAL C 1065 15.91 -80.40 14.59
N PHE C 1066 16.73 -80.49 15.63
CA PHE C 1066 16.76 -81.64 16.53
C PHE C 1066 16.39 -81.12 17.92
N ASN C 1067 15.17 -81.44 18.38
CA ASN C 1067 14.72 -80.84 19.63
C ASN C 1067 15.38 -81.49 20.84
N GLY C 1068 15.91 -82.69 20.67
CA GLY C 1068 16.43 -83.47 21.76
C GLY C 1068 16.01 -84.92 21.63
N THR C 1069 14.80 -85.16 21.12
CA THR C 1069 14.36 -86.53 20.89
C THR C 1069 14.69 -87.01 19.49
N SER C 1070 14.16 -86.33 18.48
CA SER C 1070 14.52 -86.69 17.11
C SER C 1070 14.55 -85.41 16.28
N TRP C 1071 14.94 -85.58 15.03
CA TRP C 1071 14.86 -84.49 14.08
C TRP C 1071 13.42 -84.27 13.65
N PHE C 1072 13.10 -83.02 13.37
CA PHE C 1072 11.76 -82.66 12.91
C PHE C 1072 11.88 -81.60 11.83
N ILE C 1073 10.79 -81.40 11.10
CA ILE C 1073 10.69 -80.33 10.14
C ILE C 1073 9.62 -79.35 10.64
N THR C 1074 9.87 -78.06 10.46
CA THR C 1074 8.96 -77.02 10.92
C THR C 1074 9.19 -75.78 10.08
N GLN C 1075 8.26 -74.84 10.17
CA GLN C 1075 8.32 -73.59 9.45
C GLN C 1075 9.22 -72.59 10.20
N ARG C 1076 9.22 -71.33 9.77
CA ARG C 1076 10.22 -70.38 10.23
C ARG C 1076 9.65 -69.29 11.13
N ASN C 1077 8.38 -69.35 11.50
CA ASN C 1077 7.82 -68.34 12.37
C ASN C 1077 7.01 -68.91 13.53
N PHE C 1078 6.50 -70.12 13.41
CA PHE C 1078 5.94 -70.80 14.56
C PHE C 1078 6.63 -72.14 14.73
N PHE C 1079 6.91 -72.50 15.97
CA PHE C 1079 7.64 -73.72 16.27
C PHE C 1079 6.64 -74.87 16.33
N SER C 1080 6.40 -75.50 15.19
CA SER C 1080 5.49 -76.64 15.07
C SER C 1080 6.25 -77.80 14.46
N PRO C 1081 6.93 -78.61 15.27
CA PRO C 1081 7.74 -79.70 14.73
C PRO C 1081 6.88 -80.79 14.13
N GLN C 1082 7.32 -81.31 12.99
CA GLN C 1082 6.55 -82.33 12.30
C GLN C 1082 7.46 -83.43 11.79
N ILE C 1083 6.82 -84.48 11.28
CA ILE C 1083 7.50 -85.69 10.85
C ILE C 1083 8.11 -85.44 9.47
N ILE C 1084 9.18 -86.16 9.16
CA ILE C 1084 9.94 -85.94 7.94
C ILE C 1084 9.56 -87.07 6.98
N THR C 1085 8.56 -86.80 6.14
CA THR C 1085 8.12 -87.77 5.16
C THR C 1085 8.89 -87.58 3.85
N THR C 1086 8.43 -88.23 2.79
CA THR C 1086 8.97 -88.00 1.46
C THR C 1086 8.23 -86.91 0.72
N ASP C 1087 7.13 -86.41 1.29
CA ASP C 1087 6.24 -85.51 0.57
C ASP C 1087 6.57 -84.07 0.89
N ASN C 1088 6.72 -83.77 2.18
CA ASN C 1088 7.14 -82.44 2.63
C ASN C 1088 8.55 -82.08 2.19
N THR C 1089 9.39 -83.07 1.91
CA THR C 1089 10.77 -82.83 1.52
C THR C 1089 11.08 -83.68 0.31
N PHE C 1090 11.50 -83.04 -0.77
CA PHE C 1090 11.84 -83.78 -1.97
C PHE C 1090 13.27 -84.32 -1.87
N VAL C 1091 13.67 -85.04 -2.90
CA VAL C 1091 15.01 -85.59 -3.01
C VAL C 1091 15.57 -85.19 -4.38
N SER C 1092 16.84 -84.85 -4.41
CA SER C 1092 17.52 -84.53 -5.67
C SER C 1092 19.00 -84.76 -5.48
N GLY C 1093 19.58 -85.64 -6.28
CA GLY C 1093 20.98 -85.96 -6.18
C GLY C 1093 21.27 -86.95 -5.08
N ASN C 1094 22.42 -87.63 -5.22
CA ASN C 1094 22.84 -88.58 -4.22
C ASN C 1094 23.43 -87.86 -3.00
N CYS C 1095 23.71 -88.63 -1.96
CA CYS C 1095 24.32 -88.08 -0.77
C CYS C 1095 25.81 -87.83 -1.01
N ASP C 1096 26.44 -87.23 0.01
CA ASP C 1096 27.88 -86.90 0.04
C ASP C 1096 28.26 -86.01 -1.14
N VAL C 1097 27.61 -84.86 -1.20
CA VAL C 1097 27.89 -83.84 -2.21
C VAL C 1097 28.30 -82.52 -1.55
N VAL C 1098 27.52 -82.05 -0.59
CA VAL C 1098 27.80 -80.77 0.04
C VAL C 1098 28.08 -80.97 1.52
N ILE C 1099 28.36 -79.88 2.21
CA ILE C 1099 28.83 -79.92 3.59
C ILE C 1099 27.63 -79.96 4.52
N GLY C 1100 27.65 -80.89 5.47
CA GLY C 1100 26.67 -80.92 6.53
C GLY C 1100 25.51 -81.87 6.33
N ILE C 1101 25.61 -82.83 5.41
CA ILE C 1101 24.49 -83.72 5.13
C ILE C 1101 24.51 -84.80 6.21
N ILE C 1102 23.69 -84.64 7.24
CA ILE C 1102 23.73 -85.54 8.39
C ILE C 1102 22.85 -86.76 8.12
N ASN C 1103 23.32 -87.93 8.52
CA ASN C 1103 22.54 -89.16 8.37
C ASN C 1103 21.30 -89.17 9.25
N ASN C 1104 20.20 -89.67 8.69
CA ASN C 1104 18.96 -89.92 9.39
C ASN C 1104 18.12 -90.80 8.47
N THR C 1105 16.98 -91.26 8.98
CA THR C 1105 16.04 -92.06 8.20
C THR C 1105 14.95 -91.16 7.63
N VAL C 1106 14.35 -91.61 6.54
CA VAL C 1106 13.25 -90.91 5.90
C VAL C 1106 12.01 -91.79 5.98
N TYR C 1107 10.95 -91.25 6.58
CA TYR C 1107 9.73 -92.02 6.75
C TYR C 1107 8.97 -92.15 5.44
N ASP C 1108 8.41 -93.33 5.21
CA ASP C 1108 7.55 -93.64 4.08
C ASP C 1108 6.12 -93.75 4.54
N PRO C 1109 5.18 -93.04 3.91
CA PRO C 1109 3.76 -93.28 4.22
C PRO C 1109 3.25 -94.61 3.69
N LEU C 1110 3.76 -95.08 2.54
CA LEU C 1110 3.24 -96.29 1.93
C LEU C 1110 3.76 -97.58 2.58
N GLN C 1111 4.91 -97.51 3.25
CA GLN C 1111 5.53 -98.72 3.80
C GLN C 1111 4.72 -99.45 4.86
N PRO C 1112 4.14 -98.82 5.94
CA PRO C 1112 3.48 -99.64 6.96
C PRO C 1112 2.13 -100.21 6.55
N GLU C 1113 1.73 -100.06 5.29
CA GLU C 1113 0.54 -100.71 4.78
C GLU C 1113 0.88 -101.93 3.92
N LEU C 1114 2.16 -102.29 3.81
CA LEU C 1114 2.56 -103.52 3.14
C LEU C 1114 2.13 -104.75 3.92
N ASP C 1115 1.94 -104.62 5.23
CA ASP C 1115 1.59 -105.75 6.09
C ASP C 1115 0.11 -106.09 6.06
N SER C 1116 -0.67 -105.44 5.21
CA SER C 1116 -2.07 -105.78 5.04
C SER C 1116 -2.21 -107.08 4.26
N SER D 1 1.45 78.78 15.38
CA SER D 1 0.40 78.64 14.38
C SER D 1 -0.07 79.99 13.88
N THR D 2 -0.73 79.95 12.73
CA THR D 2 -1.38 81.13 12.18
C THR D 2 -2.56 81.51 13.06
N ILE D 3 -2.87 82.81 13.09
CA ILE D 3 -4.01 83.35 13.84
C ILE D 3 -5.36 82.82 13.36
N GLU D 4 -5.43 82.28 12.14
CA GLU D 4 -6.66 81.66 11.65
C GLU D 4 -7.04 80.45 12.48
N GLU D 5 -6.08 79.55 12.71
CA GLU D 5 -6.34 78.37 13.53
C GLU D 5 -6.47 78.73 15.01
N GLN D 6 -5.89 79.85 15.45
CA GLN D 6 -6.16 80.34 16.80
C GLN D 6 -7.58 80.87 16.91
N ALA D 7 -8.08 81.50 15.84
CA ALA D 7 -9.47 81.93 15.82
C ALA D 7 -10.42 80.75 15.72
N LYS D 8 -10.01 79.68 15.02
CA LYS D 8 -10.81 78.46 14.99
C LYS D 8 -10.84 77.78 16.34
N THR D 9 -9.68 77.67 17.00
CA THR D 9 -9.56 77.02 18.30
C THR D 9 -10.33 77.78 19.37
N PHE D 10 -10.39 79.11 19.24
CA PHE D 10 -11.26 79.92 20.09
C PHE D 10 -12.72 79.53 19.92
N LEU D 11 -13.15 79.34 18.67
CA LEU D 11 -14.54 78.96 18.44
C LEU D 11 -14.80 77.50 18.74
N ASP D 12 -13.76 76.65 18.65
CA ASP D 12 -13.90 75.22 18.90
C ASP D 12 -14.37 74.94 20.33
N LYS D 13 -13.73 75.58 21.31
CA LYS D 13 -14.24 75.47 22.68
C LYS D 13 -15.55 76.23 22.83
N PHE D 14 -15.74 77.31 22.06
CA PHE D 14 -16.97 78.08 22.14
C PHE D 14 -18.14 77.28 21.58
N ASN D 15 -18.02 76.74 20.37
CA ASN D 15 -19.13 76.06 19.71
C ASN D 15 -19.57 74.77 20.39
N HIS D 16 -18.84 74.28 21.38
CA HIS D 16 -19.29 73.15 22.18
C HIS D 16 -19.73 73.54 23.58
N GLU D 17 -19.20 74.64 24.12
CA GLU D 17 -19.67 75.11 25.41
C GLU D 17 -20.83 76.08 25.28
N ALA D 18 -20.81 76.97 24.28
CA ALA D 18 -21.97 77.81 24.05
C ALA D 18 -23.13 77.03 23.46
N GLU D 19 -22.86 75.90 22.79
CA GLU D 19 -23.91 74.96 22.50
C GLU D 19 -24.53 74.43 23.79
N ASP D 20 -23.69 74.14 24.78
CA ASP D 20 -24.17 73.60 26.05
C ASP D 20 -24.96 74.63 26.83
N LEU D 21 -24.36 75.80 27.06
CA LEU D 21 -24.95 76.79 27.97
C LEU D 21 -26.15 77.51 27.36
N PHE D 22 -26.27 77.54 26.04
CA PHE D 22 -27.52 78.02 25.45
C PHE D 22 -28.62 76.99 25.64
N TYR D 23 -28.29 75.72 25.46
CA TYR D 23 -29.26 74.67 25.72
C TYR D 23 -29.57 74.52 27.19
N GLN D 24 -28.64 74.94 28.08
CA GLN D 24 -28.98 75.06 29.49
C GLN D 24 -30.05 76.12 29.70
N SER D 25 -29.87 77.29 29.07
CA SER D 25 -30.79 78.39 29.29
C SER D 25 -32.12 78.17 28.57
N SER D 26 -32.07 77.61 27.36
CA SER D 26 -33.29 77.43 26.58
C SER D 26 -34.14 76.28 27.11
N LEU D 27 -33.52 75.30 27.77
CA LEU D 27 -34.29 74.32 28.53
C LEU D 27 -34.99 75.00 29.70
N ALA D 28 -34.26 75.82 30.45
CA ALA D 28 -34.85 76.57 31.55
C ALA D 28 -35.84 77.60 31.03
N SER D 29 -35.63 78.11 29.81
CA SER D 29 -36.63 78.97 29.19
C SER D 29 -37.86 78.17 28.78
N TRP D 30 -37.66 76.94 28.31
CA TRP D 30 -38.78 76.09 27.94
C TRP D 30 -39.60 75.69 29.16
N ASN D 31 -38.93 75.19 30.20
CA ASN D 31 -39.65 74.59 31.30
C ASN D 31 -40.32 75.62 32.20
N TYR D 32 -39.96 76.90 32.08
CA TYR D 32 -40.79 77.91 32.72
C TYR D 32 -41.99 78.29 31.85
N ASN D 33 -41.78 78.48 30.54
CA ASN D 33 -42.90 78.84 29.67
C ASN D 33 -43.90 77.70 29.48
N THR D 34 -43.56 76.46 29.83
CA THR D 34 -44.49 75.36 29.81
C THR D 34 -44.95 74.91 31.19
N ASN D 35 -44.19 75.24 32.25
CA ASN D 35 -44.59 75.00 33.63
C ASN D 35 -44.27 76.28 34.39
N ILE D 36 -45.24 77.19 34.44
CA ILE D 36 -45.04 78.51 35.03
C ILE D 36 -44.97 78.35 36.56
N THR D 37 -43.78 78.52 37.11
CA THR D 37 -43.55 78.37 38.54
C THR D 37 -42.43 79.32 38.93
N GLU D 38 -42.47 79.82 40.17
CA GLU D 38 -41.48 80.79 40.65
C GLU D 38 -40.08 80.20 40.73
N GLU D 39 -39.96 78.88 40.89
CA GLU D 39 -38.65 78.25 40.84
C GLU D 39 -38.16 78.17 39.40
N ASN D 40 -39.09 77.93 38.46
CA ASN D 40 -38.71 77.85 37.06
C ASN D 40 -38.34 79.21 36.49
N VAL D 41 -38.97 80.28 36.95
CA VAL D 41 -38.53 81.60 36.53
C VAL D 41 -37.25 82.00 37.26
N GLN D 42 -36.97 81.39 38.41
CA GLN D 42 -35.71 81.64 39.10
C GLN D 42 -34.56 81.03 38.33
N ASN D 43 -34.69 79.76 37.94
CA ASN D 43 -33.62 79.09 37.21
C ASN D 43 -33.53 79.53 35.76
N MET D 44 -34.63 80.06 35.18
CA MET D 44 -34.55 80.61 33.83
C MET D 44 -33.67 81.85 33.79
N ASN D 45 -33.81 82.73 34.78
CA ASN D 45 -32.95 83.88 34.87
C ASN D 45 -31.59 83.54 35.47
N ASN D 46 -31.50 82.43 36.22
CA ASN D 46 -30.18 81.93 36.62
C ASN D 46 -29.38 81.47 35.41
N ALA D 47 -29.95 80.55 34.63
CA ALA D 47 -29.27 80.04 33.45
C ALA D 47 -29.18 81.09 32.35
N GLY D 48 -30.15 82.00 32.28
CA GLY D 48 -30.10 83.05 31.27
C GLY D 48 -29.03 84.09 31.54
N ASP D 49 -28.72 84.33 32.82
CA ASP D 49 -27.65 85.27 33.14
C ASP D 49 -26.29 84.61 33.09
N LYS D 50 -26.20 83.33 33.43
CA LYS D 50 -24.95 82.60 33.29
C LYS D 50 -24.61 82.38 31.82
N TRP D 51 -25.62 82.21 30.99
CA TRP D 51 -25.43 82.21 29.53
C TRP D 51 -24.91 83.55 29.05
N SER D 52 -25.52 84.65 29.50
CA SER D 52 -25.11 85.97 29.04
C SER D 52 -23.74 86.35 29.60
N ALA D 53 -23.42 85.90 30.82
CA ALA D 53 -22.09 86.16 31.38
C ALA D 53 -21.02 85.33 30.68
N PHE D 54 -21.35 84.07 30.33
CA PHE D 54 -20.46 83.30 29.48
C PHE D 54 -20.38 83.89 28.08
N LEU D 55 -21.49 84.47 27.60
CA LEU D 55 -21.42 85.27 26.38
C LEU D 55 -20.64 86.55 26.59
N LYS D 56 -20.67 87.09 27.81
CA LYS D 56 -19.89 88.29 28.11
C LYS D 56 -18.39 87.99 28.13
N GLU D 57 -18.01 86.81 28.64
CA GLU D 57 -16.60 86.43 28.66
C GLU D 57 -16.06 86.19 27.26
N GLN D 58 -16.79 85.41 26.46
CA GLN D 58 -16.28 85.01 25.16
C GLN D 58 -16.42 86.10 24.10
N SER D 59 -17.28 87.10 24.33
CA SER D 59 -17.27 88.24 23.44
C SER D 59 -16.03 89.09 23.67
N THR D 60 -15.72 89.36 24.94
CA THR D 60 -14.56 90.18 25.28
C THR D 60 -13.25 89.46 25.03
N LEU D 61 -13.23 88.13 25.16
CA LEU D 61 -12.03 87.39 24.80
C LEU D 61 -11.85 87.31 23.28
N ALA D 62 -12.94 87.49 22.53
CA ALA D 62 -12.84 87.66 21.08
C ALA D 62 -12.51 89.10 20.69
N GLN D 63 -12.71 90.06 21.60
CA GLN D 63 -12.28 91.42 21.33
C GLN D 63 -10.76 91.55 21.28
N MET D 64 -10.04 90.61 21.88
CA MET D 64 -8.59 90.52 21.73
C MET D 64 -8.17 90.04 20.34
N TYR D 65 -9.10 89.52 19.56
CA TYR D 65 -8.79 88.96 18.24
C TYR D 65 -9.36 89.89 17.16
N PRO D 66 -8.53 90.63 16.43
CA PRO D 66 -9.06 91.63 15.49
C PRO D 66 -9.65 90.99 14.25
N LEU D 67 -10.75 91.59 13.77
CA LEU D 67 -11.44 91.07 12.59
C LEU D 67 -10.72 91.39 11.30
N GLN D 68 -9.82 92.39 11.31
CA GLN D 68 -9.04 92.74 10.14
C GLN D 68 -7.70 92.00 10.13
N GLU D 69 -7.69 90.79 10.67
CA GLU D 69 -6.52 89.93 10.74
C GLU D 69 -6.72 88.60 10.04
N ILE D 70 -7.95 88.13 9.91
CA ILE D 70 -8.25 86.79 9.42
C ILE D 70 -8.97 86.91 8.08
N GLN D 71 -8.50 86.17 7.08
CA GLN D 71 -9.12 86.13 5.76
C GLN D 71 -10.13 85.00 5.59
N ASN D 72 -10.26 84.12 6.57
CA ASN D 72 -11.25 83.04 6.52
C ASN D 72 -12.64 83.63 6.66
N LEU D 73 -13.51 83.34 5.69
CA LEU D 73 -14.82 83.97 5.61
C LEU D 73 -15.74 83.54 6.75
N THR D 74 -15.53 82.34 7.29
CA THR D 74 -16.39 81.83 8.35
C THR D 74 -16.12 82.52 9.68
N VAL D 75 -14.88 82.39 10.19
CA VAL D 75 -14.55 82.97 11.49
C VAL D 75 -14.36 84.47 11.46
N LYS D 76 -14.30 85.08 10.27
CA LYS D 76 -14.43 86.53 10.18
C LYS D 76 -15.80 86.98 10.66
N LEU D 77 -16.86 86.43 10.06
CA LEU D 77 -18.23 86.75 10.44
C LEU D 77 -18.57 86.25 11.83
N GLN D 78 -17.87 85.22 12.33
CA GLN D 78 -18.08 84.76 13.68
C GLN D 78 -17.49 85.74 14.70
N LEU D 79 -16.22 86.11 14.53
CA LEU D 79 -15.58 87.05 15.45
C LEU D 79 -16.16 88.45 15.32
N GLN D 80 -16.68 88.81 14.14
CA GLN D 80 -17.32 90.11 13.95
C GLN D 80 -18.56 90.25 14.81
N ALA D 81 -19.41 89.22 14.83
CA ALA D 81 -20.58 89.24 15.70
C ALA D 81 -20.19 89.07 17.16
N LEU D 82 -19.02 88.48 17.43
CA LEU D 82 -18.56 88.33 18.81
C LEU D 82 -18.09 89.66 19.40
N GLN D 83 -17.17 90.34 18.73
CA GLN D 83 -16.49 91.49 19.34
C GLN D 83 -17.22 92.81 19.09
N GLN D 84 -18.51 92.79 18.78
CA GLN D 84 -19.31 94.01 18.79
C GLN D 84 -19.40 94.54 20.22
N ASN D 85 -19.00 95.80 20.42
CA ASN D 85 -19.02 96.40 21.75
C ASN D 85 -20.45 96.59 22.23
N GLY D 86 -21.29 97.21 21.39
CA GLY D 86 -22.67 97.43 21.74
C GLY D 86 -22.86 98.45 22.85
N SER D 87 -23.41 98.01 23.98
CA SER D 87 -23.57 98.89 25.13
C SER D 87 -22.31 99.04 25.96
N SER D 88 -21.24 98.31 25.62
CA SER D 88 -19.97 98.42 26.33
C SER D 88 -19.16 99.64 25.92
N VAL D 89 -19.56 100.34 24.85
CA VAL D 89 -18.74 101.42 24.31
C VAL D 89 -19.06 102.77 24.95
N LEU D 90 -20.17 102.90 25.65
CA LEU D 90 -20.45 104.10 26.43
C LEU D 90 -19.73 104.00 27.78
N SER D 91 -20.05 104.92 28.69
CA SER D 91 -19.47 104.87 30.02
C SER D 91 -20.16 103.81 30.86
N GLU D 92 -19.64 103.63 32.08
CA GLU D 92 -20.07 102.51 32.91
C GLU D 92 -21.48 102.73 33.47
N ASP D 93 -21.78 103.94 33.89
CA ASP D 93 -23.09 104.25 34.45
C ASP D 93 -24.03 104.92 33.46
N LYS D 94 -23.50 105.46 32.35
CA LYS D 94 -24.35 106.13 31.37
C LYS D 94 -25.20 105.13 30.61
N SER D 95 -24.61 104.00 30.21
CA SER D 95 -25.40 102.96 29.54
C SER D 95 -26.27 102.20 30.54
N LYS D 96 -25.88 102.18 31.82
CA LYS D 96 -26.72 101.56 32.84
C LYS D 96 -27.95 102.42 33.15
N ARG D 97 -27.75 103.74 33.23
CA ARG D 97 -28.87 104.67 33.31
C ARG D 97 -29.73 104.60 32.05
N LEU D 98 -29.09 104.40 30.89
CA LEU D 98 -29.81 104.19 29.64
C LEU D 98 -30.65 102.93 29.68
N ASN D 99 -30.12 101.86 30.27
CA ASN D 99 -30.90 100.65 30.44
C ASN D 99 -31.89 100.76 31.59
N THR D 100 -31.67 101.70 32.51
CA THR D 100 -32.69 102.01 33.52
C THR D 100 -33.88 102.70 32.86
N ILE D 101 -33.63 103.48 31.80
CA ILE D 101 -34.71 104.07 31.02
C ILE D 101 -35.50 102.98 30.30
N LEU D 102 -34.79 102.03 29.66
CA LEU D 102 -35.44 100.87 29.04
C LEU D 102 -36.19 100.02 30.07
N ASN D 103 -35.71 99.98 31.31
CA ASN D 103 -36.43 99.31 32.38
C ASN D 103 -37.73 100.04 32.69
N THR D 104 -37.68 101.37 32.77
CA THR D 104 -38.86 102.15 33.13
C THR D 104 -39.79 102.40 31.95
N MET D 105 -39.26 102.42 30.71
CA MET D 105 -40.14 102.52 29.56
C MET D 105 -40.97 101.25 29.38
N SER D 106 -40.31 100.09 29.45
CA SER D 106 -41.00 98.82 29.28
C SER D 106 -41.92 98.48 30.46
N THR D 107 -41.69 99.09 31.62
CA THR D 107 -42.55 98.84 32.76
C THR D 107 -43.91 99.47 32.57
N ILE D 108 -43.97 100.81 32.46
CA ILE D 108 -45.25 101.51 32.40
C ILE D 108 -45.83 101.57 31.00
N TYR D 109 -45.20 100.94 30.00
CA TYR D 109 -45.91 100.71 28.76
C TYR D 109 -46.69 99.41 28.81
N SER D 110 -46.20 98.45 29.61
CA SER D 110 -46.96 97.23 29.87
C SER D 110 -47.94 97.40 31.01
N THR D 111 -47.66 98.33 31.93
CA THR D 111 -48.54 98.61 33.05
C THR D 111 -49.54 99.72 32.74
N GLY D 112 -49.22 100.58 31.78
CA GLY D 112 -50.00 101.76 31.47
C GLY D 112 -51.42 101.49 30.96
N LYS D 113 -52.38 102.18 31.55
CA LYS D 113 -53.79 101.92 31.34
C LYS D 113 -54.50 103.19 30.91
N VAL D 114 -55.67 102.99 30.29
CA VAL D 114 -56.58 104.08 29.95
C VAL D 114 -57.84 103.89 30.78
N CYS D 115 -58.48 105.00 31.16
CA CYS D 115 -59.61 104.92 32.07
C CYS D 115 -60.75 105.79 31.54
N ASN D 116 -61.96 105.25 31.59
CA ASN D 116 -63.12 105.81 30.91
C ASN D 116 -63.54 107.15 31.52
N PRO D 117 -64.02 108.08 30.71
CA PRO D 117 -64.26 109.45 31.21
C PRO D 117 -65.53 109.59 32.03
N ASP D 118 -66.41 108.59 32.01
CA ASP D 118 -67.58 108.55 32.87
C ASP D 118 -67.50 107.51 33.97
N ASN D 119 -66.72 106.44 33.76
CA ASN D 119 -66.55 105.37 34.74
C ASN D 119 -65.06 105.09 34.91
N PRO D 120 -64.39 105.82 35.82
CA PRO D 120 -62.95 105.56 36.04
C PRO D 120 -62.65 104.29 36.84
N GLN D 121 -63.64 103.49 37.20
CA GLN D 121 -63.37 102.17 37.77
C GLN D 121 -63.03 101.16 36.67
N GLU D 122 -63.51 101.39 35.46
CA GLU D 122 -63.30 100.48 34.34
C GLU D 122 -62.10 100.96 33.54
N CYS D 123 -60.94 100.36 33.80
CA CYS D 123 -59.71 100.76 33.15
C CYS D 123 -59.16 99.62 32.30
N LEU D 124 -58.52 99.97 31.18
CA LEU D 124 -58.16 99.01 30.15
C LEU D 124 -56.68 99.13 29.80
N LEU D 125 -56.03 97.98 29.60
CA LEU D 125 -54.66 97.90 29.14
C LEU D 125 -54.65 97.73 27.62
N LEU D 126 -53.45 97.52 27.05
CA LEU D 126 -53.32 97.35 25.60
C LEU D 126 -53.99 96.09 25.11
N GLU D 127 -53.94 95.02 25.89
CA GLU D 127 -54.62 93.78 25.54
C GLU D 127 -55.01 93.01 26.79
N PRO D 128 -56.30 92.66 26.97
CA PRO D 128 -57.43 93.04 26.11
C PRO D 128 -58.10 94.34 26.52
N GLY D 129 -59.33 94.54 26.06
CA GLY D 129 -60.12 95.68 26.46
C GLY D 129 -60.04 96.87 25.52
N LEU D 130 -58.87 97.46 25.37
CA LEU D 130 -58.74 98.63 24.53
C LEU D 130 -58.55 98.27 23.06
N ASN D 131 -57.76 97.23 22.77
CA ASN D 131 -57.65 96.74 21.41
C ASN D 131 -58.93 96.04 20.97
N GLU D 132 -59.75 95.58 21.94
CA GLU D 132 -61.09 95.13 21.62
C GLU D 132 -61.94 96.27 21.08
N ILE D 133 -61.79 97.46 21.65
CA ILE D 133 -62.46 98.64 21.11
C ILE D 133 -61.86 99.04 19.77
N MET D 134 -60.53 99.01 19.66
CA MET D 134 -59.87 99.48 18.45
C MET D 134 -59.91 98.48 17.31
N ALA D 135 -60.50 97.30 17.49
CA ALA D 135 -60.64 96.34 16.40
C ALA D 135 -62.06 95.86 16.16
N ASN D 136 -63.00 96.14 17.06
CA ASN D 136 -64.33 95.54 16.93
C ASN D 136 -65.46 96.55 17.10
N SER D 137 -65.19 97.67 17.76
CA SER D 137 -66.26 98.62 18.08
C SER D 137 -66.70 99.39 16.85
N LEU D 138 -67.94 99.90 16.90
CA LEU D 138 -68.57 100.57 15.76
C LEU D 138 -68.75 102.06 15.95
N ASP D 139 -68.59 102.58 17.16
CA ASP D 139 -68.81 104.00 17.42
C ASP D 139 -67.62 104.82 16.93
N TYR D 140 -67.91 105.96 16.31
CA TYR D 140 -66.86 106.86 15.86
C TYR D 140 -66.12 107.48 17.04
N ASN D 141 -66.86 108.11 17.96
CA ASN D 141 -66.25 108.91 19.01
C ASN D 141 -65.75 108.09 20.20
N GLU D 142 -66.30 106.88 20.41
CA GLU D 142 -65.72 106.01 21.43
C GLU D 142 -64.36 105.47 20.98
N ARG D 143 -64.26 105.07 19.71
CA ARG D 143 -62.96 104.71 19.15
C ARG D 143 -62.05 105.91 19.01
N LEU D 144 -62.61 107.11 18.84
CA LEU D 144 -61.81 108.32 18.69
C LEU D 144 -61.09 108.68 19.97
N TRP D 145 -61.81 108.70 21.09
CA TRP D 145 -61.18 109.09 22.34
C TRP D 145 -60.28 108.00 22.91
N ALA D 146 -60.65 106.73 22.70
CA ALA D 146 -59.82 105.62 23.17
C ALA D 146 -58.50 105.54 22.41
N TRP D 147 -58.53 105.88 21.11
CA TRP D 147 -57.31 106.08 20.34
C TRP D 147 -56.47 107.20 20.93
N GLU D 148 -57.12 108.31 21.30
CA GLU D 148 -56.42 109.41 21.95
C GLU D 148 -55.94 109.02 23.34
N SER D 149 -56.65 108.10 24.00
CA SER D 149 -56.31 107.73 25.37
C SER D 149 -54.99 106.95 25.44
N TRP D 150 -54.82 105.96 24.56
CA TRP D 150 -53.59 105.19 24.54
C TRP D 150 -52.40 106.02 24.11
N ARG D 151 -52.63 107.09 23.37
CA ARG D 151 -51.59 108.03 23.01
C ARG D 151 -51.38 109.13 24.05
N SER D 152 -52.28 109.29 25.01
CA SER D 152 -52.14 110.31 26.04
C SER D 152 -51.62 109.77 27.37
N GLU D 153 -52.18 108.65 27.84
CA GLU D 153 -51.77 108.15 29.16
C GLU D 153 -50.37 107.56 29.15
N VAL D 154 -49.98 106.85 28.08
CA VAL D 154 -48.63 106.31 28.01
C VAL D 154 -47.75 107.03 27.00
N GLY D 155 -48.31 107.80 26.08
CA GLY D 155 -47.49 108.55 25.15
C GLY D 155 -46.78 109.71 25.82
N LYS D 156 -47.47 110.40 26.72
CA LYS D 156 -46.84 111.50 27.45
C LYS D 156 -45.81 111.00 28.45
N GLN D 157 -46.06 109.84 29.06
CA GLN D 157 -45.12 109.29 30.03
C GLN D 157 -43.89 108.70 29.35
N LEU D 158 -44.02 108.28 28.09
CA LEU D 158 -42.88 107.80 27.34
C LEU D 158 -42.00 108.92 26.77
N ARG D 159 -42.52 110.15 26.66
CA ARG D 159 -41.82 111.17 25.89
C ARG D 159 -40.51 111.66 26.52
N PRO D 160 -40.44 112.10 27.79
CA PRO D 160 -39.12 112.50 28.32
C PRO D 160 -38.18 111.34 28.50
N LEU D 161 -38.71 110.13 28.65
CA LEU D 161 -37.87 108.94 28.68
C LEU D 161 -37.33 108.63 27.29
N TYR D 162 -38.12 108.91 26.26
CA TYR D 162 -37.66 108.74 24.88
C TYR D 162 -36.70 109.84 24.45
N GLU D 163 -36.78 111.01 25.08
CA GLU D 163 -35.81 112.08 24.82
C GLU D 163 -34.41 111.64 25.22
N GLU D 164 -34.28 111.15 26.46
CA GLU D 164 -32.99 110.71 26.97
C GLU D 164 -32.53 109.41 26.30
N TYR D 165 -33.49 108.60 25.83
CA TYR D 165 -33.15 107.32 25.23
C TYR D 165 -32.42 107.48 23.89
N VAL D 166 -32.97 108.31 23.00
CA VAL D 166 -32.43 108.41 21.65
C VAL D 166 -31.07 109.12 21.62
N VAL D 167 -30.71 109.86 22.65
CA VAL D 167 -29.43 110.56 22.66
C VAL D 167 -28.32 109.59 23.05
N LEU D 168 -28.53 108.84 24.12
CA LEU D 168 -27.48 107.93 24.59
C LEU D 168 -27.32 106.72 23.68
N LYS D 169 -28.37 106.33 22.95
CA LYS D 169 -28.20 105.28 21.95
C LYS D 169 -27.45 105.80 20.74
N ASN D 170 -27.65 107.06 20.36
CA ASN D 170 -26.87 107.66 19.28
C ASN D 170 -25.42 107.85 19.70
N GLU D 171 -25.19 108.24 20.96
CA GLU D 171 -23.82 108.33 21.46
C GLU D 171 -23.20 106.95 21.61
N MET D 172 -24.02 105.94 21.90
CA MET D 172 -23.57 104.56 21.81
C MET D 172 -23.21 104.18 20.38
N ALA D 173 -24.04 104.57 19.42
CA ALA D 173 -23.82 104.14 18.05
C ALA D 173 -22.65 104.87 17.41
N ARG D 174 -22.50 106.17 17.68
CA ARG D 174 -21.38 106.90 17.13
C ARG D 174 -20.06 106.52 17.78
N ALA D 175 -20.09 106.00 19.01
CA ALA D 175 -18.87 105.49 19.63
C ALA D 175 -18.45 104.14 19.07
N ASN D 176 -19.35 103.43 18.40
CA ASN D 176 -19.00 102.24 17.63
C ASN D 176 -18.72 102.55 16.16
N HIS D 177 -18.37 103.81 15.86
CA HIS D 177 -18.01 104.30 14.52
C HIS D 177 -19.16 104.08 13.53
N TYR D 178 -20.31 104.67 13.85
CA TYR D 178 -21.45 104.68 12.96
C TYR D 178 -21.99 106.10 12.84
N GLU D 179 -22.98 106.26 11.97
CA GLU D 179 -23.60 107.56 11.75
C GLU D 179 -24.59 107.87 12.86
N ASP D 180 -25.61 107.02 13.02
CA ASP D 180 -26.53 107.13 14.14
C ASP D 180 -26.92 105.73 14.59
N TYR D 181 -27.92 105.65 15.47
CA TYR D 181 -28.48 104.38 15.86
C TYR D 181 -29.46 103.85 14.81
N GLY D 182 -29.89 104.69 13.88
CA GLY D 182 -30.44 104.18 12.64
C GLY D 182 -29.38 103.49 11.78
N ASP D 183 -28.13 103.98 11.84
CA ASP D 183 -27.06 103.35 11.08
C ASP D 183 -26.55 102.09 11.76
N TYR D 184 -26.66 102.02 13.09
CA TYR D 184 -26.36 100.77 13.79
C TYR D 184 -27.38 99.70 13.46
N TRP D 185 -28.63 100.10 13.21
CA TRP D 185 -29.62 99.19 12.63
C TRP D 185 -29.21 98.76 11.24
N ARG D 186 -28.76 99.71 10.42
CA ARG D 186 -28.37 99.45 9.05
C ARG D 186 -27.07 98.63 8.96
N GLY D 187 -26.30 98.56 10.04
CA GLY D 187 -25.11 97.72 10.07
C GLY D 187 -25.40 96.24 10.17
N ASP D 188 -26.66 95.85 10.42
CA ASP D 188 -27.02 94.44 10.49
C ASP D 188 -26.88 93.75 9.13
N TYR D 189 -27.35 94.41 8.08
CA TYR D 189 -27.45 93.79 6.77
C TYR D 189 -26.18 93.92 5.94
N GLU D 190 -25.14 94.59 6.46
CA GLU D 190 -23.93 94.84 5.68
C GLU D 190 -23.02 93.63 5.70
N VAL D 191 -22.53 93.25 4.51
CA VAL D 191 -21.61 92.14 4.35
C VAL D 191 -20.43 92.60 3.48
N ASN D 192 -19.23 92.17 3.84
CA ASN D 192 -18.00 92.60 3.18
C ASN D 192 -17.25 91.38 2.67
N GLY D 193 -16.83 91.44 1.41
CA GLY D 193 -16.04 90.37 0.83
C GLY D 193 -16.83 89.27 0.16
N VAL D 194 -18.12 89.47 -0.06
CA VAL D 194 -18.98 88.48 -0.72
C VAL D 194 -19.52 89.11 -2.00
N ASP D 195 -19.01 88.68 -3.14
CA ASP D 195 -19.32 89.34 -4.41
C ASP D 195 -20.76 89.08 -4.85
N GLY D 196 -21.39 90.11 -5.40
CA GLY D 196 -22.74 90.00 -5.93
C GLY D 196 -23.84 90.38 -4.96
N TYR D 197 -23.76 89.88 -3.73
CA TYR D 197 -24.78 90.15 -2.72
C TYR D 197 -24.26 91.01 -1.58
N ASP D 198 -23.29 91.87 -1.87
CA ASP D 198 -22.88 92.92 -0.95
C ASP D 198 -24.03 93.88 -0.69
N TYR D 199 -23.91 94.62 0.41
CA TYR D 199 -25.03 95.41 0.88
C TYR D 199 -24.46 96.56 1.70
N SER D 200 -24.50 97.78 1.18
CA SER D 200 -24.06 98.89 2.00
C SER D 200 -25.16 99.28 2.98
N ARG D 201 -24.80 100.17 3.92
CA ARG D 201 -25.83 100.70 4.81
C ARG D 201 -26.71 101.71 4.09
N GLY D 202 -26.16 102.40 3.10
CA GLY D 202 -26.99 103.21 2.22
C GLY D 202 -27.83 102.38 1.27
N GLN D 203 -27.45 101.12 1.04
CA GLN D 203 -28.24 100.22 0.20
C GLN D 203 -29.60 99.92 0.81
N LEU D 204 -29.68 99.84 2.13
CA LEU D 204 -30.94 99.48 2.79
C LEU D 204 -32.00 100.56 2.63
N ILE D 205 -31.59 101.82 2.76
CA ILE D 205 -32.52 102.93 2.58
C ILE D 205 -33.02 102.98 1.14
N GLU D 206 -32.11 102.86 0.18
CA GLU D 206 -32.48 103.04 -1.22
C GLU D 206 -33.19 101.82 -1.80
N ASP D 207 -32.98 100.63 -1.24
CA ASP D 207 -33.66 99.45 -1.77
C ASP D 207 -35.08 99.37 -1.24
N VAL D 208 -35.28 99.73 0.03
CA VAL D 208 -36.62 99.82 0.61
C VAL D 208 -37.44 100.87 -0.13
N GLU D 209 -36.85 102.03 -0.43
CA GLU D 209 -37.59 103.10 -1.08
C GLU D 209 -37.83 102.81 -2.57
N HIS D 210 -37.00 101.97 -3.19
CA HIS D 210 -37.18 101.67 -4.61
C HIS D 210 -38.37 100.76 -4.83
N THR D 211 -38.36 99.57 -4.23
CA THR D 211 -39.43 98.62 -4.47
C THR D 211 -40.71 98.95 -3.72
N PHE D 212 -40.68 99.94 -2.81
CA PHE D 212 -41.93 100.46 -2.26
C PHE D 212 -42.70 101.24 -3.32
N GLU D 213 -42.00 101.81 -4.30
CA GLU D 213 -42.68 102.42 -5.44
C GLU D 213 -43.38 101.39 -6.31
N GLU D 214 -43.00 100.11 -6.22
CA GLU D 214 -43.79 99.05 -6.81
C GLU D 214 -44.99 98.69 -5.94
N ILE D 215 -44.90 98.92 -4.63
CA ILE D 215 -45.99 98.61 -3.72
C ILE D 215 -47.07 99.69 -3.77
N LYS D 216 -46.66 100.96 -3.84
CA LYS D 216 -47.52 102.15 -3.87
C LYS D 216 -48.71 102.17 -4.84
N PRO D 217 -48.65 101.63 -6.07
CA PRO D 217 -49.90 101.61 -6.88
C PRO D 217 -50.99 100.73 -6.31
N LEU D 218 -50.66 99.47 -5.98
CA LEU D 218 -51.64 98.55 -5.42
C LEU D 218 -52.08 98.99 -4.03
N TYR D 219 -51.23 99.71 -3.31
CA TYR D 219 -51.65 100.30 -2.05
C TYR D 219 -52.62 101.45 -2.27
N GLU D 220 -52.37 102.28 -3.29
CA GLU D 220 -53.31 103.36 -3.60
C GLU D 220 -54.57 102.84 -4.26
N HIS D 221 -54.51 101.65 -4.89
CA HIS D 221 -55.73 100.94 -5.22
C HIS D 221 -56.51 100.60 -3.97
N LEU D 222 -55.82 100.04 -2.96
CA LEU D 222 -56.47 99.69 -1.71
C LEU D 222 -56.84 100.93 -0.91
N HIS D 223 -56.09 102.02 -1.06
CA HIS D 223 -56.38 103.25 -0.35
C HIS D 223 -57.69 103.87 -0.83
N ALA D 224 -57.86 103.99 -2.15
CA ALA D 224 -59.06 104.60 -2.69
C ALA D 224 -60.29 103.70 -2.54
N TYR D 225 -60.08 102.39 -2.45
CA TYR D 225 -61.21 101.46 -2.42
C TYR D 225 -61.80 101.32 -1.02
N VAL D 226 -60.95 101.37 0.02
CA VAL D 226 -61.48 101.29 1.38
C VAL D 226 -62.01 102.63 1.87
N ARG D 227 -61.67 103.73 1.19
CA ARG D 227 -62.31 105.00 1.52
C ARG D 227 -63.77 105.00 1.08
N ALA D 228 -64.05 104.37 -0.06
CA ALA D 228 -65.43 104.30 -0.55
C ALA D 228 -66.28 103.38 0.32
N LYS D 229 -65.69 102.29 0.82
CA LYS D 229 -66.44 101.38 1.69
C LYS D 229 -66.64 101.95 3.09
N LEU D 230 -65.68 102.73 3.58
CA LEU D 230 -65.84 103.32 4.91
C LEU D 230 -66.74 104.55 4.89
N MET D 231 -66.87 105.24 3.74
CA MET D 231 -67.89 106.27 3.62
C MET D 231 -69.29 105.67 3.69
N ASN D 232 -69.46 104.46 3.15
CA ASN D 232 -70.75 103.79 3.20
C ASN D 232 -71.08 103.26 4.60
N ALA D 233 -70.07 103.08 5.44
CA ALA D 233 -70.29 102.66 6.82
C ALA D 233 -70.24 103.82 7.79
N TYR D 234 -69.40 104.82 7.52
CA TYR D 234 -69.38 106.08 8.27
C TYR D 234 -69.84 107.19 7.34
N PRO D 235 -71.14 107.50 7.29
CA PRO D 235 -71.62 108.56 6.40
C PRO D 235 -71.24 109.93 6.96
N SER D 236 -70.56 110.72 6.12
CA SER D 236 -70.09 112.08 6.40
C SER D 236 -69.15 112.17 7.60
N TYR D 237 -68.50 111.07 7.96
CA TYR D 237 -67.43 111.09 8.96
C TYR D 237 -66.04 111.07 8.34
N ILE D 238 -65.92 110.57 7.11
CA ILE D 238 -64.64 110.41 6.44
C ILE D 238 -64.70 111.18 5.12
N SER D 239 -63.68 112.00 4.87
CA SER D 239 -63.64 112.81 3.67
C SER D 239 -63.45 111.92 2.44
N PRO D 240 -64.11 112.23 1.33
CA PRO D 240 -64.04 111.37 0.14
C PRO D 240 -62.71 111.40 -0.59
N ILE D 241 -61.85 112.39 -0.31
CA ILE D 241 -60.53 112.44 -0.94
C ILE D 241 -59.50 112.62 0.17
N GLY D 242 -59.98 112.98 1.36
CA GLY D 242 -59.13 113.02 2.53
C GLY D 242 -58.73 111.63 2.97
N CYS D 243 -57.67 111.58 3.76
CA CYS D 243 -57.12 110.29 4.15
C CYS D 243 -57.95 109.67 5.28
N LEU D 244 -57.57 108.46 5.65
CA LEU D 244 -58.32 107.69 6.64
C LEU D 244 -58.07 108.23 8.04
N PRO D 245 -59.11 108.31 8.87
CA PRO D 245 -58.91 108.65 10.28
C PRO D 245 -58.18 107.53 10.99
N ALA D 246 -57.23 107.90 11.85
CA ALA D 246 -56.34 106.92 12.47
C ALA D 246 -57.03 106.10 13.56
N HIS D 247 -58.20 106.53 14.03
CA HIS D 247 -58.96 105.73 14.99
C HIS D 247 -59.90 104.75 14.33
N LEU D 248 -59.88 104.66 12.99
CA LEU D 248 -60.76 103.78 12.25
C LEU D 248 -59.99 102.76 11.42
N LEU D 249 -58.72 102.52 11.76
CA LEU D 249 -57.84 101.68 10.98
C LEU D 249 -57.83 100.22 11.43
N GLY D 250 -58.82 99.80 12.22
CA GLY D 250 -58.96 98.40 12.59
C GLY D 250 -58.01 97.90 13.65
N ASP D 251 -56.95 98.64 13.97
CA ASP D 251 -56.02 98.23 15.01
C ASP D 251 -55.60 99.47 15.79
N MET D 252 -54.63 99.29 16.68
CA MET D 252 -54.29 100.34 17.64
C MET D 252 -53.49 101.47 16.99
N TRP D 253 -52.62 101.15 16.03
CA TRP D 253 -51.69 102.13 15.50
C TRP D 253 -51.79 102.35 14.00
N GLY D 254 -52.42 101.45 13.25
CA GLY D 254 -52.54 101.59 11.82
C GLY D 254 -51.79 100.57 10.99
N ARG D 255 -51.30 99.49 11.61
CA ARG D 255 -50.45 98.55 10.90
C ARG D 255 -51.27 97.58 10.03
N PHE D 256 -52.32 97.00 10.59
CA PHE D 256 -53.16 96.06 9.87
C PHE D 256 -54.54 96.65 9.64
N TRP D 257 -55.01 96.61 8.40
CA TRP D 257 -56.38 96.96 8.07
C TRP D 257 -57.28 95.74 8.02
N THR D 258 -56.87 94.65 8.67
CA THR D 258 -57.56 93.37 8.53
C THR D 258 -58.90 93.37 9.23
N ASN D 259 -59.02 94.09 10.34
CA ASN D 259 -60.27 94.12 11.10
C ASN D 259 -61.35 94.98 10.45
N LEU D 260 -61.05 95.61 9.30
CA LEU D 260 -62.05 96.35 8.55
C LEU D 260 -62.91 95.46 7.66
N TYR D 261 -62.78 94.13 7.75
CA TYR D 261 -63.54 93.25 6.86
C TYR D 261 -65.03 93.27 7.19
N SER D 262 -65.39 93.60 8.43
CA SER D 262 -66.80 93.78 8.76
C SER D 262 -67.40 94.98 8.05
N LEU D 263 -66.59 96.00 7.76
CA LEU D 263 -67.07 97.25 7.20
C LEU D 263 -66.66 97.45 5.73
N THR D 264 -65.71 96.66 5.22
CA THR D 264 -65.23 96.82 3.85
C THR D 264 -65.42 95.57 2.99
N VAL D 265 -66.29 94.65 3.41
CA VAL D 265 -66.55 93.49 2.55
C VAL D 265 -67.45 93.90 1.39
N PRO D 266 -67.09 93.57 0.15
CA PRO D 266 -68.00 93.87 -0.98
C PRO D 266 -69.28 93.05 -0.93
N PHE D 267 -69.13 91.73 -0.85
CA PHE D 267 -70.26 90.80 -0.88
C PHE D 267 -70.22 90.02 0.44
N GLY D 268 -70.89 90.55 1.45
CA GLY D 268 -70.88 89.95 2.79
C GLY D 268 -71.71 88.69 2.94
N GLN D 269 -72.38 88.24 1.89
CA GLN D 269 -73.23 87.06 1.95
C GLN D 269 -72.59 85.83 1.31
N LYS D 270 -71.48 86.01 0.59
CA LYS D 270 -70.74 84.88 0.06
C LYS D 270 -70.04 84.15 1.19
N PRO D 271 -69.91 82.80 1.10
CA PRO D 271 -69.32 82.05 2.22
C PRO D 271 -67.83 82.27 2.38
N ASN D 272 -67.28 81.75 3.47
CA ASN D 272 -65.85 81.80 3.72
C ASN D 272 -65.33 80.37 3.75
N ILE D 273 -64.13 80.17 3.20
CA ILE D 273 -63.55 78.84 3.08
C ILE D 273 -63.09 78.38 4.45
N ASP D 274 -63.88 77.50 5.07
CA ASP D 274 -63.61 77.03 6.42
C ASP D 274 -63.79 75.52 6.44
N VAL D 275 -62.78 74.82 6.96
CA VAL D 275 -62.72 73.36 6.90
C VAL D 275 -62.72 72.74 8.29
N THR D 276 -62.90 73.54 9.35
CA THR D 276 -62.93 72.97 10.70
C THR D 276 -64.20 72.21 10.98
N ASP D 277 -65.24 72.39 10.15
CA ASP D 277 -66.43 71.56 10.23
C ASP D 277 -66.19 70.12 9.77
N ALA D 278 -65.11 69.89 9.02
CA ALA D 278 -64.73 68.54 8.62
C ALA D 278 -63.58 67.98 9.45
N MET D 279 -62.94 68.80 10.26
CA MET D 279 -61.88 68.31 11.14
C MET D 279 -62.45 67.42 12.24
N VAL D 280 -63.59 67.83 12.81
CA VAL D 280 -64.26 67.05 13.85
C VAL D 280 -65.12 65.95 13.25
N ASP D 281 -65.38 66.03 11.93
CA ASP D 281 -66.12 64.99 11.22
C ASP D 281 -65.40 63.65 11.29
N GLN D 282 -64.09 63.66 11.10
CA GLN D 282 -63.28 62.46 11.21
C GLN D 282 -62.56 62.36 12.55
N ALA D 283 -62.95 63.21 13.51
CA ALA D 283 -62.46 63.21 14.89
C ALA D 283 -60.94 63.37 14.97
N TRP D 284 -60.46 64.49 14.42
CA TRP D 284 -59.03 64.74 14.38
C TRP D 284 -58.55 65.36 15.68
N ASP D 285 -57.27 65.14 15.97
CA ASP D 285 -56.62 65.74 17.12
C ASP D 285 -55.38 66.51 16.66
N ALA D 286 -54.66 67.07 17.63
CA ALA D 286 -53.40 67.74 17.33
C ALA D 286 -52.34 66.76 16.85
N GLN D 287 -52.45 65.50 17.27
CA GLN D 287 -51.54 64.47 16.76
C GLN D 287 -51.81 64.17 15.29
N ARG D 288 -53.05 64.38 14.83
CA ARG D 288 -53.31 64.26 13.39
C ARG D 288 -52.73 65.44 12.62
N ILE D 289 -52.90 66.65 13.16
CA ILE D 289 -52.56 67.87 12.42
C ILE D 289 -51.05 68.00 12.23
N PHE D 290 -50.28 67.80 13.30
CA PHE D 290 -48.83 67.87 13.17
C PHE D 290 -48.26 66.70 12.38
N LYS D 291 -48.94 65.55 12.39
CA LYS D 291 -48.53 64.46 11.51
C LYS D 291 -48.93 64.73 10.07
N GLU D 292 -50.10 65.36 9.86
CA GLU D 292 -50.49 65.75 8.52
C GLU D 292 -49.58 66.85 7.98
N ALA D 293 -49.11 67.73 8.85
CA ALA D 293 -48.08 68.69 8.48
C ALA D 293 -46.80 67.95 8.09
N GLU D 294 -46.38 67.00 8.94
CA GLU D 294 -45.18 66.20 8.68
C GLU D 294 -45.33 65.37 7.41
N LYS D 295 -46.54 64.87 7.14
CA LYS D 295 -46.79 64.23 5.86
C LYS D 295 -46.75 65.23 4.72
N PHE D 296 -47.23 66.45 4.96
CA PHE D 296 -47.16 67.49 3.94
C PHE D 296 -45.74 67.96 3.71
N PHE D 297 -44.88 67.88 4.74
CA PHE D 297 -43.47 68.18 4.51
C PHE D 297 -42.80 67.06 3.71
N VAL D 298 -43.06 65.80 4.07
CA VAL D 298 -42.40 64.68 3.38
C VAL D 298 -43.00 64.42 2.01
N SER D 299 -44.16 65.03 1.70
CA SER D 299 -44.74 64.89 0.37
C SER D 299 -43.95 65.65 -0.68
N VAL D 300 -43.16 66.64 -0.29
CA VAL D 300 -42.38 67.44 -1.24
C VAL D 300 -40.91 67.05 -1.25
N GLY D 301 -40.50 66.12 -0.38
CA GLY D 301 -39.13 65.67 -0.31
C GLY D 301 -38.38 66.08 0.94
N LEU D 302 -39.02 66.81 1.85
CA LEU D 302 -38.38 67.17 3.11
C LEU D 302 -38.34 65.97 4.04
N PRO D 303 -37.37 65.90 4.95
CA PRO D 303 -37.33 64.79 5.91
C PRO D 303 -38.44 64.91 6.95
N ASN D 304 -38.67 63.79 7.65
CA ASN D 304 -39.71 63.70 8.65
C ASN D 304 -39.28 64.41 9.94
N MET D 305 -40.14 64.35 10.94
CA MET D 305 -39.83 64.94 12.24
C MET D 305 -38.92 64.02 13.04
N THR D 306 -38.14 64.62 13.92
CA THR D 306 -37.23 63.86 14.75
C THR D 306 -37.99 63.09 15.82
N GLN D 307 -37.34 62.04 16.33
CA GLN D 307 -37.86 61.34 17.49
C GLN D 307 -37.86 62.24 18.71
N GLY D 308 -36.83 63.06 18.85
CA GLY D 308 -36.75 64.03 19.94
C GLY D 308 -37.80 65.12 19.89
N PHE D 309 -38.40 65.37 18.72
CA PHE D 309 -39.52 66.29 18.65
C PHE D 309 -40.74 65.70 19.33
N TRP D 310 -41.07 64.45 19.05
CA TRP D 310 -42.25 63.83 19.63
C TRP D 310 -42.05 63.54 21.12
N GLU D 311 -40.80 63.37 21.55
CA GLU D 311 -40.53 63.11 22.96
C GLU D 311 -40.68 64.38 23.80
N ASN D 312 -40.18 65.50 23.31
CA ASN D 312 -39.85 66.63 24.15
C ASN D 312 -40.81 67.81 24.00
N SER D 313 -41.66 67.81 22.98
CA SER D 313 -42.47 68.98 22.72
C SER D 313 -43.70 68.99 23.62
N MET D 314 -44.56 69.99 23.39
CA MET D 314 -45.81 70.12 24.13
C MET D 314 -46.78 70.85 23.22
N LEU D 315 -47.67 70.11 22.56
CA LEU D 315 -48.58 70.72 21.60
C LEU D 315 -50.01 70.77 22.10
N THR D 316 -50.24 70.56 23.39
CA THR D 316 -51.53 70.83 24.02
C THR D 316 -51.30 71.68 25.25
N ASP D 317 -52.35 72.36 25.68
CA ASP D 317 -52.28 73.09 26.94
C ASP D 317 -52.36 72.11 28.10
N PRO D 318 -51.46 72.19 29.07
CA PRO D 318 -51.48 71.21 30.16
C PRO D 318 -52.45 71.52 31.29
N GLY D 319 -53.70 71.92 30.95
CA GLY D 319 -54.82 71.88 31.87
C GLY D 319 -54.70 72.70 33.15
N ASN D 320 -54.42 71.97 34.23
CA ASN D 320 -54.33 72.47 35.60
C ASN D 320 -53.01 73.21 35.86
N VAL D 321 -52.63 73.27 37.15
CA VAL D 321 -51.61 74.08 37.80
C VAL D 321 -50.31 74.27 37.00
N GLN D 322 -49.92 73.26 36.23
CA GLN D 322 -48.84 73.44 35.26
C GLN D 322 -49.32 74.40 34.18
N LYS D 323 -48.90 75.65 34.28
CA LYS D 323 -49.36 76.70 33.40
C LYS D 323 -48.38 76.87 32.24
N ALA D 324 -48.92 77.11 31.05
CA ALA D 324 -48.12 77.27 29.85
C ALA D 324 -48.66 78.43 29.04
N VAL D 325 -47.76 79.31 28.60
CA VAL D 325 -48.14 80.38 27.68
C VAL D 325 -48.50 79.77 26.32
N CYS D 326 -49.65 80.20 25.78
CA CYS D 326 -50.24 79.54 24.63
C CYS D 326 -49.98 80.26 23.31
N HIS D 327 -48.95 81.08 23.24
CA HIS D 327 -48.56 81.64 21.96
C HIS D 327 -47.80 80.59 21.16
N PRO D 328 -48.17 80.35 19.91
CA PRO D 328 -47.43 79.36 19.10
C PRO D 328 -46.06 79.87 18.71
N THR D 329 -45.01 79.33 19.33
CA THR D 329 -43.64 79.69 19.03
C THR D 329 -42.83 78.42 18.80
N ALA D 330 -41.92 78.47 17.82
CA ALA D 330 -40.97 77.40 17.60
C ALA D 330 -39.77 77.60 18.51
N TRP D 331 -39.43 76.56 19.26
CA TRP D 331 -38.41 76.64 20.30
C TRP D 331 -37.21 75.81 19.87
N ASP D 332 -36.19 76.49 19.35
CA ASP D 332 -34.91 75.86 19.03
C ASP D 332 -34.03 76.00 20.27
N LEU D 333 -33.84 74.89 20.97
CA LEU D 333 -33.09 74.88 22.23
C LEU D 333 -31.63 74.53 22.03
N GLY D 334 -31.31 73.67 21.08
CA GLY D 334 -29.96 73.21 20.85
C GLY D 334 -29.85 71.71 21.01
N LYS D 335 -28.62 71.22 20.76
CA LYS D 335 -28.25 69.80 20.83
C LYS D 335 -29.16 68.93 19.96
N GLY D 336 -29.52 69.45 18.78
CA GLY D 336 -30.40 68.75 17.87
C GLY D 336 -31.83 68.60 18.31
N ASP D 337 -32.21 69.11 19.49
CA ASP D 337 -33.57 68.97 19.97
C ASP D 337 -34.39 70.17 19.54
N PHE D 338 -35.49 69.90 18.85
CA PHE D 338 -36.38 70.91 18.30
C PHE D 338 -37.76 70.68 18.90
N ARG D 339 -38.43 71.76 19.27
CA ARG D 339 -39.73 71.63 19.92
C ARG D 339 -40.52 72.92 19.71
N ILE D 340 -41.82 72.82 19.97
CA ILE D 340 -42.77 73.91 19.76
C ILE D 340 -43.70 73.97 20.96
N LEU D 341 -43.84 75.16 21.54
CA LEU D 341 -44.91 75.42 22.50
C LEU D 341 -46.08 76.05 21.76
N MET D 342 -47.21 75.35 21.78
CA MET D 342 -48.39 75.76 21.02
C MET D 342 -49.59 75.08 21.62
N CYS D 343 -50.60 75.86 22.01
CA CYS D 343 -51.84 75.32 22.54
C CYS D 343 -52.78 75.01 21.38
N THR D 344 -52.46 73.91 20.69
CA THR D 344 -53.14 73.54 19.45
C THR D 344 -54.53 73.00 19.76
N LYS D 345 -55.54 73.61 19.15
CA LYS D 345 -56.91 73.13 19.21
C LYS D 345 -57.33 72.71 17.82
N VAL D 346 -58.55 72.15 17.73
CA VAL D 346 -59.03 71.62 16.46
C VAL D 346 -59.53 72.80 15.65
N THR D 347 -58.63 73.41 14.87
CA THR D 347 -58.86 74.71 14.27
C THR D 347 -58.14 74.77 12.92
N MET D 348 -58.79 75.40 11.93
CA MET D 348 -58.14 75.66 10.65
C MET D 348 -56.95 76.59 10.79
N ASP D 349 -57.01 77.56 11.71
CA ASP D 349 -55.87 78.44 11.92
C ASP D 349 -54.77 77.77 12.73
N ASP D 350 -55.12 76.89 13.66
CA ASP D 350 -54.09 76.07 14.32
C ASP D 350 -53.51 75.05 13.36
N PHE D 351 -54.28 74.66 12.34
CA PHE D 351 -53.76 73.83 11.25
C PHE D 351 -52.68 74.57 10.47
N LEU D 352 -52.91 75.85 10.16
CA LEU D 352 -51.95 76.62 9.38
C LEU D 352 -50.78 77.10 10.23
N THR D 353 -51.02 77.36 11.52
CA THR D 353 -49.93 77.78 12.39
C THR D 353 -49.05 76.60 12.79
N ALA D 354 -49.59 75.38 12.71
CA ALA D 354 -48.78 74.17 12.90
C ALA D 354 -47.74 74.04 11.80
N HIS D 355 -48.14 74.24 10.55
CA HIS D 355 -47.18 74.29 9.44
C HIS D 355 -46.24 75.47 9.58
N HIS D 356 -46.70 76.56 10.18
CA HIS D 356 -45.87 77.75 10.33
C HIS D 356 -44.72 77.51 11.27
N GLU D 357 -45.01 77.07 12.49
CA GLU D 357 -43.96 76.94 13.50
C GLU D 357 -43.06 75.75 13.22
N MET D 358 -43.63 74.66 12.70
CA MET D 358 -42.79 73.55 12.24
C MET D 358 -42.05 73.92 10.96
N GLY D 359 -42.54 74.89 10.20
CA GLY D 359 -41.77 75.47 9.12
C GLY D 359 -40.52 76.17 9.61
N HIS D 360 -40.56 76.73 10.83
CA HIS D 360 -39.33 77.23 11.43
C HIS D 360 -38.43 76.09 11.89
N ILE D 361 -39.03 74.97 12.31
CA ILE D 361 -38.27 73.78 12.69
C ILE D 361 -37.58 73.17 11.47
N GLN D 362 -38.18 73.34 10.29
CA GLN D 362 -37.52 72.99 9.03
C GLN D 362 -36.21 73.73 8.85
N TYR D 363 -36.22 75.04 9.09
CA TYR D 363 -35.00 75.82 8.96
C TYR D 363 -34.03 75.50 10.09
N ASP D 364 -34.55 75.08 11.25
CA ASP D 364 -33.67 74.67 12.34
C ASP D 364 -32.91 73.40 12.00
N MET D 365 -33.56 72.48 11.27
CA MET D 365 -32.90 71.25 10.85
C MET D 365 -31.80 71.50 9.84
N ALA D 366 -31.84 72.61 9.12
CA ALA D 366 -30.97 72.78 7.96
C ALA D 366 -29.74 73.64 8.23
N TYR D 367 -29.79 74.56 9.19
CA TYR D 367 -28.53 75.15 9.64
C TYR D 367 -27.80 74.27 10.64
N ALA D 368 -28.31 73.08 10.95
CA ALA D 368 -27.73 72.25 12.00
C ALA D 368 -26.37 71.71 11.62
N ALA D 369 -26.07 71.63 10.31
CA ALA D 369 -24.74 71.23 9.88
C ALA D 369 -23.70 72.30 10.18
N GLN D 370 -24.14 73.56 10.23
CA GLN D 370 -23.24 74.68 10.48
C GLN D 370 -22.86 74.73 11.96
N PRO D 371 -21.74 75.37 12.30
CA PRO D 371 -21.41 75.58 13.72
C PRO D 371 -22.36 76.59 14.36
N PHE D 372 -22.20 76.72 15.70
CA PHE D 372 -23.21 77.31 16.58
C PHE D 372 -23.52 78.76 16.24
N LEU D 373 -22.53 79.52 15.79
CA LEU D 373 -22.79 80.91 15.43
C LEU D 373 -23.28 81.07 14.00
N LEU D 374 -23.08 80.07 13.14
CA LEU D 374 -23.79 80.01 11.87
C LEU D 374 -25.06 79.17 11.96
N ARG D 375 -25.46 78.79 13.18
CA ARG D 375 -26.77 78.17 13.41
C ARG D 375 -27.83 79.24 13.65
N ASN D 376 -27.94 80.15 12.70
CA ASN D 376 -28.86 81.27 12.76
C ASN D 376 -29.37 81.55 11.35
N GLY D 377 -30.32 82.47 11.25
CA GLY D 377 -30.64 83.06 9.98
C GLY D 377 -29.54 84.00 9.51
N ALA D 378 -29.50 84.22 8.20
CA ALA D 378 -28.45 85.08 7.64
C ALA D 378 -28.67 86.54 8.05
N ASN D 379 -29.82 87.09 7.74
CA ASN D 379 -30.26 88.33 8.34
C ASN D 379 -31.51 88.07 9.18
N GLU D 380 -32.08 89.15 9.72
CA GLU D 380 -33.21 89.02 10.63
C GLU D 380 -34.52 88.72 9.94
N GLY D 381 -34.58 88.76 8.61
CA GLY D 381 -35.81 88.58 7.87
C GLY D 381 -36.03 87.24 7.21
N PHE D 382 -35.13 86.27 7.41
CA PHE D 382 -35.27 84.98 6.73
C PHE D 382 -36.04 83.94 7.52
N HIS D 383 -36.22 84.14 8.83
CA HIS D 383 -36.92 83.14 9.65
C HIS D 383 -38.41 83.13 9.36
N GLU D 384 -39.07 84.27 9.54
CA GLU D 384 -40.53 84.36 9.43
C GLU D 384 -41.01 84.14 8.01
N ALA D 385 -40.15 84.40 7.01
CA ALA D 385 -40.51 84.13 5.63
C ALA D 385 -40.54 82.63 5.35
N VAL D 386 -39.60 81.88 5.92
CA VAL D 386 -39.60 80.42 5.79
C VAL D 386 -40.83 79.81 6.42
N GLY D 387 -41.23 80.30 7.60
CA GLY D 387 -42.40 79.78 8.26
C GLY D 387 -43.70 80.08 7.55
N GLU D 388 -43.74 81.17 6.79
CA GLU D 388 -44.96 81.57 6.10
C GLU D 388 -45.07 81.03 4.68
N ILE D 389 -44.08 80.27 4.20
CA ILE D 389 -44.24 79.55 2.95
C ILE D 389 -45.27 78.45 3.09
N MET D 390 -45.17 77.67 4.17
CA MET D 390 -46.12 76.59 4.42
C MET D 390 -47.47 77.11 4.87
N SER D 391 -47.52 78.33 5.39
CA SER D 391 -48.81 78.92 5.75
C SER D 391 -49.60 79.29 4.49
N LEU D 392 -48.95 79.87 3.49
CA LEU D 392 -49.66 80.29 2.28
C LEU D 392 -49.96 79.12 1.36
N SER D 393 -49.02 78.18 1.20
CA SER D 393 -49.19 77.11 0.22
C SER D 393 -50.21 76.08 0.69
N ALA D 394 -50.22 75.76 1.99
CA ALA D 394 -51.16 74.79 2.52
C ALA D 394 -52.50 75.39 2.91
N ALA D 395 -52.69 76.70 2.73
CA ALA D 395 -54.01 77.30 2.91
C ALA D 395 -54.82 77.33 1.62
N THR D 396 -54.20 77.04 0.48
CA THR D 396 -54.94 76.99 -0.77
C THR D 396 -55.90 75.81 -0.76
N PRO D 397 -57.12 75.99 -1.28
CA PRO D 397 -58.15 74.93 -1.15
C PRO D 397 -57.86 73.65 -1.91
N LYS D 398 -56.91 73.66 -2.85
CA LYS D 398 -56.53 72.42 -3.52
C LYS D 398 -55.85 71.46 -2.55
N HIS D 399 -55.06 72.00 -1.61
CA HIS D 399 -54.60 71.21 -0.49
C HIS D 399 -55.75 70.79 0.40
N LEU D 400 -56.75 71.65 0.55
CA LEU D 400 -57.89 71.33 1.38
C LEU D 400 -58.81 70.30 0.72
N LYS D 401 -58.76 70.19 -0.60
CA LYS D 401 -59.45 69.09 -1.27
C LYS D 401 -58.70 67.77 -1.05
N SER D 402 -57.38 67.79 -1.18
CA SER D 402 -56.59 66.57 -1.13
C SER D 402 -56.52 65.99 0.27
N ILE D 403 -56.62 66.84 1.29
CA ILE D 403 -56.59 66.35 2.67
C ILE D 403 -57.90 65.65 3.03
N GLY D 404 -58.98 65.93 2.30
CA GLY D 404 -60.28 65.38 2.63
C GLY D 404 -61.14 66.26 3.50
N LEU D 405 -60.62 67.40 3.96
CA LEU D 405 -61.45 68.34 4.72
C LEU D 405 -62.44 69.04 3.80
N LEU D 406 -61.95 69.81 2.85
CA LEU D 406 -62.81 70.35 1.82
C LEU D 406 -63.06 69.24 0.80
N SER D 407 -64.28 69.20 0.27
CA SER D 407 -64.63 68.19 -0.71
C SER D 407 -63.88 68.46 -2.01
N PRO D 408 -63.42 67.41 -2.71
CA PRO D 408 -62.68 67.63 -3.97
C PRO D 408 -63.52 68.19 -5.10
N ASP D 409 -64.86 68.07 -5.03
CA ASP D 409 -65.74 68.63 -6.04
C ASP D 409 -66.22 70.04 -5.72
N PHE D 410 -65.72 70.64 -4.64
CA PHE D 410 -66.18 71.95 -4.22
C PHE D 410 -65.65 73.04 -5.16
N GLN D 411 -66.50 74.03 -5.45
CA GLN D 411 -66.17 75.09 -6.37
C GLN D 411 -65.48 76.24 -5.66
N GLU D 412 -64.56 76.89 -6.37
CA GLU D 412 -63.85 78.07 -5.85
C GLU D 412 -63.93 79.19 -6.89
N ASP D 413 -65.02 79.95 -6.83
CA ASP D 413 -65.21 81.07 -7.72
C ASP D 413 -64.35 82.26 -7.30
N ASN D 414 -64.01 83.12 -8.27
CA ASN D 414 -63.18 84.27 -7.95
C ASN D 414 -63.90 85.36 -7.18
N GLU D 415 -65.23 85.27 -7.03
CA GLU D 415 -65.92 86.22 -6.17
C GLU D 415 -65.61 85.96 -4.70
N THR D 416 -65.45 84.69 -4.32
CA THR D 416 -65.00 84.36 -2.98
C THR D 416 -63.48 84.36 -2.87
N GLU D 417 -62.76 84.25 -3.99
CA GLU D 417 -61.30 84.26 -3.95
C GLU D 417 -60.74 85.67 -3.85
N ILE D 418 -61.36 86.65 -4.51
CA ILE D 418 -60.92 88.04 -4.37
C ILE D 418 -61.23 88.56 -2.97
N ASN D 419 -62.41 88.22 -2.43
CA ASN D 419 -62.83 88.72 -1.11
C ASN D 419 -61.93 88.20 0.00
N PHE D 420 -61.45 86.96 -0.11
CA PHE D 420 -60.49 86.46 0.86
C PHE D 420 -59.11 87.04 0.63
N LEU D 421 -58.71 87.20 -0.63
CA LEU D 421 -57.41 87.78 -0.92
C LEU D 421 -57.38 89.29 -0.73
N LEU D 422 -58.54 89.97 -0.82
CA LEU D 422 -58.57 91.38 -0.41
C LEU D 422 -58.49 91.50 1.09
N LYS D 423 -59.05 90.52 1.82
CA LYS D 423 -58.88 90.46 3.26
C LYS D 423 -57.41 90.26 3.62
N GLN D 424 -56.69 89.46 2.83
CA GLN D 424 -55.26 89.32 3.03
C GLN D 424 -54.51 90.55 2.55
N ALA D 425 -55.06 91.25 1.54
CA ALA D 425 -54.44 92.47 1.07
C ALA D 425 -54.57 93.60 2.09
N LEU D 426 -55.58 93.53 2.96
CA LEU D 426 -55.66 94.45 4.07
C LEU D 426 -54.54 94.23 5.08
N THR D 427 -54.00 93.01 5.13
CA THR D 427 -52.92 92.68 6.04
C THR D 427 -51.55 92.98 5.43
N ILE D 428 -51.26 92.38 4.27
CA ILE D 428 -49.92 92.46 3.68
C ILE D 428 -49.67 93.85 3.09
N VAL D 429 -50.59 94.34 2.26
CA VAL D 429 -50.39 95.65 1.65
C VAL D 429 -50.66 96.77 2.66
N GLY D 430 -51.39 96.48 3.75
CA GLY D 430 -51.63 97.49 4.76
C GLY D 430 -50.43 97.79 5.62
N THR D 431 -49.54 96.82 5.83
CA THR D 431 -48.41 96.99 6.73
C THR D 431 -47.14 97.48 6.04
N LEU D 432 -47.10 97.48 4.70
CA LEU D 432 -45.87 97.88 4.03
C LEU D 432 -45.63 99.40 4.03
N PRO D 433 -46.62 100.29 3.82
CA PRO D 433 -46.34 101.71 4.05
C PRO D 433 -46.20 102.07 5.51
N PHE D 434 -46.83 101.31 6.41
CA PHE D 434 -46.71 101.60 7.83
C PHE D 434 -45.29 101.31 8.31
N THR D 435 -44.70 100.22 7.84
CA THR D 435 -43.31 99.88 8.17
C THR D 435 -42.33 100.84 7.50
N TYR D 436 -42.62 101.18 6.24
CA TYR D 436 -41.80 102.10 5.46
C TYR D 436 -41.71 103.46 6.14
N MET D 437 -42.85 103.99 6.59
CA MET D 437 -42.87 105.23 7.35
C MET D 437 -42.17 105.07 8.69
N LEU D 438 -42.23 103.88 9.28
CA LEU D 438 -41.84 103.70 10.68
C LEU D 438 -40.34 103.86 10.85
N GLU D 439 -39.56 103.18 10.00
CA GLU D 439 -38.11 103.31 10.09
C GLU D 439 -37.64 104.64 9.51
N LYS D 440 -38.30 105.13 8.46
CA LYS D 440 -37.89 106.39 7.83
C LYS D 440 -38.06 107.57 8.77
N TRP D 441 -39.09 107.52 9.61
CA TRP D 441 -39.16 108.45 10.74
C TRP D 441 -38.03 108.21 11.71
N ARG D 442 -37.80 106.94 12.06
CA ARG D 442 -36.74 106.59 13.00
C ARG D 442 -35.36 106.89 12.46
N TRP D 443 -35.19 106.78 11.13
CA TRP D 443 -33.91 107.11 10.50
C TRP D 443 -33.54 108.57 10.76
N MET D 444 -34.45 109.48 10.46
CA MET D 444 -34.15 110.90 10.53
C MET D 444 -34.07 111.43 11.95
N VAL D 445 -34.80 110.81 12.89
CA VAL D 445 -34.77 111.26 14.27
C VAL D 445 -33.45 110.91 14.93
N PHE D 446 -32.98 109.67 14.73
CA PHE D 446 -31.67 109.30 15.27
C PHE D 446 -30.53 109.99 14.52
N LYS D 447 -30.68 110.24 13.21
CA LYS D 447 -29.71 111.06 12.48
C LYS D 447 -29.69 112.52 12.96
N GLY D 448 -30.78 113.01 13.54
CA GLY D 448 -30.87 114.40 13.93
C GLY D 448 -31.49 115.30 12.89
N GLU D 449 -32.01 114.74 11.80
CA GLU D 449 -32.62 115.53 10.74
C GLU D 449 -33.98 116.08 11.12
N ILE D 450 -34.59 115.57 12.18
CA ILE D 450 -35.87 116.04 12.67
C ILE D 450 -35.66 116.65 14.05
N PRO D 451 -35.94 117.93 14.25
CA PRO D 451 -35.77 118.54 15.57
C PRO D 451 -36.79 118.02 16.56
N LYS D 452 -36.47 118.22 17.84
CA LYS D 452 -37.24 117.63 18.94
C LYS D 452 -38.61 118.27 19.08
N ASP D 453 -38.77 119.51 18.62
CA ASP D 453 -40.08 120.14 18.57
C ASP D 453 -40.81 119.83 17.27
N GLN D 454 -40.20 119.05 16.39
CA GLN D 454 -40.83 118.64 15.14
C GLN D 454 -40.91 117.12 15.03
N TRP D 455 -40.59 116.40 16.12
CA TRP D 455 -40.73 114.94 16.15
C TRP D 455 -42.17 114.51 15.89
N MET D 456 -43.11 115.05 16.67
CA MET D 456 -44.50 114.67 16.52
C MET D 456 -45.15 115.30 15.29
N LYS D 457 -44.63 116.44 14.84
CA LYS D 457 -45.17 117.05 13.63
C LYS D 457 -44.80 116.25 12.39
N LYS D 458 -43.54 115.84 12.28
CA LYS D 458 -43.11 115.04 11.13
C LYS D 458 -43.69 113.62 11.20
N TRP D 459 -43.92 113.10 12.40
CA TRP D 459 -44.50 111.78 12.58
C TRP D 459 -45.87 111.66 11.95
N TRP D 460 -46.76 112.61 12.26
CA TRP D 460 -48.12 112.51 11.75
C TRP D 460 -48.24 113.04 10.33
N GLU D 461 -47.33 113.91 9.90
CA GLU D 461 -47.32 114.35 8.50
C GLU D 461 -46.81 113.26 7.58
N MET D 462 -45.93 112.39 8.07
CA MET D 462 -45.49 111.26 7.24
C MET D 462 -46.59 110.21 7.10
N LYS D 463 -47.49 110.11 8.07
CA LYS D 463 -48.66 109.26 7.88
C LYS D 463 -49.63 109.83 6.86
N ARG D 464 -49.61 111.15 6.68
CA ARG D 464 -50.48 111.79 5.70
C ARG D 464 -50.04 111.47 4.27
N GLU D 465 -48.73 111.39 4.04
CA GLU D 465 -48.19 111.20 2.71
C GLU D 465 -47.84 109.74 2.41
N ILE D 466 -47.18 109.05 3.34
CA ILE D 466 -46.75 107.67 3.10
C ILE D 466 -47.90 106.71 3.38
N VAL D 467 -48.40 106.72 4.61
CA VAL D 467 -49.42 105.74 4.99
C VAL D 467 -50.77 106.18 4.43
N GLY D 468 -50.97 107.48 4.23
CA GLY D 468 -52.25 107.99 3.77
C GLY D 468 -53.23 107.98 4.92
N VAL D 469 -52.80 108.49 6.07
CA VAL D 469 -53.62 108.52 7.29
C VAL D 469 -53.48 109.90 7.92
N VAL D 470 -54.55 110.67 7.89
CA VAL D 470 -54.62 111.92 8.65
C VAL D 470 -55.02 111.58 10.09
N GLU D 471 -54.29 112.15 11.05
CA GLU D 471 -54.68 111.99 12.45
C GLU D 471 -56.00 112.71 12.70
N PRO D 472 -56.93 112.10 13.41
CA PRO D 472 -58.20 112.77 13.68
C PRO D 472 -58.12 113.77 14.83
N VAL D 473 -57.13 113.63 15.71
CA VAL D 473 -56.87 114.60 16.77
C VAL D 473 -55.43 115.06 16.60
N PRO D 474 -55.16 116.36 16.52
CA PRO D 474 -53.78 116.82 16.29
C PRO D 474 -52.91 116.61 17.53
N HIS D 475 -51.64 116.29 17.27
CA HIS D 475 -50.69 115.96 18.33
C HIS D 475 -49.53 116.94 18.30
N ASP D 476 -49.34 117.64 19.41
CA ASP D 476 -48.16 118.46 19.64
C ASP D 476 -47.06 117.59 20.27
N GLU D 477 -46.02 118.23 20.79
CA GLU D 477 -44.84 117.52 21.24
C GLU D 477 -44.92 117.03 22.68
N THR D 478 -46.08 117.14 23.33
CA THR D 478 -46.25 116.47 24.60
C THR D 478 -46.47 114.97 24.43
N TYR D 479 -46.77 114.53 23.21
CA TYR D 479 -47.00 113.14 22.88
C TYR D 479 -45.70 112.46 22.47
N CYS D 480 -45.68 111.14 22.59
CA CYS D 480 -44.64 110.32 21.98
C CYS D 480 -45.31 109.13 21.32
N ASP D 481 -46.33 109.42 20.51
CA ASP D 481 -47.15 108.37 19.90
C ASP D 481 -46.41 107.36 19.01
N PRO D 482 -45.26 107.65 18.38
CA PRO D 482 -44.45 106.53 17.88
C PRO D 482 -44.00 105.56 18.97
N ALA D 483 -43.69 106.07 20.16
CA ALA D 483 -43.32 105.20 21.27
C ALA D 483 -44.56 104.58 21.91
N SER D 484 -45.74 104.96 21.40
CA SER D 484 -47.01 104.47 21.88
C SER D 484 -47.00 103.04 21.32
N LEU D 485 -46.37 102.91 20.15
CA LEU D 485 -46.21 101.64 19.48
C LEU D 485 -45.12 100.90 20.25
N PHE D 486 -45.34 99.61 20.43
CA PHE D 486 -44.42 98.73 21.18
C PHE D 486 -43.01 98.51 20.66
N HIS D 487 -42.80 98.73 19.37
CA HIS D 487 -41.48 98.51 18.80
C HIS D 487 -40.54 99.67 19.08
N VAL D 488 -41.02 100.90 18.97
CA VAL D 488 -40.16 102.06 19.10
C VAL D 488 -39.74 102.26 20.56
N SER D 489 -40.67 102.03 21.49
CA SER D 489 -40.43 102.32 22.90
C SER D 489 -39.45 101.34 23.54
N ASN D 490 -39.27 100.15 22.99
CA ASN D 490 -38.53 99.10 23.68
C ASN D 490 -37.52 98.42 22.78
N ASP D 491 -36.80 99.22 21.99
CA ASP D 491 -35.55 98.85 21.30
C ASP D 491 -35.78 97.72 20.29
N TYR D 492 -36.61 98.00 19.30
CA TYR D 492 -36.86 97.09 18.19
C TYR D 492 -36.52 97.79 16.89
N SER D 493 -35.89 97.07 15.96
CA SER D 493 -35.83 97.52 14.58
C SER D 493 -37.02 96.92 13.84
N PHE D 494 -37.78 97.78 13.16
CA PHE D 494 -39.06 97.38 12.61
C PHE D 494 -38.97 97.06 11.12
N ILE D 495 -37.79 97.24 10.51
CA ILE D 495 -37.64 97.07 9.07
C ILE D 495 -37.71 95.61 8.63
N ARG D 496 -37.64 94.67 9.57
CA ARG D 496 -37.64 93.26 9.21
C ARG D 496 -39.01 92.81 8.72
N TYR D 497 -40.09 93.47 9.15
CA TYR D 497 -41.42 93.09 8.67
C TYR D 497 -41.61 93.47 7.21
N TYR D 498 -40.94 94.53 6.77
CA TYR D 498 -40.96 94.91 5.36
C TYR D 498 -40.24 93.87 4.52
N THR D 499 -38.96 93.63 4.83
CA THR D 499 -38.10 92.80 3.99
C THR D 499 -38.56 91.35 3.96
N ARG D 500 -39.11 90.85 5.07
CA ARG D 500 -39.67 89.50 5.10
C ARG D 500 -40.85 89.37 4.15
N THR D 501 -41.74 90.36 4.15
CA THR D 501 -42.92 90.33 3.29
C THR D 501 -42.50 90.45 1.82
N LEU D 502 -41.44 91.19 1.55
CA LEU D 502 -40.82 91.18 0.23
C LEU D 502 -40.27 89.80 -0.12
N TYR D 503 -39.44 89.25 0.78
CA TYR D 503 -38.70 88.03 0.46
C TYR D 503 -39.61 86.81 0.39
N GLN D 504 -40.68 86.77 1.18
CA GLN D 504 -41.54 85.58 1.22
C GLN D 504 -42.34 85.41 -0.06
N PHE D 505 -42.61 86.51 -0.79
CA PHE D 505 -43.26 86.41 -2.09
C PHE D 505 -42.27 86.42 -3.23
N GLN D 506 -41.03 86.88 -3.00
CA GLN D 506 -39.94 86.51 -3.88
C GLN D 506 -39.68 85.01 -3.82
N PHE D 507 -39.87 84.40 -2.65
CA PHE D 507 -39.63 82.98 -2.50
C PHE D 507 -40.84 82.17 -2.95
N GLN D 508 -42.05 82.69 -2.75
CA GLN D 508 -43.26 81.95 -3.09
C GLN D 508 -43.40 81.76 -4.59
N GLU D 509 -43.20 82.83 -5.37
CA GLU D 509 -43.25 82.72 -6.82
C GLU D 509 -42.11 81.86 -7.35
N ALA D 510 -40.92 81.96 -6.73
CA ALA D 510 -39.83 81.06 -7.05
C ALA D 510 -40.14 79.63 -6.65
N LEU D 511 -40.89 79.45 -5.55
CA LEU D 511 -41.44 78.13 -5.26
C LEU D 511 -42.54 77.75 -6.24
N CYS D 512 -43.37 78.73 -6.63
CA CYS D 512 -44.42 78.42 -7.60
C CYS D 512 -43.86 78.26 -9.01
N GLN D 513 -42.70 78.87 -9.28
CA GLN D 513 -41.97 78.51 -10.48
C GLN D 513 -41.45 77.08 -10.40
N ALA D 514 -41.05 76.66 -9.19
CA ALA D 514 -40.60 75.29 -8.99
C ALA D 514 -41.76 74.32 -8.85
N ALA D 515 -42.91 74.78 -8.36
CA ALA D 515 -44.06 73.89 -8.23
C ALA D 515 -44.80 73.68 -9.53
N LYS D 516 -44.60 74.58 -10.51
CA LYS D 516 -45.27 74.57 -11.82
C LYS D 516 -46.78 74.56 -11.68
N HIS D 517 -47.30 75.39 -10.77
CA HIS D 517 -48.75 75.48 -10.62
C HIS D 517 -49.36 76.19 -11.81
N GLU D 518 -50.45 75.62 -12.31
CA GLU D 518 -51.02 76.06 -13.58
C GLU D 518 -51.90 77.30 -13.43
N GLY D 519 -52.59 77.45 -12.30
CA GLY D 519 -53.56 78.50 -12.13
C GLY D 519 -52.96 79.80 -11.64
N PRO D 520 -53.75 80.58 -10.90
CA PRO D 520 -53.25 81.84 -10.35
C PRO D 520 -52.22 81.62 -9.25
N LEU D 521 -51.49 82.71 -8.94
CA LEU D 521 -50.44 82.65 -7.93
C LEU D 521 -51.01 82.53 -6.53
N HIS D 522 -52.18 83.12 -6.26
CA HIS D 522 -52.78 82.96 -4.94
C HIS D 522 -53.46 81.61 -4.75
N LYS D 523 -53.62 80.84 -5.83
CA LYS D 523 -54.10 79.46 -5.75
C LYS D 523 -52.97 78.45 -5.84
N CYS D 524 -51.72 78.90 -5.72
CA CYS D 524 -50.56 78.04 -5.92
C CYS D 524 -50.21 77.24 -4.67
N ASP D 525 -50.08 75.93 -4.86
CA ASP D 525 -49.65 75.03 -3.81
C ASP D 525 -48.37 74.33 -4.25
N ILE D 526 -47.52 74.00 -3.27
CA ILE D 526 -46.26 73.33 -3.55
C ILE D 526 -46.36 71.82 -3.29
N SER D 527 -47.58 71.28 -3.29
CA SER D 527 -47.81 69.88 -2.95
C SER D 527 -47.19 68.94 -3.98
N ASN D 528 -46.48 67.93 -3.48
CA ASN D 528 -45.90 66.82 -4.23
C ASN D 528 -44.89 67.25 -5.29
N SER D 529 -44.33 68.45 -5.18
CA SER D 529 -43.34 68.94 -6.12
C SER D 529 -41.97 68.75 -5.48
N THR D 530 -41.20 67.78 -6.00
CA THR D 530 -39.89 67.48 -5.44
C THR D 530 -38.86 68.56 -5.77
N GLU D 531 -39.07 69.31 -6.85
CA GLU D 531 -38.23 70.48 -7.10
C GLU D 531 -38.51 71.59 -6.09
N ALA D 532 -39.77 71.71 -5.64
CA ALA D 532 -40.10 72.67 -4.60
C ALA D 532 -39.48 72.28 -3.26
N GLY D 533 -39.20 70.99 -3.05
CA GLY D 533 -38.48 70.55 -1.88
C GLY D 533 -37.00 70.82 -1.97
N GLN D 534 -36.42 70.61 -3.16
CA GLN D 534 -34.98 70.79 -3.33
C GLN D 534 -34.60 72.27 -3.33
N LYS D 535 -35.42 73.09 -3.97
CA LYS D 535 -35.16 74.53 -4.04
C LYS D 535 -35.31 75.18 -2.67
N LEU D 536 -36.27 74.70 -1.90
CA LEU D 536 -36.52 75.23 -0.56
C LEU D 536 -35.45 74.78 0.42
N PHE D 537 -35.12 73.49 0.39
CA PHE D 537 -34.12 72.92 1.28
C PHE D 537 -32.74 73.51 0.99
N ASN D 538 -32.38 73.56 -0.29
CA ASN D 538 -31.09 74.11 -0.69
C ASN D 538 -30.78 75.43 -0.01
N MET D 539 -31.60 76.44 -0.29
CA MET D 539 -31.42 77.76 0.29
C MET D 539 -31.90 77.81 1.74
N LEU D 540 -31.67 76.70 2.46
CA LEU D 540 -32.07 76.61 3.86
C LEU D 540 -31.00 75.91 4.69
N ARG D 541 -30.03 75.32 4.02
CA ARG D 541 -28.94 74.61 4.70
C ARG D 541 -27.69 75.49 4.79
N LEU D 542 -27.82 76.74 4.35
CA LEU D 542 -26.70 77.67 4.37
C LEU D 542 -26.61 78.39 5.73
N GLY D 543 -27.75 78.88 6.19
CA GLY D 543 -27.80 79.59 7.47
C GLY D 543 -27.24 80.99 7.36
N LYS D 544 -26.42 81.37 8.33
CA LYS D 544 -25.74 82.66 8.26
C LYS D 544 -24.48 82.55 7.41
C1 NAG E . 57.45 -19.53 -1.59
C2 NAG E . 57.52 -20.99 -2.01
C3 NAG E . 58.36 -21.79 -1.01
C4 NAG E . 59.73 -21.15 -0.81
C5 NAG E . 59.60 -19.65 -0.49
C6 NAG E . 60.91 -18.89 -0.52
C7 NAG E . 55.50 -21.57 -3.27
C8 NAG E . 54.14 -22.20 -3.22
N2 NAG E . 56.20 -21.56 -2.12
O3 NAG E . 58.50 -23.12 -1.46
O4 NAG E . 60.36 -21.83 0.27
O5 NAG E . 58.77 -19.01 -1.47
O6 NAG E . 61.30 -18.58 -1.86
O7 NAG E . 55.95 -21.09 -4.30
C1 NAG E . 61.68 -22.35 -0.05
C2 NAG E . 62.54 -22.23 1.21
C3 NAG E . 63.96 -22.71 0.93
C4 NAG E . 63.96 -24.11 0.33
C5 NAG E . 62.99 -24.20 -0.85
C6 NAG E . 62.80 -25.62 -1.36
C7 NAG E . 61.69 -20.45 2.67
C8 NAG E . 61.83 -19.01 3.07
N2 NAG E . 62.54 -20.87 1.72
O3 NAG E . 64.72 -22.69 2.12
O4 NAG E . 65.26 -24.42 -0.14
O5 NAG E . 61.68 -23.72 -0.48
O6 NAG E . 61.47 -26.06 -1.14
O7 NAG E . 60.86 -21.19 3.16
C1 BMA E . 65.92 -25.42 0.67
C2 BMA E . 66.70 -26.37 -0.29
C3 BMA E . 67.59 -27.34 0.50
C4 BMA E . 68.45 -26.58 1.54
C5 BMA E . 67.53 -25.77 2.46
C6 BMA E . 68.30 -24.97 3.48
O2 BMA E . 67.56 -25.63 -1.14
O3 BMA E . 68.42 -28.12 -0.35
O4 BMA E . 69.22 -27.50 2.30
O5 BMA E . 66.78 -24.83 1.65
O6 BMA E . 69.07 -24.00 2.79
C1 NAG F . 5.71 11.24 -53.19
C2 NAG F . 4.81 10.20 -53.85
C3 NAG F . 5.65 9.26 -54.71
C4 NAG F . 6.52 10.03 -55.69
C5 NAG F . 7.33 11.10 -54.94
C6 NAG F . 8.10 12.02 -55.86
C7 NAG F . 2.84 8.99 -53.05
C8 NAG F . 2.22 8.25 -51.91
N2 NAG F . 4.08 9.46 -52.84
O3 NAG F . 4.77 8.38 -55.41
O4 NAG F . 7.43 9.16 -56.35
O5 NAG F . 6.44 11.94 -54.19
O6 NAG F . 8.82 13.00 -55.11
O7 NAG F . 2.25 9.16 -54.12
C1 NAG F . 6.97 8.99 -57.71
C2 NAG F . 8.16 8.90 -58.66
C3 NAG F . 7.65 8.71 -60.08
C4 NAG F . 6.70 7.53 -60.19
C5 NAG F . 5.60 7.60 -59.11
C6 NAG F . 4.77 6.35 -59.03
C7 NAG F . 10.24 10.05 -58.05
C8 NAG F . 10.99 11.35 -58.05
N2 NAG F . 9.01 10.08 -58.57
O3 NAG F . 8.78 8.54 -60.94
O4 NAG F . 6.04 7.54 -61.44
O5 NAG F . 6.17 7.81 -57.82
O6 NAG F . 5.35 5.40 -58.14
O7 NAG F . 10.73 9.02 -57.60
C1 BMA F . 6.60 6.60 -62.38
C2 BMA F . 5.43 5.99 -63.21
C3 BMA F . 5.92 5.41 -64.55
C4 BMA F . 6.95 6.32 -65.26
C5 BMA F . 8.12 6.57 -64.28
C6 BMA F . 9.24 7.40 -64.88
O2 BMA F . 4.47 6.99 -63.51
O3 BMA F . 4.83 5.15 -65.44
O4 BMA F . 7.43 5.71 -66.44
O5 BMA F . 7.59 7.28 -63.15
O6 BMA F . 8.99 8.77 -64.62
C1 NAG G . 1.54 -72.80 -34.39
C2 NAG G . 0.12 -73.09 -34.80
C3 NAG G . 0.10 -73.86 -36.11
C4 NAG G . 0.93 -73.15 -37.18
C5 NAG G . 2.29 -72.73 -36.64
C6 NAG G . 3.03 -71.79 -37.58
C7 NAG G . -1.38 -73.25 -32.88
C8 NAG G . -2.02 -74.15 -31.86
N2 NAG G . -0.58 -73.83 -33.76
O3 NAG G . -1.25 -73.99 -36.53
O4 NAG G . 1.18 -74.06 -38.24
O5 NAG G . 2.18 -72.04 -35.39
O6 NAG G . 3.54 -70.67 -36.88
O7 NAG G . -1.60 -72.04 -32.89
C1 NAG G . 0.34 -73.84 -39.39
C2 NAG G . 1.10 -74.34 -40.62
C3 NAG G . 0.20 -74.24 -41.86
C4 NAG G . -1.13 -74.95 -41.63
C5 NAG G . -1.79 -74.41 -40.37
C6 NAG G . -3.06 -75.16 -40.02
C7 NAG G . 3.53 -74.12 -40.70
C8 NAG G . 4.69 -73.20 -40.93
N2 NAG G . 2.32 -73.59 -40.81
O3 NAG G . 0.88 -74.82 -42.96
O4 NAG G . -1.98 -74.74 -42.74
O5 NAG G . -0.90 -74.56 -39.26
O6 NAG G . -3.52 -74.81 -38.72
O7 NAG G . 3.69 -75.30 -40.41
C1 NAG H . 28.94 -70.94 -15.18
C2 NAG H . 29.65 -72.29 -15.20
C3 NAG H . 30.77 -72.32 -14.17
C4 NAG H . 31.70 -71.12 -14.31
C5 NAG H . 30.87 -69.83 -14.34
C6 NAG H . 31.70 -68.59 -14.61
C7 NAG H . 28.07 -74.02 -15.92
C8 NAG H . 27.13 -75.12 -15.48
N2 NAG H . 28.71 -73.38 -14.95
O3 NAG H . 31.51 -73.53 -14.31
O4 NAG H . 32.61 -71.09 -13.23
O5 NAG H . 29.89 -69.91 -15.38
O6 NAG H . 32.07 -67.96 -13.40
O7 NAG H . 28.24 -73.75 -17.11
C1 NAG H . 33.97 -71.30 -13.70
C2 NAG H . 34.94 -71.04 -12.54
C3 NAG H . 36.38 -71.28 -13.02
C4 NAG H . 36.53 -72.66 -13.67
C5 NAG H . 35.47 -72.84 -14.76
C6 NAG H . 35.48 -74.23 -15.37
C7 NAG H . 34.99 -69.39 -10.74
C8 NAG H . 34.80 -67.95 -10.36
N2 NAG H . 34.80 -69.70 -12.02
O3 NAG H . 37.27 -71.17 -11.90
O4 NAG H . 37.83 -72.77 -14.25
O5 NAG H . 34.17 -72.64 -14.22
O6 NAG H . 36.35 -74.28 -16.50
O7 NAG H . 35.30 -70.23 -9.90
C1 BMA H . 38.66 -73.72 -13.56
C2 BMA H . 40.04 -73.76 -14.28
C3 BMA H . 40.99 -74.72 -13.54
C4 BMA H . 41.08 -74.40 -12.04
C5 BMA H . 39.65 -74.39 -11.43
C6 BMA H . 39.64 -74.03 -9.96
O2 BMA H . 40.65 -72.48 -14.26
O3 BMA H . 42.29 -74.70 -14.11
O4 BMA H . 41.87 -75.36 -11.39
O5 BMA H . 38.83 -73.43 -12.16
O6 BMA H . 39.85 -72.62 -9.85
C1 MAN H . 42.43 -75.85 -14.98
C2 MAN H . 43.93 -76.25 -14.99
C3 MAN H . 44.74 -75.24 -15.82
C4 MAN H . 44.09 -74.93 -17.19
C5 MAN H . 42.64 -74.49 -16.97
C6 MAN H . 41.89 -74.18 -18.26
O2 MAN H . 44.13 -77.51 -15.61
O3 MAN H . 46.08 -75.70 -16.02
O4 MAN H . 44.80 -73.90 -17.85
O5 MAN H . 41.95 -75.56 -16.28
O6 MAN H . 41.59 -75.41 -18.91
C1 NAG I . 40.03 -61.62 2.66
C2 NAG I . 41.22 -62.57 2.63
C3 NAG I . 42.49 -61.83 3.06
C4 NAG I . 42.69 -60.52 2.32
C5 NAG I . 41.40 -59.70 2.29
C6 NAG I . 41.46 -58.53 1.35
C7 NAG I . 40.34 -64.81 3.06
C8 NAG I . 40.24 -65.92 4.06
N2 NAG I . 41.00 -63.72 3.46
O3 NAG I . 43.62 -62.68 2.86
O4 NAG I . 43.64 -59.77 3.04
O5 NAG I . 40.30 -60.51 1.86
O6 NAG I . 42.21 -57.47 1.91
O7 NAG I . 39.85 -64.90 1.94
C1 NAG I . 44.82 -59.47 2.29
C2 NAG I . 45.62 -58.47 3.13
C3 NAG I . 46.94 -58.15 2.44
C4 NAG I . 47.72 -59.43 2.14
C5 NAG I . 46.84 -60.37 1.32
C6 NAG I . 47.48 -61.70 1.05
C7 NAG I . 44.10 -57.09 4.46
C8 NAG I . 43.38 -55.79 4.57
N2 NAG I . 44.85 -57.26 3.37
O3 NAG I . 47.70 -57.28 3.28
O4 NAG I . 48.90 -59.12 1.42
O5 NAG I . 45.62 -60.63 2.03
O6 NAG I . 46.51 -62.64 0.59
O7 NAG I . 44.01 -57.96 5.33
C1 BMA I . 50.07 -59.34 2.22
C2 BMA I . 51.22 -58.68 1.45
C3 BMA I . 52.48 -58.57 2.31
C4 BMA I . 52.19 -57.98 3.68
C5 BMA I . 51.12 -58.82 4.37
C6 BMA I . 50.75 -58.27 5.71
O2 BMA I . 50.86 -57.36 1.07
O3 BMA I . 53.42 -57.75 1.64
O4 BMA I . 53.37 -57.97 4.47
O5 BMA I . 49.94 -58.80 3.54
O6 BMA I . 50.38 -56.90 5.52
C1 MAN I . 54.63 -58.48 1.35
C2 MAN I . 55.59 -57.44 0.81
C3 MAN I . 55.01 -56.91 -0.51
C4 MAN I . 54.92 -58.06 -1.54
C5 MAN I . 54.04 -59.20 -0.98
C6 MAN I . 54.11 -60.47 -1.80
O2 MAN I . 56.84 -58.03 0.47
O3 MAN I . 55.75 -55.81 -1.02
O4 MAN I . 54.33 -57.57 -2.74
O5 MAN I . 54.43 -59.55 0.41
O6 MAN I . 55.06 -61.33 -1.19
C1 NAG J . 17.32 -70.40 -30.60
C2 NAG J . 18.74 -69.95 -30.96
C3 NAG J . 18.70 -68.56 -31.58
C4 NAG J . 17.75 -68.53 -32.78
C5 NAG J . 16.37 -68.99 -32.32
C6 NAG J . 15.37 -69.08 -33.44
C7 NAG J . 20.28 -71.05 -29.41
C8 NAG J . 21.13 -70.88 -28.18
N2 NAG J . 19.61 -69.97 -29.80
O3 NAG J . 20.02 -68.20 -31.99
O4 NAG J . 17.67 -67.23 -33.34
O5 NAG J . 16.47 -70.31 -31.77
O6 NAG J . 14.65 -70.30 -33.39
O7 NAG J . 20.20 -72.12 -29.99
C1 NAG J . 18.33 -67.18 -34.63
C2 NAG J . 18.09 -65.83 -35.30
C3 NAG J . 18.88 -65.73 -36.61
C4 NAG J . 20.35 -66.03 -36.37
C5 NAG J . 20.49 -67.40 -35.70
C6 NAG J . 21.91 -67.74 -35.34
C7 NAG J . 16.12 -64.38 -35.51
C8 NAG J . 14.64 -64.33 -35.79
N2 NAG J . 16.68 -65.60 -35.54
O3 NAG J . 18.72 -64.43 -37.17
O4 NAG J . 21.05 -66.03 -37.62
O5 NAG J . 19.74 -67.40 -34.48
O6 NAG J . 21.94 -68.69 -34.28
O7 NAG J . 16.77 -63.37 -35.27
C1 NAG K . 18.20 -86.52 -22.68
C2 NAG K . 18.61 -86.31 -21.23
C3 NAG K . 19.88 -87.09 -20.92
C4 NAG K . 19.79 -88.54 -21.36
C5 NAG K . 19.25 -88.65 -22.78
C6 NAG K . 18.87 -90.06 -23.20
C7 NAG K . 17.89 -84.12 -20.40
C8 NAG K . 18.27 -82.68 -20.21
N2 NAG K . 18.81 -84.89 -20.97
O3 NAG K . 20.15 -87.01 -19.53
O4 NAG K . 21.13 -89.04 -21.32
O5 NAG K . 18.05 -87.89 -22.92
O6 NAG K . 18.63 -90.13 -24.60
O7 NAG K . 16.79 -84.55 -20.07
C1 NAG K . 21.37 -90.30 -20.67
C2 NAG K . 22.47 -90.96 -21.49
C3 NAG K . 22.80 -92.33 -20.92
C4 NAG K . 23.18 -92.22 -19.45
C5 NAG K . 22.07 -91.48 -18.69
C6 NAG K . 22.43 -91.20 -17.25
C7 NAG K . 22.47 -90.20 -23.83
C8 NAG K . 21.98 -90.46 -25.22
N2 NAG K . 22.08 -91.07 -22.89
O3 NAG K . 23.89 -92.89 -21.67
O4 NAG K . 23.33 -93.52 -18.90
O5 NAG K . 21.80 -90.21 -19.30
O6 NAG K . 23.67 -90.49 -17.15
O7 NAG K . 23.18 -89.23 -23.56
C1 BMA K . 24.72 -93.80 -18.62
C2 BMA K . 24.77 -95.07 -17.77
C3 BMA K . 26.23 -95.39 -17.44
C4 BMA K . 27.07 -95.53 -18.73
C5 BMA K . 26.91 -94.26 -19.59
C6 BMA K . 27.58 -94.37 -20.95
O2 BMA K . 24.27 -96.18 -18.49
O3 BMA K . 26.36 -96.55 -16.61
O4 BMA K . 28.43 -95.73 -18.41
O5 BMA K . 25.50 -93.98 -19.82
O6 BMA K . 26.69 -95.06 -21.82
C1 MAN K . 26.54 -96.11 -15.24
C2 MAN K . 27.30 -97.23 -14.46
C3 MAN K . 26.37 -98.42 -14.15
C4 MAN K . 25.00 -97.97 -13.58
C5 MAN K . 24.38 -96.93 -14.53
C6 MAN K . 23.06 -96.39 -14.05
O2 MAN K . 27.76 -96.76 -13.19
O3 MAN K . 26.97 -99.34 -13.24
O4 MAN K . 24.13 -99.08 -13.47
O5 MAN K . 25.30 -95.82 -14.62
O6 MAN K . 22.98 -95.03 -14.48
C1 NAG L . -2.85 -89.09 -29.45
C2 NAG L . -3.32 -88.59 -30.79
C3 NAG L . -4.83 -88.73 -30.88
C4 NAG L . -5.29 -90.14 -30.50
C5 NAG L . -4.57 -90.68 -29.25
C6 NAG L . -4.71 -92.18 -29.09
C7 NAG L . -1.77 -86.88 -31.61
C8 NAG L . -1.51 -85.41 -31.76
N2 NAG L . -2.92 -87.21 -31.01
O3 NAG L . -5.26 -88.42 -32.19
O4 NAG L . -6.67 -90.08 -30.20
O5 NAG L . -3.17 -90.44 -29.32
O6 NAG L . -6.04 -92.55 -28.74
O7 NAG L . -0.99 -87.73 -32.04
C1 NAG L . -7.39 -90.82 -31.20
C2 NAG L . -8.76 -91.09 -30.63
C3 NAG L . -9.60 -91.88 -31.64
C4 NAG L . -9.63 -91.14 -32.99
C5 NAG L . -8.22 -90.78 -33.45
C6 NAG L . -8.21 -89.89 -34.67
C7 NAG L . -8.86 -91.18 -28.19
C8 NAG L . -8.77 -92.07 -26.97
N2 NAG L . -8.70 -91.80 -29.36
O3 NAG L . -10.89 -92.07 -31.11
O4 NAG L . -10.23 -91.97 -33.98
O5 NAG L . -7.51 -90.08 -32.42
O6 NAG L . -7.50 -88.68 -34.42
O7 NAG L . -9.08 -89.98 -28.11
C1 BMA L . -11.56 -91.49 -34.22
C2 BMA L . -11.88 -91.74 -35.67
C3 BMA L . -13.38 -91.47 -35.96
C4 BMA L . -14.32 -92.06 -34.88
C5 BMA L . -13.81 -91.77 -33.45
C6 BMA L . -14.56 -92.55 -32.40
O2 BMA L . -11.67 -93.10 -35.99
O3 BMA L . -13.73 -92.00 -37.21
O4 BMA L . -15.63 -91.52 -35.03
O5 BMA L . -12.45 -92.18 -33.38
O6 BMA L . -13.90 -93.80 -32.23
C1 MAN L . -13.72 -90.99 -38.22
C2 MAN L . -14.76 -91.43 -39.24
C3 MAN L . -14.33 -92.79 -39.79
C4 MAN L . -12.89 -92.73 -40.40
C5 MAN L . -11.90 -92.12 -39.38
C6 MAN L . -10.56 -91.80 -39.99
O2 MAN L . -14.80 -90.55 -40.36
O3 MAN L . -15.24 -93.30 -40.76
O4 MAN L . -12.46 -94.04 -40.73
O5 MAN L . -12.46 -90.88 -38.83
O6 MAN L . -10.78 -91.07 -41.19
C1 NAG M . 17.05 -17.98 -43.59
C2 NAG M . 16.07 -19.15 -43.63
C3 NAG M . 15.94 -19.64 -45.07
C4 NAG M . 15.62 -18.50 -46.03
C5 NAG M . 16.50 -17.27 -45.78
C6 NAG M . 15.99 -16.03 -46.49
C7 NAG M . 16.05 -20.36 -41.51
C8 NAG M . 16.59 -21.55 -40.76
N2 NAG M . 16.49 -20.23 -42.77
O3 NAG M . 14.91 -20.63 -45.10
O4 NAG M . 15.89 -18.93 -47.36
O5 NAG M . 16.56 -16.93 -44.39
O6 NAG M . 17.05 -15.15 -46.81
O7 NAG M . 15.27 -19.57 -41.00
C1 NAG M . 14.66 -19.21 -48.04
C2 NAG M . 14.83 -18.93 -49.53
C3 NAG M . 13.54 -19.27 -50.27
C4 NAG M . 13.09 -20.69 -49.96
C5 NAG M . 13.09 -20.97 -48.46
C6 NAG M . 12.88 -22.43 -48.12
C7 NAG M . 16.47 -17.13 -49.83
C8 NAG M . 16.68 -15.66 -50.09
N2 NAG M . 15.20 -17.53 -49.76
O3 NAG M . 13.75 -19.09 -51.66
O4 NAG M . 11.76 -20.88 -50.44
O5 NAG M . 14.33 -20.58 -47.86
O6 NAG M . 13.39 -22.74 -46.84
O7 NAG M . 17.41 -17.90 -49.69
C1 BMA M . 11.72 -21.68 -51.64
C2 BMA M . 10.45 -22.54 -51.58
C3 BMA M . 10.20 -23.23 -52.94
C4 BMA M . 10.33 -22.25 -54.12
C5 BMA M . 11.68 -21.50 -54.04
C6 BMA M . 11.85 -20.46 -55.12
O2 BMA M . 9.30 -21.75 -51.29
O3 BMA M . 8.94 -23.87 -52.98
O4 BMA M . 10.24 -22.95 -55.36
O5 BMA M . 11.74 -20.83 -52.77
O6 BMA M . 12.13 -19.22 -54.50
C1 NAG N . -34.82 3.87 -19.79
C2 NAG N . -34.83 4.16 -18.30
C3 NAG N . -35.98 3.39 -17.61
C4 NAG N . -37.31 3.55 -18.34
C5 NAG N . -37.13 3.34 -19.85
C6 NAG N . -38.37 3.70 -20.65
C7 NAG N . -32.51 4.65 -17.65
C8 NAG N . -31.27 4.14 -16.98
N2 NAG N . -33.56 3.83 -17.68
O3 NAG N . -36.08 3.85 -16.27
O4 NAG N . -38.21 2.55 -17.91
O5 NAG N . -36.08 4.18 -20.34
O6 NAG N . -38.13 3.56 -22.04
O7 NAG N . -32.56 5.77 -18.17
C1 NAG N . -39.14 3.00 -16.91
C2 NAG N . -40.50 2.30 -17.09
C3 NAG N . -41.44 2.64 -15.92
C4 NAG N . -40.76 2.39 -14.58
C5 NAG N . -39.44 3.15 -14.52
C6 NAG N . -38.66 2.89 -13.26
C7 NAG N . -41.95 1.86 -19.03
C8 NAG N . -42.48 2.41 -20.33
N2 NAG N . -41.11 2.66 -18.36
O3 NAG N . -42.62 1.85 -16.01
O4 NAG N . -41.60 2.84 -13.52
O5 NAG N . -38.61 2.73 -15.61
O6 NAG N . -37.36 3.47 -13.33
O7 NAG N . -42.28 0.76 -18.61
C1 NAG O . -9.76 -11.54 -46.21
C2 NAG O . -11.10 -12.18 -46.57
C3 NAG O . -10.93 -13.19 -47.70
C4 NAG O . -10.21 -12.56 -48.89
C5 NAG O . -8.89 -11.95 -48.41
C6 NAG O . -8.12 -11.23 -49.49
C7 NAG O . -12.55 -12.24 -44.59
C8 NAG O . -13.05 -13.06 -43.44
N2 NAG O . -11.68 -12.83 -45.40
O3 NAG O . -12.20 -13.69 -48.10
O4 NAG O . -9.97 -13.55 -49.88
O5 NAG O . -9.17 -10.97 -47.39
O6 NAG O . -6.73 -11.27 -49.24
O7 NAG O . -12.92 -11.08 -44.76
C1 NAG O . -10.74 -13.26 -51.06
C2 NAG O . -9.96 -13.85 -52.25
C3 NAG O . -10.73 -13.60 -53.54
C4 NAG O . -12.15 -14.13 -53.44
C5 NAG O . -12.84 -13.53 -52.22
C6 NAG O . -14.22 -14.09 -51.97
C7 NAG O . -7.54 -13.97 -51.98
C8 NAG O . -6.24 -13.24 -52.11
N2 NAG O . -8.62 -13.29 -52.32
O3 NAG O . -10.05 -14.25 -54.61
O4 NAG O . -12.88 -13.76 -54.61
O5 NAG O . -12.06 -13.82 -51.04
O6 NAG O . -15.20 -13.06 -52.04
O7 NAG O . -7.60 -15.13 -51.57
C1 BMA O . -13.19 -14.91 -55.42
C2 BMA O . -13.76 -14.38 -56.77
C3 BMA O . -13.96 -15.55 -57.75
C4 BMA O . -12.69 -16.43 -57.87
C5 BMA O . -12.27 -16.91 -56.48
C6 BMA O . -11.01 -17.74 -56.49
O2 BMA O . -12.86 -13.48 -57.37
O3 BMA O . -14.36 -15.08 -59.04
O4 BMA O . -12.95 -17.54 -58.70
O5 BMA O . -12.04 -15.74 -55.65
O6 BMA O . -10.09 -17.11 -57.39
C1 NAG P . -23.06 15.99 27.15
C2 NAG P . -23.16 15.14 28.40
C3 NAG P . -24.32 14.15 28.27
C4 NAG P . -25.61 14.84 27.82
C5 NAG P . -25.38 15.84 26.69
C6 NAG P . -26.56 16.77 26.48
C7 NAG P . -20.94 14.96 29.43
C8 NAG P . -19.72 14.11 29.60
N2 NAG P . -21.91 14.45 28.67
O3 NAG P . -24.52 13.51 29.51
O4 NAG P . -26.47 13.83 27.32
O5 NAG P . -24.26 16.70 26.98
O6 NAG P . -26.38 17.58 25.33
O7 NAG P . -21.04 16.07 29.94
C1 NAG P . -27.60 13.72 28.21
C2 NAG P . -28.82 13.33 27.39
C3 NAG P . -30.04 13.24 28.29
C4 NAG P . -29.78 12.45 29.56
C5 NAG P . -28.39 12.71 30.19
C6 NAG P . -27.99 11.66 31.20
C7 NAG P . -28.59 14.12 25.07
C8 NAG P . -28.93 15.19 24.09
N2 NAG P . -29.04 14.29 26.31
O3 NAG P . -31.10 12.63 27.55
O4 NAG P . -30.70 12.92 30.54
O5 NAG P . -27.36 12.73 29.19
O6 NAG P . -27.00 10.79 30.68
O7 NAG P . -27.94 13.13 24.74
C1 BMA P . -31.80 12.04 30.76
C2 BMA P . -32.10 12.23 32.24
C3 BMA P . -33.46 11.66 32.64
C4 BMA P . -34.57 12.11 31.66
C5 BMA P . -34.14 11.76 30.22
C6 BMA P . -35.14 12.20 29.19
O2 BMA P . -32.14 13.60 32.57
O3 BMA P . -33.79 12.03 33.97
O4 BMA P . -35.77 11.45 31.97
O5 BMA P . -32.89 12.42 29.95
O6 BMA P . -34.62 13.38 28.57
C1 MAN P . -33.31 11.05 34.90
C2 MAN P . -34.31 10.99 36.05
C3 MAN P . -34.35 12.35 36.74
C4 MAN P . -32.94 12.83 37.17
C5 MAN P . -31.96 12.73 35.99
C6 MAN P . -30.54 12.95 36.42
O2 MAN P . -33.87 10.07 37.04
O3 MAN P . -35.21 12.34 37.87
O4 MAN P . -33.00 14.17 37.60
O5 MAN P . -32.04 11.40 35.41
O6 MAN P . -30.26 12.05 37.48
C1 NAG Q . -26.30 -10.81 9.48
C2 NAG Q . -26.31 -12.11 10.28
C3 NAG Q . -27.56 -12.17 11.17
C4 NAG Q . -27.83 -10.87 11.91
C5 NAG Q . -27.63 -9.65 11.02
C6 NAG Q . -27.63 -8.34 11.78
C7 NAG Q . -25.76 -14.44 9.73
C8 NAG Q . -25.83 -15.51 8.70
N2 NAG Q . -26.29 -13.26 9.39
O3 NAG Q . -27.41 -13.23 12.10
O4 NAG Q . -29.21 -10.87 12.24
O5 NAG Q . -26.37 -9.73 10.34
O6 NAG Q . -28.94 -7.97 12.17
O7 NAG Q . -25.25 -14.63 10.83
C1 NAG Q . -29.46 -11.00 13.64
C2 NAG Q . -30.97 -10.83 13.79
C3 NAG Q . -31.36 -11.00 15.24
C4 NAG Q . -30.88 -12.34 15.77
C5 NAG Q . -29.37 -12.48 15.54
C6 NAG Q . -28.83 -13.84 15.89
C7 NAG Q . -31.85 -9.37 12.03
C8 NAG Q . -32.26 -7.97 11.65
N2 NAG Q . -31.40 -9.54 13.27
O3 NAG Q . -32.78 -10.91 15.36
O4 NAG Q . -31.17 -12.47 17.16
O5 NAG Q . -29.07 -12.27 14.15
O6 NAG Q . -28.70 -14.66 14.73
O7 NAG Q . -31.92 -10.30 11.23
C1 BMA Q . -32.20 -13.46 17.40
C2 BMA Q . -32.75 -13.17 18.82
C3 BMA Q . -34.13 -13.83 19.05
C4 BMA Q . -35.07 -13.65 17.85
C5 BMA Q . -34.38 -14.22 16.61
C6 BMA Q . -35.24 -14.15 15.36
O2 BMA Q . -32.93 -11.78 19.03
O3 BMA Q . -34.76 -13.34 20.24
O4 BMA Q . -36.30 -14.33 18.07
O5 BMA Q . -33.22 -13.42 16.38
O6 BMA Q . -36.60 -14.30 15.72
C1 NAG R . -22.28 -68.16 14.45
C2 NAG R . -21.61 -69.46 14.89
C3 NAG R . -22.67 -70.47 15.31
C4 NAG R . -23.63 -69.86 16.34
C5 NAG R . -24.12 -68.48 15.90
C6 NAG R . -24.90 -67.76 16.97
C7 NAG R . -19.46 -69.81 13.75
C8 NAG R . -18.76 -70.45 12.59
N2 NAG R . -20.78 -70.01 13.83
O3 NAG R . -22.02 -71.61 15.85
O4 NAG R . -24.77 -70.71 16.45
O5 NAG R . -23.03 -67.63 15.52
O6 NAG R . -26.22 -67.44 16.54
O7 NAG R . -18.87 -69.12 14.57
C1 NAG R . -24.80 -71.52 17.64
C2 NAG R . -26.18 -72.18 17.70
C3 NAG R . -26.26 -73.11 18.91
C4 NAG R . -25.14 -74.13 18.89
C5 NAG R . -23.78 -73.40 18.77
C6 NAG R . -22.63 -74.36 18.60
C7 NAG R . -27.86 -70.73 16.65
C8 NAG R . -28.92 -69.70 16.88
N2 NAG R . -27.24 -71.18 17.75
O3 NAG R . -27.52 -73.78 18.89
O4 NAG R . -25.15 -74.90 20.09
O5 NAG R . -23.78 -72.54 17.63
O6 NAG R . -21.96 -74.13 17.36
O7 NAG R . -27.58 -71.15 15.52
C1 NAG S . -7.34 -56.40 -36.19
C2 NAG S . -8.06 -57.11 -37.32
C3 NAG S . -8.14 -56.20 -38.55
C4 NAG S . -8.61 -54.79 -38.20
C5 NAG S . -7.90 -54.25 -36.96
C6 NAG S . -8.52 -53.00 -36.39
C7 NAG S . -7.50 -59.49 -36.97
C8 NAG S . -6.73 -60.65 -37.49
N2 NAG S . -7.38 -58.35 -37.66
O3 NAG S . -9.03 -56.78 -39.49
O4 NAG S . -8.27 -53.96 -39.32
O5 NAG S . -7.97 -55.22 -35.90
O6 NAG S . -7.72 -52.45 -35.35
O7 NAG S . -8.20 -59.57 -35.97
C1 NAG S . -9.43 -53.29 -39.86
C2 NAG S . -8.96 -51.90 -40.28
C3 NAG S . -10.13 -51.11 -40.81
C4 NAG S . -10.80 -51.85 -41.97
C5 NAG S . -11.16 -53.29 -41.54
C6 NAG S . -11.67 -54.13 -42.69
C7 NAG S . -7.01 -50.94 -39.14
C8 NAG S . -6.52 -50.19 -37.94
N2 NAG S . -8.33 -51.20 -39.18
O3 NAG S . -9.67 -49.83 -41.25
O4 NAG S . -11.99 -51.18 -42.35
O5 NAG S . -10.02 -53.97 -41.00
O6 NAG S . -11.12 -55.44 -42.64
O7 NAG S . -6.25 -51.29 -40.05
C1 BMA S . -11.85 -50.49 -43.61
C2 BMA S . -13.19 -49.81 -43.90
C3 BMA S . -13.07 -48.93 -45.15
C4 BMA S . -11.90 -47.95 -45.05
C5 BMA S . -10.61 -48.75 -44.79
C6 BMA S . -9.39 -47.86 -44.60
O2 BMA S . -13.53 -48.94 -42.85
O3 BMA S . -14.26 -48.23 -45.40
O4 BMA S . -11.79 -47.21 -46.25
O5 BMA S . -10.78 -49.54 -43.60
O6 BMA S . -9.15 -47.70 -43.21
C1 MAN S . -15.00 -48.90 -46.42
C2 MAN S . -15.83 -47.83 -47.19
C3 MAN S . -17.01 -47.35 -46.33
C4 MAN S . -17.82 -48.54 -45.74
C5 MAN S . -16.86 -49.44 -44.95
C6 MAN S . -17.53 -50.64 -44.32
O2 MAN S . -16.39 -48.37 -48.38
O3 MAN S . -17.88 -46.49 -47.06
O4 MAN S . -18.83 -48.07 -44.87
O5 MAN S . -15.84 -49.92 -45.86
O6 MAN S . -18.35 -51.25 -45.31
C1 NAG T . -18.93 -65.60 -18.50
C2 NAG T . -19.87 -66.63 -19.15
C3 NAG T . -19.87 -66.47 -20.68
C4 NAG T . -20.08 -65.02 -21.10
C5 NAG T . -19.11 -64.11 -20.34
C6 NAG T . -19.37 -62.64 -20.58
C7 NAG T . -19.77 -68.54 -17.62
C8 NAG T . -19.27 -69.95 -17.43
N2 NAG T . -19.47 -67.98 -18.79
O3 NAG T . -20.89 -67.30 -21.23
O4 NAG T . -19.82 -64.94 -22.51
O5 NAG T . -19.28 -64.32 -18.94
O6 NAG T . -20.76 -62.34 -20.52
O7 NAG T . -20.41 -67.95 -16.76
C1 NAG T . -20.97 -64.45 -23.22
C2 NAG T . -20.61 -64.50 -24.70
C3 NAG T . -21.75 -63.95 -25.54
C4 NAG T . -23.06 -64.67 -25.22
C5 NAG T . -23.32 -64.71 -23.71
C6 NAG T . -24.49 -65.57 -23.31
C7 NAG T . -18.24 -64.38 -25.29
C8 NAG T . -17.06 -63.49 -25.52
N2 NAG T . -19.38 -63.78 -24.96
O3 NAG T . -21.41 -64.12 -26.91
O4 NAG T . -24.15 -63.98 -25.83
O5 NAG T . -22.17 -65.23 -23.01
O6 NAG T . -24.27 -66.17 -22.05
O7 NAG T . -18.18 -65.60 -25.42
C1 BMA T . -24.61 -64.66 -27.01
C2 BMA T . -26.08 -64.31 -27.23
C3 BMA T . -26.58 -64.95 -28.53
C4 BMA T . -25.66 -64.62 -29.73
C5 BMA T . -24.20 -64.96 -29.38
C6 BMA T . -23.23 -64.50 -30.46
O2 BMA T . -26.22 -62.90 -27.41
O3 BMA T . -27.93 -64.59 -28.82
O4 BMA T . -26.07 -65.34 -30.87
O5 BMA T . -23.84 -64.30 -28.15
O6 BMA T . -23.30 -63.07 -30.52
C1 NAG U . -22.94 -80.14 -6.48
C2 NAG U . -23.88 -79.78 -7.63
C3 NAG U . -24.49 -81.05 -8.22
C4 NAG U . -23.42 -82.05 -8.60
C5 NAG U . -22.50 -82.31 -7.41
C6 NAG U . -21.31 -83.20 -7.73
C7 NAG U . -24.87 -77.55 -7.42
C8 NAG U . -26.03 -76.75 -6.89
N2 NAG U . -24.91 -78.86 -7.18
O3 NAG U . -25.28 -80.72 -9.36
O4 NAG U . -24.05 -83.26 -9.03
O5 NAG U . -21.95 -81.06 -6.94
O6 NAG U . -21.72 -84.55 -7.92
O7 NAG U . -23.94 -77.03 -8.00
C1 NAG U . -23.69 -83.59 -10.42
C2 NAG U . -24.19 -84.99 -10.71
C3 NAG U . -23.73 -85.42 -12.11
C4 NAG U . -24.07 -84.38 -13.16
C5 NAG U . -23.74 -82.95 -12.71
C6 NAG U . -24.32 -81.89 -13.62
C7 NAG U . -24.55 -86.42 -8.76
C8 NAG U . -23.92 -87.38 -7.80
N2 NAG U . -23.74 -85.93 -9.70
O3 NAG U . -24.33 -86.66 -12.43
O4 NAG U . -23.25 -84.62 -14.30
O5 NAG U . -24.23 -82.67 -11.39
O6 NAG U . -23.38 -81.49 -14.61
O7 NAG U . -25.73 -86.11 -8.69
C1 BMA U . -23.94 -85.15 -15.45
C2 BMA U . -22.94 -84.97 -16.64
C3 BMA U . -23.26 -85.89 -17.84
C4 BMA U . -23.68 -87.30 -17.40
C5 BMA U . -24.84 -87.18 -16.42
C6 BMA U . -25.44 -88.52 -16.01
O2 BMA U . -21.62 -85.28 -16.22
O3 BMA U . -22.15 -85.98 -18.73
O4 BMA U . -24.08 -88.07 -18.53
O5 BMA U . -24.34 -86.50 -15.24
O6 BMA U . -24.45 -89.28 -15.30
C1 MAN U . -25.05 -90.56 -15.01
C2 MAN U . -24.32 -91.18 -13.74
C3 MAN U . -23.09 -92.04 -14.11
C4 MAN U . -23.32 -92.88 -15.37
C5 MAN U . -23.72 -91.95 -16.50
C6 MAN U . -23.85 -92.66 -17.83
O2 MAN U . -25.19 -92.05 -13.01
O3 MAN U . -22.70 -92.89 -13.03
O4 MAN U . -22.14 -93.57 -15.71
O5 MAN U . -25.00 -91.40 -16.17
O6 MAN U . -24.98 -93.52 -17.75
C1 NAG V . -19.99 -85.64 14.64
C2 NAG V . -21.17 -85.34 15.55
C3 NAG V . -20.77 -85.52 17.01
C4 NAG V . -20.12 -86.88 17.25
C5 NAG V . -19.02 -87.15 16.22
C6 NAG V . -18.51 -88.57 16.26
C7 NAG V . -22.94 -83.63 15.52
C8 NAG V . -23.26 -82.19 15.24
N2 NAG V . -21.66 -83.98 15.32
O3 NAG V . -21.92 -85.39 17.85
O4 NAG V . -19.53 -86.86 18.55
O5 NAG V . -19.53 -86.95 14.89
O6 NAG V . -19.22 -89.41 15.36
O7 NAG V . -23.78 -84.41 15.92
C1 NAG V . -20.15 -87.80 19.44
C2 NAG V . -19.08 -88.29 20.41
C3 NAG V . -19.67 -89.31 21.38
C4 NAG V . -20.92 -88.76 22.07
C5 NAG V . -21.90 -88.18 21.04
C6 NAG V . -23.06 -87.44 21.67
C7 NAG V . -16.82 -88.18 19.47
C8 NAG V . -15.75 -88.93 18.73
N2 NAG V . -17.95 -88.86 19.70
O3 NAG V . -18.68 -89.64 22.34
O4 NAG V . -21.61 -89.83 22.71
O5 NAG V . -21.24 -87.23 20.18
O6 NAG V . -24.30 -88.01 21.27
O7 NAG V . -16.67 -87.02 19.84
C1 BMA V . -21.36 -89.94 24.12
C2 BMA V . -22.69 -90.30 24.83
C3 BMA V . -22.44 -90.71 26.28
C4 BMA V . -21.34 -91.77 26.39
C5 BMA V . -20.06 -91.24 25.74
C6 BMA V . -18.92 -92.24 25.77
O2 BMA V . -23.30 -91.40 24.20
O3 BMA V . -23.63 -91.20 26.87
O4 BMA V . -21.08 -92.06 27.75
O5 BMA V . -20.34 -90.91 24.36
O6 BMA V . -19.09 -93.07 26.93
C1 NAG W . 22.14 -2.08 43.87
C2 NAG W . 23.43 -1.89 43.10
C3 NAG W . 24.41 -3.01 43.42
C4 NAG W . 24.64 -3.07 44.93
C5 NAG W . 23.30 -3.20 45.66
C6 NAG W . 23.44 -3.13 47.17
C7 NAG W . 23.06 -0.66 41.00
C8 NAG W . 22.80 -0.77 39.53
N2 NAG W . 23.19 -1.81 41.67
O3 NAG W . 25.62 -2.80 42.70
O4 NAG W . 25.47 -4.17 45.30
O5 NAG W . 22.43 -2.13 45.27
O6 NAG W . 22.44 -2.30 47.72
O7 NAG W . 23.14 0.42 41.57
C1 NAG W . 26.80 -3.68 45.56
C2 NAG W . 27.50 -4.44 46.68
C3 NAG W . 28.95 -3.98 46.81
C4 NAG W . 29.67 -4.10 45.46
C5 NAG W . 28.90 -3.32 44.41
C6 NAG W . 29.48 -3.45 43.01
C7 NAG W . 26.06 -5.21 48.52
C8 NAG W . 25.43 -4.85 49.83
N2 NAG W . 26.81 -4.26 47.95
O3 NAG W . 29.61 -4.77 47.80
O4 NAG W . 31.00 -3.60 45.57
O5 NAG W . 27.56 -3.82 44.34
O6 NAG W . 28.44 -3.61 42.05
O7 NAG W . 25.91 -6.31 48.00
C1 BMA W . 31.91 -4.71 45.46
C2 BMA W . 33.28 -4.19 44.98
C3 BMA W . 34.26 -5.37 44.91
C4 BMA W . 34.29 -6.17 46.23
C5 BMA W . 32.86 -6.57 46.64
C6 BMA W . 32.80 -7.26 48.00
O2 BMA W . 33.81 -3.28 45.90
O3 BMA W . 35.56 -4.95 44.57
O4 BMA W . 35.08 -7.33 46.08
O5 BMA W . 32.05 -5.39 46.71
O6 BMA W . 33.61 -6.52 48.91
C1 NAG X . -14.87 -9.33 34.39
C2 NAG X . -14.66 -10.56 35.26
C3 NAG X . -15.99 -11.29 35.49
C4 NAG X . -17.02 -10.33 36.05
C5 NAG X . -17.17 -9.12 35.12
C6 NAG X . -18.10 -8.06 35.64
C7 NAG X . -12.37 -11.32 34.79
C8 NAG X . -11.53 -12.34 34.09
N2 NAG X . -13.69 -11.46 34.64
O3 NAG X . -15.78 -12.38 36.36
O4 NAG X . -18.27 -10.99 36.18
O5 NAG X . -15.88 -8.49 34.96
O6 NAG X . -17.49 -6.78 35.59
O7 NAG X . -11.88 -10.42 35.44
C1 NAG X . -18.61 -11.13 37.58
C2 NAG X . -20.14 -11.26 37.70
C3 NAG X . -20.53 -11.52 39.15
C4 NAG X . -19.77 -12.69 39.72
C5 NAG X . -18.27 -12.47 39.55
C6 NAG X . -17.43 -13.64 40.00
C7 NAG X . -21.15 -9.96 35.89
C8 NAG X . -21.83 -8.67 35.52
N2 NAG X . -20.81 -10.08 37.18
O3 NAG X . -21.93 -11.75 39.21
O4 NAG X . -20.08 -12.84 41.11
O5 NAG X . -17.98 -12.27 38.16
O6 NAG X . -18.01 -14.87 39.60
O7 NAG X . -20.91 -10.83 35.06
C1 BMA X . -20.81 -14.07 41.33
C2 BMA X . -21.18 -14.16 42.83
C3 BMA X . -22.05 -15.42 43.08
C4 BMA X . -23.22 -15.54 42.07
C5 BMA X . -22.69 -15.43 40.63
C6 BMA X . -23.78 -15.49 39.57
O2 BMA X . -21.96 -13.04 43.21
O3 BMA X . -22.53 -15.46 44.42
O4 BMA X . -23.88 -16.78 42.25
O5 BMA X . -21.98 -14.18 40.50
O6 BMA X . -24.58 -14.32 39.69
C1 NAG Y . 59.25 6.14 11.51
C2 NAG Y . 60.49 5.45 10.95
C3 NAG Y . 60.73 4.12 11.68
C4 NAG Y . 60.77 4.33 13.19
C5 NAG Y . 59.55 5.11 13.66
C6 NAG Y . 59.64 5.52 15.11
C7 NAG Y . 61.40 5.33 8.68
C8 NAG Y . 61.09 5.07 7.24
N2 NAG Y . 60.37 5.23 9.52
O3 NAG Y . 61.93 3.55 11.21
O4 NAG Y . 60.78 3.06 13.82
O5 NAG Y . 59.41 6.32 12.92
O6 NAG Y . 60.39 6.71 15.26
O7 NAG Y . 62.53 5.60 9.06
C1 NAG Y . 62.08 2.85 14.43
C2 NAG Y . 61.90 1.84 15.56
C3 NAG Y . 63.24 1.56 16.22
C4 NAG Y . 64.26 1.09 15.19
C5 NAG Y . 64.35 2.10 14.04
C6 NAG Y . 65.22 1.62 12.91
C7 NAG Y . 59.64 1.97 16.51
C8 NAG Y . 58.78 2.55 17.59
N2 NAG Y . 60.93 2.32 16.54
O3 NAG Y . 63.08 0.57 17.24
O4 NAG Y . 65.54 0.94 15.79
O5 NAG Y . 63.04 2.34 13.49
O6 NAG Y . 64.49 1.56 11.69
O7 NAG Y . 59.20 1.23 15.65
C1 NAG Z . 31.32 -75.22 11.64
C2 NAG Z . 31.75 -76.44 10.88
C3 NAG Z . 32.58 -77.34 11.78
C4 NAG Z . 33.73 -76.57 12.40
C5 NAG Z . 33.28 -75.23 12.99
C6 NAG Z . 34.42 -74.32 13.34
C7 NAG Z . 30.20 -77.02 9.07
C8 NAG Z . 29.00 -77.83 8.69
N2 NAG Z . 30.60 -77.15 10.34
O3 NAG Z . 33.07 -78.44 11.02
O4 NAG Z . 34.27 -77.33 13.48
O5 NAG Z . 32.46 -74.50 12.06
O6 NAG Z . 34.08 -72.95 13.11
O7 NAG Z . 30.78 -76.29 8.28
C1 NAG Z . 35.55 -77.91 13.20
C2 NAG Z . 35.69 -79.14 14.10
C3 NAG Z . 37.02 -79.85 13.82
C4 NAG Z . 37.14 -80.19 12.34
C5 NAG Z . 36.97 -78.93 11.50
C6 NAG Z . 36.94 -79.21 10.02
C7 NAG Z . 34.84 -79.49 16.37
C8 NAG Z . 34.84 -78.99 17.78
N2 NAG Z . 35.58 -78.79 15.50
O3 NAG Z . 37.10 -81.03 14.60
O4 NAG Z . 38.42 -80.77 12.08
O5 NAG Z . 35.71 -78.29 11.82
O6 NAG Z . 35.63 -79.11 9.50
O7 NAG Z . 34.19 -80.47 16.02
C1 NAG AA . 1.89 -66.63 24.86
C2 NAG AA . 1.54 -67.88 25.66
C3 NAG AA . 0.06 -67.88 26.00
C4 NAG AA . -0.34 -66.58 26.68
C5 NAG AA . 0.12 -65.38 25.83
C6 NAG AA . -0.10 -64.04 26.48
C7 NAG AA . 2.63 -70.06 25.49
C8 NAG AA . 2.90 -71.24 24.60
N2 NAG AA . 1.90 -69.08 24.94
O3 NAG AA . -0.24 -68.98 26.85
O4 NAG AA . -1.75 -66.55 26.88
O5 NAG AA . 1.54 -65.49 25.60
O6 NAG AA . -1.34 -63.48 26.06
O7 NAG AA . 3.04 -70.00 26.63
C1 NAG AA . -1.96 -66.53 28.32
C2 NAG AA . -3.31 -65.88 28.60
C3 NAG AA . -3.49 -65.75 30.10
C4 NAG AA . -3.31 -67.09 30.80
C5 NAG AA . -2.03 -67.80 30.33
C6 NAG AA . -1.95 -69.23 30.82
C7 NAG AA . -4.54 -64.13 27.42
C8 NAG AA . -4.49 -62.77 26.79
N2 NAG AA . -3.40 -64.57 27.96
O3 NAG AA . -4.81 -65.24 30.35
O4 NAG AA . -3.15 -66.87 32.20
O5 NAG AA . -1.95 -67.84 28.91
O6 NAG AA . -1.88 -69.29 32.24
O7 NAG AA . -5.58 -64.79 27.44
C1 BMA AA . -4.32 -67.14 33.01
C2 BMA AA . -4.22 -66.14 34.20
C3 BMA AA . -5.56 -65.94 34.93
C4 BMA AA . -6.74 -65.84 33.97
C5 BMA AA . -6.76 -67.08 33.08
C6 BMA AA . -7.95 -67.11 32.15
O2 BMA AA . -3.82 -64.86 33.74
O3 BMA AA . -5.53 -64.78 35.73
O4 BMA AA . -7.95 -65.75 34.69
O5 BMA AA . -5.56 -67.04 32.29
O6 BMA AA . -9.03 -66.43 32.75
C1 MAN AA . -4.92 -65.08 37.00
C2 MAN AA . -5.80 -64.43 38.08
C3 MAN AA . -5.71 -62.89 37.96
C4 MAN AA . -4.24 -62.39 37.89
C5 MAN AA . -3.48 -63.16 36.79
C6 MAN AA . -2.00 -62.84 36.75
O2 MAN AA . -5.36 -64.76 39.39
O3 MAN AA . -6.40 -62.23 39.01
O4 MAN AA . -4.20 -61.01 37.60
O5 MAN AA . -3.60 -64.58 37.05
O6 MAN AA . -1.43 -63.19 38.00
C1 NAG BA . -16.97 -53.17 24.39
C2 NAG BA . -17.71 -53.90 25.53
C3 NAG BA . -18.72 -52.97 26.20
C4 NAG BA . -18.09 -51.63 26.57
C5 NAG BA . -17.38 -51.04 25.36
C6 NAG BA . -16.63 -49.76 25.66
C7 NAG BA . -17.78 -56.27 24.86
C8 NAG BA . -18.63 -57.37 24.32
N2 NAG BA . -18.38 -55.09 25.03
O3 NAG BA . -19.24 -53.60 27.36
O4 NAG BA . -19.11 -50.74 27.02
O5 NAG BA . -16.40 -51.98 24.88
O6 NAG BA . -15.56 -49.99 26.58
O7 NAG BA . -16.59 -56.42 25.12
C1 NAG BA . -18.90 -50.44 28.41
C2 NAG BA . -19.41 -49.04 28.66
C3 NAG BA . -19.20 -48.65 30.13
C4 NAG BA . -19.79 -49.70 31.06
C5 NAG BA . -19.34 -51.10 30.67
C6 NAG BA . -20.06 -52.20 31.42
C7 NAG BA . -19.34 -47.55 26.71
C8 NAG BA . -18.53 -46.57 25.92
N2 NAG BA . -18.75 -48.07 27.78
O3 NAG BA . -19.80 -47.38 30.36
O4 NAG BA . -19.34 -49.47 32.39
O5 NAG BA . -19.58 -51.35 29.27
O6 NAG BA . -20.25 -53.35 30.61
O7 NAG BA . -20.49 -47.85 26.39
C1 BMA BA . -20.27 -48.81 33.27
C2 BMA BA . -19.41 -47.81 34.10
C3 BMA BA . -20.25 -46.72 34.81
C4 BMA BA . -21.45 -46.21 33.98
C5 BMA BA . -22.23 -47.39 33.42
C6 BMA BA . -23.41 -46.94 32.59
O2 BMA BA . -18.49 -47.14 33.25
O3 BMA BA . -19.43 -45.60 35.14
O4 BMA BA . -22.29 -45.43 34.81
O5 BMA BA . -21.34 -48.15 32.57
O6 BMA BA . -23.89 -45.70 33.09
C1 MAN BA . -19.37 -45.42 36.56
C2 MAN BA . -19.27 -43.91 36.81
C3 MAN BA . -17.95 -43.37 36.27
C4 MAN BA . -16.73 -44.19 36.77
C5 MAN BA . -16.96 -45.70 36.51
C6 MAN BA . -15.89 -46.58 37.13
O2 MAN BA . -19.25 -43.63 38.20
O3 MAN BA . -17.77 -42.00 36.59
O4 MAN BA . -15.55 -43.78 36.10
O5 MAN BA . -18.23 -46.10 37.09
O6 MAN BA . -16.00 -46.50 38.54
C1 NAG CA . 26.66 -91.39 7.04
C2 NAG CA . 27.80 -92.02 7.86
C3 NAG CA . 28.90 -92.56 6.95
C4 NAG CA . 28.33 -93.46 5.85
C5 NAG CA . 27.25 -92.69 5.10
C6 NAG CA . 26.56 -93.47 4.00
C7 NAG CA . 27.85 -90.83 10.02
C8 NAG CA . 28.55 -89.79 10.84
N2 NAG CA . 28.35 -91.06 8.80
O3 NAG CA . 29.86 -93.28 7.72
O4 NAG CA . 29.40 -93.89 5.01
O5 NAG CA . 26.23 -92.31 6.03
O6 NAG CA . 25.17 -93.58 4.25
O7 NAG CA . 26.86 -91.43 10.43
C1 NAG CA . 29.43 -95.36 4.99
C2 NAG CA . 30.02 -95.79 3.66
C3 NAG CA . 29.98 -97.31 3.54
C4 NAG CA . 30.69 -97.95 4.73
C5 NAG CA . 30.16 -97.40 6.06
C6 NAG CA . 30.96 -97.88 7.25
C7 NAG CA . 29.92 -94.39 1.65
C8 NAG CA . 29.05 -93.82 0.57
N2 NAG CA . 29.31 -95.17 2.55
O3 NAG CA . 30.59 -97.72 2.33
O4 NAG CA . 30.48 -99.36 4.71
O5 NAG CA . 30.21 -95.96 6.08
O6 NAG CA . 31.10 -99.29 7.24
O7 NAG CA . 31.13 -94.14 1.71
C1 NAG DA . 40.74 -19.16 21.28
C2 NAG DA . 41.35 -20.21 20.37
C3 NAG DA . 42.59 -20.80 21.02
C4 NAG DA . 43.57 -19.69 21.38
C5 NAG DA . 42.87 -18.60 22.22
C6 NAG DA . 43.73 -17.38 22.46
C7 NAG DA . 39.71 -21.29 18.92
C8 NAG DA . 38.77 -22.44 18.75
N2 NAG DA . 40.40 -21.26 20.06
O3 NAG DA . 43.19 -21.72 20.12
O4 NAG DA . 44.63 -20.23 22.15
O5 NAG DA . 41.70 -18.14 21.54
O6 NAG DA . 43.14 -16.22 21.89
O7 NAG DA . 39.82 -20.42 18.06
C1 NAG DA . 45.83 -20.21 21.37
C2 NAG DA . 47.00 -20.53 22.28
C3 NAG DA . 48.28 -20.63 21.46
C4 NAG DA . 48.12 -21.66 20.36
C5 NAG DA . 46.91 -21.31 19.50
C6 NAG DA . 46.57 -22.35 18.46
C7 NAG DA . 46.57 -19.68 24.53
C8 NAG DA . 46.80 -18.55 25.50
N2 NAG DA . 47.13 -19.53 23.33
O3 NAG DA . 49.35 -21.01 22.33
O4 NAG DA . 49.28 -21.68 19.54
O5 NAG DA . 45.74 -21.19 20.33
O6 NAG DA . 45.44 -23.11 18.85
O7 NAG DA . 45.91 -20.67 24.83
C1 BMA DA . 49.99 -22.93 19.70
C2 BMA DA . 51.40 -22.66 19.20
C3 BMA DA . 52.26 -23.88 19.36
C4 BMA DA . 52.24 -24.41 20.81
C5 BMA DA . 50.78 -24.61 21.28
C6 BMA DA . 50.70 -24.94 22.75
O2 BMA DA . 52.01 -21.64 19.98
O3 BMA DA . 53.60 -23.59 18.98
O4 BMA DA . 52.93 -25.64 20.89
O5 BMA DA . 50.03 -23.39 21.05
O6 BMA DA . 51.53 -24.03 23.45
C1 MAN DA . 53.89 -24.27 17.74
C2 MAN DA . 55.43 -24.21 17.56
C3 MAN DA . 55.85 -22.79 17.21
C4 MAN DA . 55.10 -22.27 15.98
C5 MAN DA . 53.58 -22.33 16.24
C6 MAN DA . 52.73 -21.98 15.03
O2 MAN DA . 55.86 -25.01 16.45
O3 MAN DA . 57.25 -22.70 16.98
O4 MAN DA . 55.47 -20.92 15.73
O5 MAN DA . 53.21 -23.69 16.62
O6 MAN DA . 52.20 -23.19 14.50
C1 NAG EA . 10.88 -83.56 21.18
C2 NAG EA . 10.47 -83.31 22.62
C3 NAG EA . 9.95 -84.59 23.26
C4 NAG EA . 8.89 -85.28 22.39
C5 NAG EA . 9.34 -85.35 20.92
C6 NAG EA . 8.23 -85.77 19.99
C7 NAG EA . 11.69 -81.49 23.71
C8 NAG EA . 12.91 -81.11 24.51
N2 NAG EA . 11.59 -82.77 23.39
O3 NAG EA . 9.40 -84.29 24.54
O4 NAG EA . 8.73 -86.60 22.88
O5 NAG EA . 9.78 -84.06 20.46
O6 NAG EA . 6.97 -85.27 20.42
O7 NAG EA . 10.86 -80.65 23.37
C1 NAG EA . 7.40 -86.78 23.39
C2 NAG EA . 7.03 -88.24 23.12
C3 NAG EA . 5.61 -88.51 23.59
C4 NAG EA . 5.42 -88.08 25.05
C5 NAG EA . 5.94 -86.65 25.27
C6 NAG EA . 5.96 -86.26 26.73
C7 NAG EA . 7.67 -89.71 21.27
C8 NAG EA . 7.75 -89.86 19.79
N2 NAG EA . 7.17 -88.55 21.71
O3 NAG EA . 5.32 -89.90 23.45
O4 NAG EA . 4.03 -88.07 25.34
O5 NAG EA . 7.28 -86.51 24.79
O6 NAG EA . 4.64 -86.07 27.23
O7 NAG EA . 8.03 -90.59 22.04
C1 BMA EA . 3.62 -89.11 26.26
C2 BMA EA . 2.13 -89.33 25.93
C3 BMA EA . 1.55 -90.43 26.80
C4 BMA EA . 2.40 -91.71 26.75
C5 BMA EA . 3.89 -91.39 27.05
C6 BMA EA . 4.80 -92.59 26.89
O2 BMA EA . 2.00 -89.78 24.58
O3 BMA EA . 0.24 -90.73 26.37
O4 BMA EA . 1.92 -92.65 27.69
O5 BMA EA . 4.34 -90.34 26.15
O6 BMA EA . 4.05 -93.77 27.17
C1 MAN EA . -0.73 -90.17 27.27
C2 MAN EA . -2.01 -90.97 27.02
C3 MAN EA . -2.47 -90.71 25.59
C4 MAN EA . -2.71 -89.20 25.33
C5 MAN EA . -1.44 -88.39 25.69
C6 MAN EA . -1.65 -86.89 25.70
O2 MAN EA . -3.06 -90.51 27.87
O3 MAN EA . -3.64 -91.46 25.28
O4 MAN EA . -3.04 -88.98 23.97
O5 MAN EA . -0.94 -88.78 27.03
O6 MAN EA . -2.98 -86.59 25.27
C1 NAG FA . 49.60 -8.14 -38.06
C2 NAG FA . 50.36 -8.51 -39.34
C3 NAG FA . 49.54 -9.47 -40.20
C4 NAG FA . 49.05 -10.66 -39.40
C5 NAG FA . 48.29 -10.16 -38.17
C6 NAG FA . 47.82 -11.28 -37.27
C7 NAG FA . 51.96 -7.10 -40.58
C8 NAG FA . 52.14 -5.83 -41.35
N2 NAG FA . 50.72 -7.33 -40.10
O3 NAG FA . 50.33 -9.91 -41.30
O4 NAG FA . 48.18 -11.46 -40.19
O5 NAG FA . 49.16 -9.33 -37.40
O6 NAG FA . 46.93 -10.80 -36.26
O7 NAG FA . 52.89 -7.89 -40.38
C1 NAG GA . 44.34 -36.86 -19.45
C2 NAG GA . 44.65 -37.06 -17.96
C3 NAG GA . 45.73 -38.13 -17.78
C4 NAG GA . 45.40 -39.40 -18.58
C5 NAG GA . 45.09 -39.03 -20.03
C6 NAG GA . 44.66 -40.21 -20.88
C7 NAG GA . 44.28 -34.87 -16.91
C8 NAG GA . 44.92 -33.64 -16.34
N2 NAG GA . 45.11 -35.80 -17.37
O3 NAG GA . 45.84 -38.45 -16.41
O4 NAG GA . 46.50 -40.30 -18.55
O5 NAG GA . 44.01 -38.09 -20.04
O6 NAG GA . 44.31 -39.79 -22.19
O7 NAG GA . 43.06 -34.98 -16.98
C1 NAG HA . -21.79 -27.44 -28.91
C2 NAG HA . -20.67 -28.29 -29.48
C3 NAG HA . -21.21 -29.25 -30.55
C4 NAG HA . -22.37 -30.07 -30.01
C5 NAG HA . -23.44 -29.13 -29.45
C6 NAG HA . -24.58 -29.87 -28.80
C7 NAG HA . -18.33 -27.75 -29.93
C8 NAG HA . -17.37 -26.78 -30.56
N2 NAG HA . -19.62 -27.45 -30.04
O3 NAG HA . -20.16 -30.12 -30.97
O4 NAG HA . -22.93 -30.86 -31.04
O5 NAG HA . -22.86 -28.29 -28.45
O6 NAG HA . -25.66 -30.06 -29.71
O7 NAG HA . -17.93 -28.75 -29.35
C1 NAG IA . -27.02 -64.14 -0.97
C2 NAG IA . -27.85 -63.62 -2.16
C3 NAG IA . -28.37 -62.21 -1.88
C4 NAG IA . -29.09 -62.14 -0.54
C5 NAG IA . -28.16 -62.65 0.56
C6 NAG IA . -28.82 -62.69 1.92
C7 NAG IA . -26.87 -64.73 -4.13
C8 NAG IA . -26.06 -64.53 -5.37
N2 NAG IA . -27.08 -63.63 -3.40
O3 NAG IA . -29.24 -61.80 -2.92
O4 NAG IA . -29.45 -60.79 -0.25
O5 NAG IA . -27.77 -63.99 0.25
O6 NAG IA . -28.05 -63.46 2.83
O7 NAG IA . -27.29 -65.83 -3.79
C1 NAG JA . 5.74 -31.04 32.96
C2 NAG JA . 5.15 -32.29 33.61
C3 NAG JA . 5.66 -33.54 32.88
C4 NAG JA . 5.37 -33.44 31.38
C5 NAG JA . 5.94 -32.14 30.82
C6 NAG JA . 5.57 -31.91 29.37
C7 NAG JA . 4.62 -31.96 35.97
C8 NAG JA . 5.11 -32.09 37.38
N2 NAG JA . 5.47 -32.35 35.02
O3 NAG JA . 5.01 -34.69 33.42
O4 NAG JA . 5.96 -34.54 30.71
O5 NAG JA . 5.41 -31.02 31.56
O6 NAG JA . 5.99 -30.63 28.93
O7 NAG JA . 3.51 -31.51 35.71
C1 NAG KA . 20.81 -69.31 22.58
C2 NAG KA . 22.31 -69.30 22.87
C3 NAG KA . 22.67 -68.11 23.75
C4 NAG KA . 22.17 -66.81 23.12
C5 NAG KA . 20.67 -66.92 22.81
C6 NAG KA . 20.14 -65.72 22.05
C7 NAG KA . 23.54 -71.43 22.93
C8 NAG KA . 23.85 -72.66 23.74
N2 NAG KA . 22.73 -70.54 23.52
O3 NAG KA . 24.08 -68.03 23.90
O4 NAG KA . 22.38 -65.72 24.02
O5 NAG KA . 20.43 -68.07 21.98
O6 NAG KA . 20.37 -65.86 20.65
O7 NAG KA . 24.01 -71.24 21.81
#